data_5X2Q
#
_entry.id   5X2Q
#
_cell.length_a   98.517
_cell.length_b   112.724
_cell.length_c   128.685
_cell.angle_alpha   90.00
_cell.angle_beta   92.16
_cell.angle_gamma   90.00
#
_symmetry.space_group_name_H-M   'P 1 21 1'
#
loop_
_entity.id
_entity.type
_entity.pdbx_description
1 polymer 'Taste receptor, type 1, member 2a'
2 polymer 'Taste receptor, type 1, member 3'
3 polymer 'Fab16A Heavy chain'
4 polymer 'Fab16A Light chain'
5 branched beta-D-mannopyranose-(1-4)-2-acetamido-2-deoxy-beta-D-glucopyranose-(1-4)-2-acetamido-2-deoxy-beta-D-glucopyranose
6 branched 2-acetamido-2-deoxy-beta-D-glucopyranose-(1-4)-2-acetamido-2-deoxy-beta-D-glucopyranose
7 non-polymer 2-acetamido-2-deoxy-beta-D-glucopyranose
8 non-polymer GLYCINE
9 non-polymer 'SODIUM ION'
10 non-polymer 'CHLORIDE ION'
11 non-polymer 'CALCIUM ION'
12 water water
#
loop_
_entity_poly.entity_id
_entity_poly.type
_entity_poly.pdbx_seq_one_letter_code
_entity_poly.pdbx_strand_id
1 'polypeptide(L)'
;QSTDQTSEFHLRGDYLIGGLFNIHYVAAANFQRPQAIDCSSKLFILPNYRRFQMMRFSVEEINNSSSLLPNVSLGYQMFD
HCSDIHSFPGIFKLLSVNDLIRPWEDASTGLPNAIGVVGPFTSTHALSIAPIFMTNLFPMVSYGCSGSVFSKENLYPSFL
RTVHSNKDVINAIVGIILNFNWRWVAFLYSDDDFGKDGLEQFKNKIEDSEICLAFYKAINVNTDYLQVFKQIEEQNIKVI
VVFAPKVYAEAVVESAVQLNVTNKVWIADDGWSLNKKLPSMNGIQNIGTVLGVAQPVVTIPGFTDFIYSAISQTDGGDTE
QKMFCNQKCNCSNLSVKSLLNADPSFSFPVYAAVYAIAHALHNTLRCGSDRCPKNITVHPHMILEELKKSNFTLLNQTVQ
FDENGDPKFGSLSVVFWNSSGNAEEVGSYHFQSSIHLSINKTKIKWFTNGEVPTSSGIEGR
;
A,C
2 'polypeptide(L)'
;SPNWFNNISTDLFSMPGDIKLGGLFPIKEQSNEVSNDLTKLNSVSCDSLNKDGLGRALVMKYAVEEINANSQLLPGVKLG
YKIYNTCRHSAVIVRPALSFLTEKSNGTLSVECNYTDYETDMVAVIGPQSSEMVTVIGKLLGFFLMPQISFGATSDKFSD
SLVYPSFFRTVPSDIRQVDAMVQLIKKFNWNWVAVVGSEEEYGQQGVQQFSKKAEDMGVCVAYQGLIPIYDDPKPAIQTI
INNIQTTEVKVVVVFSLVSPAVSFFEEVIKKNLTGVWIASSSWAISDKVYSLPNIDSIGTVIGFIDETETLELLSPFTEV
LFKKIHEASPTEKPEDPYNPCPECWSLSPANVSLVKEESVQRTAFSVYAAVYTVAHALHKLLECNSAACKWSSSTRLYPW
KLLEVLKEFSVNISNTSLKFDQNGNPNIGYSVIQRIWENQSLSSVGSYRSANLSINETLFKWYTNNSEKPESSGIEGR
;
B,D
3 'polypeptide(L)'
;EVQLQQSGPELVKPGASMKISCKASGYSFTGYSMNWVKQSHGKNLEWIGLINPYNGDTTYKQKFKGKATLTVDRSSSTAY
MELLRLTSEDSAVYYCARSGRGAPTTTTAWFTYWGQGTLVTVSAAKTTPPSVYPLAPGSAAQTNSMVTLGCLVKGYFPEP
VTVTWNSGSLSSGVHTFPAVLQSDLYTLSSSVTVPSSTWPSETVTCNVAHPASSTKVDKKIVPRD
;
H,J
4 'polypeptide(L)'
;DIVLTQSPASLAVSLGQRATISCRASESVDSYGNSFMHWYQQKPGQPPILLISRASNLESGIPARFSGSGSRTDFTLTIN
PVEADDFATYYCQQTNEDPRTFGGGTKLEIKRADAAPTVSIFPPSSEQLTSGGASVVCFLNNFYPKDINVKWKIDGSERQ
NGVLNSWTDQDSKDSTYSMSSTLTLTKDEYERHNSYTCEATHKTSTSPIVKSFNRNE
;
L,K
#
# COMPACT_ATOMS: atom_id res chain seq x y z
N SER A 7 -67.52 15.00 11.22
CA SER A 7 -67.25 14.21 10.02
C SER A 7 -66.08 13.28 10.20
N GLU A 8 -66.09 12.17 9.48
CA GLU A 8 -65.01 11.20 9.53
C GLU A 8 -63.70 11.76 9.03
N PHE A 9 -63.78 12.76 8.15
CA PHE A 9 -62.62 13.20 7.38
C PHE A 9 -61.83 14.29 8.08
N HIS A 10 -62.46 14.92 9.05
CA HIS A 10 -61.84 16.04 9.73
C HIS A 10 -61.82 15.76 11.24
N LEU A 11 -60.70 16.06 11.87
CA LEU A 11 -60.58 16.01 13.31
C LEU A 11 -59.79 17.23 13.78
N ARG A 12 -60.37 18.06 14.64
CA ARG A 12 -59.63 19.20 15.21
C ARG A 12 -58.51 18.72 16.12
N GLY A 13 -57.40 19.45 16.12
CA GLY A 13 -56.28 19.12 16.97
C GLY A 13 -55.27 20.24 16.97
N ASP A 14 -54.28 20.14 17.84
CA ASP A 14 -53.20 21.12 17.91
C ASP A 14 -52.33 21.14 16.66
N TYR A 15 -51.99 19.95 16.14
CA TYR A 15 -51.27 19.85 14.88
C TYR A 15 -52.05 18.92 13.96
N LEU A 16 -52.15 19.29 12.68
CA LEU A 16 -52.98 18.51 11.76
C LEU A 16 -52.13 17.65 10.84
N ILE A 17 -52.55 16.40 10.65
CA ILE A 17 -51.92 15.56 9.63
C ILE A 17 -52.84 15.50 8.42
N GLY A 18 -52.29 15.65 7.22
CA GLY A 18 -53.06 15.38 6.03
C GLY A 18 -53.19 13.88 5.79
N GLY A 19 -54.32 13.45 5.25
CA GLY A 19 -54.52 12.06 4.91
C GLY A 19 -55.00 11.98 3.47
N LEU A 20 -54.20 11.35 2.62
CA LEU A 20 -54.57 11.24 1.22
C LEU A 20 -54.96 9.82 0.91
N PHE A 21 -56.24 9.62 0.61
CA PHE A 21 -56.78 8.29 0.39
C PHE A 21 -57.64 8.31 -0.84
N ASN A 22 -57.91 7.14 -1.38
CA ASN A 22 -58.86 7.05 -2.48
C ASN A 22 -59.83 5.94 -2.17
N ILE A 23 -61.00 6.32 -1.68
CA ILE A 23 -61.98 5.36 -1.22
C ILE A 23 -62.81 4.86 -2.39
N HIS A 24 -63.11 5.76 -3.33
CA HIS A 24 -63.84 5.36 -4.53
C HIS A 24 -62.95 5.26 -5.76
N TYR A 25 -63.38 4.46 -6.73
CA TYR A 25 -62.67 4.30 -7.97
C TYR A 25 -63.50 4.86 -9.12
N VAL A 26 -62.83 5.53 -10.05
CA VAL A 26 -63.45 5.90 -11.31
C VAL A 26 -62.44 5.88 -12.43
N ALA A 27 -62.85 5.36 -13.57
CA ALA A 27 -62.03 5.41 -14.76
C ALA A 27 -61.82 6.87 -15.17
N ALA A 28 -60.60 7.16 -15.63
CA ALA A 28 -60.27 8.46 -16.20
C ALA A 28 -61.17 8.78 -17.40
N ALA A 29 -61.60 10.04 -17.47
CA ALA A 29 -62.56 10.48 -18.48
C ALA A 29 -62.43 11.98 -18.77
N ASN A 30 -62.71 12.37 -20.01
CA ASN A 30 -62.72 13.78 -20.38
C ASN A 30 -63.57 14.63 -19.44
N PHE A 31 -63.07 15.82 -19.13
CA PHE A 31 -63.83 16.79 -18.34
C PHE A 31 -63.65 18.19 -18.95
N GLN A 32 -64.61 19.08 -18.74
CA GLN A 32 -64.60 20.35 -19.47
C GLN A 32 -64.66 21.53 -18.53
N ARG A 33 -64.79 21.25 -17.25
CA ARG A 33 -64.80 22.28 -16.23
C ARG A 33 -63.70 22.05 -15.20
N PRO A 34 -63.11 23.13 -14.69
CA PRO A 34 -62.05 23.00 -13.70
C PRO A 34 -62.63 22.85 -12.30
N GLN A 35 -63.02 21.63 -11.94
CA GLN A 35 -63.67 21.41 -10.65
C GLN A 35 -63.46 20.00 -10.14
N ALA A 36 -63.65 19.84 -8.83
CA ALA A 36 -63.50 18.54 -8.19
C ALA A 36 -64.51 17.53 -8.73
N ILE A 37 -64.15 16.27 -8.66
CA ILE A 37 -65.05 15.17 -8.99
C ILE A 37 -65.87 14.81 -7.75
N ASP A 38 -67.16 14.55 -7.97
CA ASP A 38 -67.96 13.98 -6.90
C ASP A 38 -67.66 12.51 -6.75
N CYS A 39 -66.64 12.22 -5.95
CA CYS A 39 -66.21 10.86 -5.73
C CYS A 39 -67.21 10.00 -4.96
N SER A 40 -68.02 10.62 -4.10
CA SER A 40 -68.97 9.86 -3.29
C SER A 40 -69.98 9.04 -4.11
N SER A 41 -70.24 9.45 -5.34
CA SER A 41 -71.20 8.74 -6.19
C SER A 41 -70.57 7.63 -7.04
N LYS A 42 -69.25 7.51 -6.99
CA LYS A 42 -68.51 6.49 -7.73
C LYS A 42 -68.38 5.17 -6.96
N LEU A 43 -67.60 4.26 -7.52
CA LEU A 43 -67.44 2.90 -7.00
C LEU A 43 -66.63 2.78 -5.71
N PHE A 44 -67.32 2.50 -4.61
CA PHE A 44 -66.72 2.24 -3.29
C PHE A 44 -65.70 1.09 -3.32
N ILE A 45 -64.56 1.29 -2.68
CA ILE A 45 -63.52 0.26 -2.60
C ILE A 45 -63.33 -0.13 -1.15
N LEU A 46 -63.79 -1.31 -0.76
CA LEU A 46 -63.82 -1.68 0.64
C LEU A 46 -62.42 -1.73 1.32
N PRO A 47 -61.42 -2.40 0.72
CA PRO A 47 -60.12 -2.42 1.39
C PRO A 47 -59.45 -1.05 1.51
N ASN A 48 -59.80 -0.13 0.62
CA ASN A 48 -59.22 1.20 0.74
C ASN A 48 -59.83 1.98 1.89
N TYR A 49 -61.13 1.81 2.07
CA TYR A 49 -61.84 2.41 3.20
C TYR A 49 -61.25 1.91 4.51
N ARG A 50 -60.99 0.60 4.59
CA ARG A 50 -60.30 -0.01 5.72
C ARG A 50 -58.97 0.70 6.07
N ARG A 51 -58.13 0.94 5.07
CA ARG A 51 -56.92 1.73 5.23
C ARG A 51 -57.18 3.16 5.72
N PHE A 52 -58.24 3.77 5.19
CA PHE A 52 -58.70 5.08 5.62
C PHE A 52 -58.98 5.06 7.11
N GLN A 53 -59.68 4.03 7.57
CA GLN A 53 -59.98 3.85 8.98
C GLN A 53 -58.73 3.60 9.80
N MET A 54 -57.81 2.81 9.25
CA MET A 54 -56.55 2.54 9.93
C MET A 54 -55.83 3.83 10.30
N MET A 55 -55.88 4.84 9.41
CA MET A 55 -55.29 6.12 9.76
C MET A 55 -56.02 6.80 10.93
N ARG A 56 -57.36 6.71 10.94
CA ARG A 56 -58.17 7.36 11.96
C ARG A 56 -57.94 6.71 13.33
N PHE A 57 -57.86 5.38 13.30
CA PHE A 57 -57.55 4.57 14.47
C PHE A 57 -56.19 4.93 15.08
N SER A 58 -55.17 5.06 14.23
CA SER A 58 -53.81 5.30 14.70
C SER A 58 -53.73 6.62 15.43
N VAL A 59 -54.34 7.65 14.85
CA VAL A 59 -54.36 8.97 15.47
C VAL A 59 -55.07 8.93 16.83
N GLU A 60 -56.26 8.34 16.83
CA GLU A 60 -57.02 8.19 18.06
C GLU A 60 -56.23 7.43 19.11
N GLU A 61 -55.47 6.43 18.67
CA GLU A 61 -54.62 5.68 19.59
C GLU A 61 -53.55 6.60 20.20
N ILE A 62 -52.93 7.41 19.35
CA ILE A 62 -51.86 8.31 19.79
C ILE A 62 -52.42 9.40 20.69
N ASN A 63 -53.60 9.90 20.35
CA ASN A 63 -54.27 10.87 21.23
C ASN A 63 -54.61 10.24 22.59
N ASN A 64 -54.85 8.92 22.62
CA ASN A 64 -55.15 8.22 23.87
C ASN A 64 -53.92 8.04 24.72
N SER A 65 -52.76 8.23 24.10
CA SER A 65 -51.49 8.02 24.79
C SER A 65 -51.01 9.20 25.63
N SER A 66 -50.53 8.90 26.83
CA SER A 66 -49.93 9.93 27.67
C SER A 66 -48.40 9.96 27.57
N SER A 67 -47.81 9.05 26.80
CA SER A 67 -46.35 9.08 26.67
C SER A 67 -45.92 9.62 25.29
N LEU A 68 -46.78 9.45 24.29
CA LEU A 68 -46.51 9.97 22.95
C LEU A 68 -47.36 11.20 22.70
N LEU A 69 -46.70 12.34 22.45
CA LEU A 69 -47.36 13.63 22.43
C LEU A 69 -48.27 13.82 23.66
N PRO A 70 -47.67 13.92 24.85
CA PRO A 70 -48.51 14.14 26.02
C PRO A 70 -49.08 15.54 26.04
N ASN A 71 -50.40 15.62 26.14
CA ASN A 71 -51.14 16.87 26.15
C ASN A 71 -50.95 17.71 24.89
N VAL A 72 -50.81 17.02 23.76
CA VAL A 72 -50.79 17.64 22.44
C VAL A 72 -51.65 16.78 21.52
N SER A 73 -52.78 17.31 21.11
CA SER A 73 -53.68 16.58 20.23
C SER A 73 -53.20 16.59 18.79
N LEU A 74 -53.49 15.50 18.10
CA LEU A 74 -53.26 15.37 16.67
C LEU A 74 -54.60 15.43 15.97
N GLY A 75 -54.69 16.21 14.91
CA GLY A 75 -55.91 16.25 14.13
C GLY A 75 -55.61 15.89 12.69
N TYR A 76 -56.65 15.68 11.89
CA TYR A 76 -56.42 15.44 10.48
C TYR A 76 -57.42 16.11 9.53
N GLN A 77 -56.92 16.44 8.33
CA GLN A 77 -57.75 16.69 7.16
C GLN A 77 -57.54 15.52 6.21
N MET A 78 -58.60 14.78 5.91
CA MET A 78 -58.47 13.62 5.05
C MET A 78 -59.32 13.79 3.80
N PHE A 79 -58.89 13.12 2.74
CA PHE A 79 -59.53 13.29 1.46
C PHE A 79 -59.72 11.97 0.75
N ASP A 80 -60.77 11.92 -0.05
CA ASP A 80 -61.06 10.80 -0.93
C ASP A 80 -60.84 11.26 -2.38
N HIS A 81 -59.63 11.05 -2.88
CA HIS A 81 -59.29 11.51 -4.21
C HIS A 81 -59.31 10.38 -5.21
N CYS A 82 -60.48 10.09 -5.76
CA CYS A 82 -60.61 9.05 -6.78
C CYS A 82 -59.92 9.40 -8.10
N SER A 83 -59.54 10.66 -8.25
CA SER A 83 -58.83 11.11 -9.45
C SER A 83 -57.58 11.91 -9.08
N ASP A 84 -56.42 11.44 -9.52
CA ASP A 84 -55.19 12.18 -9.22
C ASP A 84 -55.24 13.61 -9.80
N ILE A 85 -55.75 13.75 -11.01
CA ILE A 85 -55.83 15.07 -11.64
C ILE A 85 -56.71 16.07 -10.86
N HIS A 86 -57.76 15.57 -10.20
CA HIS A 86 -58.71 16.44 -9.52
C HIS A 86 -58.48 16.55 -8.03
N SER A 87 -57.27 16.30 -7.56
CA SER A 87 -57.06 16.22 -6.11
C SER A 87 -56.47 17.51 -5.56
N PHE A 88 -56.13 18.43 -6.45
CA PHE A 88 -55.44 19.66 -6.04
C PHE A 88 -56.22 20.55 -5.06
N PRO A 89 -57.56 20.58 -5.14
CA PRO A 89 -58.19 21.37 -4.07
C PRO A 89 -57.82 20.86 -2.69
N GLY A 90 -57.89 19.56 -2.49
CA GLY A 90 -57.51 18.95 -1.21
C GLY A 90 -56.06 19.22 -0.85
N ILE A 91 -55.17 19.07 -1.81
CA ILE A 91 -53.76 19.41 -1.61
C ILE A 91 -53.59 20.88 -1.27
N PHE A 92 -54.26 21.75 -2.02
CA PHE A 92 -54.21 23.18 -1.75
C PHE A 92 -54.62 23.50 -0.33
N LYS A 93 -55.64 22.81 0.14
CA LYS A 93 -56.13 23.00 1.50
C LYS A 93 -55.07 22.66 2.53
N LEU A 94 -54.33 21.58 2.34
CA LEU A 94 -53.29 21.17 3.30
C LEU A 94 -52.15 22.19 3.36
N LEU A 95 -51.83 22.81 2.22
CA LEU A 95 -50.67 23.68 2.13
C LEU A 95 -50.99 25.15 2.34
N SER A 96 -52.27 25.47 2.39
CA SER A 96 -52.71 26.86 2.46
C SER A 96 -52.39 27.44 3.82
N VAL A 97 -52.20 28.76 3.84
CA VAL A 97 -51.69 29.45 5.02
C VAL A 97 -52.83 30.19 5.71
N ASN A 98 -53.88 30.50 4.95
CA ASN A 98 -55.16 30.83 5.57
C ASN A 98 -56.21 30.76 4.51
N ASP A 99 -56.39 29.55 3.99
CA ASP A 99 -57.26 29.25 2.87
C ASP A 99 -56.79 30.03 1.63
N LEU A 100 -55.54 30.49 1.67
CA LEU A 100 -54.88 31.09 0.52
C LEU A 100 -53.59 30.38 0.23
N ILE A 101 -53.16 30.41 -1.03
CA ILE A 101 -51.81 29.96 -1.31
C ILE A 101 -51.00 31.07 -1.93
N ARG A 102 -49.90 31.40 -1.29
CA ARG A 102 -48.96 32.37 -1.84
C ARG A 102 -47.77 31.60 -2.40
N PRO A 103 -47.64 31.63 -3.73
CA PRO A 103 -46.68 30.85 -4.50
C PRO A 103 -45.22 31.16 -4.19
N TRP A 104 -44.95 32.30 -3.58
CA TRP A 104 -43.55 32.73 -3.44
C TRP A 104 -43.01 32.76 -2.03
N GLU A 105 -43.52 31.93 -1.13
CA GLU A 105 -43.03 32.00 0.24
C GLU A 105 -42.20 30.78 0.65
N ASP A 106 -41.19 31.05 1.47
CA ASP A 106 -40.31 30.05 2.05
C ASP A 106 -41.08 28.96 2.79
N PRO A 112 -48.41 26.63 7.69
CA PRO A 112 -49.59 26.15 6.95
C PRO A 112 -50.52 25.24 7.75
N ASN A 113 -51.63 24.90 7.11
CA ASN A 113 -52.69 24.12 7.69
C ASN A 113 -52.21 22.82 8.37
N ALA A 114 -51.32 22.11 7.70
CA ALA A 114 -50.86 20.80 8.18
C ALA A 114 -49.34 20.80 8.37
N ILE A 115 -48.84 19.84 9.16
CA ILE A 115 -47.39 19.69 9.41
C ILE A 115 -46.80 18.55 8.61
N GLY A 116 -47.64 17.69 8.09
CA GLY A 116 -47.18 16.54 7.32
C GLY A 116 -48.35 15.87 6.65
N VAL A 117 -48.09 14.90 5.79
CA VAL A 117 -49.17 14.23 5.09
C VAL A 117 -48.89 12.74 4.96
N VAL A 118 -49.95 11.95 5.12
CA VAL A 118 -49.88 10.49 5.00
C VAL A 118 -50.55 10.09 3.70
N GLY A 119 -49.80 9.41 2.83
CA GLY A 119 -50.29 9.11 1.49
C GLY A 119 -49.41 9.75 0.42
N PRO A 120 -49.80 9.60 -0.84
CA PRO A 120 -50.99 8.88 -1.28
C PRO A 120 -50.73 7.37 -1.40
N PHE A 121 -51.70 6.63 -1.95
CA PHE A 121 -51.61 5.17 -2.06
C PHE A 121 -50.90 4.69 -3.32
N THR A 122 -50.92 5.51 -4.37
CA THR A 122 -50.44 5.07 -5.67
C THR A 122 -49.35 5.99 -6.20
N SER A 123 -48.47 5.44 -7.03
CA SER A 123 -47.35 6.21 -7.57
C SER A 123 -47.87 7.36 -8.40
N THR A 124 -48.98 7.12 -9.10
CA THR A 124 -49.55 8.11 -9.99
C THR A 124 -50.08 9.34 -9.24
N HIS A 125 -50.80 9.11 -8.14
CA HIS A 125 -51.22 10.21 -7.30
C HIS A 125 -49.97 10.97 -6.89
N ALA A 126 -48.99 10.23 -6.37
CA ALA A 126 -47.78 10.83 -5.80
C ALA A 126 -47.04 11.70 -6.80
N LEU A 127 -46.76 11.17 -7.98
CA LEU A 127 -46.01 11.90 -9.00
C LEU A 127 -46.66 13.25 -9.36
N SER A 128 -47.98 13.30 -9.36
CA SER A 128 -48.71 14.53 -9.70
C SER A 128 -48.56 15.65 -8.66
N ILE A 129 -48.50 15.30 -7.38
CA ILE A 129 -48.58 16.31 -6.33
C ILE A 129 -47.29 16.50 -5.53
N ALA A 130 -46.41 15.52 -5.54
CA ALA A 130 -45.20 15.56 -4.74
C ALA A 130 -44.28 16.79 -4.97
N PRO A 131 -44.08 17.20 -6.24
CA PRO A 131 -43.26 18.42 -6.43
C PRO A 131 -43.74 19.61 -5.62
N ILE A 132 -45.06 19.79 -5.55
CA ILE A 132 -45.65 20.89 -4.79
C ILE A 132 -45.26 20.81 -3.32
N PHE A 133 -45.25 19.60 -2.79
CA PHE A 133 -44.83 19.39 -1.42
C PHE A 133 -43.31 19.47 -1.24
N MET A 134 -42.56 18.97 -2.23
CA MET A 134 -41.09 18.93 -2.11
C MET A 134 -40.51 20.32 -1.97
N THR A 135 -41.08 21.25 -2.74
CA THR A 135 -40.58 22.63 -2.87
C THR A 135 -40.34 23.31 -1.54
N ASN A 136 -41.19 23.04 -0.56
CA ASN A 136 -40.99 23.63 0.74
C ASN A 136 -40.61 22.60 1.78
N LEU A 137 -40.16 21.44 1.31
CA LEU A 137 -39.77 20.37 2.21
C LEU A 137 -40.94 20.01 3.17
N PHE A 138 -42.14 19.95 2.61
CA PHE A 138 -43.29 19.46 3.32
C PHE A 138 -43.18 17.94 3.31
N PRO A 139 -43.19 17.30 4.49
CA PRO A 139 -42.99 15.84 4.46
C PRO A 139 -44.20 15.05 3.97
N MET A 140 -43.95 14.09 3.07
CA MET A 140 -44.96 13.10 2.71
C MET A 140 -44.50 11.77 3.27
N VAL A 141 -45.40 11.05 3.91
CA VAL A 141 -45.10 9.67 4.26
C VAL A 141 -46.13 8.79 3.61
N SER A 142 -45.75 8.21 2.48
CA SER A 142 -46.67 7.38 1.72
C SER A 142 -46.78 5.97 2.29
N TYR A 143 -48.01 5.47 2.37
CA TYR A 143 -48.25 4.13 2.89
C TYR A 143 -48.36 3.10 1.77
N GLY A 144 -48.23 3.54 0.51
CA GLY A 144 -48.36 2.58 -0.57
C GLY A 144 -47.64 2.83 -1.88
N CYS A 145 -46.96 3.95 -2.01
CA CYS A 145 -46.39 4.29 -3.29
C CYS A 145 -45.02 3.64 -3.46
N SER A 146 -44.94 2.70 -4.40
CA SER A 146 -43.76 1.85 -4.51
C SER A 146 -42.88 2.11 -5.74
N GLY A 147 -43.13 3.18 -6.48
CA GLY A 147 -42.29 3.54 -7.61
C GLY A 147 -40.84 3.73 -7.22
N SER A 148 -39.93 3.15 -7.99
CA SER A 148 -38.53 3.14 -7.61
C SER A 148 -37.92 4.54 -7.65
N VAL A 149 -38.48 5.42 -8.48
CA VAL A 149 -37.95 6.77 -8.61
C VAL A 149 -38.00 7.58 -7.30
N PHE A 150 -38.84 7.19 -6.35
CA PHE A 150 -38.97 7.94 -5.11
C PHE A 150 -37.79 7.69 -4.16
N SER A 151 -36.96 6.71 -4.50
CA SER A 151 -35.72 6.47 -3.78
C SER A 151 -34.64 7.53 -4.02
N LYS A 152 -34.89 8.49 -4.90
CA LYS A 152 -33.88 9.50 -5.22
C LYS A 152 -34.13 10.78 -4.44
N GLU A 153 -33.30 11.02 -3.42
CA GLU A 153 -33.48 12.15 -2.52
C GLU A 153 -33.38 13.50 -3.22
N ASN A 154 -32.56 13.61 -4.25
CA ASN A 154 -32.47 14.86 -4.99
C ASN A 154 -33.78 15.22 -5.70
N LEU A 155 -34.55 14.21 -6.09
CA LEU A 155 -35.84 14.43 -6.74
C LEU A 155 -36.98 14.59 -5.74
N TYR A 156 -36.89 13.88 -4.62
CA TYR A 156 -37.99 13.81 -3.66
C TYR A 156 -37.46 13.87 -2.22
N PRO A 157 -36.91 15.05 -1.84
CA PRO A 157 -36.19 15.31 -0.60
C PRO A 157 -37.04 15.23 0.65
N SER A 158 -38.34 15.44 0.53
CA SER A 158 -39.18 15.34 1.72
C SER A 158 -40.18 14.18 1.60
N PHE A 159 -39.87 13.24 0.71
CA PHE A 159 -40.67 12.05 0.52
C PHE A 159 -40.09 10.82 1.24
N LEU A 160 -40.92 10.22 2.08
CA LEU A 160 -40.63 8.93 2.69
C LEU A 160 -41.81 8.00 2.47
N ARG A 161 -41.61 6.74 2.76
CA ARG A 161 -42.65 5.75 2.57
C ARG A 161 -42.43 4.59 3.53
N THR A 162 -43.51 3.84 3.77
CA THR A 162 -43.48 2.69 4.66
C THR A 162 -43.72 1.39 3.90
N VAL A 163 -43.73 1.45 2.57
CA VAL A 163 -43.64 0.24 1.78
C VAL A 163 -42.38 0.31 0.97
N HIS A 164 -41.87 -0.84 0.59
CA HIS A 164 -40.64 -0.93 -0.19
C HIS A 164 -40.83 -0.50 -1.62
N SER A 165 -39.70 -0.25 -2.28
CA SER A 165 -39.65 -0.02 -3.71
C SER A 165 -40.06 -1.24 -4.52
N ASN A 166 -40.48 -1.00 -5.76
CA ASN A 166 -40.79 -2.07 -6.71
C ASN A 166 -39.60 -3.01 -6.96
N LYS A 167 -38.38 -2.48 -6.87
CA LYS A 167 -37.17 -3.28 -7.04
C LYS A 167 -37.13 -4.48 -6.08
N ASP A 168 -37.47 -4.23 -4.83
CA ASP A 168 -37.47 -5.30 -3.84
C ASP A 168 -38.58 -6.31 -4.12
N VAL A 169 -39.75 -5.82 -4.52
CA VAL A 169 -40.84 -6.73 -4.73
C VAL A 169 -40.60 -7.54 -6.01
N ILE A 170 -40.06 -6.85 -7.02
CA ILE A 170 -39.63 -7.52 -8.25
C ILE A 170 -38.59 -8.57 -7.95
N ASN A 171 -37.59 -8.22 -7.13
CA ASN A 171 -36.62 -9.22 -6.68
C ASN A 171 -37.23 -10.51 -6.13
N ALA A 172 -38.14 -10.36 -5.16
CA ALA A 172 -38.86 -11.49 -4.60
C ALA A 172 -39.59 -12.27 -5.68
N ILE A 173 -40.22 -11.56 -6.62
CA ILE A 173 -40.99 -12.23 -7.67
C ILE A 173 -40.07 -13.06 -8.57
N VAL A 174 -38.87 -12.54 -8.84
CA VAL A 174 -37.87 -13.26 -9.62
C VAL A 174 -37.32 -14.44 -8.82
N GLY A 175 -37.20 -14.27 -7.50
CA GLY A 175 -36.82 -15.37 -6.63
C GLY A 175 -37.78 -16.55 -6.78
N ILE A 176 -39.08 -16.25 -6.78
CA ILE A 176 -40.09 -17.30 -6.93
C ILE A 176 -39.88 -18.03 -8.25
N ILE A 177 -39.76 -17.27 -9.33
CA ILE A 177 -39.59 -17.88 -10.64
C ILE A 177 -38.35 -18.79 -10.70
N LEU A 178 -37.22 -18.30 -10.19
CA LEU A 178 -36.01 -19.12 -10.17
C LEU A 178 -36.10 -20.34 -9.28
N ASN A 179 -37.12 -20.39 -8.41
CA ASN A 179 -37.27 -21.55 -7.54
C ASN A 179 -37.91 -22.70 -8.26
N PHE A 180 -38.46 -22.42 -9.43
CA PHE A 180 -39.13 -23.44 -10.18
C PHE A 180 -38.54 -23.56 -11.57
N ASN A 181 -39.17 -24.34 -12.42
CA ASN A 181 -38.51 -24.77 -13.63
C ASN A 181 -38.91 -23.99 -14.88
N TRP A 182 -39.84 -23.04 -14.75
CA TRP A 182 -40.33 -22.30 -15.92
C TRP A 182 -39.46 -21.07 -16.19
N ARG A 183 -39.12 -20.86 -17.46
CA ARG A 183 -38.27 -19.72 -17.81
C ARG A 183 -38.83 -18.82 -18.92
N TRP A 184 -39.97 -19.18 -19.50
CA TRP A 184 -40.69 -18.21 -20.32
C TRP A 184 -41.73 -17.53 -19.44
N VAL A 185 -41.85 -16.22 -19.60
CA VAL A 185 -42.65 -15.42 -18.69
C VAL A 185 -43.43 -14.38 -19.46
N ALA A 186 -44.69 -14.18 -19.07
CA ALA A 186 -45.50 -13.08 -19.54
C ALA A 186 -45.67 -12.11 -18.38
N PHE A 187 -45.39 -10.84 -18.65
CA PHE A 187 -45.50 -9.77 -17.67
C PHE A 187 -46.66 -8.86 -18.08
N LEU A 188 -47.78 -9.01 -17.41
CA LEU A 188 -48.90 -8.10 -17.60
C LEU A 188 -48.77 -7.01 -16.57
N TYR A 189 -48.80 -5.76 -17.00
CA TYR A 189 -48.61 -4.69 -16.04
C TYR A 189 -49.58 -3.53 -16.29
N SER A 190 -49.95 -2.85 -15.22
CA SER A 190 -50.93 -1.76 -15.33
C SER A 190 -50.37 -0.61 -16.17
N ASP A 191 -51.21 -0.05 -17.00
CA ASP A 191 -50.80 1.02 -17.89
C ASP A 191 -50.69 2.33 -17.12
N ASP A 192 -49.81 2.34 -16.13
CA ASP A 192 -49.55 3.54 -15.33
C ASP A 192 -48.11 3.50 -14.83
N ASP A 193 -47.71 4.51 -14.07
CA ASP A 193 -46.32 4.59 -13.62
C ASP A 193 -45.90 3.43 -12.73
N PHE A 194 -46.83 2.95 -11.91
CA PHE A 194 -46.57 1.79 -11.07
C PHE A 194 -46.25 0.57 -11.94
N GLY A 195 -47.13 0.26 -12.88
CA GLY A 195 -46.93 -0.87 -13.77
C GLY A 195 -45.69 -0.76 -14.64
N LYS A 196 -45.47 0.42 -15.22
CA LYS A 196 -44.35 0.59 -16.13
C LYS A 196 -43.04 0.52 -15.37
N ASP A 197 -43.07 0.88 -14.08
CA ASP A 197 -41.88 0.82 -13.27
C ASP A 197 -41.49 -0.64 -12.97
N GLY A 198 -42.51 -1.44 -12.64
CA GLY A 198 -42.29 -2.85 -12.39
C GLY A 198 -41.71 -3.52 -13.61
N LEU A 199 -42.23 -3.18 -14.79
CA LEU A 199 -41.69 -3.69 -16.05
C LEU A 199 -40.21 -3.35 -16.20
N GLU A 200 -39.85 -2.10 -15.94
CA GLU A 200 -38.45 -1.70 -16.07
C GLU A 200 -37.57 -2.46 -15.07
N GLN A 201 -38.08 -2.64 -13.85
CA GLN A 201 -37.32 -3.35 -12.82
C GLN A 201 -37.22 -4.84 -13.15
N PHE A 202 -38.33 -5.39 -13.64
CA PHE A 202 -38.37 -6.77 -14.03
C PHE A 202 -37.34 -7.05 -15.11
N LYS A 203 -37.36 -6.22 -16.15
CA LYS A 203 -36.38 -6.32 -17.21
C LYS A 203 -34.93 -6.24 -16.70
N ASN A 204 -34.64 -5.24 -15.86
CA ASN A 204 -33.27 -5.06 -15.40
C ASN A 204 -32.77 -6.29 -14.67
N LYS A 205 -33.60 -6.82 -13.77
CA LYS A 205 -33.21 -7.96 -12.95
C LYS A 205 -32.98 -9.24 -13.77
N ILE A 206 -33.83 -9.51 -14.76
CA ILE A 206 -33.72 -10.77 -15.49
C ILE A 206 -32.85 -10.74 -16.73
N GLU A 207 -32.21 -9.61 -17.02
CA GLU A 207 -31.47 -9.48 -18.26
C GLU A 207 -30.37 -10.52 -18.32
N ASP A 208 -29.59 -10.62 -17.25
CA ASP A 208 -28.51 -11.59 -17.18
C ASP A 208 -28.98 -12.79 -16.38
N SER A 209 -29.84 -13.60 -16.98
CA SER A 209 -30.39 -14.74 -16.28
C SER A 209 -31.11 -15.66 -17.24
N GLU A 210 -31.41 -16.86 -16.77
CA GLU A 210 -32.05 -17.85 -17.60
C GLU A 210 -33.49 -17.47 -17.96
N ILE A 211 -34.06 -16.50 -17.24
CA ILE A 211 -35.46 -16.08 -17.41
C ILE A 211 -35.64 -15.20 -18.64
N CYS A 212 -36.63 -15.55 -19.46
CA CYS A 212 -36.86 -14.89 -20.72
C CYS A 212 -38.25 -14.26 -20.74
N LEU A 213 -38.29 -12.93 -20.84
CA LEU A 213 -39.55 -12.21 -20.99
C LEU A 213 -40.10 -12.43 -22.38
N ALA A 214 -41.13 -13.25 -22.50
CA ALA A 214 -41.55 -13.75 -23.80
C ALA A 214 -42.73 -12.95 -24.31
N PHE A 215 -43.33 -12.21 -23.41
CA PHE A 215 -44.48 -11.40 -23.76
C PHE A 215 -44.70 -10.39 -22.65
N TYR A 216 -45.07 -9.18 -23.04
CA TYR A 216 -45.46 -8.19 -22.06
C TYR A 216 -46.48 -7.24 -22.67
N LYS A 217 -47.36 -6.72 -21.84
CA LYS A 217 -48.34 -5.75 -22.28
C LYS A 217 -48.84 -4.88 -21.13
N ALA A 218 -48.91 -3.57 -21.39
CA ALA A 218 -49.59 -2.63 -20.53
C ALA A 218 -51.08 -2.88 -20.63
N ILE A 219 -51.75 -3.03 -19.50
CA ILE A 219 -53.16 -3.40 -19.55
C ILE A 219 -54.08 -2.42 -18.81
N ASN A 220 -55.30 -2.29 -19.32
CA ASN A 220 -56.41 -1.55 -18.69
C ASN A 220 -57.65 -2.41 -18.57
N VAL A 221 -58.69 -1.84 -17.98
CA VAL A 221 -59.98 -2.53 -17.95
C VAL A 221 -60.53 -2.56 -19.36
N ASN A 222 -60.04 -1.65 -20.21
CA ASN A 222 -60.43 -1.60 -21.63
C ASN A 222 -59.76 -2.61 -22.55
N THR A 223 -58.63 -3.17 -22.13
CA THR A 223 -57.85 -4.09 -22.95
C THR A 223 -58.67 -5.25 -23.53
N ASP A 224 -58.44 -5.54 -24.80
CA ASP A 224 -58.94 -6.75 -25.43
C ASP A 224 -58.18 -7.97 -24.89
N TYR A 225 -58.66 -8.52 -23.78
CA TYR A 225 -57.96 -9.63 -23.14
C TYR A 225 -58.04 -10.92 -23.92
N LEU A 226 -59.03 -11.06 -24.80
CA LEU A 226 -59.07 -12.25 -25.63
C LEU A 226 -57.83 -12.27 -26.52
N GLN A 227 -57.45 -11.11 -27.05
CA GLN A 227 -56.31 -11.09 -27.93
C GLN A 227 -55.01 -11.30 -27.14
N VAL A 228 -54.89 -10.65 -25.99
CA VAL A 228 -53.76 -10.83 -25.09
C VAL A 228 -53.47 -12.32 -24.87
N PHE A 229 -54.49 -13.03 -24.41
CA PHE A 229 -54.39 -14.45 -24.05
C PHE A 229 -54.25 -15.35 -25.26
N LYS A 230 -54.75 -14.92 -26.40
CA LYS A 230 -54.50 -15.68 -27.60
C LYS A 230 -52.99 -15.64 -27.86
N GLN A 231 -52.40 -14.47 -27.71
CA GLN A 231 -50.96 -14.29 -27.98
C GLN A 231 -50.09 -15.07 -27.01
N ILE A 232 -50.47 -15.08 -25.74
CA ILE A 232 -49.73 -15.83 -24.73
C ILE A 232 -49.81 -17.34 -25.01
N GLU A 233 -50.97 -17.84 -25.42
CA GLU A 233 -51.11 -19.27 -25.74
C GLU A 233 -50.34 -19.66 -26.99
N GLU A 234 -50.26 -18.76 -27.96
CA GLU A 234 -49.60 -19.09 -29.20
C GLU A 234 -48.12 -19.23 -28.95
N GLN A 235 -47.64 -18.48 -27.98
CA GLN A 235 -46.24 -18.56 -27.60
C GLN A 235 -45.96 -19.61 -26.54
N ASN A 236 -47.02 -20.30 -26.11
CA ASN A 236 -46.94 -21.38 -25.12
C ASN A 236 -46.33 -20.96 -23.79
N ILE A 237 -46.58 -19.72 -23.38
CA ILE A 237 -46.08 -19.24 -22.11
C ILE A 237 -46.94 -19.78 -20.96
N LYS A 238 -46.30 -20.37 -19.96
CA LYS A 238 -47.04 -20.98 -18.86
C LYS A 238 -47.15 -20.03 -17.67
N VAL A 239 -46.17 -19.14 -17.51
CA VAL A 239 -46.11 -18.28 -16.33
C VAL A 239 -46.53 -16.82 -16.59
N ILE A 240 -47.49 -16.32 -15.82
CA ILE A 240 -47.96 -14.98 -16.05
C ILE A 240 -47.88 -14.13 -14.78
N VAL A 241 -46.98 -13.15 -14.81
CA VAL A 241 -46.86 -12.16 -13.74
C VAL A 241 -47.82 -11.04 -14.02
N VAL A 242 -48.69 -10.75 -13.06
CA VAL A 242 -49.62 -9.66 -13.26
C VAL A 242 -49.25 -8.62 -12.22
N PHE A 243 -48.63 -7.55 -12.68
CA PHE A 243 -48.08 -6.54 -11.80
C PHE A 243 -48.95 -5.29 -11.94
N ALA A 244 -49.91 -5.16 -11.02
CA ALA A 244 -51.03 -4.24 -11.22
C ALA A 244 -51.90 -4.15 -9.96
N PRO A 245 -52.57 -3.00 -9.75
CA PRO A 245 -53.55 -2.82 -8.66
C PRO A 245 -54.87 -3.57 -8.85
N LYS A 246 -55.61 -3.68 -7.75
CA LYS A 246 -56.90 -4.35 -7.66
C LYS A 246 -57.80 -4.29 -8.90
N VAL A 247 -58.11 -3.10 -9.38
CA VAL A 247 -59.04 -2.98 -10.51
C VAL A 247 -58.51 -3.69 -11.75
N TYR A 248 -57.21 -3.52 -12.01
CA TYR A 248 -56.60 -4.12 -13.19
C TYR A 248 -56.38 -5.61 -13.00
N ALA A 249 -56.02 -6.02 -11.79
CA ALA A 249 -55.80 -7.43 -11.53
C ALA A 249 -57.09 -8.21 -11.65
N GLU A 250 -58.18 -7.64 -11.17
CA GLU A 250 -59.46 -8.31 -11.32
C GLU A 250 -59.89 -8.34 -12.78
N ALA A 251 -59.54 -7.30 -13.52
CA ALA A 251 -59.80 -7.29 -14.97
C ALA A 251 -59.12 -8.49 -15.67
N VAL A 252 -57.80 -8.61 -15.50
CA VAL A 252 -57.03 -9.71 -16.06
C VAL A 252 -57.62 -11.07 -15.66
N VAL A 253 -57.76 -11.28 -14.35
CA VAL A 253 -58.12 -12.59 -13.84
C VAL A 253 -59.59 -12.96 -14.12
N GLU A 254 -60.54 -12.04 -13.93
CA GLU A 254 -61.91 -12.34 -14.32
C GLU A 254 -61.99 -12.62 -15.81
N SER A 255 -61.21 -11.90 -16.60
CA SER A 255 -61.21 -12.18 -18.03
C SER A 255 -60.59 -13.54 -18.30
N ALA A 256 -59.63 -13.94 -17.48
CA ALA A 256 -58.99 -15.24 -17.67
C ALA A 256 -59.97 -16.39 -17.44
N VAL A 257 -60.80 -16.25 -16.40
CA VAL A 257 -61.83 -17.22 -16.10
C VAL A 257 -62.87 -17.27 -17.23
N GLN A 258 -63.33 -16.11 -17.67
CA GLN A 258 -64.31 -16.02 -18.74
C GLN A 258 -63.82 -16.47 -20.13
N LEU A 259 -62.52 -16.38 -20.38
CA LEU A 259 -61.99 -16.68 -21.72
C LEU A 259 -61.30 -18.03 -21.79
N ASN A 260 -61.73 -18.92 -20.92
CA ASN A 260 -61.24 -20.29 -20.82
C ASN A 260 -59.72 -20.47 -20.83
N VAL A 261 -59.02 -19.62 -20.08
CA VAL A 261 -57.59 -19.80 -19.86
C VAL A 261 -57.32 -20.86 -18.80
N THR A 262 -56.51 -21.85 -19.11
CA THR A 262 -56.23 -22.91 -18.15
C THR A 262 -54.74 -23.20 -18.02
N ASN A 263 -54.38 -23.93 -16.97
CA ASN A 263 -53.03 -24.43 -16.75
C ASN A 263 -51.98 -23.35 -16.87
N LYS A 264 -52.18 -22.23 -16.20
CA LYS A 264 -51.14 -21.26 -16.12
C LYS A 264 -50.62 -21.21 -14.70
N VAL A 265 -49.44 -20.63 -14.51
CA VAL A 265 -48.98 -20.26 -13.19
C VAL A 265 -49.03 -18.75 -13.09
N TRP A 266 -49.95 -18.26 -12.28
CA TRP A 266 -50.11 -16.83 -12.10
C TRP A 266 -49.26 -16.36 -10.95
N ILE A 267 -48.61 -15.21 -11.11
CA ILE A 267 -47.83 -14.68 -10.00
C ILE A 267 -48.26 -13.26 -9.69
N ALA A 268 -48.69 -13.06 -8.46
CA ALA A 268 -49.22 -11.79 -7.99
C ALA A 268 -48.18 -10.98 -7.22
N ASP A 269 -48.19 -9.67 -7.36
CA ASP A 269 -47.47 -8.80 -6.45
C ASP A 269 -48.35 -8.62 -5.23
N ASP A 270 -47.88 -7.89 -4.22
CA ASP A 270 -48.65 -7.71 -2.99
C ASP A 270 -49.88 -6.80 -3.12
N GLY A 271 -50.07 -6.18 -4.28
CA GLY A 271 -51.27 -5.39 -4.54
C GLY A 271 -52.51 -6.23 -4.76
N TRP A 272 -52.34 -7.50 -5.09
CA TRP A 272 -53.52 -8.36 -5.25
C TRP A 272 -53.38 -9.80 -4.80
N SER A 273 -52.22 -10.17 -4.24
CA SER A 273 -52.06 -11.54 -3.77
C SER A 273 -52.99 -11.87 -2.58
N LEU A 274 -53.49 -10.84 -1.89
CA LEU A 274 -54.41 -11.03 -0.79
C LEU A 274 -55.81 -10.51 -1.14
N ASN A 275 -56.05 -10.34 -2.44
CA ASN A 275 -57.38 -10.01 -2.94
C ASN A 275 -58.47 -10.90 -2.35
N LYS A 276 -59.59 -10.32 -1.93
CA LYS A 276 -60.62 -11.13 -1.30
C LYS A 276 -61.71 -11.54 -2.27
N LYS A 277 -61.75 -10.88 -3.41
CA LYS A 277 -62.81 -11.10 -4.38
C LYS A 277 -62.50 -12.28 -5.29
N LEU A 278 -61.27 -12.31 -5.81
CA LEU A 278 -60.91 -13.35 -6.77
C LEU A 278 -60.86 -14.81 -6.26
N PRO A 279 -60.37 -15.06 -5.02
CA PRO A 279 -60.32 -16.46 -4.56
C PRO A 279 -61.67 -17.15 -4.40
N SER A 280 -62.71 -16.37 -4.13
CA SER A 280 -64.04 -16.91 -3.88
C SER A 280 -64.86 -16.90 -5.15
N MET A 281 -64.23 -16.52 -6.24
CA MET A 281 -64.91 -16.37 -7.51
C MET A 281 -65.22 -17.71 -8.17
N ASN A 282 -66.35 -17.80 -8.84
CA ASN A 282 -66.74 -19.02 -9.54
C ASN A 282 -65.78 -19.23 -10.70
N GLY A 283 -65.16 -20.40 -10.78
CA GLY A 283 -64.31 -20.74 -11.91
C GLY A 283 -62.83 -20.51 -11.68
N ILE A 284 -62.50 -19.76 -10.62
CA ILE A 284 -61.12 -19.41 -10.31
C ILE A 284 -60.16 -20.60 -10.36
N GLN A 285 -60.58 -21.77 -9.87
CA GLN A 285 -59.66 -22.93 -9.84
C GLN A 285 -59.24 -23.39 -11.25
N ASN A 286 -60.00 -23.00 -12.26
CA ASN A 286 -59.73 -23.45 -13.62
C ASN A 286 -58.59 -22.76 -14.35
N ILE A 287 -58.21 -21.57 -13.91
CA ILE A 287 -57.17 -20.86 -14.62
C ILE A 287 -55.78 -21.37 -14.25
N GLY A 288 -55.72 -22.25 -13.25
CA GLY A 288 -54.46 -22.85 -12.85
C GLY A 288 -54.13 -22.54 -11.40
N THR A 289 -52.86 -22.23 -11.16
CA THR A 289 -52.40 -21.99 -9.81
C THR A 289 -51.99 -20.54 -9.64
N VAL A 290 -52.48 -19.90 -8.57
CA VAL A 290 -52.08 -18.53 -8.28
C VAL A 290 -51.06 -18.54 -7.15
N LEU A 291 -49.85 -18.08 -7.44
CA LEU A 291 -48.84 -17.82 -6.42
C LEU A 291 -48.72 -16.32 -6.23
N GLY A 292 -48.04 -15.91 -5.18
CA GLY A 292 -47.86 -14.49 -4.99
C GLY A 292 -46.92 -14.10 -3.88
N VAL A 293 -46.53 -12.85 -3.96
CA VAL A 293 -45.80 -12.16 -2.94
C VAL A 293 -46.84 -11.38 -2.13
N ALA A 294 -46.85 -11.54 -0.82
CA ALA A 294 -47.84 -10.86 0.01
C ALA A 294 -47.20 -10.20 1.22
N GLN A 295 -47.81 -9.14 1.73
CA GLN A 295 -47.45 -8.59 3.02
C GLN A 295 -48.02 -9.47 4.12
N PRO A 296 -47.17 -9.94 5.04
CA PRO A 296 -47.64 -10.77 6.16
C PRO A 296 -48.72 -10.05 6.96
N VAL A 297 -49.77 -10.77 7.36
CA VAL A 297 -50.87 -10.11 8.07
C VAL A 297 -50.43 -9.67 9.45
N VAL A 298 -50.31 -8.36 9.62
CA VAL A 298 -49.93 -7.79 10.91
C VAL A 298 -51.17 -7.49 11.75
N THR A 299 -51.21 -8.08 12.94
CA THR A 299 -52.26 -7.84 13.90
C THR A 299 -52.12 -6.47 14.51
N ILE A 300 -53.16 -5.67 14.39
CA ILE A 300 -53.18 -4.34 14.97
C ILE A 300 -54.19 -4.36 16.11
N PRO A 301 -53.72 -4.66 17.32
CA PRO A 301 -54.61 -4.81 18.47
C PRO A 301 -55.49 -3.60 18.63
N GLY A 302 -56.79 -3.82 18.75
CA GLY A 302 -57.74 -2.76 19.01
C GLY A 302 -58.54 -2.28 17.81
N PHE A 303 -58.18 -2.77 16.63
CA PHE A 303 -58.76 -2.25 15.40
C PHE A 303 -60.18 -2.75 15.17
N THR A 304 -60.42 -4.01 15.54
CA THR A 304 -61.73 -4.60 15.42
C THR A 304 -62.78 -3.84 16.21
N ASP A 305 -62.51 -3.59 17.48
CA ASP A 305 -63.40 -2.79 18.30
C ASP A 305 -63.64 -1.44 17.65
N PHE A 306 -62.56 -0.76 17.29
CA PHE A 306 -62.64 0.56 16.65
C PHE A 306 -63.57 0.56 15.44
N ILE A 307 -63.48 -0.46 14.60
CA ILE A 307 -64.38 -0.56 13.47
C ILE A 307 -65.85 -0.63 13.91
N TYR A 308 -66.15 -1.49 14.89
CA TYR A 308 -67.53 -1.61 15.39
C TYR A 308 -68.07 -0.29 15.93
N SER A 309 -67.18 0.59 16.39
CA SER A 309 -67.60 1.91 16.82
C SER A 309 -67.78 2.90 15.68
N ALA A 310 -66.92 2.79 14.66
CA ALA A 310 -66.90 3.80 13.61
C ALA A 310 -68.06 3.62 12.63
N ILE A 311 -68.53 2.39 12.48
CA ILE A 311 -69.64 2.11 11.57
C ILE A 311 -71.00 2.28 12.25
N PHE A 324 -66.76 20.73 2.11
CA PHE A 324 -65.58 20.67 1.26
C PHE A 324 -65.54 19.36 0.47
N CYS A 325 -65.10 19.45 -0.79
CA CYS A 325 -65.14 18.30 -1.68
C CYS A 325 -64.24 17.17 -1.22
N ASN A 326 -64.56 15.96 -1.68
CA ASN A 326 -63.78 14.77 -1.40
C ASN A 326 -63.64 14.46 0.09
N GLN A 327 -64.67 14.77 0.87
CA GLN A 327 -64.71 14.45 2.29
C GLN A 327 -66.09 13.88 2.67
N LYS A 328 -66.51 12.90 1.90
CA LYS A 328 -67.84 12.35 2.04
C LYS A 328 -67.74 10.89 1.63
N CYS A 329 -68.17 9.98 2.48
CA CYS A 329 -68.02 8.57 2.13
C CYS A 329 -69.23 8.02 1.40
N ASN A 330 -70.42 8.38 1.89
CA ASN A 330 -71.65 7.85 1.34
C ASN A 330 -71.56 6.33 1.31
N CYS A 331 -71.36 5.75 2.49
CA CYS A 331 -71.17 4.33 2.59
C CYS A 331 -71.73 3.81 3.90
N SER A 332 -72.89 4.33 4.29
CA SER A 332 -73.59 3.70 5.39
C SER A 332 -74.31 2.48 4.83
N ASN A 333 -74.88 1.65 5.70
CA ASN A 333 -75.36 0.33 5.29
C ASN A 333 -74.14 -0.44 4.80
N LEU A 334 -73.10 -0.40 5.64
CA LEU A 334 -71.85 -1.08 5.39
C LEU A 334 -71.71 -2.20 6.42
N SER A 335 -71.32 -3.41 5.98
CA SER A 335 -71.15 -4.52 6.92
C SER A 335 -69.79 -4.52 7.60
N VAL A 336 -69.80 -4.50 8.93
CA VAL A 336 -68.59 -4.48 9.71
C VAL A 336 -67.75 -5.73 9.46
N LYS A 337 -68.39 -6.88 9.31
CA LYS A 337 -67.62 -8.09 9.04
C LYS A 337 -66.98 -8.07 7.63
N SER A 338 -67.64 -7.45 6.65
CA SER A 338 -67.07 -7.32 5.31
C SER A 338 -65.81 -6.49 5.33
N LEU A 339 -65.89 -5.37 6.02
CA LEU A 339 -64.79 -4.45 6.25
C LEU A 339 -63.62 -5.10 6.99
N LEU A 340 -63.92 -5.80 8.08
CA LEU A 340 -62.86 -6.42 8.87
C LEU A 340 -62.11 -7.44 8.05
N ASN A 341 -62.85 -8.30 7.36
CA ASN A 341 -62.27 -9.35 6.53
C ASN A 341 -61.68 -8.93 5.19
N ALA A 342 -61.93 -7.69 4.78
CA ALA A 342 -61.28 -7.14 3.58
C ALA A 342 -59.75 -7.32 3.62
N ASP A 343 -59.12 -7.15 2.46
CA ASP A 343 -57.65 -7.20 2.30
C ASP A 343 -56.95 -6.25 3.28
N PRO A 344 -56.16 -6.79 4.21
CA PRO A 344 -55.58 -5.99 5.28
C PRO A 344 -54.20 -5.47 4.92
N SER A 345 -53.78 -5.69 3.69
CA SER A 345 -52.46 -5.24 3.27
C SER A 345 -52.36 -3.72 3.41
N PHE A 346 -51.14 -3.25 3.68
CA PHE A 346 -50.84 -1.82 3.89
C PHE A 346 -51.43 -1.27 5.19
N SER A 347 -52.01 -2.13 6.03
CA SER A 347 -52.41 -1.75 7.38
C SER A 347 -51.23 -1.22 8.19
N PHE A 348 -50.22 -2.07 8.40
CA PHE A 348 -49.07 -1.62 9.19
C PHE A 348 -48.36 -0.41 8.57
N PRO A 349 -48.20 -0.39 7.22
CA PRO A 349 -47.68 0.85 6.62
C PRO A 349 -48.44 2.12 7.00
N VAL A 350 -49.76 2.11 6.94
CA VAL A 350 -50.53 3.26 7.40
C VAL A 350 -50.25 3.56 8.87
N TYR A 351 -50.39 2.52 9.67
CA TYR A 351 -50.18 2.59 11.10
C TYR A 351 -48.81 3.20 11.41
N ALA A 352 -47.78 2.70 10.75
CA ALA A 352 -46.41 3.18 10.96
C ALA A 352 -46.20 4.60 10.43
N ALA A 353 -46.87 4.96 9.34
CA ALA A 353 -46.73 6.30 8.76
C ALA A 353 -47.26 7.36 9.72
N VAL A 354 -48.45 7.15 10.24
CA VAL A 354 -48.97 8.07 11.25
C VAL A 354 -48.04 8.11 12.47
N TYR A 355 -47.53 6.96 12.91
CA TYR A 355 -46.71 6.96 14.11
C TYR A 355 -45.35 7.63 13.90
N ALA A 356 -44.78 7.44 12.71
CA ALA A 356 -43.50 8.07 12.37
C ALA A 356 -43.63 9.59 12.45
N ILE A 357 -44.75 10.09 11.97
CA ILE A 357 -45.01 11.52 11.99
C ILE A 357 -45.23 12.02 13.40
N ALA A 358 -46.04 11.31 14.18
CA ALA A 358 -46.28 11.72 15.56
C ALA A 358 -44.97 11.72 16.38
N HIS A 359 -44.16 10.67 16.25
CA HIS A 359 -42.83 10.63 16.88
C HIS A 359 -41.92 11.79 16.43
N ALA A 360 -41.97 12.17 15.16
CA ALA A 360 -41.13 13.27 14.69
C ALA A 360 -41.60 14.60 15.31
N LEU A 361 -42.90 14.77 15.44
CA LEU A 361 -43.44 15.94 16.14
C LEU A 361 -43.04 15.96 17.61
N HIS A 362 -43.26 14.82 18.27
CA HIS A 362 -42.85 14.60 19.64
C HIS A 362 -41.40 15.02 19.83
N ASN A 363 -40.52 14.50 18.98
CA ASN A 363 -39.10 14.76 19.14
C ASN A 363 -38.72 16.17 18.69
N THR A 364 -39.45 16.73 17.73
CA THR A 364 -39.21 18.11 17.29
C THR A 364 -39.56 19.08 18.40
N LEU A 365 -40.71 18.87 19.04
CA LEU A 365 -41.14 19.66 20.20
C LEU A 365 -40.30 19.42 21.45
N ARG A 366 -39.43 18.42 21.38
CA ARG A 366 -38.62 18.00 22.54
C ARG A 366 -39.48 17.61 23.75
N CYS A 367 -40.58 16.91 23.49
CA CYS A 367 -41.40 16.34 24.55
C CYS A 367 -40.63 15.33 25.39
N GLY A 368 -40.94 15.27 26.67
CA GLY A 368 -40.44 14.23 27.54
C GLY A 368 -41.53 13.20 27.77
N SER A 369 -41.37 12.35 28.76
CA SER A 369 -42.35 11.30 29.00
C SER A 369 -43.63 11.90 29.56
N ASP A 370 -43.48 13.03 30.25
CA ASP A 370 -44.58 13.60 30.99
C ASP A 370 -45.30 14.72 30.28
N ARG A 371 -44.55 15.57 29.59
CA ARG A 371 -45.15 16.78 29.04
C ARG A 371 -44.49 17.27 27.74
N CYS A 372 -45.20 18.17 27.06
CA CYS A 372 -44.64 18.85 25.90
C CYS A 372 -44.63 20.32 26.18
N PRO A 373 -43.64 21.04 25.63
CA PRO A 373 -43.83 22.49 25.62
C PRO A 373 -45.05 22.78 24.75
N LYS A 374 -45.67 23.94 24.86
CA LYS A 374 -46.82 24.21 24.00
C LYS A 374 -46.85 25.59 23.37
N ASN A 375 -47.77 25.73 22.42
CA ASN A 375 -47.85 26.87 21.51
C ASN A 375 -46.49 27.18 20.86
N ILE A 376 -45.62 26.17 20.82
CA ILE A 376 -44.42 26.26 19.99
C ILE A 376 -44.84 25.94 18.57
N THR A 377 -44.54 26.86 17.65
CA THR A 377 -44.95 26.68 16.27
C THR A 377 -43.93 25.82 15.52
N VAL A 378 -44.45 24.88 14.74
CA VAL A 378 -43.63 23.89 14.06
C VAL A 378 -43.81 23.94 12.55
N HIS A 379 -42.81 24.47 11.87
CA HIS A 379 -42.77 24.46 10.41
C HIS A 379 -42.54 23.05 9.89
N PRO A 380 -43.35 22.62 8.93
CA PRO A 380 -43.31 21.28 8.35
C PRO A 380 -41.90 20.72 8.10
N HIS A 381 -40.96 21.57 7.73
CA HIS A 381 -39.62 21.10 7.39
C HIS A 381 -38.88 20.62 8.64
N MET A 382 -39.29 21.13 9.80
CA MET A 382 -38.65 20.76 11.06
C MET A 382 -38.97 19.31 11.43
N ILE A 383 -40.19 18.90 11.11
CA ILE A 383 -40.61 17.53 11.23
C ILE A 383 -39.70 16.62 10.42
N LEU A 384 -39.26 17.11 9.26
CA LEU A 384 -38.60 16.26 8.28
C LEU A 384 -37.29 15.65 8.78
N GLU A 385 -36.47 16.39 9.52
CA GLU A 385 -35.22 15.79 9.93
C GLU A 385 -35.42 14.77 11.05
N GLU A 386 -36.50 14.93 11.80
CA GLU A 386 -36.82 13.90 12.80
C GLU A 386 -37.44 12.67 12.14
N LEU A 387 -38.27 12.87 11.14
CA LEU A 387 -38.77 11.75 10.33
C LEU A 387 -37.63 10.90 9.76
N LYS A 388 -36.61 11.57 9.23
CA LYS A 388 -35.50 10.86 8.59
C LYS A 388 -34.73 10.03 9.61
N LYS A 389 -34.57 10.57 10.81
CA LYS A 389 -33.86 9.87 11.87
C LYS A 389 -34.76 8.92 12.69
N SER A 390 -35.97 8.65 12.22
CA SER A 390 -36.94 7.82 12.96
C SER A 390 -36.36 6.52 13.47
N ASN A 391 -36.61 6.22 14.73
CA ASN A 391 -36.07 5.03 15.36
C ASN A 391 -36.86 4.66 16.60
N PHE A 392 -37.97 3.97 16.40
CA PHE A 392 -38.82 3.58 17.52
C PHE A 392 -39.39 2.20 17.27
N THR A 393 -39.89 1.56 18.32
CA THR A 393 -40.49 0.26 18.13
C THR A 393 -42.01 0.42 18.09
N LEU A 394 -42.64 -0.42 17.29
CA LEU A 394 -44.07 -0.34 17.08
C LEU A 394 -44.56 -1.76 16.79
N LEU A 395 -45.40 -2.31 17.67
CA LEU A 395 -45.79 -3.72 17.60
C LEU A 395 -44.60 -4.64 17.36
N ASN A 396 -43.53 -4.45 18.13
CA ASN A 396 -42.35 -5.32 18.08
C ASN A 396 -41.59 -5.27 16.76
N GLN A 397 -41.94 -4.31 15.90
CA GLN A 397 -41.15 -4.02 14.71
C GLN A 397 -40.36 -2.75 14.99
N THR A 398 -39.26 -2.54 14.28
CA THR A 398 -38.47 -1.32 14.44
C THR A 398 -38.70 -0.40 13.25
N VAL A 399 -39.25 0.78 13.50
CA VAL A 399 -39.53 1.70 12.41
C VAL A 399 -38.35 2.65 12.15
N GLN A 400 -37.72 2.45 10.99
CA GLN A 400 -36.60 3.25 10.52
C GLN A 400 -36.65 3.43 9.02
N PHE A 401 -35.97 4.44 8.53
CA PHE A 401 -35.85 4.65 7.09
C PHE A 401 -34.38 4.74 6.74
N ASP A 402 -34.02 4.34 5.53
CA ASP A 402 -32.64 4.49 5.07
C ASP A 402 -32.42 5.85 4.41
N GLU A 403 -31.22 6.06 3.89
CA GLU A 403 -30.80 7.30 3.24
C GLU A 403 -31.82 7.84 2.23
N ASN A 404 -32.56 6.93 1.59
CA ASN A 404 -33.53 7.28 0.54
C ASN A 404 -34.94 7.61 1.04
N GLY A 405 -35.18 7.33 2.32
CA GLY A 405 -36.50 7.49 2.88
C GLY A 405 -37.34 6.28 2.59
N ASP A 406 -36.68 5.17 2.30
CA ASP A 406 -37.37 3.91 2.10
C ASP A 406 -37.34 3.16 3.43
N PRO A 407 -38.29 2.24 3.66
CA PRO A 407 -38.44 1.63 4.97
C PRO A 407 -37.46 0.49 5.26
N LYS A 408 -36.92 0.45 6.47
CA LYS A 408 -36.06 -0.67 6.86
C LYS A 408 -36.85 -1.78 7.55
N PHE A 409 -38.17 -1.76 7.47
CA PHE A 409 -38.99 -2.76 8.16
C PHE A 409 -39.98 -3.37 7.19
N GLY A 410 -40.63 -4.46 7.60
CA GLY A 410 -41.55 -5.17 6.73
C GLY A 410 -40.89 -6.23 5.88
N SER A 411 -41.60 -7.34 5.69
CA SER A 411 -41.09 -8.46 4.94
C SER A 411 -42.16 -8.97 3.97
N LEU A 412 -41.86 -10.04 3.24
CA LEU A 412 -42.83 -10.60 2.32
C LEU A 412 -43.03 -12.08 2.52
N SER A 413 -44.28 -12.51 2.50
CA SER A 413 -44.66 -13.89 2.42
C SER A 413 -44.74 -14.32 0.98
N VAL A 414 -44.42 -15.58 0.72
CA VAL A 414 -44.84 -16.19 -0.52
C VAL A 414 -46.11 -16.96 -0.22
N VAL A 415 -47.17 -16.70 -0.98
CA VAL A 415 -48.43 -17.36 -0.75
C VAL A 415 -48.88 -18.13 -1.97
N PHE A 416 -49.91 -18.93 -1.75
CA PHE A 416 -50.50 -19.80 -2.74
C PHE A 416 -52.00 -19.78 -2.44
N TRP A 417 -52.83 -19.68 -3.46
CA TRP A 417 -54.26 -19.71 -3.27
C TRP A 417 -54.74 -21.15 -3.20
N ASN A 418 -55.16 -21.60 -2.02
CA ASN A 418 -55.54 -23.01 -1.92
C ASN A 418 -57.03 -23.26 -2.18
N SER A 419 -57.41 -24.53 -2.21
CA SER A 419 -58.77 -24.93 -2.61
C SER A 419 -59.86 -24.56 -1.60
N SER A 420 -59.48 -23.80 -0.57
CA SER A 420 -60.42 -23.27 0.41
C SER A 420 -60.59 -21.75 0.22
N GLY A 421 -59.95 -21.21 -0.81
CA GLY A 421 -60.06 -19.79 -1.11
C GLY A 421 -59.19 -18.93 -0.21
N ASN A 422 -58.18 -19.55 0.40
CA ASN A 422 -57.27 -18.84 1.27
C ASN A 422 -55.88 -18.72 0.67
N ALA A 423 -55.26 -17.57 0.89
CA ALA A 423 -53.86 -17.35 0.55
C ALA A 423 -52.96 -18.00 1.60
N GLU A 424 -52.74 -19.30 1.44
CA GLU A 424 -51.91 -20.08 2.32
C GLU A 424 -50.44 -19.70 2.15
N GLU A 425 -49.81 -19.25 3.23
CA GLU A 425 -48.36 -18.95 3.17
C GLU A 425 -47.56 -20.23 2.91
N VAL A 426 -46.60 -20.16 1.99
CA VAL A 426 -45.73 -21.29 1.70
C VAL A 426 -44.25 -20.92 1.72
N GLY A 427 -43.90 -19.71 2.15
CA GLY A 427 -42.51 -19.31 2.12
C GLY A 427 -42.25 -17.85 2.52
N SER A 428 -40.98 -17.49 2.54
CA SER A 428 -40.56 -16.18 3.01
C SER A 428 -39.52 -15.53 2.12
N TYR A 429 -39.61 -14.20 2.05
CA TYR A 429 -38.55 -13.41 1.47
C TYR A 429 -38.17 -12.34 2.50
N HIS A 430 -36.91 -12.35 2.91
CA HIS A 430 -36.37 -11.30 3.77
C HIS A 430 -35.30 -10.53 2.98
N PHE A 431 -35.44 -9.20 2.98
CA PHE A 431 -34.68 -8.33 2.07
C PHE A 431 -33.17 -8.33 2.31
N GLN A 432 -32.74 -8.47 3.56
CA GLN A 432 -31.32 -8.71 3.84
C GLN A 432 -31.06 -10.22 3.90
N SER A 433 -30.29 -10.70 2.93
CA SER A 433 -30.20 -12.13 2.64
C SER A 433 -29.21 -12.87 3.53
N LEU A 437 -34.31 -17.00 -0.50
CA LEU A 437 -35.76 -17.20 -0.38
C LEU A 437 -36.09 -18.67 -0.13
N SER A 438 -36.94 -18.92 0.85
CA SER A 438 -37.38 -20.28 1.15
C SER A 438 -38.82 -20.55 0.71
N ILE A 439 -39.05 -21.69 0.08
CA ILE A 439 -40.41 -22.12 -0.25
C ILE A 439 -40.60 -23.61 0.06
N ASN A 440 -41.62 -23.93 0.84
CA ASN A 440 -42.05 -25.31 1.00
C ASN A 440 -42.88 -25.71 -0.20
N LYS A 441 -42.27 -26.41 -1.14
CA LYS A 441 -42.91 -26.65 -2.42
C LYS A 441 -44.02 -27.69 -2.34
N THR A 442 -43.99 -28.51 -1.27
CA THR A 442 -44.99 -29.57 -1.14
C THR A 442 -46.38 -29.01 -0.78
N LYS A 443 -46.43 -27.86 -0.10
CA LYS A 443 -47.73 -27.25 0.25
C LYS A 443 -48.51 -26.75 -0.96
N ILE A 444 -47.80 -26.43 -2.04
CA ILE A 444 -48.46 -25.99 -3.26
C ILE A 444 -49.11 -27.13 -4.04
N LYS A 445 -50.44 -27.08 -4.13
CA LYS A 445 -51.20 -28.02 -4.96
C LYS A 445 -51.40 -27.40 -6.32
N TRP A 446 -51.13 -28.17 -7.38
CA TRP A 446 -51.18 -27.59 -8.70
C TRP A 446 -52.48 -27.93 -9.46
N PHE A 447 -53.20 -26.88 -9.86
CA PHE A 447 -54.45 -27.03 -10.59
C PHE A 447 -54.20 -27.30 -12.07
N PRO B 2 -39.31 47.63 -41.26
CA PRO B 2 -40.58 47.44 -40.53
C PRO B 2 -40.66 48.43 -39.38
N ASN B 3 -41.52 49.44 -39.50
CA ASN B 3 -41.43 50.55 -38.55
C ASN B 3 -42.02 50.23 -37.16
N TRP B 4 -42.84 49.19 -37.04
CA TRP B 4 -43.33 48.84 -35.70
C TRP B 4 -42.20 48.37 -34.79
N PHE B 5 -41.02 48.11 -35.36
CA PHE B 5 -39.82 47.86 -34.57
C PHE B 5 -39.51 49.01 -33.60
N ASN B 6 -39.77 50.25 -34.03
CA ASN B 6 -39.46 51.45 -33.22
C ASN B 6 -40.24 51.56 -31.89
N ASN B 7 -41.45 51.05 -31.88
CA ASN B 7 -42.31 51.03 -30.72
C ASN B 7 -42.09 49.92 -29.65
N ILE B 8 -41.10 49.06 -29.85
CA ILE B 8 -41.02 47.92 -28.96
C ILE B 8 -40.37 48.28 -27.62
N SER B 9 -40.85 47.67 -26.55
CA SER B 9 -40.35 48.02 -25.22
C SER B 9 -39.15 47.18 -24.88
N THR B 10 -38.47 47.57 -23.81
CA THR B 10 -37.22 46.95 -23.41
C THR B 10 -37.44 45.89 -22.34
N ASP B 11 -38.69 45.57 -22.06
CA ASP B 11 -39.05 44.60 -21.03
C ASP B 11 -38.97 43.17 -21.57
N LEU B 12 -38.01 42.41 -21.07
CA LEU B 12 -37.76 41.07 -21.60
C LEU B 12 -38.76 40.02 -21.12
N PHE B 13 -38.98 39.97 -19.82
CA PHE B 13 -39.69 38.84 -19.23
C PHE B 13 -41.05 39.19 -18.61
N SER B 14 -41.41 40.48 -18.65
CA SER B 14 -42.76 40.92 -18.28
C SER B 14 -43.25 41.98 -19.25
N MET B 15 -44.40 41.72 -19.88
CA MET B 15 -45.03 42.72 -20.71
C MET B 15 -46.48 42.96 -20.23
N PRO B 16 -46.80 44.20 -19.83
CA PRO B 16 -48.16 44.50 -19.39
C PRO B 16 -49.16 44.30 -20.52
N GLY B 17 -50.39 43.89 -20.19
CA GLY B 17 -51.38 43.63 -21.23
C GLY B 17 -52.74 43.26 -20.68
N ASP B 18 -53.75 43.29 -21.53
CA ASP B 18 -55.13 42.99 -21.15
C ASP B 18 -55.32 41.52 -20.90
N ILE B 19 -54.66 40.73 -21.72
CA ILE B 19 -54.65 39.30 -21.57
C ILE B 19 -53.21 38.83 -21.55
N LYS B 20 -52.85 37.99 -20.58
CA LYS B 20 -51.46 37.57 -20.42
C LYS B 20 -51.21 36.07 -20.60
N LEU B 21 -50.11 35.77 -21.29
CA LEU B 21 -49.58 34.41 -21.39
C LEU B 21 -48.50 34.18 -20.35
N GLY B 22 -48.54 33.04 -19.68
CA GLY B 22 -47.42 32.63 -18.85
C GLY B 22 -46.38 31.97 -19.72
N GLY B 23 -45.10 32.30 -19.52
CA GLY B 23 -44.01 31.59 -20.17
C GLY B 23 -43.03 30.87 -19.25
N LEU B 24 -42.59 29.70 -19.67
CA LEU B 24 -41.64 28.93 -18.89
C LEU B 24 -40.46 28.49 -19.74
N PHE B 25 -39.28 29.04 -19.47
CA PHE B 25 -38.07 28.71 -20.26
C PHE B 25 -36.91 28.31 -19.35
N PRO B 26 -36.02 27.44 -19.85
CA PRO B 26 -34.74 27.12 -19.19
C PRO B 26 -33.68 28.17 -19.48
N ILE B 27 -33.72 29.27 -18.73
CA ILE B 27 -32.87 30.44 -19.00
C ILE B 27 -31.61 30.43 -18.14
N LYS B 28 -31.73 29.98 -16.89
CA LYS B 28 -30.54 29.78 -16.05
C LYS B 28 -30.60 28.45 -15.32
N GLU B 29 -29.65 27.55 -15.61
CA GLU B 29 -29.63 26.23 -14.97
C GLU B 29 -28.55 26.11 -13.90
N GLN B 30 -28.44 24.93 -13.32
CA GLN B 30 -27.34 24.63 -12.40
C GLN B 30 -26.15 24.19 -13.23
N SER B 31 -24.95 24.38 -12.68
CA SER B 31 -23.72 23.95 -13.36
C SER B 31 -23.30 22.55 -12.90
N SER B 45 -29.40 26.80 -6.59
CA SER B 45 -28.47 27.74 -7.23
C SER B 45 -28.47 27.64 -8.77
N CYS B 46 -29.26 28.49 -9.41
CA CYS B 46 -29.34 28.48 -10.87
C CYS B 46 -28.44 29.56 -11.45
N ASP B 47 -27.16 29.21 -11.61
CA ASP B 47 -26.12 30.19 -11.89
C ASP B 47 -25.70 30.25 -13.36
N SER B 48 -26.00 29.20 -14.12
CA SER B 48 -25.42 29.01 -15.44
C SER B 48 -26.38 29.35 -16.56
N LEU B 49 -26.07 30.42 -17.29
CA LEU B 49 -26.92 30.86 -18.41
C LEU B 49 -26.98 29.84 -19.55
N ASN B 50 -28.21 29.60 -20.00
CA ASN B 50 -28.50 28.71 -21.12
C ASN B 50 -28.86 29.57 -22.33
N LYS B 51 -27.90 29.79 -23.23
CA LYS B 51 -28.10 30.69 -24.37
C LYS B 51 -29.33 30.37 -25.22
N ASP B 52 -29.55 29.09 -25.49
CA ASP B 52 -30.70 28.71 -26.31
C ASP B 52 -32.03 29.04 -25.65
N GLY B 53 -32.13 28.77 -24.35
CA GLY B 53 -33.34 29.06 -23.60
C GLY B 53 -33.67 30.54 -23.60
N LEU B 54 -32.64 31.37 -23.45
CA LEU B 54 -32.84 32.80 -23.52
C LEU B 54 -33.35 33.20 -24.91
N GLY B 55 -32.68 32.70 -25.94
CA GLY B 55 -33.07 32.97 -27.31
C GLY B 55 -34.50 32.56 -27.64
N ARG B 56 -34.91 31.42 -27.13
CA ARG B 56 -36.27 30.95 -27.37
C ARG B 56 -37.26 31.84 -26.64
N ALA B 57 -36.83 32.44 -25.53
CA ALA B 57 -37.65 33.41 -24.82
C ALA B 57 -37.76 34.70 -25.62
N LEU B 58 -36.67 35.09 -26.28
CA LEU B 58 -36.68 36.26 -27.13
C LEU B 58 -37.70 36.08 -28.25
N VAL B 59 -37.80 34.87 -28.77
CA VAL B 59 -38.78 34.61 -29.83
C VAL B 59 -40.21 34.87 -29.33
N MET B 60 -40.52 34.52 -28.09
CA MET B 60 -41.84 34.82 -27.56
C MET B 60 -42.06 36.33 -27.46
N LYS B 61 -41.07 37.04 -26.94
CA LYS B 61 -41.05 38.50 -26.97
C LYS B 61 -41.35 39.05 -28.34
N TYR B 62 -40.73 38.48 -29.36
CA TYR B 62 -40.89 38.99 -30.71
C TYR B 62 -42.30 38.73 -31.22
N ALA B 63 -42.81 37.52 -30.95
CA ALA B 63 -44.12 37.16 -31.43
C ALA B 63 -45.18 38.07 -30.80
N VAL B 64 -45.05 38.35 -29.51
CA VAL B 64 -46.06 39.12 -28.80
C VAL B 64 -46.07 40.57 -29.25
N GLU B 65 -44.88 41.14 -29.41
CA GLU B 65 -44.73 42.48 -29.98
C GLU B 65 -45.36 42.57 -31.36
N GLU B 66 -45.14 41.55 -32.17
CA GLU B 66 -45.63 41.57 -33.53
C GLU B 66 -47.16 41.48 -33.56
N ILE B 67 -47.72 40.61 -32.72
CA ILE B 67 -49.19 40.51 -32.61
C ILE B 67 -49.80 41.84 -32.17
N ASN B 68 -49.12 42.53 -31.26
CA ASN B 68 -49.66 43.79 -30.78
C ASN B 68 -49.54 44.89 -31.83
N ALA B 69 -48.60 44.73 -32.75
CA ALA B 69 -48.39 45.71 -33.81
C ALA B 69 -49.33 45.47 -34.97
N ASN B 70 -49.94 44.30 -35.00
CA ASN B 70 -50.94 43.94 -36.00
C ASN B 70 -52.32 44.43 -35.53
N SER B 71 -52.80 45.50 -36.13
CA SER B 71 -54.07 46.11 -35.72
C SER B 71 -55.30 45.30 -36.16
N GLN B 72 -55.12 44.17 -36.82
CA GLN B 72 -56.26 43.37 -37.27
C GLN B 72 -56.32 42.01 -36.58
N LEU B 73 -55.32 41.73 -35.74
CA LEU B 73 -55.31 40.55 -34.88
C LEU B 73 -55.40 41.00 -33.43
N LEU B 74 -56.47 40.54 -32.78
CA LEU B 74 -56.89 41.03 -31.48
C LEU B 74 -57.01 42.55 -31.46
N PRO B 75 -57.81 43.12 -32.39
CA PRO B 75 -57.89 44.58 -32.52
C PRO B 75 -58.35 45.22 -31.23
N GLY B 76 -57.59 46.21 -30.75
CA GLY B 76 -57.90 46.89 -29.50
C GLY B 76 -57.73 46.04 -28.24
N VAL B 77 -57.07 44.89 -28.36
CA VAL B 77 -56.83 44.04 -27.19
C VAL B 77 -55.34 43.75 -27.06
N LYS B 78 -54.71 44.19 -25.97
CA LYS B 78 -53.26 44.06 -25.91
C LYS B 78 -52.84 42.77 -25.22
N LEU B 79 -51.99 42.03 -25.91
CA LEU B 79 -51.42 40.79 -25.40
C LEU B 79 -50.17 41.10 -24.59
N GLY B 80 -50.12 40.59 -23.37
CA GLY B 80 -48.97 40.74 -22.49
C GLY B 80 -48.50 39.38 -22.04
N TYR B 81 -47.51 39.33 -21.17
CA TYR B 81 -47.01 38.04 -20.68
C TYR B 81 -46.06 38.17 -19.49
N LYS B 82 -45.80 37.04 -18.85
CA LYS B 82 -44.85 36.95 -17.76
C LYS B 82 -44.02 35.69 -17.94
N ILE B 83 -42.72 35.85 -18.14
CA ILE B 83 -41.86 34.71 -18.42
C ILE B 83 -41.06 34.40 -17.17
N TYR B 84 -40.91 33.12 -16.86
CA TYR B 84 -40.11 32.73 -15.70
C TYR B 84 -39.08 31.68 -16.08
N ASN B 85 -37.98 31.64 -15.33
CA ASN B 85 -37.00 30.61 -15.53
C ASN B 85 -37.45 29.32 -14.88
N THR B 86 -37.24 28.20 -15.56
CA THR B 86 -37.60 26.88 -15.04
C THR B 86 -36.45 26.24 -14.29
N CYS B 87 -35.23 26.60 -14.67
CA CYS B 87 -33.99 25.99 -14.17
C CYS B 87 -33.92 24.49 -14.43
N ARG B 88 -34.77 24.00 -15.34
CA ARG B 88 -35.01 22.57 -15.48
C ARG B 88 -34.99 21.85 -14.12
N HIS B 89 -35.67 22.45 -13.13
CA HIS B 89 -35.71 21.92 -11.78
C HIS B 89 -37.12 22.01 -11.15
N SER B 90 -37.61 20.89 -10.61
CA SER B 90 -38.94 20.79 -9.98
C SER B 90 -39.23 21.87 -8.96
N ALA B 91 -38.31 22.03 -8.02
CA ALA B 91 -38.46 23.02 -6.96
C ALA B 91 -38.63 24.43 -7.51
N VAL B 92 -37.93 24.74 -8.59
CA VAL B 92 -37.97 26.09 -9.13
C VAL B 92 -39.24 26.33 -9.91
N ILE B 93 -39.64 25.37 -10.74
CA ILE B 93 -40.72 25.61 -11.69
C ILE B 93 -42.10 25.68 -11.01
N VAL B 94 -42.24 25.09 -9.83
CA VAL B 94 -43.54 24.95 -9.21
C VAL B 94 -44.15 26.30 -8.84
N ARG B 95 -43.32 27.21 -8.37
CA ARG B 95 -43.83 28.50 -7.92
C ARG B 95 -44.37 29.38 -9.09
N PRO B 96 -43.60 29.52 -10.19
CA PRO B 96 -44.11 30.22 -11.38
C PRO B 96 -45.44 29.68 -11.88
N ALA B 97 -45.55 28.36 -11.96
CA ALA B 97 -46.77 27.71 -12.42
C ALA B 97 -47.93 28.04 -11.50
N LEU B 98 -47.70 28.00 -10.18
CA LEU B 98 -48.76 28.37 -9.25
C LEU B 98 -49.14 29.85 -9.40
N SER B 99 -48.15 30.70 -9.65
CA SER B 99 -48.40 32.13 -9.77
C SER B 99 -49.28 32.43 -10.98
N PHE B 100 -49.13 31.64 -12.05
CA PHE B 100 -50.03 31.77 -13.21
C PHE B 100 -51.50 31.54 -12.84
N LEU B 101 -51.73 30.85 -11.72
CA LEU B 101 -53.06 30.39 -11.34
C LEU B 101 -53.69 31.31 -10.31
N THR B 102 -52.94 32.27 -9.79
CA THR B 102 -53.54 33.19 -8.83
C THR B 102 -54.65 34.01 -9.49
N GLU B 103 -55.60 34.47 -8.67
CA GLU B 103 -56.70 35.27 -9.16
C GLU B 103 -56.15 36.57 -9.73
N LYS B 104 -56.55 36.88 -10.96
CA LYS B 104 -56.07 38.05 -11.69
C LYS B 104 -56.14 39.36 -10.88
N SER B 105 -57.24 39.60 -10.18
CA SER B 105 -57.39 40.85 -9.42
C SER B 105 -56.80 40.82 -8.00
N ASN B 106 -56.69 39.63 -7.40
CA ASN B 106 -56.13 39.47 -6.05
C ASN B 106 -54.62 39.39 -5.92
N GLY B 107 -54.03 38.61 -6.82
CA GLY B 107 -52.68 38.15 -6.68
C GLY B 107 -52.56 36.94 -5.77
N THR B 108 -53.67 36.33 -5.36
CA THR B 108 -53.57 35.11 -4.55
C THR B 108 -54.31 33.93 -5.15
N LEU B 109 -53.89 32.74 -4.74
CA LEU B 109 -54.58 31.52 -5.14
C LEU B 109 -55.55 31.08 -4.04
N SER B 110 -56.85 31.13 -4.34
CA SER B 110 -57.85 30.67 -3.38
C SER B 110 -57.92 29.14 -3.36
N VAL B 111 -58.19 28.57 -2.20
CA VAL B 111 -58.53 27.15 -2.12
C VAL B 111 -60.01 26.97 -2.46
N GLU B 112 -60.28 26.32 -3.58
CA GLU B 112 -61.67 26.13 -4.02
C GLU B 112 -61.90 24.68 -4.45
N CYS B 113 -63.16 24.28 -4.54
CA CYS B 113 -63.52 23.03 -5.20
C CYS B 113 -63.95 23.24 -6.64
N ASN B 114 -64.31 24.47 -6.99
CA ASN B 114 -64.87 24.73 -8.29
C ASN B 114 -64.27 26.02 -8.82
N TYR B 115 -63.45 25.93 -9.87
CA TYR B 115 -62.75 27.11 -10.41
C TYR B 115 -63.32 27.59 -11.74
N THR B 116 -64.56 27.21 -12.01
CA THR B 116 -65.22 27.60 -13.25
C THR B 116 -65.37 29.12 -13.42
N ASP B 117 -65.81 29.83 -12.39
CA ASP B 117 -65.89 31.31 -12.42
C ASP B 117 -64.63 32.02 -11.90
N TYR B 118 -63.49 31.35 -11.95
CA TYR B 118 -62.27 31.89 -11.35
C TYR B 118 -61.33 32.40 -12.46
N GLU B 119 -60.98 33.69 -12.43
CA GLU B 119 -60.16 34.24 -13.50
C GLU B 119 -58.68 34.25 -13.11
N THR B 120 -57.92 33.35 -13.74
CA THR B 120 -56.49 33.24 -13.48
C THR B 120 -55.76 34.41 -14.13
N ASP B 121 -54.64 34.77 -13.54
CA ASP B 121 -53.82 35.87 -14.04
C ASP B 121 -53.38 35.65 -15.50
N MET B 122 -53.08 34.40 -15.84
CA MET B 122 -52.74 34.04 -17.23
C MET B 122 -53.87 33.24 -17.85
N VAL B 123 -54.05 33.39 -19.17
CA VAL B 123 -55.08 32.63 -19.87
C VAL B 123 -54.50 31.36 -20.51
N ALA B 124 -53.21 31.38 -20.79
CA ALA B 124 -52.56 30.23 -21.39
C ALA B 124 -51.09 30.28 -21.00
N VAL B 125 -50.41 29.13 -21.14
CA VAL B 125 -48.98 29.02 -20.85
C VAL B 125 -48.14 28.61 -22.08
N ILE B 126 -47.06 29.34 -22.33
CA ILE B 126 -46.12 28.93 -23.36
C ILE B 126 -44.92 28.25 -22.70
N GLY B 127 -44.61 27.03 -23.13
CA GLY B 127 -43.58 26.23 -22.48
C GLY B 127 -44.21 25.19 -21.56
N PRO B 128 -43.39 24.46 -20.80
CA PRO B 128 -41.94 24.59 -20.72
C PRO B 128 -41.24 23.87 -21.86
N GLN B 129 -39.92 23.98 -21.90
CA GLN B 129 -39.10 23.32 -22.91
C GLN B 129 -38.97 21.83 -22.67
N SER B 130 -38.79 21.46 -21.40
CA SER B 130 -38.43 20.10 -20.99
C SER B 130 -39.58 19.16 -20.65
N SER B 131 -39.48 17.92 -21.09
CA SER B 131 -40.47 16.91 -20.72
C SER B 131 -40.45 16.58 -19.24
N GLU B 132 -39.28 16.62 -18.62
CA GLU B 132 -39.16 16.43 -17.18
C GLU B 132 -40.00 17.50 -16.47
N MET B 133 -39.96 18.72 -17.01
CA MET B 133 -40.70 19.85 -16.44
C MET B 133 -42.21 19.74 -16.64
N VAL B 134 -42.66 19.27 -17.81
CA VAL B 134 -44.10 19.07 -18.02
C VAL B 134 -44.68 18.06 -17.02
N THR B 135 -43.92 17.02 -16.70
CA THR B 135 -44.40 16.02 -15.73
C THR B 135 -44.54 16.63 -14.33
N VAL B 136 -43.90 17.78 -14.09
CA VAL B 136 -43.99 18.42 -12.78
C VAL B 136 -45.26 19.28 -12.67
N ILE B 137 -45.61 20.01 -13.72
CA ILE B 137 -46.71 20.97 -13.64
C ILE B 137 -47.93 20.59 -14.47
N GLY B 138 -47.79 19.63 -15.38
CA GLY B 138 -48.83 19.31 -16.35
C GLY B 138 -50.21 19.00 -15.78
N LYS B 139 -50.27 18.20 -14.72
CA LYS B 139 -51.56 17.80 -14.17
C LYS B 139 -52.18 18.92 -13.35
N LEU B 140 -51.33 19.71 -12.72
CA LEU B 140 -51.75 20.95 -12.07
C LEU B 140 -52.44 21.87 -13.07
N LEU B 141 -51.76 22.18 -14.16
CA LEU B 141 -52.33 23.09 -15.15
C LEU B 141 -53.51 22.40 -15.81
N GLY B 142 -53.39 21.08 -15.97
CA GLY B 142 -54.47 20.29 -16.52
C GLY B 142 -55.77 20.40 -15.73
N PHE B 143 -55.66 20.29 -14.41
CA PHE B 143 -56.83 20.47 -13.56
C PHE B 143 -57.55 21.83 -13.77
N PHE B 144 -56.78 22.90 -13.96
CA PHE B 144 -57.37 24.21 -14.24
C PHE B 144 -57.75 24.36 -15.70
N LEU B 145 -57.51 23.29 -16.47
CA LEU B 145 -57.74 23.30 -17.90
C LEU B 145 -57.06 24.51 -18.54
N MET B 146 -55.89 24.85 -18.03
CA MET B 146 -55.14 25.92 -18.61
C MET B 146 -54.37 25.42 -19.81
N PRO B 147 -54.62 25.97 -21.01
CA PRO B 147 -53.84 25.49 -22.15
C PRO B 147 -52.35 25.73 -21.93
N GLN B 148 -51.57 24.68 -22.13
CA GLN B 148 -50.16 24.88 -22.21
C GLN B 148 -49.71 24.38 -23.58
N ILE B 149 -48.96 25.24 -24.27
CA ILE B 149 -48.34 24.87 -25.53
C ILE B 149 -46.85 24.80 -25.31
N SER B 150 -46.32 23.59 -25.37
CA SER B 150 -44.88 23.41 -25.31
C SER B 150 -44.25 23.56 -26.68
N PHE B 151 -43.10 24.22 -26.73
CA PHE B 151 -42.34 24.36 -27.97
C PHE B 151 -41.17 23.37 -28.06
N GLY B 152 -41.01 22.50 -27.06
CA GLY B 152 -39.84 21.63 -27.00
C GLY B 152 -39.99 20.27 -26.33
N ALA B 153 -41.10 20.04 -25.63
CA ALA B 153 -41.28 18.80 -24.89
C ALA B 153 -41.89 17.70 -25.75
N THR B 154 -41.16 16.62 -25.95
CA THR B 154 -41.49 15.67 -27.02
C THR B 154 -41.88 14.26 -26.60
N SER B 155 -41.93 14.00 -25.30
CA SER B 155 -42.30 12.67 -24.83
C SER B 155 -43.73 12.30 -25.21
N ASP B 156 -43.94 11.05 -25.65
CA ASP B 156 -45.25 10.59 -26.05
C ASP B 156 -46.19 10.41 -24.86
N LYS B 157 -45.63 10.52 -23.65
CA LYS B 157 -46.43 10.47 -22.43
C LYS B 157 -47.54 11.54 -22.43
N PHE B 158 -47.27 12.67 -23.07
CA PHE B 158 -48.17 13.81 -23.02
C PHE B 158 -49.28 13.75 -24.09
N SER B 159 -49.23 12.72 -24.93
CA SER B 159 -50.20 12.55 -25.99
C SER B 159 -51.54 11.99 -25.50
N ASP B 160 -51.58 11.51 -24.26
CA ASP B 160 -52.82 11.08 -23.64
C ASP B 160 -53.53 12.27 -22.98
N SER B 161 -54.66 12.66 -23.55
CA SER B 161 -55.39 13.82 -23.07
C SER B 161 -56.26 13.49 -21.85
N LEU B 162 -56.42 12.20 -21.56
CA LEU B 162 -57.02 11.81 -20.31
C LEU B 162 -56.03 11.99 -19.15
N VAL B 163 -54.74 11.97 -19.47
CA VAL B 163 -53.69 12.13 -18.47
C VAL B 163 -53.16 13.56 -18.43
N TYR B 164 -53.08 14.19 -19.61
CA TYR B 164 -52.66 15.59 -19.72
C TYR B 164 -53.69 16.35 -20.56
N PRO B 165 -54.76 16.83 -19.90
CA PRO B 165 -55.97 17.36 -20.55
C PRO B 165 -55.80 18.67 -21.30
N SER B 166 -54.78 19.46 -20.99
CA SER B 166 -54.66 20.73 -21.67
C SER B 166 -53.32 20.92 -22.36
N PHE B 167 -52.64 19.83 -22.66
CA PHE B 167 -51.32 19.93 -23.27
C PHE B 167 -51.35 19.98 -24.80
N PHE B 168 -50.67 20.97 -25.35
CA PHE B 168 -50.41 21.05 -26.78
C PHE B 168 -48.92 21.22 -26.95
N ARG B 169 -48.44 21.00 -28.16
CA ARG B 169 -47.05 21.28 -28.47
C ARG B 169 -46.94 21.59 -29.96
N THR B 170 -45.94 22.39 -30.32
CA THR B 170 -45.73 22.76 -31.71
C THR B 170 -44.63 21.89 -32.38
N VAL B 171 -44.04 21.01 -31.60
CA VAL B 171 -43.11 20.03 -32.15
C VAL B 171 -43.73 18.65 -31.96
N PRO B 172 -43.41 17.69 -32.84
CA PRO B 172 -43.95 16.32 -32.83
C PRO B 172 -43.53 15.43 -31.63
N SER B 173 -44.32 14.39 -31.39
CA SER B 173 -44.01 13.38 -30.39
C SER B 173 -42.81 12.54 -30.75
N ASP B 174 -42.02 12.15 -29.75
CA ASP B 174 -40.84 11.33 -30.00
C ASP B 174 -41.17 9.94 -30.51
N ILE B 175 -42.42 9.52 -30.37
CA ILE B 175 -42.82 8.23 -30.91
C ILE B 175 -42.66 8.28 -32.44
N ARG B 176 -42.78 9.47 -33.01
CA ARG B 176 -42.60 9.61 -34.45
C ARG B 176 -41.12 9.71 -34.80
N GLN B 177 -40.35 10.36 -33.94
CA GLN B 177 -38.93 10.54 -34.18
C GLN B 177 -38.21 9.20 -34.17
N VAL B 178 -38.57 8.32 -33.25
CA VAL B 178 -37.91 7.02 -33.23
C VAL B 178 -38.36 6.16 -34.42
N ASP B 179 -39.60 6.34 -34.90
CA ASP B 179 -39.99 5.64 -36.12
C ASP B 179 -39.15 6.13 -37.30
N ALA B 180 -38.89 7.43 -37.33
CA ALA B 180 -37.97 8.00 -38.30
C ALA B 180 -36.58 7.35 -38.19
N MET B 181 -36.11 7.20 -36.95
CA MET B 181 -34.80 6.66 -36.66
C MET B 181 -34.67 5.19 -37.01
N VAL B 182 -35.73 4.42 -36.75
CA VAL B 182 -35.69 2.99 -37.01
C VAL B 182 -35.87 2.74 -38.51
N GLN B 183 -36.64 3.61 -39.16
CA GLN B 183 -36.78 3.54 -40.62
C GLN B 183 -35.44 3.83 -41.33
N LEU B 184 -34.67 4.80 -40.83
CA LEU B 184 -33.37 5.09 -41.43
C LEU B 184 -32.45 3.90 -41.26
N ILE B 185 -32.46 3.31 -40.08
CA ILE B 185 -31.57 2.20 -39.77
C ILE B 185 -31.92 1.00 -40.65
N LYS B 186 -33.21 0.77 -40.88
CA LYS B 186 -33.62 -0.29 -41.82
C LYS B 186 -33.16 0.03 -43.23
N LYS B 187 -33.24 1.30 -43.60
CA LYS B 187 -32.84 1.73 -44.93
C LYS B 187 -31.37 1.42 -45.19
N PHE B 188 -30.55 1.52 -44.15
CA PHE B 188 -29.12 1.26 -44.31
C PHE B 188 -28.74 -0.15 -43.91
N ASN B 189 -29.73 -1.03 -43.83
CA ASN B 189 -29.51 -2.45 -43.57
C ASN B 189 -28.62 -2.73 -42.35
N TRP B 190 -28.68 -1.83 -41.38
CA TRP B 190 -28.07 -2.05 -40.08
C TRP B 190 -29.09 -2.78 -39.19
N ASN B 191 -28.66 -3.86 -38.51
CA ASN B 191 -29.60 -4.59 -37.63
C ASN B 191 -29.08 -4.83 -36.23
N TRP B 192 -27.86 -4.38 -35.98
CA TRP B 192 -27.25 -4.57 -34.67
C TRP B 192 -26.77 -3.19 -34.23
N VAL B 193 -27.53 -2.59 -33.31
CA VAL B 193 -27.35 -1.21 -32.86
C VAL B 193 -27.43 -1.06 -31.34
N ALA B 194 -26.87 0.04 -30.83
CA ALA B 194 -26.90 0.33 -29.40
C ALA B 194 -27.56 1.67 -29.15
N VAL B 195 -28.39 1.71 -28.12
CA VAL B 195 -29.11 2.93 -27.81
C VAL B 195 -28.73 3.48 -26.44
N VAL B 196 -28.38 4.75 -26.42
CA VAL B 196 -27.97 5.43 -25.21
C VAL B 196 -28.90 6.61 -24.92
N GLY B 197 -29.39 6.69 -23.69
CA GLY B 197 -30.27 7.79 -23.34
C GLY B 197 -29.82 8.52 -22.10
N SER B 198 -30.18 9.79 -22.00
CA SER B 198 -30.03 10.51 -20.75
C SER B 198 -31.09 10.00 -19.75
N GLU B 199 -30.72 9.89 -18.49
CA GLU B 199 -31.62 9.28 -17.52
C GLU B 199 -32.57 10.32 -16.91
N GLU B 200 -33.68 10.53 -17.60
CA GLU B 200 -34.77 11.38 -17.18
C GLU B 200 -35.87 11.25 -18.23
N GLU B 201 -37.02 11.89 -18.03
CA GLU B 201 -38.21 11.66 -18.85
C GLU B 201 -37.95 11.47 -20.35
N TYR B 202 -37.21 12.41 -20.93
CA TYR B 202 -36.92 12.44 -22.36
C TYR B 202 -36.11 11.22 -22.83
N GLY B 203 -34.91 11.08 -22.30
CA GLY B 203 -34.03 10.00 -22.69
C GLY B 203 -34.54 8.63 -22.28
N GLN B 204 -35.27 8.56 -21.18
CA GLN B 204 -35.84 7.29 -20.74
C GLN B 204 -36.97 6.88 -21.65
N GLN B 205 -37.88 7.80 -21.94
CA GLN B 205 -38.99 7.46 -22.80
C GLN B 205 -38.47 7.12 -24.19
N GLY B 206 -37.49 7.88 -24.66
CA GLY B 206 -36.96 7.72 -26.01
C GLY B 206 -36.26 6.39 -26.21
N VAL B 207 -35.53 5.93 -25.18
CA VAL B 207 -34.86 4.64 -25.21
C VAL B 207 -35.85 3.49 -25.17
N GLN B 208 -36.87 3.62 -24.35
CA GLN B 208 -37.90 2.60 -24.31
C GLN B 208 -38.60 2.57 -25.65
N GLN B 209 -39.14 3.71 -26.08
CA GLN B 209 -39.87 3.81 -27.34
C GLN B 209 -39.07 3.28 -28.54
N PHE B 210 -37.79 3.64 -28.58
CA PHE B 210 -36.90 3.17 -29.63
C PHE B 210 -36.81 1.65 -29.62
N SER B 211 -36.70 1.08 -28.42
CA SER B 211 -36.52 -0.36 -28.27
C SER B 211 -37.76 -1.16 -28.66
N LYS B 212 -38.95 -0.74 -28.21
CA LYS B 212 -40.16 -1.44 -28.65
C LYS B 212 -40.32 -1.36 -30.16
N LYS B 213 -39.98 -0.21 -30.75
CA LYS B 213 -40.10 -0.03 -32.19
C LYS B 213 -39.00 -0.81 -32.95
N ALA B 214 -37.78 -0.80 -32.42
CA ALA B 214 -36.70 -1.57 -33.03
C ALA B 214 -36.95 -3.08 -32.96
N GLU B 215 -37.47 -3.54 -31.84
CA GLU B 215 -37.86 -4.94 -31.69
C GLU B 215 -38.98 -5.28 -32.68
N ASP B 216 -39.95 -4.38 -32.80
CA ASP B 216 -41.10 -4.58 -33.68
C ASP B 216 -40.73 -4.49 -35.15
N MET B 217 -39.65 -3.77 -35.45
CA MET B 217 -39.22 -3.61 -36.83
C MET B 217 -37.97 -4.44 -37.15
N GLY B 218 -37.84 -5.58 -36.48
CA GLY B 218 -36.76 -6.53 -36.75
C GLY B 218 -35.38 -5.92 -36.63
N VAL B 219 -35.18 -5.09 -35.61
CA VAL B 219 -33.86 -4.54 -35.33
C VAL B 219 -33.40 -4.98 -33.95
N CYS B 220 -32.24 -5.61 -33.92
CA CYS B 220 -31.66 -6.09 -32.67
C CYS B 220 -30.99 -4.95 -31.93
N VAL B 221 -31.41 -4.71 -30.69
CA VAL B 221 -30.73 -3.73 -29.86
C VAL B 221 -29.72 -4.43 -28.97
N ALA B 222 -28.45 -4.24 -29.28
CA ALA B 222 -27.37 -4.93 -28.60
C ALA B 222 -27.23 -4.50 -27.15
N TYR B 223 -27.57 -3.25 -26.87
CA TYR B 223 -27.30 -2.69 -25.57
C TYR B 223 -28.05 -1.41 -25.32
N GLN B 224 -28.47 -1.23 -24.07
CA GLN B 224 -29.19 -0.05 -23.62
C GLN B 224 -28.49 0.53 -22.42
N GLY B 225 -28.35 1.85 -22.38
CA GLY B 225 -27.67 2.50 -21.28
C GLY B 225 -28.24 3.87 -20.97
N LEU B 226 -28.04 4.33 -19.74
CA LEU B 226 -28.58 5.60 -19.27
C LEU B 226 -27.53 6.49 -18.61
N ILE B 227 -27.34 7.68 -19.15
CA ILE B 227 -26.38 8.62 -18.60
C ILE B 227 -27.00 9.51 -17.51
N PRO B 228 -26.53 9.37 -16.27
CA PRO B 228 -27.03 10.12 -15.11
C PRO B 228 -27.04 11.65 -15.35
N ILE B 229 -27.98 12.38 -14.76
CA ILE B 229 -28.01 13.82 -14.91
C ILE B 229 -27.84 14.53 -13.57
N TYR B 230 -28.10 13.82 -12.48
CA TYR B 230 -27.55 14.16 -11.17
C TYR B 230 -26.27 13.33 -11.11
N ASP B 231 -25.79 12.96 -9.94
CA ASP B 231 -24.64 12.07 -9.84
C ASP B 231 -23.38 12.56 -10.55
N ASP B 232 -22.37 11.71 -10.60
CA ASP B 232 -21.33 11.82 -11.60
C ASP B 232 -21.58 10.72 -12.63
N PRO B 233 -21.77 11.13 -13.88
CA PRO B 233 -22.12 10.24 -14.98
C PRO B 233 -20.94 9.39 -15.46
N LYS B 234 -19.72 9.83 -15.19
CA LYS B 234 -18.53 9.19 -15.76
C LYS B 234 -18.39 7.67 -15.50
N PRO B 235 -18.70 7.21 -14.26
CA PRO B 235 -18.65 5.75 -14.07
C PRO B 235 -19.70 4.99 -14.87
N ALA B 236 -20.92 5.51 -14.91
CA ALA B 236 -21.96 4.94 -15.77
C ALA B 236 -21.55 4.99 -17.24
N ILE B 237 -20.94 6.10 -17.65
CA ILE B 237 -20.52 6.29 -19.03
C ILE B 237 -19.47 5.26 -19.48
N GLN B 238 -18.50 4.96 -18.63
CA GLN B 238 -17.46 4.02 -18.98
C GLN B 238 -17.95 2.58 -19.11
N THR B 239 -19.03 2.26 -18.39
CA THR B 239 -19.68 0.96 -18.54
C THR B 239 -20.33 0.89 -19.92
N ILE B 240 -21.04 1.97 -20.25
CA ILE B 240 -21.77 2.08 -21.51
C ILE B 240 -20.80 1.89 -22.70
N ILE B 241 -19.71 2.65 -22.67
CA ILE B 241 -18.71 2.61 -23.72
C ILE B 241 -18.08 1.23 -23.78
N ASN B 242 -17.89 0.60 -22.63
CA ASN B 242 -17.38 -0.77 -22.59
C ASN B 242 -18.32 -1.71 -23.31
N ASN B 243 -19.58 -1.68 -22.92
CA ASN B 243 -20.59 -2.55 -23.53
C ASN B 243 -20.70 -2.31 -25.03
N ILE B 244 -20.53 -1.05 -25.43
CA ILE B 244 -20.52 -0.71 -26.83
C ILE B 244 -19.33 -1.34 -27.55
N GLN B 245 -18.15 -1.18 -26.96
CA GLN B 245 -16.94 -1.73 -27.57
C GLN B 245 -17.02 -3.25 -27.64
N THR B 246 -17.44 -3.90 -26.56
CA THR B 246 -17.48 -5.37 -26.54
C THR B 246 -18.65 -5.99 -27.31
N THR B 247 -19.72 -5.23 -27.58
CA THR B 247 -20.76 -5.71 -28.52
C THR B 247 -20.26 -5.57 -29.96
N GLU B 248 -19.15 -4.85 -30.12
CA GLU B 248 -18.57 -4.50 -31.42
C GLU B 248 -19.61 -3.90 -32.39
N VAL B 249 -20.56 -3.16 -31.81
CA VAL B 249 -21.51 -2.43 -32.63
C VAL B 249 -20.88 -1.11 -33.12
N LYS B 250 -21.32 -0.63 -34.29
CA LYS B 250 -20.83 0.65 -34.80
C LYS B 250 -21.95 1.60 -35.22
N VAL B 251 -23.20 1.24 -34.87
CA VAL B 251 -24.31 2.18 -34.93
C VAL B 251 -24.77 2.45 -33.50
N VAL B 252 -24.69 3.71 -33.09
CA VAL B 252 -25.13 4.09 -31.75
C VAL B 252 -26.15 5.21 -31.80
N VAL B 253 -27.35 4.92 -31.29
CA VAL B 253 -28.40 5.92 -31.20
C VAL B 253 -28.31 6.63 -29.85
N VAL B 254 -28.15 7.96 -29.87
CA VAL B 254 -27.98 8.72 -28.63
C VAL B 254 -29.16 9.64 -28.40
N PHE B 255 -30.10 9.18 -27.59
CA PHE B 255 -31.32 9.90 -27.32
C PHE B 255 -31.15 10.64 -26.00
N SER B 256 -30.54 11.81 -26.06
CA SER B 256 -30.02 12.45 -24.86
C SER B 256 -30.16 13.98 -24.86
N LEU B 257 -30.27 14.58 -23.67
CA LEU B 257 -30.12 16.03 -23.53
C LEU B 257 -28.67 16.44 -23.75
N VAL B 258 -28.45 17.73 -24.05
CA VAL B 258 -27.11 18.20 -24.39
C VAL B 258 -26.09 17.87 -23.31
N SER B 259 -26.32 18.37 -22.11
CA SER B 259 -25.30 18.32 -21.06
C SER B 259 -24.75 16.90 -20.77
N PRO B 260 -25.63 15.88 -20.65
CA PRO B 260 -25.06 14.54 -20.49
C PRO B 260 -24.42 13.99 -21.75
N ALA B 261 -24.94 14.33 -22.92
CA ALA B 261 -24.34 13.86 -24.18
C ALA B 261 -22.91 14.39 -24.36
N VAL B 262 -22.68 15.64 -23.94
CA VAL B 262 -21.33 16.21 -23.93
C VAL B 262 -20.37 15.32 -23.12
N SER B 263 -20.73 15.04 -21.87
CA SER B 263 -19.93 14.17 -21.01
C SER B 263 -19.73 12.81 -21.65
N PHE B 264 -20.77 12.33 -22.32
CA PHE B 264 -20.70 11.07 -23.02
C PHE B 264 -19.63 11.12 -24.11
N PHE B 265 -19.74 12.09 -25.01
CA PHE B 265 -18.86 12.13 -26.17
C PHE B 265 -17.46 12.55 -25.79
N GLU B 266 -17.32 13.28 -24.68
CA GLU B 266 -16.00 13.56 -24.13
C GLU B 266 -15.20 12.28 -23.94
N GLU B 267 -15.88 11.24 -23.45
CA GLU B 267 -15.25 9.95 -23.16
C GLU B 267 -15.10 9.07 -24.38
N VAL B 268 -16.06 9.14 -25.30
CA VAL B 268 -15.94 8.48 -26.59
C VAL B 268 -14.64 8.89 -27.27
N ILE B 269 -14.39 10.20 -27.31
CA ILE B 269 -13.19 10.75 -27.92
C ILE B 269 -11.90 10.22 -27.26
N LYS B 270 -11.88 10.21 -25.93
CA LYS B 270 -10.65 9.89 -25.21
C LYS B 270 -10.33 8.41 -25.31
N LYS B 271 -11.28 7.63 -25.83
CA LYS B 271 -11.03 6.23 -26.16
C LYS B 271 -11.12 5.99 -27.67
N ASN B 272 -10.76 7.01 -28.45
CA ASN B 272 -11.01 7.11 -29.89
C ASN B 272 -11.85 5.98 -30.48
N LEU B 273 -13.15 6.00 -30.18
CA LEU B 273 -14.11 5.13 -30.83
C LEU B 273 -14.67 5.87 -32.04
N THR B 274 -15.04 5.11 -33.07
CA THR B 274 -15.74 5.68 -34.21
C THR B 274 -16.92 4.80 -34.61
N GLY B 275 -17.76 5.35 -35.47
CA GLY B 275 -18.87 4.61 -36.05
C GLY B 275 -19.91 5.59 -36.48
N VAL B 276 -21.12 5.09 -36.71
CA VAL B 276 -22.25 5.93 -37.00
C VAL B 276 -22.92 6.36 -35.69
N TRP B 277 -23.25 7.64 -35.60
CA TRP B 277 -23.95 8.16 -34.43
C TRP B 277 -25.28 8.76 -34.88
N ILE B 278 -26.38 8.28 -34.32
CA ILE B 278 -27.70 8.86 -34.60
C ILE B 278 -28.11 9.82 -33.48
N ALA B 279 -28.40 11.07 -33.84
CA ALA B 279 -28.74 12.11 -32.87
C ALA B 279 -30.23 12.40 -32.77
N SER B 280 -30.74 12.42 -31.54
CA SER B 280 -32.08 12.93 -31.27
C SER B 280 -32.06 14.44 -31.45
N SER B 281 -33.23 15.05 -31.61
CA SER B 281 -33.31 16.48 -31.90
C SER B 281 -32.61 17.35 -30.85
N SER B 282 -32.45 16.81 -29.65
CA SER B 282 -31.94 17.56 -28.53
C SER B 282 -30.46 17.87 -28.59
N TRP B 283 -29.73 17.17 -29.44
CA TRP B 283 -28.32 17.47 -29.58
C TRP B 283 -27.88 17.37 -31.05
N ALA B 284 -28.80 17.00 -31.93
CA ALA B 284 -28.47 16.91 -33.35
C ALA B 284 -27.91 18.23 -33.91
N ILE B 285 -28.23 19.35 -33.29
CA ILE B 285 -27.65 20.63 -33.69
C ILE B 285 -27.04 21.39 -32.51
N SER B 286 -26.48 20.66 -31.55
CA SER B 286 -25.92 21.34 -30.39
C SER B 286 -24.47 21.80 -30.61
N ASP B 287 -24.26 23.11 -30.48
CA ASP B 287 -22.93 23.68 -30.54
C ASP B 287 -21.99 23.14 -29.44
N LYS B 288 -22.52 22.85 -28.26
CA LYS B 288 -21.64 22.39 -27.19
C LYS B 288 -21.09 21.00 -27.48
N VAL B 289 -21.89 20.17 -28.14
CA VAL B 289 -21.42 18.85 -28.57
C VAL B 289 -20.37 18.97 -29.69
N TYR B 290 -20.70 19.77 -30.70
CA TYR B 290 -19.88 19.82 -31.91
C TYR B 290 -18.61 20.64 -31.74
N SER B 291 -18.55 21.42 -30.65
CA SER B 291 -17.38 22.26 -30.40
C SER B 291 -16.32 21.55 -29.55
N LEU B 292 -16.65 20.34 -29.07
CA LEU B 292 -15.69 19.51 -28.34
C LEU B 292 -14.42 19.26 -29.15
N PRO B 293 -13.25 19.33 -28.50
CA PRO B 293 -11.97 19.02 -29.16
C PRO B 293 -11.96 17.60 -29.71
N ASN B 294 -11.53 17.43 -30.96
CA ASN B 294 -11.41 16.12 -31.60
C ASN B 294 -12.75 15.38 -31.66
N ILE B 295 -13.83 16.14 -31.86
CA ILE B 295 -15.14 15.58 -32.04
C ILE B 295 -15.25 14.99 -33.45
N ASP B 296 -14.50 15.58 -34.38
CA ASP B 296 -14.51 15.12 -35.77
C ASP B 296 -13.83 13.75 -35.91
N SER B 297 -13.36 13.22 -34.79
CA SER B 297 -12.78 11.89 -34.77
C SER B 297 -13.84 10.80 -34.79
N ILE B 298 -15.01 11.09 -34.24
CA ILE B 298 -15.99 10.04 -33.90
C ILE B 298 -16.70 9.36 -35.08
N GLY B 299 -16.57 9.93 -36.28
CA GLY B 299 -17.19 9.36 -37.45
C GLY B 299 -18.40 10.12 -37.97
N THR B 300 -19.44 9.39 -38.34
CA THR B 300 -20.60 10.00 -38.97
C THR B 300 -21.75 10.24 -38.00
N VAL B 301 -22.24 11.48 -38.00
CA VAL B 301 -23.37 11.86 -37.15
C VAL B 301 -24.58 12.16 -37.99
N ILE B 302 -25.64 11.37 -37.82
CA ILE B 302 -26.87 11.60 -38.55
C ILE B 302 -27.92 12.11 -37.58
N GLY B 303 -28.61 13.18 -37.98
CA GLY B 303 -29.49 13.90 -37.07
C GLY B 303 -30.91 14.07 -37.54
N PHE B 304 -31.82 14.20 -36.57
CA PHE B 304 -33.21 14.49 -36.83
C PHE B 304 -33.58 15.76 -36.08
N ILE B 305 -34.21 16.70 -36.76
CA ILE B 305 -34.70 17.91 -36.12
C ILE B 305 -36.08 18.24 -36.64
N ASP B 306 -36.85 18.97 -35.85
CA ASP B 306 -38.16 19.41 -36.30
C ASP B 306 -38.00 20.20 -37.59
N GLU B 307 -38.94 20.02 -38.51
CA GLU B 307 -38.91 20.70 -39.79
C GLU B 307 -39.63 22.05 -39.71
N THR B 308 -38.86 23.12 -39.55
CA THR B 308 -39.41 24.43 -39.25
C THR B 308 -39.05 25.51 -40.26
N GLU B 309 -39.92 26.52 -40.36
CA GLU B 309 -39.61 27.73 -41.08
C GLU B 309 -38.49 28.49 -40.39
N THR B 310 -37.84 29.38 -41.12
CA THR B 310 -36.99 30.40 -40.51
C THR B 310 -37.83 31.64 -40.31
N LEU B 311 -37.67 32.28 -39.17
CA LEU B 311 -38.24 33.59 -38.94
C LEU B 311 -37.24 34.61 -39.47
N GLU B 312 -37.53 35.16 -40.63
CA GLU B 312 -36.62 36.11 -41.27
C GLU B 312 -36.48 37.41 -40.48
N LEU B 313 -37.42 37.71 -39.58
CA LEU B 313 -37.40 38.99 -38.89
C LEU B 313 -36.76 38.91 -37.50
N LEU B 314 -36.46 37.69 -37.06
CA LEU B 314 -35.95 37.45 -35.72
C LEU B 314 -34.65 38.22 -35.42
N SER B 315 -33.73 38.17 -36.37
CA SER B 315 -32.43 38.81 -36.18
C SER B 315 -32.53 40.35 -36.24
N PRO B 316 -33.16 40.92 -37.29
CA PRO B 316 -33.39 42.37 -37.25
C PRO B 316 -34.04 42.82 -35.95
N PHE B 317 -35.07 42.09 -35.54
CA PHE B 317 -35.81 42.42 -34.32
C PHE B 317 -34.89 42.50 -33.13
N THR B 318 -34.08 41.46 -32.97
CA THR B 318 -33.15 41.35 -31.86
C THR B 318 -32.09 42.44 -31.89
N GLU B 319 -31.70 42.87 -33.09
CA GLU B 319 -30.71 43.92 -33.23
C GLU B 319 -31.28 45.18 -32.60
N VAL B 320 -32.51 45.50 -32.98
CA VAL B 320 -33.18 46.70 -32.49
C VAL B 320 -33.46 46.60 -31.00
N LEU B 321 -33.96 45.43 -30.59
CA LEU B 321 -34.26 45.20 -29.19
C LEU B 321 -33.03 45.37 -28.32
N PHE B 322 -31.95 44.68 -28.68
CA PHE B 322 -30.73 44.71 -27.90
C PHE B 322 -30.10 46.09 -27.86
N LYS B 323 -30.42 46.92 -28.85
CA LYS B 323 -29.91 48.27 -28.84
C LYS B 323 -30.75 49.08 -27.84
N LYS B 324 -32.06 48.97 -27.94
CA LYS B 324 -32.97 49.63 -27.00
C LYS B 324 -32.70 49.23 -25.55
N ILE B 325 -32.31 47.97 -25.35
CA ILE B 325 -32.01 47.46 -24.01
C ILE B 325 -30.71 48.03 -23.50
N HIS B 326 -29.69 48.07 -24.37
CA HIS B 326 -28.43 48.71 -24.03
C HIS B 326 -28.68 50.17 -23.66
N GLU B 327 -29.50 50.86 -24.47
CA GLU B 327 -29.80 52.27 -24.21
C GLU B 327 -30.50 52.37 -22.85
N ALA B 328 -31.22 51.33 -22.46
CA ALA B 328 -31.95 51.29 -21.20
C ALA B 328 -31.29 50.42 -20.10
N SER B 329 -30.01 50.08 -20.30
CA SER B 329 -29.32 49.14 -19.40
C SER B 329 -29.21 49.61 -17.94
N PRO B 330 -29.36 50.92 -17.67
CA PRO B 330 -29.44 51.15 -16.23
C PRO B 330 -30.83 51.56 -15.74
N THR B 331 -31.63 50.61 -15.27
CA THR B 331 -32.92 50.90 -14.65
C THR B 331 -33.26 49.84 -13.60
N ASN B 339 -36.19 37.27 -10.81
CA ASN B 339 -35.57 37.66 -12.09
C ASN B 339 -35.03 36.44 -12.82
N PRO B 340 -35.61 36.15 -14.00
CA PRO B 340 -35.19 35.05 -14.87
C PRO B 340 -33.72 35.11 -15.21
N CYS B 341 -33.24 36.33 -15.43
CA CYS B 341 -31.91 36.52 -15.97
C CYS B 341 -31.33 37.84 -15.50
N PRO B 342 -30.74 37.84 -14.30
CA PRO B 342 -30.13 39.00 -13.64
C PRO B 342 -29.21 39.78 -14.56
N GLU B 343 -28.36 39.07 -15.30
CA GLU B 343 -27.31 39.73 -16.08
C GLU B 343 -27.73 40.07 -17.51
N CYS B 344 -29.01 39.93 -17.81
CA CYS B 344 -29.47 40.19 -19.16
C CYS B 344 -29.63 41.66 -19.48
N TRP B 345 -29.53 42.52 -18.48
CA TRP B 345 -29.69 43.94 -18.74
C TRP B 345 -28.38 44.56 -19.16
N SER B 346 -27.36 43.72 -19.25
CA SER B 346 -26.09 44.11 -19.84
C SER B 346 -26.03 43.64 -21.30
N LEU B 347 -27.15 43.16 -21.84
CA LEU B 347 -27.19 42.75 -23.23
C LEU B 347 -26.90 43.92 -24.17
N SER B 348 -26.48 43.60 -25.39
CA SER B 348 -25.97 44.59 -26.32
C SER B 348 -26.21 44.10 -27.74
N PRO B 349 -26.12 45.00 -28.74
CA PRO B 349 -26.15 44.53 -30.13
C PRO B 349 -25.04 43.53 -30.50
N ALA B 350 -24.00 43.43 -29.66
CA ALA B 350 -22.98 42.42 -29.85
C ALA B 350 -23.58 41.02 -29.62
N ASN B 351 -24.51 40.95 -28.67
CA ASN B 351 -25.08 39.66 -28.25
C ASN B 351 -26.16 39.14 -29.17
N VAL B 352 -26.28 39.71 -30.37
CA VAL B 352 -27.30 39.27 -31.31
C VAL B 352 -27.04 37.84 -31.76
N SER B 353 -25.84 37.36 -31.47
CA SER B 353 -25.46 35.99 -31.81
C SER B 353 -26.33 34.93 -31.11
N LEU B 354 -26.95 35.30 -29.99
CA LEU B 354 -27.88 34.42 -29.29
C LEU B 354 -28.94 33.87 -30.23
N VAL B 355 -29.55 34.73 -31.04
CA VAL B 355 -30.62 34.29 -31.91
C VAL B 355 -30.06 33.78 -33.24
N LYS B 356 -28.83 34.13 -33.56
CA LYS B 356 -28.34 33.70 -34.84
C LYS B 356 -27.63 32.36 -34.74
N GLU B 357 -27.53 31.83 -33.53
CA GLU B 357 -27.05 30.46 -33.38
C GLU B 357 -28.01 29.50 -34.07
N GLU B 358 -27.44 28.46 -34.69
CA GLU B 358 -28.22 27.47 -35.42
C GLU B 358 -29.32 26.80 -34.60
N SER B 359 -29.02 26.51 -33.33
CA SER B 359 -29.99 25.91 -32.41
C SER B 359 -31.26 26.74 -32.30
N VAL B 360 -31.09 28.00 -31.99
CA VAL B 360 -32.19 28.94 -31.90
C VAL B 360 -32.91 29.11 -33.26
N GLN B 361 -32.17 29.47 -34.31
CA GLN B 361 -32.77 29.71 -35.61
C GLN B 361 -33.69 28.60 -36.09
N ARG B 362 -33.21 27.36 -36.03
CA ARG B 362 -33.99 26.25 -36.58
C ARG B 362 -35.11 25.75 -35.67
N THR B 363 -35.18 26.22 -34.42
CA THR B 363 -36.28 25.83 -33.54
C THR B 363 -37.20 27.01 -33.22
N ALA B 364 -36.82 28.18 -33.68
CA ALA B 364 -37.52 29.41 -33.29
C ALA B 364 -39.00 29.39 -33.66
N PHE B 365 -39.32 28.84 -34.82
CA PHE B 365 -40.71 28.82 -35.29
C PHE B 365 -41.66 28.15 -34.29
N SER B 366 -41.15 27.18 -33.56
CA SER B 366 -41.95 26.44 -32.60
C SER B 366 -42.41 27.32 -31.46
N VAL B 367 -41.55 28.20 -30.99
CA VAL B 367 -41.93 29.18 -29.97
C VAL B 367 -42.98 30.12 -30.53
N TYR B 368 -42.69 30.59 -31.73
CA TYR B 368 -43.49 31.56 -32.45
C TYR B 368 -44.90 31.07 -32.73
N ALA B 369 -44.98 29.85 -33.24
CA ALA B 369 -46.25 29.23 -33.56
C ALA B 369 -47.06 29.00 -32.29
N ALA B 370 -46.36 28.78 -31.18
CA ALA B 370 -47.04 28.52 -29.91
C ALA B 370 -47.79 29.76 -29.51
N VAL B 371 -47.10 30.88 -29.57
CA VAL B 371 -47.68 32.16 -29.23
C VAL B 371 -48.77 32.59 -30.21
N TYR B 372 -48.58 32.35 -31.50
CA TYR B 372 -49.57 32.78 -32.49
C TYR B 372 -50.81 31.94 -32.39
N THR B 373 -50.61 30.66 -32.11
CA THR B 373 -51.71 29.71 -31.99
C THR B 373 -52.68 30.17 -30.92
N VAL B 374 -52.14 30.57 -29.78
CA VAL B 374 -52.94 31.11 -28.68
C VAL B 374 -53.60 32.41 -29.10
N ALA B 375 -52.84 33.27 -29.78
CA ALA B 375 -53.37 34.55 -30.25
C ALA B 375 -54.59 34.35 -31.11
N HIS B 376 -54.46 33.47 -32.10
CA HIS B 376 -55.57 33.24 -33.02
C HIS B 376 -56.74 32.64 -32.28
N ALA B 377 -56.44 31.77 -31.31
CA ALA B 377 -57.52 31.15 -30.55
C ALA B 377 -58.28 32.21 -29.76
N LEU B 378 -57.55 33.10 -29.09
CA LEU B 378 -58.16 34.23 -28.41
C LEU B 378 -59.03 35.07 -29.34
N HIS B 379 -58.51 35.37 -30.53
CA HIS B 379 -59.25 36.10 -31.56
C HIS B 379 -60.62 35.48 -31.80
N LYS B 380 -60.64 34.17 -31.94
CA LYS B 380 -61.87 33.42 -32.19
C LYS B 380 -62.79 33.40 -30.98
N LEU B 381 -62.22 33.18 -29.81
CA LEU B 381 -62.97 33.14 -28.56
C LEU B 381 -63.67 34.47 -28.27
N LEU B 382 -63.01 35.57 -28.61
CA LEU B 382 -63.56 36.89 -28.35
C LEU B 382 -64.40 37.39 -29.52
N GLU B 383 -64.67 36.48 -30.46
CA GLU B 383 -65.45 36.77 -31.67
C GLU B 383 -64.99 38.01 -32.40
N CYS B 384 -63.69 38.19 -32.48
CA CYS B 384 -63.11 39.30 -33.22
C CYS B 384 -63.34 39.15 -34.73
N ASN B 385 -63.56 40.29 -35.38
CA ASN B 385 -63.23 40.43 -36.78
C ASN B 385 -61.95 41.27 -36.84
N SER B 386 -61.67 41.85 -37.99
CA SER B 386 -60.47 42.65 -38.16
C SER B 386 -60.60 44.00 -37.46
N ALA B 387 -61.84 44.39 -37.17
CA ALA B 387 -62.12 45.75 -36.68
C ALA B 387 -62.30 45.81 -35.17
N ALA B 388 -63.01 44.85 -34.61
CA ALA B 388 -63.25 44.84 -33.18
C ALA B 388 -63.39 43.43 -32.61
N CYS B 389 -63.35 43.35 -31.28
CA CYS B 389 -63.60 42.12 -30.54
C CYS B 389 -64.76 42.34 -29.60
N LYS B 390 -65.44 41.26 -29.22
CA LYS B 390 -66.38 41.34 -28.10
C LYS B 390 -65.58 41.31 -26.82
N TRP B 391 -64.99 42.46 -26.52
CA TRP B 391 -64.11 42.60 -25.37
C TRP B 391 -64.24 43.96 -24.74
N SER B 392 -64.12 43.98 -23.43
CA SER B 392 -64.08 45.20 -22.67
C SER B 392 -63.35 44.88 -21.36
N SER B 393 -63.27 45.86 -20.47
CA SER B 393 -62.66 45.66 -19.17
C SER B 393 -63.52 44.77 -18.25
N SER B 394 -64.79 44.56 -18.58
CA SER B 394 -65.60 43.63 -17.81
C SER B 394 -65.36 42.18 -18.22
N THR B 395 -64.70 41.98 -19.35
CA THR B 395 -64.53 40.64 -19.91
C THR B 395 -63.63 39.75 -19.03
N ARG B 396 -64.17 38.64 -18.56
CA ARG B 396 -63.38 37.74 -17.73
C ARG B 396 -63.03 36.50 -18.56
N LEU B 397 -61.73 36.22 -18.67
CA LEU B 397 -61.26 35.09 -19.46
C LEU B 397 -60.93 33.88 -18.58
N TYR B 398 -61.69 32.83 -18.77
CA TYR B 398 -61.43 31.59 -18.07
C TYR B 398 -60.65 30.67 -19.00
N PRO B 399 -59.51 30.17 -18.52
CA PRO B 399 -58.68 29.30 -19.37
C PRO B 399 -59.45 28.11 -19.95
N TRP B 400 -60.47 27.61 -19.25
CA TRP B 400 -61.18 26.45 -19.77
C TRP B 400 -62.01 26.79 -21.02
N LYS B 401 -62.39 28.05 -21.18
CA LYS B 401 -63.13 28.46 -22.37
C LYS B 401 -62.17 28.62 -23.52
N LEU B 402 -60.93 29.01 -23.22
CA LEU B 402 -59.92 29.09 -24.26
C LEU B 402 -59.58 27.68 -24.75
N LEU B 403 -59.48 26.74 -23.82
CA LEU B 403 -59.16 25.36 -24.16
C LEU B 403 -60.15 24.77 -25.17
N GLU B 404 -61.44 25.01 -24.99
CA GLU B 404 -62.45 24.51 -25.93
C GLU B 404 -62.16 24.94 -27.37
N VAL B 405 -61.72 26.18 -27.54
CA VAL B 405 -61.38 26.70 -28.87
C VAL B 405 -60.16 26.00 -29.46
N LEU B 406 -59.09 25.88 -28.67
CA LEU B 406 -57.84 25.23 -29.10
C LEU B 406 -57.95 23.74 -29.43
N LYS B 407 -58.97 23.06 -28.92
CA LYS B 407 -59.08 21.63 -29.20
C LYS B 407 -59.17 21.40 -30.72
N GLU B 408 -58.19 20.67 -31.26
CA GLU B 408 -58.15 20.32 -32.69
C GLU B 408 -58.19 21.55 -33.60
N PHE B 409 -57.28 22.49 -33.32
CA PHE B 409 -57.29 23.82 -33.88
C PHE B 409 -56.48 23.86 -35.17
N SER B 410 -56.99 24.62 -36.14
CA SER B 410 -56.33 24.81 -37.42
C SER B 410 -55.98 26.26 -37.61
N VAL B 411 -54.73 26.53 -37.98
CA VAL B 411 -54.30 27.91 -38.13
C VAL B 411 -53.13 28.00 -39.12
N ASN B 412 -53.27 28.90 -40.09
CA ASN B 412 -52.16 29.25 -40.94
C ASN B 412 -51.30 30.24 -40.19
N ILE B 413 -50.04 29.88 -40.01
CA ILE B 413 -49.08 30.77 -39.36
C ILE B 413 -47.92 30.92 -40.30
N SER B 414 -47.75 32.15 -40.82
CA SER B 414 -46.73 32.42 -41.83
C SER B 414 -47.03 31.55 -43.06
N ASN B 415 -46.11 30.68 -43.42
CA ASN B 415 -46.40 29.80 -44.54
C ASN B 415 -46.62 28.34 -44.11
N THR B 416 -47.06 28.14 -42.86
CA THR B 416 -47.37 26.81 -42.32
C THR B 416 -48.86 26.62 -41.99
N SER B 417 -49.40 25.47 -42.41
CA SER B 417 -50.75 25.07 -42.06
C SER B 417 -50.72 24.17 -40.85
N LEU B 418 -50.85 24.77 -39.68
CA LEU B 418 -50.72 24.05 -38.44
C LEU B 418 -52.04 23.41 -38.00
N LYS B 419 -51.99 22.13 -37.69
CA LYS B 419 -53.17 21.41 -37.21
C LYS B 419 -52.84 20.53 -36.02
N PHE B 420 -53.60 20.71 -34.95
CA PHE B 420 -53.43 19.88 -33.77
C PHE B 420 -54.41 18.71 -33.84
N ASP B 421 -53.95 17.52 -33.47
CA ASP B 421 -54.88 16.40 -33.41
C ASP B 421 -55.52 16.35 -32.02
N GLN B 422 -56.38 15.35 -31.81
CA GLN B 422 -57.08 15.12 -30.54
C GLN B 422 -56.11 14.89 -29.39
N ASN B 423 -54.87 14.53 -29.71
CA ASN B 423 -53.83 14.28 -28.71
C ASN B 423 -53.05 15.55 -28.33
N GLY B 424 -53.26 16.63 -29.08
CA GLY B 424 -52.49 17.84 -28.87
C GLY B 424 -51.20 17.88 -29.69
N ASN B 425 -50.93 16.81 -30.44
CA ASN B 425 -49.77 16.75 -31.30
C ASN B 425 -49.97 17.49 -32.63
N PRO B 426 -48.89 18.08 -33.17
CA PRO B 426 -48.95 18.88 -34.41
C PRO B 426 -48.59 18.10 -35.68
N ASN B 427 -49.07 18.58 -36.83
CA ASN B 427 -48.70 18.02 -38.13
C ASN B 427 -47.35 18.54 -38.61
N ILE B 428 -46.36 18.42 -37.75
CA ILE B 428 -45.00 18.85 -38.04
C ILE B 428 -44.10 17.62 -38.09
N GLY B 429 -43.35 17.46 -39.17
CA GLY B 429 -42.40 16.38 -39.33
C GLY B 429 -40.94 16.76 -39.10
N TYR B 430 -40.01 15.95 -39.62
CA TYR B 430 -38.58 16.13 -39.34
C TYR B 430 -37.76 16.40 -40.59
N SER B 431 -36.64 17.12 -40.40
CA SER B 431 -35.59 17.19 -41.41
C SER B 431 -34.43 16.31 -40.97
N VAL B 432 -34.06 15.37 -41.83
CA VAL B 432 -32.93 14.50 -41.55
C VAL B 432 -31.68 15.26 -41.94
N ILE B 433 -30.69 15.30 -41.06
CA ILE B 433 -29.49 16.06 -41.37
C ILE B 433 -28.24 15.27 -41.06
N GLN B 434 -27.11 15.81 -41.49
CA GLN B 434 -25.82 15.20 -41.24
C GLN B 434 -24.82 16.27 -40.92
N ARG B 435 -23.91 15.97 -39.99
CA ARG B 435 -22.87 16.92 -39.67
C ARG B 435 -21.73 16.76 -40.64
N ILE B 436 -21.34 17.86 -41.26
CA ILE B 436 -20.19 17.88 -42.16
C ILE B 436 -19.00 18.52 -41.46
N TRP B 437 -18.03 17.69 -41.10
CA TRP B 437 -16.94 18.16 -40.24
C TRP B 437 -16.06 19.22 -40.89
N GLU B 438 -15.84 19.15 -42.19
CA GLU B 438 -14.81 19.96 -42.84
C GLU B 438 -15.12 21.46 -42.81
N ASN B 439 -16.38 21.84 -42.94
CA ASN B 439 -16.74 23.24 -42.83
C ASN B 439 -17.70 23.46 -41.65
N GLN B 440 -17.73 22.47 -40.75
CA GLN B 440 -18.52 22.54 -39.52
C GLN B 440 -19.94 22.97 -39.79
N SER B 441 -20.65 22.15 -40.56
CA SER B 441 -21.94 22.54 -41.04
C SER B 441 -22.90 21.38 -41.02
N LEU B 442 -24.15 21.68 -41.34
CA LEU B 442 -25.21 20.69 -41.38
C LEU B 442 -25.73 20.53 -42.78
N SER B 443 -25.72 19.31 -43.31
CA SER B 443 -26.31 19.11 -44.63
C SER B 443 -27.64 18.36 -44.51
N SER B 444 -28.59 18.78 -45.33
CA SER B 444 -29.91 18.16 -45.42
C SER B 444 -29.92 16.95 -46.35
N VAL B 445 -30.19 15.78 -45.82
CA VAL B 445 -30.15 14.58 -46.65
C VAL B 445 -31.50 13.88 -46.83
N GLY B 446 -32.55 14.45 -46.24
CA GLY B 446 -33.89 13.89 -46.42
C GLY B 446 -34.92 14.45 -45.45
N SER B 447 -36.07 13.80 -45.36
CA SER B 447 -37.12 14.27 -44.46
C SER B 447 -38.08 13.17 -43.97
N TYR B 448 -38.81 13.51 -42.92
CA TYR B 448 -39.81 12.62 -42.36
C TYR B 448 -41.12 13.40 -42.23
N ARG B 449 -42.09 13.06 -43.07
CA ARG B 449 -43.40 13.71 -43.04
C ARG B 449 -44.47 12.62 -43.00
N SER B 450 -45.45 12.77 -42.12
CA SER B 450 -46.34 11.67 -41.73
C SER B 450 -45.48 10.51 -41.26
N ALA B 451 -45.75 9.31 -41.76
CA ALA B 451 -44.93 8.17 -41.37
C ALA B 451 -44.04 7.78 -42.54
N ASN B 452 -43.79 8.76 -43.41
CA ASN B 452 -42.94 8.53 -44.57
C ASN B 452 -41.54 9.11 -44.34
N LEU B 453 -40.56 8.23 -44.25
CA LEU B 453 -39.17 8.66 -44.25
C LEU B 453 -38.71 8.70 -45.70
N SER B 454 -38.10 9.81 -46.08
CA SER B 454 -37.72 10.05 -47.45
C SER B 454 -36.33 10.69 -47.45
N ILE B 455 -35.34 9.87 -47.75
CA ILE B 455 -33.93 10.30 -47.78
C ILE B 455 -33.28 9.89 -49.08
N ASN B 456 -32.17 10.56 -49.43
CA ASN B 456 -31.45 10.25 -50.65
C ASN B 456 -30.03 9.82 -50.31
N GLU B 457 -29.82 8.51 -50.34
CA GLU B 457 -28.59 7.87 -49.89
C GLU B 457 -27.32 8.50 -50.49
N THR B 458 -27.42 8.92 -51.74
CA THR B 458 -26.31 9.52 -52.47
C THR B 458 -25.84 10.85 -51.87
N LEU B 459 -26.63 11.39 -50.96
CA LEU B 459 -26.32 12.68 -50.34
C LEU B 459 -25.54 12.53 -49.02
N PHE B 460 -25.28 11.30 -48.62
CA PHE B 460 -24.59 11.05 -47.36
C PHE B 460 -23.09 11.03 -47.55
N LYS B 461 -22.38 11.69 -46.65
CA LYS B 461 -20.93 11.55 -46.61
C LYS B 461 -20.56 10.59 -45.48
N TRP B 462 -19.91 9.49 -45.83
CA TRP B 462 -19.54 8.47 -44.86
C TRP B 462 -18.12 8.69 -44.38
N TYR B 463 -17.98 9.02 -43.09
CA TYR B 463 -16.67 9.34 -42.52
C TYR B 463 -15.89 8.10 -42.14
N THR B 464 -15.32 7.45 -43.14
CA THR B 464 -14.70 6.14 -42.99
C THR B 464 -13.41 6.05 -43.79
N ASN B 465 -12.60 5.03 -43.49
CA ASN B 465 -11.34 4.76 -44.19
C ASN B 465 -11.39 4.97 -45.70
N ASN B 466 -12.33 4.30 -46.37
CA ASN B 466 -12.44 4.29 -47.82
C ASN B 466 -13.66 5.08 -48.27
N SER B 467 -14.27 5.74 -47.29
CA SER B 467 -15.35 6.71 -47.51
C SER B 467 -16.67 6.05 -47.97
N GLU B 468 -16.72 4.72 -47.95
CA GLU B 468 -17.97 3.99 -48.16
C GLU B 468 -18.76 3.84 -46.85
N LYS B 469 -19.93 3.20 -46.95
CA LYS B 469 -20.81 3.03 -45.80
C LYS B 469 -20.35 1.83 -44.95
N PRO B 470 -20.55 1.91 -43.62
CA PRO B 470 -20.31 0.72 -42.80
C PRO B 470 -21.37 -0.36 -43.07
N THR C 6 -4.26 21.90 -14.37
CA THR C 6 -2.98 22.33 -14.94
C THR C 6 -1.97 22.64 -13.83
N SER C 7 -1.85 21.73 -12.87
CA SER C 7 -1.04 21.95 -11.66
C SER C 7 0.39 21.41 -11.80
N GLU C 8 1.34 22.14 -11.22
CA GLU C 8 2.74 21.74 -11.17
C GLU C 8 2.99 20.39 -10.52
N PHE C 9 2.08 19.95 -9.66
CA PHE C 9 2.37 18.80 -8.81
C PHE C 9 1.87 17.51 -9.44
N HIS C 10 1.06 17.65 -10.48
CA HIS C 10 0.46 16.48 -11.12
C HIS C 10 0.66 16.53 -12.64
N LEU C 11 1.19 15.44 -13.19
CA LEU C 11 1.34 15.29 -14.63
C LEU C 11 0.78 13.92 -15.00
N ARG C 12 -0.22 13.88 -15.86
CA ARG C 12 -0.77 12.59 -16.32
C ARG C 12 0.25 11.88 -17.21
N GLY C 13 0.16 10.56 -17.33
CA GLY C 13 1.14 9.82 -18.10
C GLY C 13 0.83 8.34 -18.06
N ASP C 14 1.50 7.55 -18.90
CA ASP C 14 1.26 6.10 -18.93
C ASP C 14 1.66 5.43 -17.63
N TYR C 15 2.70 5.97 -17.01
CA TYR C 15 3.20 5.47 -15.75
C TYR C 15 3.54 6.66 -14.89
N LEU C 16 3.29 6.56 -13.59
CA LEU C 16 3.52 7.69 -12.71
C LEU C 16 4.65 7.47 -11.70
N ILE C 17 5.39 8.54 -11.44
CA ILE C 17 6.37 8.61 -10.38
C ILE C 17 5.88 9.47 -9.21
N GLY C 18 5.96 8.94 -8.00
CA GLY C 18 5.76 9.79 -6.85
C GLY C 18 6.95 10.72 -6.68
N GLY C 19 6.69 11.91 -6.17
CA GLY C 19 7.73 12.86 -5.84
C GLY C 19 7.44 13.37 -4.46
N LEU C 20 8.32 13.05 -3.51
CA LEU C 20 8.14 13.45 -2.12
C LEU C 20 9.06 14.60 -1.77
N PHE C 21 8.48 15.78 -1.65
CA PHE C 21 9.27 16.99 -1.43
C PHE C 21 8.73 17.75 -0.26
N ASN C 22 9.49 18.72 0.20
CA ASN C 22 8.99 19.59 1.24
C ASN C 22 9.42 21.01 0.93
N ILE C 23 8.55 21.77 0.28
CA ILE C 23 8.96 23.10 -0.17
C ILE C 23 8.67 24.14 0.90
N HIS C 24 7.83 23.79 1.88
CA HIS C 24 7.61 24.68 3.01
C HIS C 24 8.12 24.11 4.32
N TYR C 25 8.50 25.01 5.22
CA TYR C 25 8.92 24.64 6.57
C TYR C 25 7.91 25.07 7.62
N VAL C 26 7.70 24.21 8.59
CA VAL C 26 6.87 24.54 9.74
C VAL C 26 7.42 23.78 10.93
N ALA C 27 7.36 24.39 12.11
CA ALA C 27 7.82 23.71 13.33
C ALA C 27 6.71 22.81 13.86
N ALA C 28 7.10 21.73 14.54
CA ALA C 28 6.14 20.80 15.16
C ALA C 28 5.13 21.53 16.05
N ALA C 29 3.88 21.08 16.00
CA ALA C 29 2.81 21.76 16.70
C ALA C 29 1.67 20.80 17.01
N ASN C 30 0.94 21.06 18.08
CA ASN C 30 -0.17 20.21 18.45
C ASN C 30 -1.27 20.31 17.42
N PHE C 31 -1.96 19.20 17.19
CA PHE C 31 -3.09 19.22 16.30
C PHE C 31 -4.22 18.38 16.87
N GLN C 32 -5.43 18.69 16.44
CA GLN C 32 -6.66 18.22 17.09
C GLN C 32 -7.54 17.37 16.18
N ARG C 33 -7.25 17.37 14.89
CA ARG C 33 -8.01 16.57 13.94
C ARG C 33 -7.09 15.75 13.07
N PRO C 34 -7.53 14.54 12.70
CA PRO C 34 -6.75 13.70 11.78
C PRO C 34 -6.90 14.25 10.35
N GLN C 35 -6.05 15.22 10.02
CA GLN C 35 -6.11 15.87 8.72
C GLN C 35 -4.77 16.46 8.31
N ALA C 36 -4.57 16.57 7.00
CA ALA C 36 -3.42 17.22 6.38
C ALA C 36 -3.23 18.68 6.80
N ILE C 37 -1.98 19.08 6.94
CA ILE C 37 -1.59 20.46 7.20
C ILE C 37 -1.68 21.29 5.91
N ASP C 38 -2.13 22.55 6.01
CA ASP C 38 -2.02 23.50 4.89
C ASP C 38 -0.61 24.09 4.79
N CYS C 39 0.31 23.33 4.20
CA CYS C 39 1.71 23.73 4.09
C CYS C 39 1.96 25.00 3.31
N SER C 40 1.05 25.34 2.41
CA SER C 40 1.23 26.46 1.51
C SER C 40 1.26 27.81 2.25
N SER C 41 0.71 27.87 3.44
CA SER C 41 0.74 29.12 4.21
C SER C 41 1.95 29.23 5.14
N LYS C 42 2.81 28.22 5.10
CA LYS C 42 3.99 28.18 5.97
C LYS C 42 5.22 28.81 5.31
N LEU C 43 6.39 28.60 5.90
CA LEU C 43 7.61 29.28 5.42
C LEU C 43 8.17 28.61 4.17
N PHE C 44 8.27 29.39 3.10
CA PHE C 44 8.75 28.90 1.82
C PHE C 44 10.26 28.64 1.85
N ILE C 45 10.71 27.51 1.33
CA ILE C 45 12.14 27.21 1.27
C ILE C 45 12.67 27.15 -0.16
N LEU C 46 13.44 28.17 -0.55
CA LEU C 46 13.85 28.32 -1.94
C LEU C 46 14.65 27.15 -2.53
N PRO C 47 15.73 26.69 -1.86
CA PRO C 47 16.49 25.57 -2.46
C PRO C 47 15.71 24.24 -2.57
N ASN C 48 14.74 24.03 -1.69
CA ASN C 48 13.88 22.85 -1.81
C ASN C 48 12.96 22.95 -3.03
N TYR C 49 12.38 24.11 -3.24
CA TYR C 49 11.57 24.37 -4.41
C TYR C 49 12.36 24.11 -5.68
N ARG C 50 13.61 24.56 -5.68
CA ARG C 50 14.52 24.29 -6.78
C ARG C 50 14.59 22.78 -7.05
N ARG C 51 14.80 21.99 -6.01
CA ARG C 51 14.88 20.53 -6.17
C ARG C 51 13.57 19.96 -6.68
N PHE C 52 12.47 20.54 -6.19
CA PHE C 52 11.15 20.22 -6.69
C PHE C 52 11.11 20.42 -8.21
N GLN C 53 11.62 21.55 -8.69
CA GLN C 53 11.59 21.80 -10.12
C GLN C 53 12.50 20.87 -10.89
N MET C 54 13.62 20.51 -10.27
CA MET C 54 14.61 19.64 -10.89
C MET C 54 13.98 18.33 -11.29
N MET C 55 13.09 17.82 -10.44
CA MET C 55 12.38 16.61 -10.77
C MET C 55 11.40 16.79 -11.92
N ARG C 56 10.71 17.94 -11.95
CA ARG C 56 9.75 18.25 -13.04
C ARG C 56 10.49 18.43 -14.35
N PHE C 57 11.66 19.04 -14.27
CA PHE C 57 12.53 19.20 -15.42
C PHE C 57 13.01 17.84 -15.93
N SER C 58 13.36 16.94 -15.02
CA SER C 58 13.88 15.63 -15.39
C SER C 58 12.87 14.81 -16.16
N VAL C 59 11.65 14.74 -15.64
CA VAL C 59 10.58 14.01 -16.31
C VAL C 59 10.32 14.57 -17.70
N GLU C 60 10.25 15.91 -17.79
CA GLU C 60 9.95 16.55 -19.08
C GLU C 60 11.06 16.25 -20.10
N GLU C 61 12.31 16.30 -19.65
CA GLU C 61 13.43 15.97 -20.53
C GLU C 61 13.28 14.55 -21.09
N ILE C 62 12.83 13.63 -20.23
CA ILE C 62 12.67 12.24 -20.60
C ILE C 62 11.52 12.05 -21.58
N ASN C 63 10.39 12.70 -21.29
CA ASN C 63 9.30 12.72 -22.24
C ASN C 63 9.68 13.35 -23.59
N ASN C 64 10.66 14.26 -23.58
CA ASN C 64 11.12 14.89 -24.81
C ASN C 64 12.04 13.93 -25.60
N SER C 65 12.54 12.89 -24.93
CA SER C 65 13.49 11.97 -25.55
C SER C 65 12.82 10.87 -26.35
N SER C 66 13.45 10.47 -27.44
CA SER C 66 12.91 9.41 -28.27
C SER C 66 13.73 8.14 -28.20
N SER C 67 14.83 8.17 -27.46
CA SER C 67 15.63 6.97 -27.23
C SER C 67 15.42 6.36 -25.83
N LEU C 68 15.03 7.18 -24.85
CA LEU C 68 14.62 6.71 -23.51
C LEU C 68 13.09 6.81 -23.34
N LEU C 69 12.48 5.67 -23.05
CA LEU C 69 11.01 5.53 -23.04
C LEU C 69 10.34 6.15 -24.28
N PRO C 70 10.59 5.56 -25.46
CA PRO C 70 9.94 5.99 -26.71
C PRO C 70 8.45 5.64 -26.75
N ASN C 71 7.63 6.64 -27.11
CA ASN C 71 6.17 6.55 -27.09
C ASN C 71 5.52 5.99 -25.79
N VAL C 72 6.18 6.27 -24.66
CA VAL C 72 5.66 5.95 -23.34
C VAL C 72 5.85 7.18 -22.49
N SER C 73 4.77 7.76 -21.97
CA SER C 73 4.89 9.03 -21.27
C SER C 73 5.07 8.80 -19.77
N LEU C 74 5.94 9.59 -19.15
CA LEU C 74 6.09 9.62 -17.69
C LEU C 74 5.24 10.72 -17.10
N GLY C 75 4.40 10.35 -16.14
CA GLY C 75 3.68 11.33 -15.36
C GLY C 75 4.15 11.32 -13.91
N TYR C 76 3.60 12.22 -13.11
CA TYR C 76 3.94 12.20 -11.70
C TYR C 76 2.85 12.78 -10.83
N GLN C 77 2.85 12.28 -9.60
CA GLN C 77 2.14 12.87 -8.50
C GLN C 77 3.15 13.39 -7.50
N MET C 78 3.23 14.70 -7.30
CA MET C 78 4.23 15.24 -6.40
C MET C 78 3.60 15.87 -5.15
N PHE C 79 4.35 15.93 -4.04
CA PHE C 79 3.78 16.52 -2.81
C PHE C 79 4.72 17.39 -2.01
N ASP C 80 4.12 18.42 -1.42
CA ASP C 80 4.80 19.30 -0.48
C ASP C 80 4.45 18.90 0.98
N HIS C 81 5.31 18.10 1.59
CA HIS C 81 5.09 17.59 2.94
C HIS C 81 5.95 18.28 3.98
N CYS C 82 5.47 19.41 4.48
CA CYS C 82 6.18 20.18 5.50
C CYS C 82 6.22 19.42 6.81
N SER C 83 5.42 18.38 6.92
CA SER C 83 5.17 17.67 8.17
C SER C 83 5.12 16.16 7.99
N ASP C 84 6.21 15.47 8.32
CA ASP C 84 6.29 14.02 8.10
C ASP C 84 5.11 13.25 8.74
N ILE C 85 4.68 13.67 9.93
CA ILE C 85 3.49 13.10 10.55
C ILE C 85 2.22 13.28 9.69
N HIS C 86 2.17 14.34 8.87
CA HIS C 86 0.94 14.66 8.14
C HIS C 86 0.99 14.39 6.64
N SER C 87 1.87 13.48 6.24
CA SER C 87 2.15 13.24 4.84
C SER C 87 1.45 11.99 4.34
N PHE C 88 0.77 11.32 5.25
CA PHE C 88 0.20 10.02 4.93
C PHE C 88 -0.89 10.04 3.85
N PRO C 89 -1.63 11.15 3.73
CA PRO C 89 -2.53 11.14 2.57
C PRO C 89 -1.76 10.97 1.24
N GLY C 90 -0.68 11.74 1.09
CA GLY C 90 0.14 11.68 -0.10
C GLY C 90 0.72 10.30 -0.32
N ILE C 91 1.28 9.71 0.74
CA ILE C 91 1.79 8.36 0.63
C ILE C 91 0.68 7.41 0.17
N PHE C 92 -0.48 7.43 0.85
CA PHE C 92 -1.58 6.51 0.52
C PHE C 92 -2.01 6.66 -0.92
N LYS C 93 -2.06 7.91 -1.39
CA LYS C 93 -2.39 8.18 -2.78
C LYS C 93 -1.49 7.42 -3.74
N LEU C 94 -0.18 7.53 -3.57
CA LEU C 94 0.77 6.82 -4.42
C LEU C 94 0.62 5.29 -4.39
N LEU C 95 0.15 4.75 -3.27
CA LEU C 95 0.06 3.31 -3.12
C LEU C 95 -1.31 2.75 -3.44
N SER C 96 -2.28 3.64 -3.58
CA SER C 96 -3.69 3.22 -3.70
C SER C 96 -3.95 2.54 -5.02
N VAL C 97 -4.85 1.55 -5.01
CA VAL C 97 -5.12 0.78 -6.22
C VAL C 97 -6.49 1.17 -6.79
N ASN C 98 -7.25 1.93 -6.03
CA ASN C 98 -8.27 2.79 -6.61
C ASN C 98 -8.00 4.14 -6.01
N ASP C 99 -8.92 4.60 -5.18
CA ASP C 99 -8.52 5.51 -4.11
C ASP C 99 -8.53 4.70 -2.81
N LEU C 100 -8.14 3.44 -2.93
CA LEU C 100 -8.26 2.48 -1.83
C LEU C 100 -6.96 1.76 -1.53
N ILE C 101 -6.75 1.48 -0.27
CA ILE C 101 -5.63 0.66 0.15
C ILE C 101 -6.16 -0.58 0.86
N ARG C 102 -5.71 -1.73 0.38
CA ARG C 102 -5.95 -3.01 1.00
C ARG C 102 -4.68 -3.46 1.71
N PRO C 103 -4.62 -3.29 3.04
CA PRO C 103 -3.43 -3.56 3.86
C PRO C 103 -2.86 -4.97 3.76
N TRP C 104 -3.67 -5.95 3.38
CA TRP C 104 -3.17 -7.33 3.39
C TRP C 104 -2.80 -7.86 2.01
N GLU C 105 -2.95 -7.03 0.99
CA GLU C 105 -2.59 -7.41 -0.38
C GLU C 105 -1.09 -7.29 -0.62
N ASP C 106 -0.55 -8.20 -1.41
CA ASP C 106 0.89 -8.25 -1.67
C ASP C 106 1.26 -7.75 -3.10
N ALA C 107 2.56 -7.70 -3.39
CA ALA C 107 3.04 -7.10 -4.64
C ALA C 107 2.65 -7.90 -5.87
N SER C 108 2.43 -9.20 -5.68
CA SER C 108 2.03 -10.12 -6.74
C SER C 108 0.92 -9.55 -7.60
N THR C 109 -0.15 -9.09 -6.95
CA THR C 109 -1.38 -8.73 -7.64
C THR C 109 -1.73 -7.26 -7.50
N GLY C 110 -0.81 -6.51 -6.91
CA GLY C 110 -1.04 -5.10 -6.66
C GLY C 110 -0.48 -4.19 -7.73
N LEU C 111 -1.37 -3.55 -8.47
CA LEU C 111 -0.98 -2.52 -9.41
C LEU C 111 -1.37 -1.13 -8.92
N PRO C 112 -0.56 -0.54 -8.04
CA PRO C 112 -0.93 0.76 -7.49
C PRO C 112 -0.79 1.92 -8.47
N ASN C 113 -1.03 3.11 -7.92
CA ASN C 113 -1.11 4.37 -8.65
C ASN C 113 0.19 4.75 -9.34
N ALA C 114 1.30 4.53 -8.63
CA ALA C 114 2.62 4.88 -9.11
C ALA C 114 3.47 3.61 -9.25
N ILE C 115 4.58 3.70 -10.00
CA ILE C 115 5.54 2.59 -10.15
C ILE C 115 6.74 2.74 -9.23
N GLY C 116 7.04 3.96 -8.83
CA GLY C 116 8.17 4.23 -7.96
C GLY C 116 8.06 5.59 -7.32
N VAL C 117 9.01 5.94 -6.47
CA VAL C 117 8.93 7.24 -5.81
C VAL C 117 10.31 7.82 -5.60
N VAL C 118 10.39 9.13 -5.82
CA VAL C 118 11.59 9.91 -5.62
C VAL C 118 11.42 10.67 -4.32
N GLY C 119 12.37 10.51 -3.41
CA GLY C 119 12.27 11.08 -2.09
C GLY C 119 12.19 10.00 -1.02
N PRO C 120 12.07 10.41 0.24
CA PRO C 120 12.04 11.82 0.64
C PRO C 120 13.44 12.44 0.83
N PHE C 121 13.47 13.63 1.40
CA PHE C 121 14.71 14.42 1.56
C PHE C 121 15.46 14.15 2.88
N THR C 122 14.71 13.87 3.94
CA THR C 122 15.25 13.76 5.29
C THR C 122 15.12 12.35 5.81
N SER C 123 16.03 11.93 6.67
CA SER C 123 15.96 10.58 7.22
C SER C 123 14.70 10.35 8.07
N THR C 124 14.25 11.37 8.79
CA THR C 124 13.11 11.12 9.67
C THR C 124 11.85 10.93 8.84
N HIS C 125 11.69 11.65 7.73
CA HIS C 125 10.52 11.38 6.92
C HIS C 125 10.57 9.96 6.37
N ALA C 126 11.74 9.54 5.92
CA ALA C 126 11.90 8.19 5.39
C ALA C 126 11.54 7.12 6.43
N LEU C 127 12.05 7.27 7.65
CA LEU C 127 11.74 6.32 8.73
C LEU C 127 10.24 6.21 9.02
N SER C 128 9.52 7.31 8.88
CA SER C 128 8.08 7.31 9.12
C SER C 128 7.31 6.51 8.08
N ILE C 129 7.81 6.47 6.85
CA ILE C 129 7.00 6.00 5.74
C ILE C 129 7.58 4.82 5.00
N ALA C 130 8.88 4.61 5.10
CA ALA C 130 9.55 3.56 4.33
C ALA C 130 8.93 2.17 4.55
N PRO C 131 8.62 1.79 5.81
CA PRO C 131 8.02 0.47 6.02
C PRO C 131 6.75 0.22 5.22
N ILE C 132 5.95 1.25 4.99
CA ILE C 132 4.78 1.10 4.13
C ILE C 132 5.20 0.78 2.70
N PHE C 133 6.27 1.41 2.22
CA PHE C 133 6.77 1.10 0.89
C PHE C 133 7.54 -0.24 0.83
N MET C 134 8.36 -0.51 1.85
CA MET C 134 9.16 -1.73 1.88
C MET C 134 8.31 -2.98 1.82
N THR C 135 7.14 -2.90 2.45
CA THR C 135 6.29 -4.05 2.67
C THR C 135 5.87 -4.75 1.37
N ASN C 136 5.84 -4.03 0.27
CA ASN C 136 5.49 -4.63 -1.03
C ASN C 136 6.60 -4.44 -2.06
N LEU C 137 7.79 -4.09 -1.59
CA LEU C 137 8.91 -3.81 -2.46
C LEU C 137 8.56 -2.70 -3.46
N PHE C 138 7.91 -1.66 -2.95
CA PHE C 138 7.69 -0.47 -3.75
C PHE C 138 9.01 0.30 -3.72
N PRO C 139 9.55 0.61 -4.90
CA PRO C 139 10.91 1.17 -4.88
C PRO C 139 10.90 2.62 -4.50
N MET C 140 11.68 2.98 -3.48
CA MET C 140 11.92 4.37 -3.13
C MET C 140 13.33 4.74 -3.54
N VAL C 141 13.50 5.89 -4.18
CA VAL C 141 14.84 6.35 -4.49
C VAL C 141 14.99 7.70 -3.84
N SER C 142 15.71 7.78 -2.73
CA SER C 142 15.80 9.06 -2.07
C SER C 142 16.87 9.91 -2.69
N TYR C 143 16.66 11.21 -2.72
CA TYR C 143 17.63 12.13 -3.27
C TYR C 143 18.36 12.87 -2.16
N GLY C 144 18.08 12.51 -0.90
CA GLY C 144 18.57 13.29 0.23
C GLY C 144 18.89 12.50 1.49
N CYS C 145 18.07 11.50 1.75
CA CYS C 145 18.16 10.80 3.02
C CYS C 145 19.45 9.97 3.16
N SER C 146 20.31 10.35 4.11
CA SER C 146 21.65 9.78 4.23
C SER C 146 21.90 8.92 5.48
N GLY C 147 20.83 8.55 6.17
CA GLY C 147 20.94 7.72 7.36
C GLY C 147 21.51 6.36 7.03
N SER C 148 22.55 5.97 7.74
CA SER C 148 23.32 4.79 7.40
C SER C 148 22.52 3.49 7.50
N VAL C 149 21.44 3.51 8.28
CA VAL C 149 20.63 2.32 8.51
C VAL C 149 19.98 1.85 7.19
N PHE C 150 19.74 2.79 6.27
CA PHE C 150 19.12 2.49 4.97
C PHE C 150 20.03 1.68 4.03
N SER C 151 21.30 1.55 4.43
CA SER C 151 22.21 0.60 3.77
C SER C 151 21.90 -0.87 4.10
N LYS C 152 20.94 -1.13 4.99
CA LYS C 152 20.60 -2.51 5.34
C LYS C 152 19.42 -3.08 4.55
N GLU C 153 19.73 -3.91 3.57
CA GLU C 153 18.70 -4.44 2.69
C GLU C 153 17.68 -5.26 3.48
N ASN C 154 18.13 -5.96 4.52
CA ASN C 154 17.20 -6.70 5.38
C ASN C 154 16.15 -5.81 6.05
N LEU C 155 16.55 -4.61 6.44
CA LEU C 155 15.61 -3.63 6.98
C LEU C 155 14.91 -2.83 5.86
N TYR C 156 15.64 -2.48 4.80
CA TYR C 156 15.09 -1.63 3.75
C TYR C 156 15.34 -2.22 2.37
N PRO C 157 14.55 -3.25 2.01
CA PRO C 157 14.84 -4.00 0.79
C PRO C 157 14.56 -3.25 -0.52
N SER C 158 13.66 -2.28 -0.56
CA SER C 158 13.39 -1.59 -1.82
C SER C 158 13.71 -0.11 -1.74
N PHE C 159 14.62 0.24 -0.84
CA PHE C 159 15.06 1.62 -0.68
C PHE C 159 16.45 1.81 -1.29
N LEU C 160 16.52 2.70 -2.28
CA LEU C 160 17.80 3.14 -2.86
C LEU C 160 17.96 4.62 -2.65
N ARG C 161 19.16 5.14 -2.89
CA ARG C 161 19.37 6.57 -2.78
C ARG C 161 20.50 7.03 -3.68
N THR C 162 20.52 8.32 -3.99
CA THR C 162 21.47 8.87 -4.94
C THR C 162 22.37 9.87 -4.24
N VAL C 163 22.31 9.87 -2.92
CA VAL C 163 23.35 10.50 -2.10
C VAL C 163 23.94 9.42 -1.24
N HIS C 164 25.11 9.70 -0.68
CA HIS C 164 25.84 8.72 0.11
C HIS C 164 25.35 8.67 1.54
N SER C 165 25.65 7.53 2.16
CA SER C 165 25.50 7.34 3.58
C SER C 165 26.26 8.40 4.38
N ASN C 166 25.76 8.72 5.58
CA ASN C 166 26.52 9.47 6.55
C ASN C 166 27.94 8.92 6.87
N LYS C 167 28.15 7.62 6.74
CA LYS C 167 29.47 7.08 7.04
C LYS C 167 30.52 7.77 6.19
N ASP C 168 30.24 7.89 4.90
CA ASP C 168 31.22 8.48 3.99
C ASP C 168 31.42 9.98 4.23
N VAL C 169 30.35 10.72 4.44
CA VAL C 169 30.51 12.15 4.68
C VAL C 169 31.26 12.40 6.00
N ILE C 170 30.98 11.56 7.00
CA ILE C 170 31.73 11.60 8.26
C ILE C 170 33.21 11.27 8.02
N ASN C 171 33.49 10.26 7.19
CA ASN C 171 34.87 9.94 6.81
C ASN C 171 35.64 11.16 6.32
N ALA C 172 35.00 11.90 5.42
CA ALA C 172 35.58 13.10 4.86
C ALA C 172 35.73 14.19 5.91
N ILE C 173 34.76 14.30 6.82
CA ILE C 173 34.87 15.32 7.87
C ILE C 173 36.07 15.01 8.76
N VAL C 174 36.24 13.74 9.12
CA VAL C 174 37.39 13.30 9.90
C VAL C 174 38.68 13.49 9.09
N GLY C 175 38.59 13.24 7.79
CA GLY C 175 39.67 13.58 6.90
C GLY C 175 40.09 15.03 7.02
N ILE C 176 39.13 15.96 7.07
CA ILE C 176 39.48 17.37 7.19
C ILE C 176 40.19 17.64 8.52
N ILE C 177 39.66 17.09 9.60
CA ILE C 177 40.25 17.29 10.91
C ILE C 177 41.69 16.76 10.98
N LEU C 178 41.92 15.58 10.43
CA LEU C 178 43.25 14.98 10.48
C LEU C 178 44.30 15.76 9.68
N ASN C 179 43.86 16.57 8.73
CA ASN C 179 44.81 17.39 7.97
C ASN C 179 45.32 18.58 8.78
N PHE C 180 44.68 18.85 9.91
CA PHE C 180 45.10 20.01 10.70
C PHE C 180 45.54 19.50 12.05
N ASN C 181 45.86 20.40 12.96
CA ASN C 181 46.52 20.03 14.20
C ASN C 181 45.64 19.93 15.45
N TRP C 182 44.36 20.27 15.33
CA TRP C 182 43.47 20.27 16.49
C TRP C 182 42.88 18.88 16.72
N ARG C 183 42.86 18.44 17.98
CA ARG C 183 42.34 17.11 18.22
C ARG C 183 41.25 17.07 19.27
N TRP C 184 40.89 18.22 19.84
CA TRP C 184 39.62 18.34 20.58
C TRP C 184 38.58 18.95 19.65
N VAL C 185 37.44 18.29 19.51
CA VAL C 185 36.39 18.81 18.64
C VAL C 185 35.06 18.85 19.39
N ALA C 186 34.22 19.81 18.99
CA ALA C 186 32.83 19.81 19.42
C ALA C 186 32.00 19.36 18.25
N PHE C 187 31.02 18.52 18.53
CA PHE C 187 30.10 17.99 17.53
C PHE C 187 28.67 18.39 17.88
N LEU C 188 28.19 19.46 17.26
CA LEU C 188 26.80 19.88 17.38
C LEU C 188 25.97 19.21 16.28
N TYR C 189 24.97 18.42 16.63
CA TYR C 189 24.21 17.71 15.62
C TYR C 189 22.70 17.96 15.75
N SER C 190 21.98 17.92 14.63
CA SER C 190 20.54 18.16 14.65
C SER C 190 19.88 17.08 15.49
N ASP C 191 18.85 17.47 16.23
CA ASP C 191 18.16 16.55 17.13
C ASP C 191 17.08 15.81 16.37
N ASP C 192 17.52 14.94 15.47
CA ASP C 192 16.63 14.15 14.66
C ASP C 192 17.42 12.93 14.29
N ASP C 193 16.90 12.08 13.43
CA ASP C 193 17.60 10.84 13.15
C ASP C 193 18.87 11.04 12.29
N PHE C 194 18.86 12.05 11.43
CA PHE C 194 20.05 12.40 10.66
C PHE C 194 21.18 12.80 11.60
N GLY C 195 20.91 13.68 12.55
CA GLY C 195 21.96 14.18 13.43
C GLY C 195 22.54 13.09 14.32
N LYS C 196 21.65 12.33 14.95
CA LYS C 196 22.08 11.29 15.88
C LYS C 196 22.89 10.23 15.16
N ASP C 197 22.51 9.98 13.92
CA ASP C 197 23.23 8.97 13.16
C ASP C 197 24.62 9.47 12.81
N GLY C 198 24.74 10.78 12.60
CA GLY C 198 26.03 11.40 12.33
C GLY C 198 26.94 11.24 13.53
N LEU C 199 26.43 11.67 14.68
CA LEU C 199 27.12 11.53 15.95
C LEU C 199 27.64 10.12 16.15
N GLU C 200 26.80 9.14 15.90
CA GLU C 200 27.20 7.74 16.04
C GLU C 200 28.33 7.35 15.07
N GLN C 201 28.20 7.72 13.80
CA GLN C 201 29.21 7.37 12.80
C GLN C 201 30.54 8.02 13.18
N PHE C 202 30.44 9.27 13.64
CA PHE C 202 31.59 10.06 14.08
C PHE C 202 32.35 9.32 15.19
N LYS C 203 31.62 8.93 16.23
CA LYS C 203 32.19 8.21 17.35
C LYS C 203 32.89 6.93 16.91
N ASN C 204 32.23 6.13 16.08
CA ASN C 204 32.86 4.92 15.57
C ASN C 204 34.16 5.27 14.86
N LYS C 205 34.10 6.25 13.97
CA LYS C 205 35.24 6.61 13.14
C LYS C 205 36.44 7.09 13.93
N ILE C 206 36.21 7.88 14.99
CA ILE C 206 37.32 8.49 15.71
C ILE C 206 37.84 7.70 16.92
N GLU C 207 37.16 6.63 17.31
CA GLU C 207 37.48 5.93 18.56
C GLU C 207 38.93 5.48 18.63
N ASP C 208 39.45 4.96 17.52
CA ASP C 208 40.84 4.59 17.46
C ASP C 208 41.66 5.62 16.67
N SER C 209 41.82 6.80 17.26
CA SER C 209 42.54 7.86 16.59
C SER C 209 42.88 8.95 17.61
N GLU C 210 43.59 9.96 17.14
CA GLU C 210 44.09 10.99 18.02
C GLU C 210 42.98 11.97 18.38
N ILE C 211 41.92 11.95 17.58
CA ILE C 211 40.79 12.84 17.75
C ILE C 211 39.96 12.46 18.97
N CYS C 212 39.64 13.46 19.78
CA CYS C 212 38.95 13.30 21.03
C CYS C 212 37.68 14.15 20.98
N LEU C 213 36.52 13.48 21.01
CA LEU C 213 35.23 14.20 21.06
C LEU C 213 35.04 14.81 22.43
N ALA C 214 35.26 16.11 22.55
CA ALA C 214 35.37 16.75 23.84
C ALA C 214 34.03 17.27 24.31
N PHE C 215 33.07 17.34 23.40
CA PHE C 215 31.78 17.92 23.70
C PHE C 215 30.85 17.59 22.56
N TYR C 216 29.61 17.22 22.88
CA TYR C 216 28.59 17.06 21.85
C TYR C 216 27.20 17.39 22.40
N LYS C 217 26.27 17.71 21.50
CA LYS C 217 24.91 18.03 21.90
C LYS C 217 23.94 18.00 20.73
N ALA C 218 22.80 17.35 20.93
CA ALA C 218 21.66 17.47 20.02
C ALA C 218 21.15 18.89 20.10
N ILE C 219 21.01 19.56 18.96
CA ILE C 219 20.55 20.94 18.98
C ILE C 219 19.29 21.15 18.13
N ASN C 220 18.56 22.22 18.45
CA ASN C 220 17.32 22.64 17.78
C ASN C 220 17.31 24.14 17.59
N VAL C 221 16.24 24.64 16.98
CA VAL C 221 16.10 26.08 16.77
C VAL C 221 15.93 26.79 18.11
N ASN C 222 15.33 26.10 19.07
CA ASN C 222 15.09 26.72 20.36
C ASN C 222 16.11 26.36 21.45
N THR C 223 17.30 25.93 21.04
CA THR C 223 18.38 25.63 21.97
C THR C 223 18.95 26.91 22.61
N ASP C 224 19.27 26.85 23.91
CA ASP C 224 19.99 27.96 24.54
C ASP C 224 21.45 27.95 24.10
N TYR C 225 21.73 28.61 23.00
CA TYR C 225 23.06 28.53 22.39
C TYR C 225 24.14 29.28 23.15
N LEU C 226 23.76 30.33 23.89
CA LEU C 226 24.72 31.00 24.75
C LEU C 226 25.30 29.99 25.72
N GLN C 227 24.49 29.07 26.23
CA GLN C 227 25.01 28.05 27.12
C GLN C 227 25.92 27.10 26.36
N VAL C 228 25.46 26.60 25.20
CA VAL C 228 26.26 25.65 24.42
C VAL C 228 27.63 26.20 24.12
N PHE C 229 27.68 27.45 23.66
CA PHE C 229 28.95 28.07 23.35
C PHE C 229 29.78 28.35 24.59
N LYS C 230 29.13 28.69 25.69
CA LYS C 230 29.85 28.91 26.94
C LYS C 230 30.57 27.63 27.34
N GLN C 231 29.94 26.47 27.15
CA GLN C 231 30.55 25.21 27.57
C GLN C 231 31.72 24.84 26.67
N ILE C 232 31.67 25.26 25.41
CA ILE C 232 32.70 24.95 24.44
C ILE C 232 33.91 25.83 24.70
N GLU C 233 33.68 27.08 25.07
CA GLU C 233 34.77 27.97 25.47
C GLU C 233 35.49 27.39 26.69
N GLU C 234 34.70 27.02 27.70
CA GLU C 234 35.23 26.56 28.96
C GLU C 234 36.14 25.34 28.78
N GLN C 235 35.85 24.55 27.74
CA GLN C 235 36.65 23.39 27.42
C GLN C 235 37.73 23.67 26.40
N ASN C 236 37.87 24.93 26.03
CA ASN C 236 38.91 25.36 25.10
C ASN C 236 38.92 24.62 23.77
N ILE C 237 37.75 24.15 23.36
CA ILE C 237 37.60 23.53 22.06
C ILE C 237 37.65 24.58 20.95
N LYS C 238 38.50 24.36 19.96
CA LYS C 238 38.60 25.32 18.86
C LYS C 238 37.76 24.90 17.66
N VAL C 239 37.60 23.60 17.45
CA VAL C 239 36.95 23.08 16.24
C VAL C 239 35.53 22.62 16.54
N ILE C 240 34.58 23.11 15.73
CA ILE C 240 33.16 22.79 15.94
C ILE C 240 32.48 22.19 14.71
N VAL C 241 32.29 20.88 14.69
CA VAL C 241 31.54 20.25 13.63
C VAL C 241 30.04 20.51 13.87
N VAL C 242 29.34 20.95 12.84
CA VAL C 242 27.91 21.18 12.93
C VAL C 242 27.19 20.32 11.91
N PHE C 243 26.70 19.17 12.36
CA PHE C 243 26.12 18.15 11.49
C PHE C 243 24.60 18.30 11.49
N ALA C 244 24.07 19.06 10.54
CA ALA C 244 22.68 19.48 10.64
C ALA C 244 22.17 20.10 9.35
N PRO C 245 20.86 19.96 9.07
CA PRO C 245 20.28 20.61 7.87
C PRO C 245 20.05 22.13 8.02
N LYS C 246 19.67 22.77 6.92
CA LYS C 246 19.52 24.23 6.77
C LYS C 246 19.01 25.02 7.99
N VAL C 247 17.83 24.64 8.49
CA VAL C 247 17.17 25.36 9.59
C VAL C 247 17.98 25.29 10.90
N TYR C 248 18.57 24.13 11.17
CA TYR C 248 19.40 23.93 12.35
C TYR C 248 20.76 24.65 12.25
N ALA C 249 21.44 24.45 11.13
CA ALA C 249 22.71 25.10 10.89
C ALA C 249 22.55 26.61 10.91
N GLU C 250 21.48 27.13 10.31
CA GLU C 250 21.21 28.56 10.40
C GLU C 250 21.04 29.05 11.84
N ALA C 251 20.30 28.29 12.65
CA ALA C 251 20.13 28.65 14.03
C ALA C 251 21.48 28.70 14.76
N VAL C 252 22.29 27.66 14.58
CA VAL C 252 23.61 27.57 15.22
C VAL C 252 24.54 28.72 14.82
N VAL C 253 24.62 28.99 13.52
CA VAL C 253 25.57 29.96 13.01
C VAL C 253 25.11 31.41 13.22
N GLU C 254 23.83 31.69 13.01
CA GLU C 254 23.25 33.00 13.39
C GLU C 254 23.38 33.27 14.90
N SER C 255 23.28 32.23 15.73
CA SER C 255 23.45 32.44 17.16
C SER C 255 24.90 32.76 17.48
N ALA C 256 25.83 32.13 16.75
CA ALA C 256 27.27 32.38 16.97
C ALA C 256 27.62 33.83 16.68
N VAL C 257 27.05 34.35 15.59
CA VAL C 257 27.28 35.72 15.19
C VAL C 257 26.73 36.68 16.23
N GLN C 258 25.51 36.42 16.67
CA GLN C 258 24.83 37.33 17.57
C GLN C 258 25.37 37.25 19.00
N LEU C 259 25.99 36.13 19.37
CA LEU C 259 26.58 36.00 20.70
C LEU C 259 28.09 36.27 20.66
N ASN C 260 28.56 36.76 19.51
CA ASN C 260 29.95 37.18 19.35
C ASN C 260 30.94 36.07 19.67
N VAL C 261 30.59 34.83 19.34
CA VAL C 261 31.54 33.72 19.37
C VAL C 261 32.65 33.98 18.34
N THR C 262 33.91 33.82 18.72
CA THR C 262 35.03 34.12 17.83
C THR C 262 36.06 33.01 17.76
N ASN C 263 37.02 33.17 16.86
CA ASN C 263 38.19 32.29 16.74
C ASN C 263 37.90 30.79 16.71
N LYS C 264 36.82 30.38 16.04
CA LYS C 264 36.54 28.95 15.89
C LYS C 264 36.83 28.47 14.48
N VAL C 265 37.07 27.17 14.37
CA VAL C 265 37.07 26.50 13.08
C VAL C 265 35.79 25.66 12.97
N TRP C 266 34.90 26.12 12.12
CA TRP C 266 33.60 25.50 11.92
C TRP C 266 33.71 24.53 10.78
N ILE C 267 33.15 23.34 10.94
CA ILE C 267 33.12 22.38 9.84
C ILE C 267 31.69 21.94 9.52
N ALA C 268 31.32 22.17 8.26
CA ALA C 268 29.97 21.96 7.72
C ALA C 268 29.85 20.68 6.89
N ASP C 269 28.73 19.98 7.01
CA ASP C 269 28.49 18.88 6.08
C ASP C 269 27.85 19.46 4.82
N ASP C 270 27.67 18.61 3.81
CA ASP C 270 27.19 19.10 2.54
C ASP C 270 25.76 19.62 2.64
N GLY C 271 25.12 19.34 3.77
CA GLY C 271 23.83 19.96 4.07
C GLY C 271 23.82 21.49 4.20
N TRP C 272 24.94 22.12 4.57
CA TRP C 272 24.95 23.58 4.66
C TRP C 272 26.23 24.26 4.19
N SER C 273 27.15 23.48 3.63
CA SER C 273 28.37 23.99 2.99
C SER C 273 28.10 25.08 1.96
N LEU C 274 27.04 24.87 1.19
CA LEU C 274 26.68 25.73 0.07
C LEU C 274 25.46 26.59 0.42
N ASN C 275 25.20 26.76 1.71
CA ASN C 275 24.17 27.67 2.20
C ASN C 275 24.34 29.08 1.62
N LYS C 276 23.26 29.67 1.14
CA LYS C 276 23.39 30.99 0.51
C LYS C 276 23.08 32.13 1.47
N LYS C 277 22.48 31.84 2.60
CA LYS C 277 22.09 32.87 3.56
C LYS C 277 23.28 33.32 4.40
N LEU C 278 23.90 32.36 5.10
CA LEU C 278 24.95 32.64 6.08
C LEU C 278 26.24 33.30 5.55
N PRO C 279 26.73 32.91 4.37
CA PRO C 279 27.94 33.62 3.91
C PRO C 279 27.68 35.11 3.61
N SER C 280 26.42 35.47 3.35
CA SER C 280 26.04 36.86 3.09
C SER C 280 25.64 37.65 4.34
N MET C 281 25.52 36.96 5.47
CA MET C 281 25.12 37.58 6.72
C MET C 281 26.13 38.57 7.30
N ASN C 282 25.64 39.70 7.78
CA ASN C 282 26.47 40.68 8.48
C ASN C 282 27.13 40.07 9.70
N GLY C 283 28.46 40.08 9.73
CA GLY C 283 29.20 39.59 10.87
C GLY C 283 29.67 38.14 10.82
N ILE C 284 29.43 37.46 9.70
CA ILE C 284 29.80 36.05 9.56
C ILE C 284 31.32 35.81 9.70
N GLN C 285 32.10 36.80 9.32
CA GLN C 285 33.56 36.70 9.31
C GLN C 285 34.15 36.69 10.73
N ASN C 286 33.33 37.06 11.70
CA ASN C 286 33.79 37.19 13.07
C ASN C 286 33.85 35.87 13.81
N ILE C 287 33.07 34.88 13.38
CA ILE C 287 32.97 33.65 14.16
C ILE C 287 34.21 32.77 13.95
N GLY C 288 35.01 33.13 12.96
CA GLY C 288 36.21 32.39 12.62
C GLY C 288 36.20 31.89 11.18
N THR C 289 36.66 30.67 10.99
CA THR C 289 36.79 30.11 9.66
C THR C 289 35.81 28.97 9.44
N VAL C 290 35.12 29.00 8.31
CA VAL C 290 34.17 27.96 7.99
C VAL C 290 34.74 27.10 6.85
N LEU C 291 34.98 25.83 7.15
CA LEU C 291 35.37 24.85 6.16
C LEU C 291 34.20 23.91 6.02
N GLY C 292 34.19 23.06 5.00
CA GLY C 292 33.07 22.17 4.86
C GLY C 292 33.26 21.14 3.78
N VAL C 293 32.37 20.16 3.82
CA VAL C 293 32.30 19.12 2.84
C VAL C 293 31.16 19.53 1.91
N ALA C 294 31.38 19.49 0.61
CA ALA C 294 30.37 20.01 -0.30
C ALA C 294 30.21 19.14 -1.50
N GLN C 295 28.97 19.03 -1.98
CA GLN C 295 28.75 18.42 -3.27
C GLN C 295 29.26 19.38 -4.33
N PRO C 296 30.18 18.91 -5.18
CA PRO C 296 30.66 19.74 -6.29
C PRO C 296 29.47 20.17 -7.12
N VAL C 297 29.47 21.39 -7.62
CA VAL C 297 28.35 21.88 -8.38
C VAL C 297 28.31 21.24 -9.76
N VAL C 298 27.16 20.63 -10.07
CA VAL C 298 26.96 19.98 -11.34
C VAL C 298 26.06 20.79 -12.25
N THR C 299 26.56 21.09 -13.44
CA THR C 299 25.76 21.74 -14.45
C THR C 299 24.73 20.77 -15.02
N ILE C 300 23.46 21.13 -14.87
CA ILE C 300 22.39 20.39 -15.53
C ILE C 300 21.86 21.27 -16.66
N PRO C 301 22.34 21.02 -17.87
CA PRO C 301 22.03 21.85 -19.04
C PRO C 301 20.52 21.93 -19.32
N GLY C 302 20.05 23.13 -19.64
CA GLY C 302 18.67 23.36 -19.97
C GLY C 302 17.80 23.76 -18.79
N PHE C 303 18.32 23.57 -17.58
CA PHE C 303 17.52 23.83 -16.38
C PHE C 303 17.23 25.32 -16.18
N THR C 304 18.17 26.18 -16.53
CA THR C 304 17.94 27.61 -16.48
C THR C 304 16.76 28.03 -17.36
N ASP C 305 16.71 27.57 -18.60
CA ASP C 305 15.59 27.92 -19.49
C ASP C 305 14.28 27.36 -18.95
N PHE C 306 14.34 26.16 -18.39
CA PHE C 306 13.17 25.50 -17.85
C PHE C 306 12.57 26.27 -16.66
N ILE C 307 13.42 26.84 -15.82
CA ILE C 307 12.95 27.59 -14.66
C ILE C 307 12.24 28.87 -15.10
N TYR C 308 12.81 29.55 -16.10
CA TYR C 308 12.23 30.75 -16.66
C TYR C 308 10.78 30.50 -17.06
N SER C 309 10.47 29.29 -17.51
CA SER C 309 9.11 28.97 -17.93
C SER C 309 8.24 28.49 -16.77
N ALA C 310 8.82 27.77 -15.82
CA ALA C 310 8.08 27.19 -14.70
C ALA C 310 7.58 28.25 -13.70
N ILE C 311 8.35 29.33 -13.54
CA ILE C 311 8.07 30.38 -12.57
C ILE C 311 6.71 31.07 -12.75
N SER C 312 6.34 31.37 -14.00
CA SER C 312 5.11 32.11 -14.25
C SER C 312 3.87 31.43 -13.70
N GLN C 313 3.66 30.17 -14.08
CA GLN C 313 2.46 29.41 -13.67
C GLN C 313 1.16 30.07 -14.12
N PHE C 324 -6.39 18.19 -4.27
CA PHE C 324 -5.73 17.35 -3.27
C PHE C 324 -4.74 18.12 -2.40
N CYS C 325 -4.72 17.79 -1.11
CA CYS C 325 -3.84 18.45 -0.13
C CYS C 325 -2.35 18.32 -0.47
N ASN C 326 -1.58 19.32 -0.05
CA ASN C 326 -0.13 19.39 -0.23
C ASN C 326 0.33 19.39 -1.69
N GLN C 327 -0.52 19.91 -2.56
CA GLN C 327 -0.16 20.07 -3.97
C GLN C 327 -0.42 21.50 -4.41
N LYS C 328 0.09 22.45 -3.61
CA LYS C 328 -0.17 23.87 -3.80
C LYS C 328 1.02 24.65 -3.29
N CYS C 329 1.67 25.38 -4.19
CA CYS C 329 2.91 26.08 -3.85
C CYS C 329 2.68 27.40 -3.13
N ASN C 330 1.77 28.21 -3.64
CA ASN C 330 1.56 29.58 -3.13
C ASN C 330 2.87 30.35 -3.12
N CYS C 331 3.49 30.45 -4.30
CA CYS C 331 4.77 31.13 -4.45
C CYS C 331 4.84 31.89 -5.77
N SER C 332 3.83 32.69 -6.05
CA SER C 332 3.67 33.30 -7.36
C SER C 332 4.78 34.30 -7.73
N ASN C 333 5.11 35.21 -6.82
CA ASN C 333 6.11 36.21 -7.18
C ASN C 333 7.51 35.84 -6.70
N LEU C 334 8.22 35.12 -7.57
CA LEU C 334 9.56 34.59 -7.31
C LEU C 334 10.53 35.10 -8.37
N SER C 335 11.71 35.57 -7.97
CA SER C 335 12.70 35.97 -8.97
C SER C 335 13.41 34.73 -9.51
N VAL C 336 13.51 34.67 -10.82
CA VAL C 336 14.24 33.61 -11.48
C VAL C 336 15.69 33.64 -11.02
N LYS C 337 16.22 34.85 -10.77
CA LYS C 337 17.63 35.00 -10.41
C LYS C 337 17.91 34.31 -9.09
N SER C 338 17.03 34.52 -8.12
CA SER C 338 17.28 34.02 -6.78
C SER C 338 17.08 32.51 -6.70
N LEU C 339 16.27 31.96 -7.61
CA LEU C 339 16.05 30.52 -7.63
C LEU C 339 17.23 29.80 -8.26
N LEU C 340 17.73 30.34 -9.37
CA LEU C 340 18.92 29.80 -10.00
C LEU C 340 20.14 29.90 -9.10
N ASN C 341 20.26 31.02 -8.37
CA ASN C 341 21.38 31.23 -7.45
C ASN C 341 21.20 30.56 -6.09
N ALA C 342 20.12 29.83 -5.89
CA ALA C 342 19.93 29.12 -4.65
C ALA C 342 20.93 27.94 -4.55
N ASP C 343 21.07 27.39 -3.35
CA ASP C 343 21.94 26.24 -3.08
C ASP C 343 21.57 25.07 -4.01
N PRO C 344 22.48 24.73 -4.95
CA PRO C 344 22.15 23.70 -5.96
C PRO C 344 22.44 22.27 -5.50
N SER C 345 22.82 22.10 -4.25
CA SER C 345 23.14 20.77 -3.75
C SER C 345 21.93 19.85 -3.90
N PHE C 346 22.20 18.55 -4.08
CA PHE C 346 21.18 17.53 -4.31
C PHE C 346 20.50 17.64 -5.68
N SER C 347 21.00 18.50 -6.56
CA SER C 347 20.46 18.63 -7.91
C SER C 347 20.67 17.37 -8.73
N PHE C 348 21.92 16.94 -8.82
CA PHE C 348 22.19 15.74 -9.59
C PHE C 348 21.54 14.51 -8.92
N PRO C 349 21.53 14.42 -7.56
CA PRO C 349 20.77 13.34 -6.93
C PRO C 349 19.29 13.23 -7.35
N VAL C 350 18.61 14.36 -7.51
CA VAL C 350 17.23 14.31 -7.99
C VAL C 350 17.21 13.79 -9.43
N TYR C 351 18.01 14.45 -10.24
CA TYR C 351 18.13 14.15 -11.65
C TYR C 351 18.38 12.66 -11.89
N ALA C 352 19.44 12.14 -11.27
CA ALA C 352 19.79 10.74 -11.37
C ALA C 352 18.68 9.83 -10.83
N ALA C 353 18.03 10.23 -9.74
CA ALA C 353 16.94 9.44 -9.18
C ALA C 353 15.82 9.23 -10.22
N VAL C 354 15.35 10.32 -10.80
CA VAL C 354 14.29 10.27 -11.82
C VAL C 354 14.75 9.46 -13.02
N TYR C 355 15.99 9.70 -13.45
CA TYR C 355 16.53 8.98 -14.59
C TYR C 355 16.69 7.49 -14.29
N ALA C 356 17.08 7.15 -13.05
CA ALA C 356 17.25 5.74 -12.70
C ALA C 356 15.92 5.01 -12.80
N ILE C 357 14.87 5.69 -12.38
CA ILE C 357 13.56 5.08 -12.37
C ILE C 357 13.08 4.90 -13.82
N ALA C 358 13.34 5.91 -14.64
CA ALA C 358 12.92 5.87 -16.04
C ALA C 358 13.62 4.73 -16.78
N HIS C 359 14.93 4.60 -16.55
CA HIS C 359 15.68 3.51 -17.16
C HIS C 359 15.13 2.16 -16.70
N ALA C 360 14.79 2.05 -15.42
CA ALA C 360 14.26 0.79 -14.88
C ALA C 360 12.99 0.44 -15.63
N LEU C 361 12.14 1.44 -15.84
CA LEU C 361 10.90 1.25 -16.57
C LEU C 361 11.17 0.84 -18.02
N HIS C 362 12.01 1.60 -18.70
CA HIS C 362 12.46 1.31 -20.06
C HIS C 362 12.93 -0.14 -20.17
N ASN C 363 13.75 -0.58 -19.22
CA ASN C 363 14.29 -1.94 -19.32
C ASN C 363 13.28 -3.01 -18.98
N THR C 364 12.43 -2.73 -18.00
CA THR C 364 11.37 -3.65 -17.57
C THR C 364 10.36 -3.82 -18.70
N LEU C 365 10.08 -2.75 -19.43
CA LEU C 365 9.22 -2.82 -20.60
C LEU C 365 9.87 -3.57 -21.76
N ARG C 366 11.20 -3.68 -21.71
CA ARG C 366 12.04 -4.19 -22.80
C ARG C 366 11.94 -3.31 -24.04
N CYS C 367 12.04 -2.01 -23.81
CA CYS C 367 12.03 -1.04 -24.89
C CYS C 367 13.31 -1.13 -25.65
N GLY C 368 13.23 -0.87 -26.95
CA GLY C 368 14.42 -0.70 -27.76
C GLY C 368 14.80 0.76 -27.88
N SER C 369 15.55 1.07 -28.93
CA SER C 369 15.91 2.45 -29.27
C SER C 369 14.70 3.17 -29.86
N ASP C 370 13.85 2.41 -30.53
CA ASP C 370 12.83 3.03 -31.36
C ASP C 370 11.46 3.02 -30.72
N ARG C 371 11.07 1.95 -30.03
CA ARG C 371 9.76 1.97 -29.37
C ARG C 371 9.62 0.94 -28.25
N CYS C 372 8.45 0.97 -27.60
CA CYS C 372 8.15 0.07 -26.49
C CYS C 372 6.87 -0.67 -26.77
N PRO C 373 6.73 -1.87 -26.19
CA PRO C 373 5.41 -2.49 -26.10
C PRO C 373 4.46 -1.55 -25.33
N LYS C 374 3.21 -1.37 -25.76
CA LYS C 374 2.42 -0.21 -25.35
C LYS C 374 1.14 -0.44 -24.52
N ASN C 375 1.02 -1.59 -23.86
CA ASN C 375 0.01 -1.71 -22.80
C ASN C 375 0.34 -2.89 -21.87
N ILE C 376 1.62 -3.06 -21.55
CA ILE C 376 2.01 -4.02 -20.53
C ILE C 376 1.61 -3.44 -19.18
N THR C 377 1.60 -4.28 -18.16
CA THR C 377 1.42 -3.75 -16.82
C THR C 377 2.66 -4.04 -15.99
N VAL C 378 2.98 -3.08 -15.14
CA VAL C 378 4.24 -3.07 -14.43
C VAL C 378 4.04 -2.99 -12.92
N HIS C 379 4.20 -4.14 -12.26
CA HIS C 379 4.29 -4.23 -10.81
C HIS C 379 5.53 -3.49 -10.31
N PRO C 380 5.37 -2.58 -9.33
CA PRO C 380 6.50 -1.86 -8.74
C PRO C 380 7.71 -2.74 -8.40
N HIS C 381 7.52 -3.97 -7.94
CA HIS C 381 8.68 -4.79 -7.59
C HIS C 381 9.50 -5.17 -8.84
N MET C 382 8.90 -5.09 -10.02
CA MET C 382 9.65 -5.33 -11.26
C MET C 382 10.65 -4.19 -11.50
N ILE C 383 10.18 -2.96 -11.33
CA ILE C 383 11.04 -1.79 -11.37
C ILE C 383 12.27 -1.95 -10.47
N LEU C 384 12.03 -2.42 -9.24
CA LEU C 384 13.07 -2.59 -8.24
C LEU C 384 14.27 -3.39 -8.75
N GLU C 385 14.00 -4.57 -9.30
CA GLU C 385 15.10 -5.42 -9.76
C GLU C 385 15.96 -4.71 -10.81
N GLU C 386 15.31 -3.91 -11.66
CA GLU C 386 16.08 -3.22 -12.69
C GLU C 386 16.79 -1.98 -12.12
N LEU C 387 16.19 -1.30 -11.14
CA LEU C 387 16.88 -0.22 -10.44
C LEU C 387 18.18 -0.70 -9.84
N LYS C 388 18.14 -1.85 -9.18
CA LYS C 388 19.34 -2.41 -8.58
C LYS C 388 20.42 -2.63 -9.64
N LYS C 389 20.00 -3.04 -10.83
CA LYS C 389 20.96 -3.34 -11.88
C LYS C 389 21.37 -2.14 -12.73
N SER C 390 21.02 -0.93 -12.30
CA SER C 390 21.25 0.28 -13.09
C SER C 390 22.69 0.36 -13.62
N ASN C 391 22.81 0.93 -14.82
CA ASN C 391 24.08 1.11 -15.49
C ASN C 391 23.85 1.99 -16.68
N PHE C 392 23.98 3.30 -16.49
CA PHE C 392 23.84 4.20 -17.62
C PHE C 392 24.67 5.44 -17.34
N THR C 393 24.97 6.16 -18.40
CA THR C 393 25.72 7.40 -18.32
C THR C 393 24.75 8.55 -18.19
N LEU C 394 25.13 9.56 -17.43
CA LEU C 394 24.30 10.75 -17.29
C LEU C 394 25.21 11.89 -16.97
N LEU C 395 25.26 12.87 -17.88
CA LEU C 395 26.23 13.96 -17.82
C LEU C 395 27.64 13.46 -17.50
N ASN C 396 28.08 12.44 -18.23
CA ASN C 396 29.43 11.87 -18.09
C ASN C 396 29.72 11.32 -16.70
N GLN C 397 28.66 10.96 -15.98
CA GLN C 397 28.78 10.20 -14.75
C GLN C 397 28.11 8.87 -14.96
N THR C 398 28.61 7.85 -14.28
CA THR C 398 28.03 6.52 -14.34
C THR C 398 27.11 6.31 -13.17
N VAL C 399 25.84 6.03 -13.49
CA VAL C 399 24.84 5.77 -12.47
C VAL C 399 24.77 4.26 -12.19
N GLN C 400 25.26 3.87 -11.02
CA GLN C 400 25.17 2.49 -10.51
C GLN C 400 24.93 2.53 -9.02
N PHE C 401 24.32 1.46 -8.51
CA PHE C 401 24.12 1.33 -7.09
C PHE C 401 24.78 0.06 -6.63
N ASP C 402 25.28 0.07 -5.40
CA ASP C 402 25.91 -1.12 -4.87
C ASP C 402 24.89 -2.01 -4.21
N GLU C 403 25.42 -3.11 -3.69
CA GLU C 403 24.79 -4.08 -2.81
C GLU C 403 23.61 -3.55 -2.01
N ASN C 404 23.84 -2.41 -1.35
CA ASN C 404 22.92 -1.80 -0.38
C ASN C 404 22.01 -0.72 -0.96
N GLY C 405 22.09 -0.53 -2.27
CA GLY C 405 21.30 0.47 -2.96
C GLY C 405 21.87 1.85 -2.72
N ASP C 406 23.17 1.92 -2.43
CA ASP C 406 23.85 3.20 -2.25
C ASP C 406 24.57 3.57 -3.54
N PRO C 407 24.75 4.87 -3.80
CA PRO C 407 25.31 5.27 -5.10
C PRO C 407 26.80 5.05 -5.24
N LYS C 408 27.22 4.57 -6.41
CA LYS C 408 28.62 4.48 -6.76
C LYS C 408 29.07 5.71 -7.56
N PHE C 409 28.30 6.79 -7.52
CA PHE C 409 28.69 8.00 -8.23
C PHE C 409 28.67 9.20 -7.29
N GLY C 410 29.39 10.25 -7.66
CA GLY C 410 29.38 11.48 -6.90
C GLY C 410 30.56 11.55 -5.97
N SER C 411 31.08 12.75 -5.76
CA SER C 411 32.24 12.94 -4.89
C SER C 411 32.04 14.16 -3.99
N LEU C 412 33.03 14.48 -3.19
CA LEU C 412 32.88 15.62 -2.30
C LEU C 412 34.01 16.60 -2.50
N SER C 413 33.70 17.88 -2.39
CA SER C 413 34.68 18.94 -2.37
C SER C 413 34.93 19.34 -0.94
N VAL C 414 36.13 19.81 -0.67
CA VAL C 414 36.37 20.51 0.58
C VAL C 414 36.26 21.99 0.23
N VAL C 415 35.50 22.75 1.02
CA VAL C 415 35.31 24.17 0.73
C VAL C 415 35.62 25.05 1.91
N PHE C 416 35.95 26.29 1.59
CA PHE C 416 36.25 27.30 2.57
C PHE C 416 35.43 28.53 2.21
N TRP C 417 34.82 29.18 3.20
CA TRP C 417 34.02 30.37 2.95
C TRP C 417 34.93 31.58 2.94
N ASN C 418 35.11 32.21 1.78
CA ASN C 418 36.04 33.32 1.70
C ASN C 418 35.34 34.65 1.80
N SER C 419 36.13 35.72 1.80
CA SER C 419 35.63 37.05 2.15
C SER C 419 34.64 37.63 1.13
N SER C 420 34.54 37.01 -0.05
CA SER C 420 33.57 37.50 -1.03
C SER C 420 32.22 36.84 -0.76
N GLY C 421 32.17 35.97 0.23
CA GLY C 421 30.95 35.22 0.52
C GLY C 421 30.80 34.01 -0.37
N ASN C 422 31.91 33.46 -0.85
CA ASN C 422 31.82 32.26 -1.67
C ASN C 422 32.44 31.05 -1.00
N ALA C 423 31.85 29.89 -1.30
CA ALA C 423 32.42 28.61 -0.94
C ALA C 423 33.47 28.23 -1.96
N GLU C 424 34.68 28.77 -1.79
CA GLU C 424 35.83 28.47 -2.63
C GLU C 424 36.35 27.03 -2.41
N GLU C 425 36.53 26.28 -3.50
CA GLU C 425 37.03 24.91 -3.40
C GLU C 425 38.51 24.90 -3.04
N VAL C 426 38.89 24.11 -2.03
CA VAL C 426 40.29 24.05 -1.60
C VAL C 426 40.81 22.64 -1.43
N GLY C 427 40.03 21.66 -1.87
CA GLY C 427 40.35 20.29 -1.57
C GLY C 427 39.34 19.33 -2.16
N SER C 428 39.69 18.04 -2.11
CA SER C 428 38.88 17.00 -2.73
C SER C 428 38.82 15.77 -1.86
N TYR C 429 37.73 15.04 -1.99
CA TYR C 429 37.62 13.73 -1.38
C TYR C 429 37.03 12.80 -2.40
N HIS C 430 37.70 11.67 -2.63
CA HIS C 430 37.09 10.64 -3.44
C HIS C 430 36.88 9.41 -2.55
N PHE C 431 35.74 8.75 -2.76
CA PHE C 431 35.26 7.76 -1.81
C PHE C 431 36.04 6.45 -1.84
N GLN C 432 36.65 6.16 -0.70
CA GLN C 432 37.29 4.87 -0.41
C GLN C 432 38.52 4.59 -1.28
N SER C 433 38.87 5.53 -2.15
CA SER C 433 40.18 5.51 -2.78
C SER C 433 41.21 5.75 -1.70
N SER C 434 42.31 4.98 -1.69
CA SER C 434 43.30 5.07 -0.61
C SER C 434 44.14 6.35 -0.70
N ILE C 435 43.92 7.09 -1.79
CA ILE C 435 44.42 8.45 -1.91
C ILE C 435 43.79 9.29 -0.81
N HIS C 436 44.60 9.77 0.14
CA HIS C 436 44.08 10.55 1.26
C HIS C 436 43.47 11.88 0.80
N LEU C 437 42.61 12.44 1.65
CA LEU C 437 42.00 13.74 1.36
C LEU C 437 43.05 14.84 1.18
N SER C 438 42.96 15.55 0.06
CA SER C 438 43.90 16.59 -0.28
C SER C 438 43.31 17.97 -0.05
N ILE C 439 44.11 18.85 0.56
CA ILE C 439 43.66 20.21 0.86
C ILE C 439 44.74 21.23 0.52
N ASN C 440 44.38 22.25 -0.25
CA ASN C 440 45.27 23.39 -0.43
C ASN C 440 45.15 24.30 0.78
N LYS C 441 46.08 24.16 1.72
CA LYS C 441 46.01 24.88 2.99
C LYS C 441 46.37 26.36 2.89
N THR C 442 47.03 26.78 1.80
CA THR C 442 47.42 28.18 1.67
C THR C 442 46.27 29.02 1.12
N LYS C 443 45.30 28.37 0.49
CA LYS C 443 44.12 29.07 -0.01
C LYS C 443 43.19 29.49 1.15
N ILE C 444 43.27 28.77 2.28
CA ILE C 444 42.42 29.08 3.44
C ILE C 444 42.94 30.29 4.21
N LYS C 445 42.12 31.33 4.25
CA LYS C 445 42.44 32.56 4.97
C LYS C 445 41.85 32.52 6.38
N TRP C 446 42.69 32.76 7.39
CA TRP C 446 42.27 32.64 8.78
C TRP C 446 41.98 34.01 9.41
N PRO D 2 -14.64 -18.51 40.21
CA PRO D 2 -15.05 -17.31 39.44
C PRO D 2 -15.90 -17.69 38.22
N ASN D 3 -17.21 -17.77 38.38
CA ASN D 3 -18.08 -18.43 37.41
C ASN D 3 -18.07 -17.86 35.99
N TRP D 4 -17.65 -16.62 35.82
CA TRP D 4 -17.66 -16.08 34.46
C TRP D 4 -16.59 -16.79 33.61
N PHE D 5 -15.63 -17.44 34.28
CA PHE D 5 -14.67 -18.32 33.57
C PHE D 5 -15.40 -19.31 32.68
N ASN D 6 -16.61 -19.68 33.07
CA ASN D 6 -17.37 -20.71 32.36
C ASN D 6 -17.85 -20.26 30.98
N ASN D 7 -17.99 -18.95 30.76
CA ASN D 7 -18.57 -18.49 29.50
C ASN D 7 -17.54 -17.83 28.56
N ILE D 8 -16.26 -18.02 28.84
CA ILE D 8 -15.21 -17.46 27.98
C ILE D 8 -15.03 -18.26 26.69
N SER D 9 -14.73 -17.57 25.60
CA SER D 9 -14.61 -18.23 24.31
C SER D 9 -13.18 -18.67 24.05
N THR D 10 -13.03 -19.59 23.11
CA THR D 10 -11.74 -20.17 22.79
C THR D 10 -10.95 -19.38 21.74
N ASP D 11 -11.44 -18.21 21.37
CA ASP D 11 -10.75 -17.40 20.36
C ASP D 11 -9.64 -16.60 21.00
N LEU D 12 -8.42 -16.82 20.54
CA LEU D 12 -7.26 -16.17 21.10
C LEU D 12 -7.06 -14.78 20.53
N PHE D 13 -6.94 -14.70 19.22
CA PHE D 13 -6.36 -13.53 18.60
C PHE D 13 -7.40 -12.59 17.98
N SER D 14 -8.63 -13.09 17.91
CA SER D 14 -9.73 -12.35 17.31
C SER D 14 -11.03 -12.59 18.08
N MET D 15 -11.65 -11.50 18.53
CA MET D 15 -12.84 -11.55 19.34
C MET D 15 -13.84 -10.52 18.87
N PRO D 16 -15.02 -10.98 18.42
CA PRO D 16 -16.01 -10.04 17.89
C PRO D 16 -16.47 -9.07 18.97
N GLY D 17 -16.70 -7.81 18.62
CA GLY D 17 -17.18 -6.87 19.59
C GLY D 17 -17.94 -5.73 18.93
N ASP D 18 -18.68 -4.98 19.74
CA ASP D 18 -19.31 -3.75 19.26
C ASP D 18 -18.23 -2.70 19.04
N ILE D 19 -17.18 -2.77 19.86
CA ILE D 19 -16.09 -1.81 19.81
C ILE D 19 -14.83 -2.64 19.88
N LYS D 20 -13.84 -2.29 19.06
CA LYS D 20 -12.69 -3.15 18.90
C LYS D 20 -11.35 -2.48 19.16
N LEU D 21 -10.50 -3.18 19.88
CA LEU D 21 -9.12 -2.76 20.06
C LEU D 21 -8.22 -3.48 19.07
N GLY D 22 -7.19 -2.80 18.60
CA GLY D 22 -6.12 -3.45 17.90
C GLY D 22 -5.10 -3.94 18.93
N GLY D 23 -4.55 -5.12 18.72
CA GLY D 23 -3.47 -5.61 19.57
C GLY D 23 -2.22 -5.87 18.75
N LEU D 24 -1.08 -5.40 19.26
CA LEU D 24 0.22 -5.62 18.63
C LEU D 24 1.21 -6.26 19.61
N PHE D 25 1.62 -7.50 19.33
CA PHE D 25 2.52 -8.24 20.23
C PHE D 25 3.62 -8.94 19.45
N PRO D 26 4.80 -9.11 20.06
CA PRO D 26 5.87 -9.91 19.45
C PRO D 26 5.68 -11.40 19.79
N ILE D 27 4.96 -12.12 18.93
CA ILE D 27 4.55 -13.49 19.22
C ILE D 27 5.46 -14.48 18.51
N LYS D 28 5.81 -14.20 17.26
CA LYS D 28 6.78 -15.01 16.54
C LYS D 28 7.78 -14.10 15.85
N GLU D 29 9.04 -14.26 16.17
CA GLU D 29 10.10 -13.40 15.66
C GLU D 29 11.02 -14.21 14.77
N GLN D 30 11.99 -13.54 14.18
CA GLN D 30 13.00 -14.21 13.35
C GLN D 30 14.11 -14.84 14.20
N SER D 31 14.92 -15.70 13.59
CA SER D 31 16.13 -16.19 14.25
C SER D 31 17.34 -15.35 13.84
N VAL D 44 11.50 -12.39 5.00
CA VAL D 44 11.01 -12.22 6.37
C VAL D 44 10.27 -13.47 6.85
N SER D 45 11.00 -14.36 7.49
CA SER D 45 10.38 -15.57 8.02
C SER D 45 10.28 -15.51 9.54
N CYS D 46 9.05 -15.61 10.06
CA CYS D 46 8.81 -15.46 11.49
C CYS D 46 8.65 -16.81 12.19
N ASP D 47 9.80 -17.47 12.36
CA ASP D 47 9.90 -18.85 12.80
C ASP D 47 9.79 -19.03 14.30
N SER D 48 10.40 -18.10 15.03
CA SER D 48 10.74 -18.33 16.43
C SER D 48 9.72 -17.82 17.45
N LEU D 49 9.09 -18.75 18.16
CA LEU D 49 8.08 -18.41 19.15
C LEU D 49 8.66 -17.59 20.30
N ASN D 50 7.98 -16.50 20.61
CA ASN D 50 8.37 -15.63 21.70
C ASN D 50 7.38 -15.85 22.83
N LYS D 51 7.72 -16.77 23.72
CA LYS D 51 6.82 -17.19 24.79
C LYS D 51 6.24 -16.01 25.61
N ASP D 52 7.08 -15.07 26.02
CA ASP D 52 6.61 -13.92 26.79
C ASP D 52 5.66 -13.02 25.99
N GLY D 53 5.96 -12.85 24.71
CA GLY D 53 5.08 -12.11 23.85
C GLY D 53 3.71 -12.78 23.75
N LEU D 54 3.70 -14.11 23.71
CA LEU D 54 2.44 -14.84 23.67
C LEU D 54 1.69 -14.66 24.98
N GLY D 55 2.41 -14.82 26.08
CA GLY D 55 1.86 -14.67 27.41
C GLY D 55 1.24 -13.30 27.62
N ARG D 56 1.91 -12.27 27.14
CA ARG D 56 1.37 -10.92 27.28
C ARG D 56 0.11 -10.76 26.46
N ALA D 57 0.08 -11.41 25.29
CA ALA D 57 -1.12 -11.37 24.46
C ALA D 57 -2.29 -12.00 25.21
N LEU D 58 -2.02 -13.04 25.99
CA LEU D 58 -3.06 -13.72 26.75
C LEU D 58 -3.61 -12.89 27.91
N VAL D 59 -2.79 -12.01 28.47
CA VAL D 59 -3.25 -11.04 29.45
C VAL D 59 -4.31 -10.12 28.82
N MET D 60 -4.11 -9.78 27.55
CA MET D 60 -5.11 -9.00 26.84
C MET D 60 -6.43 -9.76 26.68
N LYS D 61 -6.36 -10.98 26.18
CA LYS D 61 -7.51 -11.88 26.12
C LYS D 61 -8.25 -11.93 27.47
N TYR D 62 -7.50 -12.05 28.56
CA TYR D 62 -8.07 -12.16 29.89
C TYR D 62 -8.74 -10.87 30.32
N ALA D 63 -8.06 -9.74 30.15
CA ALA D 63 -8.61 -8.45 30.53
C ALA D 63 -9.93 -8.17 29.79
N VAL D 64 -9.98 -8.48 28.51
CA VAL D 64 -11.14 -8.17 27.70
C VAL D 64 -12.31 -9.04 28.13
N GLU D 65 -12.04 -10.32 28.34
CA GLU D 65 -13.06 -11.25 28.82
C GLU D 65 -13.62 -10.81 30.18
N GLU D 66 -12.73 -10.36 31.06
CA GLU D 66 -13.14 -9.92 32.36
C GLU D 66 -13.96 -8.63 32.29
N ILE D 67 -13.70 -7.80 31.28
CA ILE D 67 -14.44 -6.55 31.14
C ILE D 67 -15.85 -6.80 30.58
N ASN D 68 -15.97 -7.77 29.68
CA ASN D 68 -17.25 -8.10 29.09
C ASN D 68 -18.11 -8.86 30.11
N ALA D 69 -17.46 -9.53 31.05
CA ALA D 69 -18.13 -10.20 32.15
C ALA D 69 -18.65 -9.18 33.17
N ASN D 70 -17.97 -8.04 33.27
CA ASN D 70 -18.40 -6.99 34.19
C ASN D 70 -19.57 -6.19 33.62
N SER D 71 -20.78 -6.52 34.07
CA SER D 71 -21.98 -5.86 33.57
C SER D 71 -22.09 -4.36 33.91
N GLN D 72 -21.27 -3.88 34.84
CA GLN D 72 -21.35 -2.47 35.24
C GLN D 72 -20.33 -1.60 34.53
N LEU D 73 -19.47 -2.23 33.72
CA LEU D 73 -18.45 -1.53 32.94
C LEU D 73 -18.73 -1.74 31.46
N LEU D 74 -19.01 -0.63 30.78
CA LEU D 74 -19.51 -0.63 29.41
C LEU D 74 -20.73 -1.53 29.32
N PRO D 75 -21.76 -1.22 30.14
CA PRO D 75 -22.93 -2.12 30.18
C PRO D 75 -23.65 -2.17 28.85
N GLY D 76 -23.89 -3.36 28.32
CA GLY D 76 -24.60 -3.51 27.06
C GLY D 76 -23.76 -3.24 25.83
N VAL D 77 -22.47 -3.03 26.04
CA VAL D 77 -21.53 -2.78 24.94
C VAL D 77 -20.41 -3.81 25.01
N LYS D 78 -20.25 -4.59 23.94
CA LYS D 78 -19.27 -5.66 23.93
C LYS D 78 -17.92 -5.20 23.39
N LEU D 79 -16.87 -5.40 24.19
CA LEU D 79 -15.50 -5.12 23.78
C LEU D 79 -14.86 -6.30 23.05
N GLY D 80 -14.30 -6.02 21.87
CA GLY D 80 -13.66 -7.04 21.06
C GLY D 80 -12.30 -6.57 20.57
N TYR D 81 -11.62 -7.39 19.77
CA TYR D 81 -10.27 -7.07 19.34
C TYR D 81 -9.75 -7.97 18.25
N LYS D 82 -8.70 -7.51 17.59
CA LYS D 82 -7.92 -8.36 16.72
C LYS D 82 -6.47 -8.20 17.13
N ILE D 83 -5.83 -9.28 17.56
CA ILE D 83 -4.42 -9.23 17.93
C ILE D 83 -3.54 -9.77 16.82
N TYR D 84 -2.50 -9.02 16.45
CA TYR D 84 -1.61 -9.45 15.38
C TYR D 84 -0.17 -9.53 15.84
N ASN D 85 0.59 -10.37 15.16
CA ASN D 85 2.00 -10.56 15.46
C ASN D 85 2.83 -9.45 14.84
N THR D 86 3.81 -8.95 15.58
CA THR D 86 4.64 -7.89 15.05
C THR D 86 5.93 -8.41 14.40
N CYS D 87 6.37 -9.59 14.84
CA CYS D 87 7.62 -10.21 14.38
C CYS D 87 8.85 -9.34 14.68
N ARG D 88 8.63 -8.31 15.49
CA ARG D 88 9.61 -7.24 15.71
C ARG D 88 10.28 -6.87 14.37
N HIS D 89 9.45 -6.75 13.33
CA HIS D 89 9.94 -6.35 12.03
C HIS D 89 9.00 -5.33 11.39
N SER D 90 9.58 -4.23 10.91
CA SER D 90 8.80 -3.13 10.34
C SER D 90 7.95 -3.52 9.14
N ALA D 91 8.41 -4.48 8.34
CA ALA D 91 7.64 -4.91 7.18
C ALA D 91 6.38 -5.66 7.59
N VAL D 92 6.45 -6.32 8.73
CA VAL D 92 5.36 -7.13 9.22
C VAL D 92 4.33 -6.27 9.95
N ILE D 93 4.77 -5.50 10.92
CA ILE D 93 3.87 -4.73 11.78
C ILE D 93 3.08 -3.67 11.01
N VAL D 94 3.59 -3.24 9.86
CA VAL D 94 2.94 -2.16 9.15
C VAL D 94 1.58 -2.62 8.61
N ARG D 95 1.44 -3.89 8.28
CA ARG D 95 0.14 -4.34 7.76
C ARG D 95 -0.99 -4.34 8.82
N PRO D 96 -0.80 -4.99 9.97
CA PRO D 96 -1.88 -4.90 10.97
C PRO D 96 -2.23 -3.46 11.37
N ALA D 97 -1.22 -2.58 11.39
CA ALA D 97 -1.45 -1.19 11.76
C ALA D 97 -2.39 -0.54 10.77
N LEU D 98 -2.10 -0.74 9.48
CA LEU D 98 -2.96 -0.21 8.46
C LEU D 98 -4.36 -0.76 8.60
N SER D 99 -4.45 -2.05 8.92
CA SER D 99 -5.74 -2.73 8.99
C SER D 99 -6.62 -2.19 10.13
N PHE D 100 -5.99 -1.66 11.18
CA PHE D 100 -6.75 -1.00 12.24
C PHE D 100 -7.40 0.30 11.75
N LEU D 101 -6.87 0.86 10.68
CA LEU D 101 -7.34 2.13 10.16
C LEU D 101 -8.36 1.98 9.07
N THR D 102 -8.64 0.75 8.65
CA THR D 102 -9.59 0.55 7.56
C THR D 102 -10.97 0.99 8.00
N GLU D 103 -11.80 1.36 7.03
CA GLU D 103 -13.15 1.82 7.31
C GLU D 103 -13.94 0.67 7.95
N LYS D 104 -14.64 0.96 9.04
CA LYS D 104 -15.30 -0.09 9.81
C LYS D 104 -16.23 -0.96 8.98
N SER D 105 -16.91 -0.35 8.00
CA SER D 105 -17.91 -1.07 7.20
C SER D 105 -17.42 -1.63 5.85
N ASN D 106 -16.40 -1.00 5.25
CA ASN D 106 -15.88 -1.44 3.95
C ASN D 106 -14.70 -2.40 4.06
N GLY D 107 -13.90 -2.28 5.12
CA GLY D 107 -12.70 -3.07 5.23
C GLY D 107 -11.51 -2.54 4.45
N THR D 108 -11.70 -1.42 3.75
CA THR D 108 -10.58 -0.79 3.04
C THR D 108 -10.20 0.54 3.66
N LEU D 109 -8.97 0.97 3.43
CA LEU D 109 -8.52 2.29 3.82
C LEU D 109 -8.73 3.29 2.66
N SER D 110 -9.61 4.25 2.87
CA SER D 110 -9.87 5.29 1.86
C SER D 110 -8.77 6.33 1.87
N VAL D 111 -8.40 6.80 0.68
CA VAL D 111 -7.48 7.92 0.58
C VAL D 111 -8.23 9.24 0.76
N GLU D 112 -7.87 10.00 1.79
CA GLU D 112 -8.56 11.23 2.19
C GLU D 112 -7.53 12.26 2.63
N CYS D 113 -7.87 13.55 2.60
CA CYS D 113 -7.01 14.54 3.24
C CYS D 113 -7.54 14.86 4.65
N ASN D 114 -8.81 14.56 4.90
CA ASN D 114 -9.44 14.85 6.17
C ASN D 114 -10.15 13.62 6.67
N TYR D 115 -9.70 13.07 7.80
CA TYR D 115 -10.28 11.84 8.35
C TYR D 115 -11.15 12.06 9.58
N THR D 116 -11.59 13.31 9.78
CA THR D 116 -12.32 13.65 10.99
C THR D 116 -13.62 12.89 11.12
N ASP D 117 -14.34 12.71 10.01
CA ASP D 117 -15.57 11.92 9.96
C ASP D 117 -15.39 10.43 9.60
N TYR D 118 -14.20 9.92 9.81
CA TYR D 118 -13.86 8.62 9.27
C TYR D 118 -13.83 7.58 10.40
N GLU D 119 -14.74 6.61 10.34
CA GLU D 119 -14.85 5.59 11.38
C GLU D 119 -13.97 4.38 11.11
N THR D 120 -12.85 4.30 11.83
CA THR D 120 -11.89 3.22 11.66
C THR D 120 -12.41 1.92 12.25
N ASP D 121 -11.83 0.79 11.84
CA ASP D 121 -12.28 -0.50 12.37
C ASP D 121 -12.03 -0.61 13.88
N MET D 122 -10.85 -0.17 14.34
CA MET D 122 -10.56 -0.12 15.77
C MET D 122 -10.60 1.31 16.28
N VAL D 123 -10.80 1.43 17.59
CA VAL D 123 -10.90 2.72 18.21
C VAL D 123 -9.59 3.01 18.94
N ALA D 124 -8.80 1.98 19.22
CA ALA D 124 -7.52 2.16 19.88
C ALA D 124 -6.67 0.90 19.77
N VAL D 125 -5.42 1.04 20.20
CA VAL D 125 -4.38 0.06 19.96
C VAL D 125 -3.61 -0.24 21.25
N ILE D 126 -3.48 -1.52 21.53
CA ILE D 126 -2.73 -2.05 22.67
C ILE D 126 -1.45 -2.63 22.10
N GLY D 127 -0.29 -2.13 22.53
CA GLY D 127 0.96 -2.49 21.91
C GLY D 127 1.50 -1.35 21.06
N PRO D 128 2.63 -1.56 20.36
CA PRO D 128 3.46 -2.77 20.40
C PRO D 128 4.30 -2.80 21.66
N GLN D 129 5.23 -3.76 21.75
CA GLN D 129 6.02 -3.95 22.96
C GLN D 129 7.33 -3.20 22.93
N SER D 130 7.95 -3.13 21.76
CA SER D 130 9.28 -2.58 21.66
C SER D 130 9.28 -1.16 21.15
N SER D 131 10.27 -0.40 21.61
CA SER D 131 10.50 0.97 21.17
C SER D 131 10.81 1.01 19.68
N GLU D 132 11.47 -0.04 19.20
CA GLU D 132 11.77 -0.13 17.78
C GLU D 132 10.48 -0.21 16.96
N MET D 133 9.50 -0.97 17.44
CA MET D 133 8.25 -1.08 16.72
C MET D 133 7.41 0.18 16.85
N VAL D 134 7.51 0.90 17.97
CA VAL D 134 6.76 2.15 18.10
C VAL D 134 7.26 3.16 17.04
N THR D 135 8.56 3.17 16.75
CA THR D 135 9.09 4.12 15.77
C THR D 135 8.57 3.84 14.35
N VAL D 136 8.07 2.63 14.12
CA VAL D 136 7.55 2.27 12.81
C VAL D 136 6.12 2.76 12.58
N ILE D 137 5.32 2.83 13.63
CA ILE D 137 3.88 3.03 13.44
C ILE D 137 3.31 4.17 14.26
N GLY D 138 4.06 4.64 15.25
CA GLY D 138 3.63 5.76 16.06
C GLY D 138 3.14 6.98 15.30
N LYS D 139 3.87 7.36 14.26
CA LYS D 139 3.48 8.54 13.49
C LYS D 139 2.30 8.23 12.58
N LEU D 140 2.25 7.00 12.08
CA LEU D 140 1.09 6.56 11.33
C LEU D 140 -0.17 6.69 12.18
N LEU D 141 -0.16 6.03 13.34
CA LEU D 141 -1.31 6.05 14.23
C LEU D 141 -1.53 7.45 14.76
N GLY D 142 -0.45 8.20 14.90
CA GLY D 142 -0.53 9.57 15.38
C GLY D 142 -1.33 10.46 14.45
N PHE D 143 -1.08 10.32 13.14
CA PHE D 143 -1.80 11.12 12.17
C PHE D 143 -3.29 10.86 12.31
N PHE D 144 -3.67 9.61 12.55
CA PHE D 144 -5.08 9.34 12.75
C PHE D 144 -5.54 9.72 14.15
N LEU D 145 -4.59 10.18 14.97
CA LEU D 145 -4.85 10.46 16.37
C LEU D 145 -5.50 9.26 17.06
N MET D 146 -5.15 8.04 16.62
CA MET D 146 -5.61 6.85 17.29
C MET D 146 -4.74 6.58 18.50
N PRO D 147 -5.38 6.50 19.66
CA PRO D 147 -4.65 6.18 20.88
C PRO D 147 -3.95 4.85 20.74
N GLN D 148 -2.66 4.85 21.06
CA GLN D 148 -1.94 3.62 21.22
C GLN D 148 -1.34 3.58 22.62
N ILE D 149 -1.55 2.48 23.32
CA ILE D 149 -0.99 2.37 24.65
C ILE D 149 -0.04 1.19 24.67
N SER D 150 1.25 1.49 24.77
CA SER D 150 2.25 0.45 24.83
C SER D 150 2.43 -0.05 26.25
N PHE D 151 2.64 -1.35 26.36
CA PHE D 151 2.82 -2.01 27.65
C PHE D 151 4.32 -2.34 27.88
N GLY D 152 5.20 -1.86 27.00
CA GLY D 152 6.60 -2.21 27.08
C GLY D 152 7.63 -1.24 26.52
N ALA D 153 7.22 -0.33 25.65
CA ALA D 153 8.17 0.58 25.03
C ALA D 153 8.51 1.73 25.98
N THR D 154 9.78 1.83 26.35
CA THR D 154 10.19 2.71 27.45
C THR D 154 11.07 3.89 27.04
N SER D 155 11.39 4.02 25.75
CA SER D 155 12.25 5.11 25.30
C SER D 155 11.61 6.47 25.51
N ASP D 156 12.41 7.41 26.01
CA ASP D 156 11.90 8.74 26.31
C ASP D 156 11.54 9.52 25.04
N LYS D 157 11.99 9.03 23.88
CA LYS D 157 11.59 9.57 22.58
C LYS D 157 10.09 9.83 22.45
N PHE D 158 9.29 8.94 23.02
CA PHE D 158 7.86 8.93 22.79
C PHE D 158 7.18 9.87 23.74
N SER D 159 7.95 10.40 24.68
CA SER D 159 7.43 11.36 25.63
C SER D 159 7.03 12.69 24.99
N ASP D 160 7.64 13.05 23.87
CA ASP D 160 7.30 14.25 23.11
C ASP D 160 5.99 14.06 22.35
N SER D 161 4.95 14.80 22.71
CA SER D 161 3.67 14.63 22.05
C SER D 161 3.61 15.40 20.73
N LEU D 162 4.59 16.26 20.47
CA LEU D 162 4.69 16.91 19.16
C LEU D 162 5.17 15.95 18.08
N VAL D 163 5.82 14.87 18.49
CA VAL D 163 6.36 13.88 17.58
C VAL D 163 5.55 12.58 17.62
N TYR D 164 4.93 12.30 18.77
CA TYR D 164 4.05 11.13 18.92
C TYR D 164 2.76 11.53 19.64
N PRO D 165 1.80 12.09 18.89
CA PRO D 165 0.56 12.74 19.33
C PRO D 165 -0.36 11.85 20.15
N SER D 166 -0.43 10.57 19.82
CA SER D 166 -1.45 9.73 20.46
C SER D 166 -0.83 8.59 21.27
N PHE D 167 0.42 8.75 21.69
CA PHE D 167 1.13 7.71 22.42
C PHE D 167 0.98 7.78 23.95
N PHE D 168 0.64 6.64 24.53
CA PHE D 168 0.60 6.44 25.97
C PHE D 168 1.32 5.15 26.33
N ARG D 169 1.68 5.00 27.59
CA ARG D 169 2.24 3.73 28.01
C ARG D 169 1.97 3.45 29.47
N THR D 170 1.81 2.17 29.81
CA THR D 170 1.58 1.75 31.19
C THR D 170 2.88 1.39 31.92
N VAL D 171 4.02 1.59 31.27
CA VAL D 171 5.33 1.46 31.93
C VAL D 171 6.08 2.80 31.90
N PRO D 172 6.87 3.10 32.94
CA PRO D 172 7.51 4.42 32.93
C PRO D 172 8.58 4.60 31.84
N SER D 173 8.90 5.85 31.55
CA SER D 173 9.95 6.21 30.61
C SER D 173 11.35 5.93 31.19
N ASP D 174 12.28 5.52 30.34
CA ASP D 174 13.60 5.13 30.80
C ASP D 174 14.39 6.28 31.41
N ILE D 175 13.92 7.51 31.17
CA ILE D 175 14.53 8.68 31.76
C ILE D 175 14.43 8.59 33.28
N ARG D 176 13.35 7.97 33.77
CA ARG D 176 13.16 7.76 35.19
C ARG D 176 14.02 6.61 35.73
N GLN D 177 14.16 5.54 34.97
CA GLN D 177 15.00 4.42 35.37
C GLN D 177 16.47 4.79 35.55
N VAL D 178 17.00 5.61 34.65
CA VAL D 178 18.40 6.01 34.74
C VAL D 178 18.51 6.99 35.89
N ASP D 179 17.40 7.62 36.26
CA ASP D 179 17.43 8.47 37.42
C ASP D 179 17.66 7.61 38.64
N ALA D 180 16.80 6.60 38.78
CA ALA D 180 16.92 5.59 39.81
C ALA D 180 18.32 4.99 39.84
N MET D 181 18.80 4.58 38.67
CA MET D 181 20.15 4.05 38.54
C MET D 181 21.22 5.02 39.03
N VAL D 182 21.17 6.27 38.57
CA VAL D 182 22.19 7.23 38.98
C VAL D 182 22.09 7.55 40.48
N GLN D 183 20.87 7.64 41.01
CA GLN D 183 20.73 7.84 42.46
C GLN D 183 21.32 6.67 43.26
N LEU D 184 21.02 5.44 42.86
CA LEU D 184 21.60 4.26 43.49
C LEU D 184 23.12 4.31 43.53
N ILE D 185 23.73 4.55 42.37
CA ILE D 185 25.18 4.61 42.23
C ILE D 185 25.81 5.64 43.18
N LYS D 186 25.19 6.81 43.28
CA LYS D 186 25.66 7.85 44.18
C LYS D 186 25.46 7.43 45.63
N LYS D 187 24.40 6.68 45.90
CA LYS D 187 24.11 6.29 47.28
C LYS D 187 25.06 5.20 47.78
N PHE D 188 25.70 4.48 46.85
CA PHE D 188 26.76 3.54 47.22
C PHE D 188 28.16 4.14 47.02
N ASN D 189 28.21 5.45 46.81
CA ASN D 189 29.45 6.22 46.65
C ASN D 189 30.35 5.76 45.50
N TRP D 190 29.76 5.44 44.35
CA TRP D 190 30.53 5.02 43.19
C TRP D 190 30.71 6.19 42.19
N ASN D 191 31.93 6.49 41.78
CA ASN D 191 32.15 7.66 40.92
C ASN D 191 32.53 7.33 39.49
N TRP D 192 32.96 6.09 39.26
CA TRP D 192 33.54 5.71 37.98
C TRP D 192 32.82 4.47 37.48
N VAL D 193 32.01 4.64 36.43
CA VAL D 193 31.12 3.59 35.91
C VAL D 193 31.29 3.41 34.39
N ALA D 194 31.02 2.22 33.88
CA ALA D 194 30.90 2.05 32.42
C ALA D 194 29.43 1.82 32.07
N VAL D 195 29.04 2.18 30.85
CA VAL D 195 27.69 1.91 30.37
C VAL D 195 27.74 1.11 29.08
N VAL D 196 26.94 0.06 29.01
CA VAL D 196 26.90 -0.77 27.83
C VAL D 196 25.45 -0.85 27.38
N GLY D 197 25.20 -0.77 26.08
CA GLY D 197 23.83 -0.82 25.60
C GLY D 197 23.67 -1.63 24.34
N SER D 198 22.47 -2.18 24.12
CA SER D 198 22.15 -2.76 22.82
C SER D 198 22.02 -1.63 21.79
N GLU D 199 22.59 -1.82 20.60
CA GLU D 199 22.50 -0.77 19.59
C GLU D 199 21.17 -0.89 18.84
N GLU D 200 20.15 -0.28 19.44
CA GLU D 200 18.88 -0.02 18.80
C GLU D 200 18.16 1.01 19.68
N GLU D 201 16.89 1.30 19.39
CA GLU D 201 16.21 2.45 20.00
C GLU D 201 16.31 2.46 21.51
N TYR D 202 16.08 1.31 22.13
CA TYR D 202 16.04 1.21 23.58
C TYR D 202 17.40 1.50 24.18
N GLY D 203 18.38 0.70 23.79
CA GLY D 203 19.71 0.75 24.37
C GLY D 203 20.41 2.06 24.09
N GLN D 204 20.33 2.52 22.84
CA GLN D 204 20.99 3.76 22.48
C GLN D 204 20.41 4.93 23.28
N GLN D 205 19.11 4.93 23.46
CA GLN D 205 18.45 6.03 24.15
C GLN D 205 18.79 6.01 25.64
N GLY D 206 18.69 4.85 26.26
CA GLY D 206 19.08 4.71 27.66
C GLY D 206 20.52 5.11 27.95
N VAL D 207 21.46 4.65 27.13
CA VAL D 207 22.86 5.01 27.30
C VAL D 207 23.03 6.55 27.22
N GLN D 208 22.41 7.16 26.23
CA GLN D 208 22.41 8.61 26.10
C GLN D 208 21.82 9.26 27.36
N GLN D 209 20.63 8.82 27.73
CA GLN D 209 19.95 9.33 28.91
C GLN D 209 20.77 9.11 30.18
N PHE D 210 21.36 7.91 30.32
CA PHE D 210 22.18 7.62 31.48
C PHE D 210 23.34 8.60 31.58
N SER D 211 24.08 8.73 30.48
CA SER D 211 25.27 9.56 30.42
C SER D 211 24.97 11.04 30.69
N LYS D 212 23.87 11.55 30.15
CA LYS D 212 23.52 12.94 30.41
C LYS D 212 23.23 13.12 31.88
N LYS D 213 22.49 12.17 32.44
CA LYS D 213 22.15 12.21 33.85
C LYS D 213 23.38 11.96 34.74
N ALA D 214 24.19 10.98 34.36
CA ALA D 214 25.35 10.58 35.16
C ALA D 214 26.28 11.75 35.46
N GLU D 215 26.67 12.50 34.42
CA GLU D 215 27.60 13.62 34.62
C GLU D 215 26.94 14.90 35.12
N ASP D 216 25.66 15.13 34.79
CA ASP D 216 24.96 16.22 35.45
C ASP D 216 24.80 15.99 36.96
N MET D 217 24.87 14.74 37.38
CA MET D 217 24.76 14.45 38.80
C MET D 217 26.12 14.04 39.37
N GLY D 218 27.18 14.42 38.67
CA GLY D 218 28.52 14.17 39.16
C GLY D 218 28.95 12.71 39.21
N VAL D 219 28.58 11.93 38.20
CA VAL D 219 29.05 10.55 38.09
C VAL D 219 29.85 10.40 36.81
N CYS D 220 31.08 9.92 36.94
CA CYS D 220 32.01 9.86 35.81
C CYS D 220 31.82 8.58 34.99
N VAL D 221 31.34 8.72 33.76
CA VAL D 221 31.18 7.56 32.88
C VAL D 221 32.49 7.22 32.16
N ALA D 222 33.17 6.19 32.65
CA ALA D 222 34.48 5.78 32.13
C ALA D 222 34.46 5.42 30.66
N TYR D 223 33.33 4.89 30.19
CA TYR D 223 33.25 4.30 28.86
C TYR D 223 31.82 4.03 28.40
N GLN D 224 31.55 4.24 27.11
CA GLN D 224 30.24 3.93 26.51
C GLN D 224 30.43 2.96 25.36
N GLY D 225 29.60 1.92 25.30
CA GLY D 225 29.68 0.94 24.22
C GLY D 225 28.33 0.39 23.82
N LEU D 226 28.21 -0.04 22.56
CA LEU D 226 26.94 -0.54 22.04
C LEU D 226 27.06 -1.93 21.40
N ILE D 227 26.16 -2.84 21.77
CA ILE D 227 26.13 -4.16 21.17
C ILE D 227 25.23 -4.17 19.94
N PRO D 228 25.81 -4.53 18.79
CA PRO D 228 25.05 -4.72 17.56
C PRO D 228 23.91 -5.73 17.74
N ILE D 229 22.83 -5.56 16.98
CA ILE D 229 21.74 -6.51 17.02
C ILE D 229 21.46 -7.07 15.62
N TYR D 230 22.29 -6.72 14.64
CA TYR D 230 22.12 -7.25 13.29
C TYR D 230 23.32 -8.06 12.81
N ASP D 231 24.48 -7.43 12.65
CA ASP D 231 25.66 -8.23 12.31
C ASP D 231 26.22 -8.88 13.58
N ASP D 232 27.39 -9.50 13.48
CA ASP D 232 27.95 -10.24 14.61
C ASP D 232 28.41 -9.26 15.71
N PRO D 233 27.84 -9.40 16.91
CA PRO D 233 28.15 -8.57 18.09
C PRO D 233 29.53 -8.84 18.73
N LYS D 234 30.02 -10.07 18.59
CA LYS D 234 31.21 -10.51 19.32
C LYS D 234 32.49 -9.64 19.20
N PRO D 235 32.78 -9.08 18.02
CA PRO D 235 33.99 -8.25 18.01
C PRO D 235 33.80 -6.88 18.68
N ALA D 236 32.60 -6.33 18.57
CA ALA D 236 32.25 -5.11 19.30
C ALA D 236 32.28 -5.38 20.81
N ILE D 237 31.81 -6.57 21.19
CA ILE D 237 31.82 -7.00 22.58
C ILE D 237 33.24 -7.03 23.13
N GLN D 238 34.15 -7.64 22.38
CA GLN D 238 35.53 -7.78 22.78
C GLN D 238 36.16 -6.43 23.04
N THR D 239 35.81 -5.46 22.21
CA THR D 239 36.34 -4.12 22.36
C THR D 239 35.77 -3.42 23.60
N ILE D 240 34.48 -3.63 23.86
CA ILE D 240 33.87 -3.06 25.05
C ILE D 240 34.49 -3.65 26.31
N ILE D 241 34.59 -4.98 26.37
CA ILE D 241 35.19 -5.65 27.54
C ILE D 241 36.64 -5.20 27.73
N ASN D 242 37.38 -5.08 26.64
CA ASN D 242 38.73 -4.56 26.69
C ASN D 242 38.81 -3.21 27.37
N ASN D 243 37.96 -2.30 26.91
CA ASN D 243 37.89 -0.97 27.51
C ASN D 243 37.48 -1.04 28.97
N ILE D 244 36.55 -1.93 29.30
CA ILE D 244 36.12 -2.13 30.69
C ILE D 244 37.30 -2.56 31.54
N GLN D 245 38.03 -3.56 31.06
CA GLN D 245 39.20 -4.06 31.76
C GLN D 245 40.22 -2.95 31.93
N THR D 246 40.51 -2.24 30.85
CA THR D 246 41.48 -1.16 30.87
C THR D 246 41.09 -0.05 31.85
N THR D 247 39.79 0.22 31.98
CA THR D 247 39.29 1.32 32.81
C THR D 247 39.31 1.06 34.31
N GLU D 248 39.54 -0.18 34.70
CA GLU D 248 39.56 -0.57 36.11
C GLU D 248 38.20 -0.31 36.76
N VAL D 249 37.12 -0.39 35.98
CA VAL D 249 35.79 -0.11 36.51
C VAL D 249 35.19 -1.27 37.31
N LYS D 250 34.56 -0.94 38.43
CA LYS D 250 33.93 -1.93 39.28
C LYS D 250 32.46 -2.11 38.91
N VAL D 251 31.86 -1.05 38.38
CA VAL D 251 30.43 -0.99 38.15
C VAL D 251 30.08 -0.84 36.66
N VAL D 252 29.22 -1.71 36.15
CA VAL D 252 28.81 -1.62 34.75
C VAL D 252 27.29 -1.63 34.57
N VAL D 253 26.78 -0.51 34.07
CA VAL D 253 25.38 -0.41 33.72
C VAL D 253 25.17 -1.05 32.37
N VAL D 254 24.34 -2.08 32.32
CA VAL D 254 24.04 -2.78 31.08
C VAL D 254 22.59 -2.53 30.69
N PHE D 255 22.41 -1.62 29.73
CA PHE D 255 21.10 -1.15 29.32
C PHE D 255 20.74 -1.76 27.96
N SER D 256 20.24 -3.00 27.97
CA SER D 256 20.17 -3.77 26.74
C SER D 256 19.00 -4.75 26.72
N LEU D 257 18.53 -5.05 25.51
CA LEU D 257 17.59 -6.15 25.33
C LEU D 257 18.31 -7.47 25.55
N VAL D 258 17.51 -8.51 25.85
CA VAL D 258 18.01 -9.80 26.29
C VAL D 258 19.03 -10.41 25.37
N SER D 259 18.61 -10.67 24.14
CA SER D 259 19.43 -11.35 23.15
C SER D 259 20.85 -10.75 23.08
N PRO D 260 20.97 -9.41 22.98
CA PRO D 260 22.35 -8.90 23.03
C PRO D 260 22.99 -8.93 24.43
N ALA D 261 22.18 -8.90 25.49
CA ALA D 261 22.72 -9.00 26.85
C ALA D 261 23.35 -10.39 27.07
N VAL D 262 22.66 -11.42 26.60
CA VAL D 262 23.21 -12.79 26.62
C VAL D 262 24.60 -12.87 25.96
N SER D 263 24.73 -12.33 24.75
CA SER D 263 25.98 -12.44 24.00
C SER D 263 27.08 -11.65 24.65
N PHE D 264 26.70 -10.57 25.31
CA PHE D 264 27.66 -9.77 26.07
C PHE D 264 28.14 -10.56 27.29
N PHE D 265 27.20 -11.14 28.04
CA PHE D 265 27.56 -11.88 29.25
C PHE D 265 28.25 -13.21 28.97
N GLU D 266 27.93 -13.85 27.84
CA GLU D 266 28.64 -15.05 27.44
C GLU D 266 30.14 -14.80 27.46
N GLU D 267 30.51 -13.62 26.98
CA GLU D 267 31.90 -13.26 26.88
C GLU D 267 32.54 -12.78 28.20
N VAL D 268 31.79 -12.13 29.08
CA VAL D 268 32.38 -11.71 30.35
C VAL D 268 32.75 -12.92 31.22
N ILE D 269 32.02 -14.02 31.05
CA ILE D 269 32.33 -15.26 31.76
C ILE D 269 33.64 -15.84 31.24
N LYS D 270 33.80 -15.86 29.92
CA LYS D 270 35.01 -16.39 29.29
C LYS D 270 36.25 -15.67 29.80
N LYS D 271 36.15 -14.36 30.00
CA LYS D 271 37.29 -13.61 30.53
C LYS D 271 37.27 -13.52 32.05
N ASN D 272 36.36 -14.26 32.69
CA ASN D 272 36.24 -14.30 34.14
C ASN D 272 36.22 -12.91 34.77
N LEU D 273 35.28 -12.07 34.36
CA LEU D 273 35.15 -10.76 34.95
C LEU D 273 34.23 -10.83 36.15
N THR D 274 34.38 -9.87 37.06
CA THR D 274 33.50 -9.74 38.22
C THR D 274 33.30 -8.27 38.55
N GLY D 275 32.10 -7.93 39.01
CA GLY D 275 31.83 -6.58 39.47
C GLY D 275 30.38 -6.40 39.83
N VAL D 276 30.00 -5.15 40.03
CA VAL D 276 28.60 -4.81 40.20
C VAL D 276 28.03 -4.54 38.80
N TRP D 277 26.99 -5.29 38.44
CA TRP D 277 26.30 -5.10 37.17
C TRP D 277 24.91 -4.59 37.46
N ILE D 278 24.53 -3.51 36.77
CA ILE D 278 23.24 -2.90 37.04
C ILE D 278 22.33 -3.15 35.84
N ALA D 279 21.21 -3.83 36.09
CA ALA D 279 20.34 -4.31 35.02
C ALA D 279 19.14 -3.41 34.76
N SER D 280 18.98 -3.02 33.50
CA SER D 280 17.75 -2.36 33.06
C SER D 280 16.59 -3.35 33.03
N SER D 281 15.36 -2.84 32.89
CA SER D 281 14.15 -3.68 32.93
C SER D 281 14.12 -4.85 31.97
N SER D 282 14.72 -4.69 30.80
CA SER D 282 14.52 -5.66 29.74
C SER D 282 15.24 -6.98 30.03
N TRP D 283 16.33 -6.96 30.81
CA TRP D 283 16.96 -8.23 31.18
C TRP D 283 17.07 -8.46 32.68
N ALA D 284 16.61 -7.50 33.49
CA ALA D 284 16.70 -7.64 34.94
C ALA D 284 16.07 -8.94 35.49
N ILE D 285 15.04 -9.47 34.82
CA ILE D 285 14.42 -10.73 35.25
C ILE D 285 14.41 -11.77 34.13
N SER D 286 15.44 -11.71 33.29
CA SER D 286 15.54 -12.58 32.12
C SER D 286 16.14 -13.92 32.47
N ASP D 287 15.37 -14.97 32.23
CA ASP D 287 15.86 -16.30 32.53
C ASP D 287 16.99 -16.67 31.59
N LYS D 288 16.95 -16.19 30.35
CA LYS D 288 17.99 -16.54 29.38
C LYS D 288 19.36 -16.03 29.82
N VAL D 289 19.38 -14.91 30.53
CA VAL D 289 20.63 -14.40 31.04
C VAL D 289 21.06 -15.18 32.26
N TYR D 290 20.10 -15.50 33.13
CA TYR D 290 20.42 -16.14 34.40
C TYR D 290 20.68 -17.62 34.24
N SER D 291 20.34 -18.17 33.08
CA SER D 291 20.56 -19.60 32.79
C SER D 291 21.90 -19.90 32.16
N LEU D 292 22.73 -18.88 31.97
CA LEU D 292 24.04 -19.08 31.36
C LEU D 292 25.00 -19.83 32.26
N PRO D 293 25.79 -20.75 31.68
CA PRO D 293 26.78 -21.52 32.45
C PRO D 293 27.81 -20.61 33.14
N ASN D 294 27.90 -20.75 34.47
CA ASN D 294 28.85 -20.02 35.28
C ASN D 294 28.52 -18.53 35.33
N ILE D 295 27.22 -18.24 35.32
CA ILE D 295 26.74 -16.86 35.38
C ILE D 295 26.86 -16.31 36.80
N ASP D 296 26.82 -17.19 37.80
CA ASP D 296 26.99 -16.74 39.17
C ASP D 296 28.40 -16.21 39.38
N SER D 297 29.30 -16.49 38.44
CA SER D 297 30.67 -16.01 38.56
C SER D 297 30.75 -14.50 38.38
N ILE D 298 29.70 -13.90 37.81
CA ILE D 298 29.74 -12.50 37.38
C ILE D 298 29.84 -11.50 38.54
N GLY D 299 29.31 -11.89 39.69
CA GLY D 299 29.39 -11.04 40.86
C GLY D 299 28.03 -10.57 41.34
N THR D 300 27.89 -9.26 41.50
CA THR D 300 26.66 -8.66 42.02
C THR D 300 25.79 -8.04 40.92
N VAL D 301 24.62 -8.62 40.68
CA VAL D 301 23.66 -8.07 39.73
C VAL D 301 22.55 -7.30 40.44
N ILE D 302 22.53 -5.98 40.29
CA ILE D 302 21.42 -5.18 40.79
C ILE D 302 20.51 -4.79 39.62
N GLY D 303 19.20 -4.91 39.82
CA GLY D 303 18.26 -4.67 38.73
C GLY D 303 17.14 -3.73 39.09
N PHE D 304 16.47 -3.23 38.05
CA PHE D 304 15.29 -2.38 38.19
C PHE D 304 14.17 -2.95 37.32
N ILE D 305 12.99 -3.10 37.89
CA ILE D 305 11.83 -3.53 37.09
C ILE D 305 10.62 -2.71 37.41
N ASP D 306 9.68 -2.69 36.48
CA ASP D 306 8.44 -1.95 36.67
C ASP D 306 7.73 -2.50 37.88
N GLU D 307 7.39 -1.62 38.82
CA GLU D 307 6.64 -2.01 40.00
C GLU D 307 5.18 -2.27 39.66
N THR D 308 4.75 -3.54 39.79
CA THR D 308 3.46 -4.00 39.30
C THR D 308 2.70 -4.90 40.29
N GLU D 309 1.38 -4.77 40.29
CA GLU D 309 0.50 -5.75 40.93
C GLU D 309 0.56 -7.10 40.24
N THR D 310 0.36 -8.16 41.03
CA THR D 310 0.17 -9.50 40.51
C THR D 310 -1.28 -9.67 40.09
N LEU D 311 -1.51 -10.25 38.91
CA LEU D 311 -2.84 -10.65 38.53
C LEU D 311 -3.08 -12.05 39.09
N GLU D 312 -3.83 -12.11 40.18
CA GLU D 312 -4.08 -13.34 40.88
C GLU D 312 -4.96 -14.30 40.07
N LEU D 313 -5.67 -13.74 39.08
CA LEU D 313 -6.59 -14.53 38.27
C LEU D 313 -5.99 -14.96 36.93
N LEU D 314 -4.84 -14.41 36.57
CA LEU D 314 -4.26 -14.72 35.27
C LEU D 314 -4.00 -16.24 35.09
N SER D 315 -3.35 -16.87 36.05
CA SER D 315 -3.09 -18.31 35.94
C SER D 315 -4.38 -19.13 35.91
N PRO D 316 -5.28 -18.95 36.90
CA PRO D 316 -6.51 -19.76 36.85
C PRO D 316 -7.31 -19.57 35.56
N PHE D 317 -7.43 -18.32 35.09
CA PHE D 317 -8.04 -18.00 33.82
C PHE D 317 -7.44 -18.78 32.67
N THR D 318 -6.12 -18.81 32.61
CA THR D 318 -5.47 -19.43 31.47
C THR D 318 -5.60 -20.95 31.54
N GLU D 319 -5.65 -21.52 32.75
CA GLU D 319 -5.90 -22.94 32.88
C GLU D 319 -7.26 -23.26 32.27
N VAL D 320 -8.26 -22.47 32.64
CA VAL D 320 -9.60 -22.69 32.12
C VAL D 320 -9.59 -22.49 30.61
N LEU D 321 -8.93 -21.45 30.13
CA LEU D 321 -8.87 -21.18 28.70
C LEU D 321 -8.24 -22.33 27.89
N PHE D 322 -7.03 -22.74 28.27
CA PHE D 322 -6.33 -23.79 27.54
C PHE D 322 -7.05 -25.13 27.65
N LYS D 323 -7.86 -25.30 28.69
CA LYS D 323 -8.68 -26.49 28.82
C LYS D 323 -9.77 -26.46 27.74
N LYS D 324 -10.39 -25.30 27.59
CA LYS D 324 -11.46 -25.12 26.64
C LYS D 324 -10.96 -25.20 25.21
N ILE D 325 -9.78 -24.66 24.96
CA ILE D 325 -9.20 -24.78 23.62
C ILE D 325 -8.91 -26.24 23.28
N HIS D 326 -8.26 -26.94 24.19
CA HIS D 326 -7.90 -28.32 23.97
C HIS D 326 -9.13 -29.23 23.78
N GLU D 327 -10.22 -28.94 24.49
CA GLU D 327 -11.49 -29.67 24.35
C GLU D 327 -12.22 -29.38 23.06
N ALA D 328 -12.00 -28.18 22.53
CA ALA D 328 -12.64 -27.76 21.29
C ALA D 328 -11.85 -28.27 20.08
N SER D 329 -12.28 -27.89 18.88
CA SER D 329 -11.64 -28.35 17.66
C SER D 329 -11.27 -27.19 16.73
N PRO D 330 -10.00 -26.73 16.80
CA PRO D 330 -9.49 -25.71 15.87
C PRO D 330 -8.91 -26.32 14.60
N PRO D 337 -2.63 -17.61 6.96
CA PRO D 337 -2.59 -16.29 6.32
C PRO D 337 -1.59 -15.35 6.99
N TYR D 338 -2.13 -14.43 7.78
CA TYR D 338 -1.36 -13.61 8.69
C TYR D 338 -1.74 -14.02 10.10
N ASN D 339 -1.62 -15.32 10.36
CA ASN D 339 -1.88 -15.91 11.68
C ASN D 339 -0.82 -15.48 12.66
N PRO D 340 -1.23 -14.83 13.76
CA PRO D 340 -0.26 -14.38 14.76
C PRO D 340 0.54 -15.55 15.30
N CYS D 341 -0.10 -16.71 15.41
CA CYS D 341 0.55 -17.89 15.95
C CYS D 341 -0.07 -19.16 15.40
N PRO D 342 0.49 -19.66 14.28
CA PRO D 342 0.02 -20.87 13.61
C PRO D 342 -0.10 -22.06 14.55
N GLU D 343 0.90 -22.28 15.40
CA GLU D 343 0.91 -23.48 16.24
C GLU D 343 0.17 -23.33 17.57
N CYS D 344 -0.60 -22.26 17.73
CA CYS D 344 -1.40 -22.09 18.95
C CYS D 344 -2.73 -22.85 18.87
N TRP D 345 -2.97 -23.55 17.77
CA TRP D 345 -4.11 -24.46 17.68
C TRP D 345 -3.92 -25.60 18.66
N SER D 346 -2.67 -25.82 19.05
CA SER D 346 -2.31 -26.93 19.91
C SER D 346 -2.15 -26.50 21.37
N LEU D 347 -2.53 -25.27 21.70
CA LEU D 347 -2.50 -24.87 23.10
C LEU D 347 -3.32 -25.84 23.96
N SER D 348 -2.93 -25.97 25.22
CA SER D 348 -3.50 -26.99 26.09
C SER D 348 -3.01 -26.74 27.51
N PRO D 349 -3.64 -27.37 28.52
CA PRO D 349 -3.20 -27.13 29.91
C PRO D 349 -1.67 -27.15 30.11
N ALA D 350 -0.97 -28.04 29.39
CA ALA D 350 0.49 -28.19 29.45
C ALA D 350 1.22 -26.88 29.26
N ASN D 351 0.64 -26.00 28.45
CA ASN D 351 1.25 -24.74 28.14
C ASN D 351 0.94 -23.64 29.13
N VAL D 352 0.35 -23.99 30.27
CA VAL D 352 -0.02 -22.94 31.22
C VAL D 352 1.23 -22.21 31.77
N SER D 353 2.38 -22.84 31.65
CA SER D 353 3.66 -22.24 32.06
C SER D 353 3.99 -20.91 31.34
N LEU D 354 3.39 -20.68 30.17
CA LEU D 354 3.50 -19.38 29.49
C LEU D 354 3.19 -18.18 30.39
N VAL D 355 2.08 -18.23 31.12
CA VAL D 355 1.69 -17.11 31.96
C VAL D 355 2.23 -17.24 33.40
N LYS D 356 2.78 -18.40 33.73
CA LYS D 356 3.29 -18.64 35.08
C LYS D 356 4.75 -18.20 35.24
N GLU D 357 5.43 -17.97 34.14
CA GLU D 357 6.80 -17.49 34.18
C GLU D 357 6.88 -16.12 34.84
N GLU D 358 7.94 -15.89 35.63
CA GLU D 358 8.05 -14.64 36.38
C GLU D 358 8.09 -13.43 35.47
N SER D 359 8.65 -13.61 34.29
CA SER D 359 8.71 -12.58 33.27
C SER D 359 7.33 -12.03 32.93
N VAL D 360 6.39 -12.93 32.68
CA VAL D 360 5.03 -12.55 32.34
C VAL D 360 4.30 -12.09 33.58
N GLN D 361 4.44 -12.83 34.68
CA GLN D 361 3.81 -12.48 35.95
C GLN D 361 4.12 -11.07 36.38
N ARG D 362 5.38 -10.68 36.28
CA ARG D 362 5.78 -9.39 36.83
C ARG D 362 5.46 -8.24 35.89
N THR D 363 5.09 -8.56 34.66
CA THR D 363 4.85 -7.52 33.67
C THR D 363 3.43 -7.57 33.15
N ALA D 364 2.68 -8.61 33.52
CA ALA D 364 1.30 -8.75 33.06
C ALA D 364 0.39 -7.57 33.41
N PHE D 365 0.68 -6.84 34.48
CA PHE D 365 -0.22 -5.76 34.84
C PHE D 365 -0.21 -4.65 33.80
N SER D 366 0.93 -4.45 33.14
CA SER D 366 1.08 -3.40 32.15
C SER D 366 0.12 -3.55 30.98
N VAL D 367 -0.08 -4.79 30.54
CA VAL D 367 -1.08 -5.08 29.50
C VAL D 367 -2.48 -4.85 30.02
N TYR D 368 -2.75 -5.46 31.17
CA TYR D 368 -4.03 -5.41 31.84
C TYR D 368 -4.46 -3.96 32.07
N ALA D 369 -3.60 -3.18 32.69
CA ALA D 369 -3.82 -1.73 32.82
C ALA D 369 -4.05 -1.04 31.46
N ALA D 370 -3.32 -1.43 30.43
CA ALA D 370 -3.54 -0.80 29.12
C ALA D 370 -4.97 -1.03 28.63
N VAL D 371 -5.41 -2.28 28.61
CA VAL D 371 -6.77 -2.59 28.16
C VAL D 371 -7.84 -1.87 29.00
N TYR D 372 -7.66 -1.88 30.32
CA TYR D 372 -8.65 -1.29 31.22
C TYR D 372 -8.67 0.22 31.12
N THR D 373 -7.52 0.81 30.84
CA THR D 373 -7.44 2.24 30.65
C THR D 373 -8.32 2.67 29.50
N VAL D 374 -8.24 1.95 28.39
CA VAL D 374 -9.07 2.25 27.25
C VAL D 374 -10.54 1.98 27.57
N ALA D 375 -10.84 0.87 28.24
CA ALA D 375 -12.23 0.52 28.53
C ALA D 375 -12.89 1.58 29.41
N HIS D 376 -12.17 2.04 30.44
CA HIS D 376 -12.71 3.10 31.27
C HIS D 376 -12.91 4.43 30.51
N ALA D 377 -11.99 4.78 29.60
CA ALA D 377 -12.17 5.98 28.79
C ALA D 377 -13.44 5.86 27.94
N LEU D 378 -13.58 4.73 27.25
CA LEU D 378 -14.77 4.43 26.46
C LEU D 378 -16.05 4.59 27.28
N HIS D 379 -16.03 4.04 28.49
CA HIS D 379 -17.13 4.18 29.45
C HIS D 379 -17.45 5.66 29.64
N LYS D 380 -16.43 6.46 29.95
CA LYS D 380 -16.62 7.89 30.14
C LYS D 380 -17.10 8.56 28.84
N LEU D 381 -16.39 8.32 27.74
CA LEU D 381 -16.76 8.88 26.44
C LEU D 381 -18.21 8.60 26.03
N LEU D 382 -18.68 7.38 26.25
CA LEU D 382 -20.08 7.06 25.93
C LEU D 382 -21.03 7.45 27.07
N GLU D 383 -20.53 8.21 28.05
CA GLU D 383 -21.34 8.69 29.17
C GLU D 383 -22.11 7.58 29.88
N CYS D 384 -21.48 6.42 30.03
CA CYS D 384 -22.13 5.28 30.67
C CYS D 384 -22.33 5.50 32.17
N ASN D 385 -23.38 4.90 32.72
CA ASN D 385 -23.46 4.70 34.16
C ASN D 385 -23.35 3.20 34.35
N SER D 386 -23.74 2.67 35.52
CA SER D 386 -23.57 1.23 35.75
C SER D 386 -24.61 0.40 35.01
N ALA D 387 -25.56 1.08 34.38
CA ALA D 387 -26.69 0.40 33.77
C ALA D 387 -26.69 0.53 32.25
N ALA D 388 -26.46 1.73 31.73
CA ALA D 388 -26.53 1.90 30.28
C ALA D 388 -25.49 2.88 29.74
N CYS D 389 -25.24 2.76 28.43
CA CYS D 389 -24.39 3.68 27.71
C CYS D 389 -25.19 4.46 26.69
N LYS D 390 -24.79 5.69 26.42
CA LYS D 390 -25.24 6.37 25.22
C LYS D 390 -24.52 5.73 24.04
N TRP D 391 -25.01 4.60 23.58
CA TRP D 391 -24.40 3.88 22.47
C TRP D 391 -25.43 3.04 21.70
N SER D 392 -25.23 2.90 20.40
CA SER D 392 -26.15 2.15 19.57
C SER D 392 -25.45 1.68 18.30
N SER D 393 -26.20 1.02 17.42
CA SER D 393 -25.70 0.59 16.13
C SER D 393 -25.32 1.81 15.29
N SER D 394 -26.04 2.91 15.50
CA SER D 394 -25.81 4.15 14.79
C SER D 394 -24.54 4.89 15.25
N THR D 395 -24.02 4.55 16.42
CA THR D 395 -22.97 5.35 17.03
C THR D 395 -21.60 5.19 16.37
N ARG D 396 -21.10 6.29 15.84
CA ARG D 396 -19.81 6.34 15.16
C ARG D 396 -18.69 6.73 16.13
N LEU D 397 -17.74 5.83 16.31
CA LEU D 397 -16.61 6.11 17.19
C LEU D 397 -15.42 6.60 16.39
N TYR D 398 -15.03 7.83 16.66
CA TYR D 398 -13.80 8.36 16.11
C TYR D 398 -12.71 8.25 17.16
N PRO D 399 -11.57 7.67 16.78
CA PRO D 399 -10.39 7.56 17.66
C PRO D 399 -9.96 8.91 18.20
N TRP D 400 -9.97 9.97 17.39
CA TRP D 400 -9.56 11.27 17.88
C TRP D 400 -10.44 11.78 19.05
N LYS D 401 -11.70 11.37 19.10
CA LYS D 401 -12.58 11.73 20.22
C LYS D 401 -12.23 10.97 21.49
N LEU D 402 -11.91 9.69 21.33
CA LEU D 402 -11.42 8.89 22.45
C LEU D 402 -10.15 9.51 23.01
N LEU D 403 -9.30 10.01 22.11
CA LEU D 403 -8.02 10.55 22.51
C LEU D 403 -8.19 11.72 23.46
N GLU D 404 -9.24 12.50 23.21
CA GLU D 404 -9.52 13.68 24.02
C GLU D 404 -9.80 13.30 25.45
N VAL D 405 -10.47 12.17 25.64
CA VAL D 405 -10.78 11.69 26.97
C VAL D 405 -9.51 11.18 27.64
N LEU D 406 -8.67 10.49 26.86
CA LEU D 406 -7.46 9.86 27.41
C LEU D 406 -6.34 10.82 27.80
N LYS D 407 -6.29 11.99 27.16
CA LYS D 407 -5.30 13.00 27.52
C LYS D 407 -5.32 13.34 29.01
N GLU D 408 -4.22 13.03 29.70
CA GLU D 408 -4.06 13.28 31.14
C GLU D 408 -5.18 12.66 31.99
N PHE D 409 -5.52 11.43 31.61
CA PHE D 409 -6.58 10.61 32.18
C PHE D 409 -6.15 9.95 33.51
N SER D 410 -7.09 9.83 34.45
CA SER D 410 -6.87 9.14 35.74
C SER D 410 -7.80 7.94 35.86
N VAL D 411 -7.33 6.84 36.42
CA VAL D 411 -8.17 5.64 36.50
C VAL D 411 -7.67 4.70 37.59
N ASN D 412 -8.60 4.20 38.39
CA ASN D 412 -8.26 3.19 39.39
C ASN D 412 -8.45 1.80 38.84
N ILE D 413 -7.36 1.07 38.72
CA ILE D 413 -7.37 -0.28 38.19
C ILE D 413 -6.87 -1.21 39.25
N SER D 414 -7.79 -1.99 39.83
CA SER D 414 -7.47 -2.89 40.93
C SER D 414 -7.03 -2.02 42.10
N ASN D 415 -5.82 -2.22 42.64
CA ASN D 415 -5.38 -1.37 43.73
C ASN D 415 -4.33 -0.35 43.32
N THR D 416 -4.26 -0.05 42.02
CA THR D 416 -3.36 0.97 41.48
C THR D 416 -4.13 2.22 41.04
N SER D 417 -3.66 3.39 41.46
CA SER D 417 -4.22 4.65 40.96
C SER D 417 -3.37 5.22 39.84
N LEU D 418 -3.78 4.96 38.61
CA LEU D 418 -2.96 5.27 37.45
C LEU D 418 -3.28 6.66 36.91
N LYS D 419 -2.22 7.41 36.61
CA LYS D 419 -2.36 8.72 36.00
C LYS D 419 -1.36 8.88 34.86
N PHE D 420 -1.79 9.47 33.77
CA PHE D 420 -0.88 9.75 32.68
C PHE D 420 -0.49 11.22 32.62
N ASP D 421 0.78 11.45 32.30
CA ASP D 421 1.34 12.75 31.92
C ASP D 421 0.61 13.46 30.78
N GLN D 422 1.03 14.70 30.53
CA GLN D 422 0.79 15.36 29.24
C GLN D 422 1.73 14.79 28.18
N ASN D 423 2.62 13.92 28.65
CA ASN D 423 3.54 13.24 27.77
C ASN D 423 3.05 11.83 27.47
N GLY D 424 2.04 11.39 28.20
CA GLY D 424 1.52 10.05 28.01
C GLY D 424 2.19 9.02 28.91
N ASN D 425 3.10 9.47 29.77
CA ASN D 425 3.82 8.63 30.74
C ASN D 425 3.02 8.41 32.04
N PRO D 426 3.07 7.19 32.57
CA PRO D 426 2.30 6.77 33.75
C PRO D 426 3.01 7.01 35.06
N ASN D 427 2.25 7.13 36.14
CA ASN D 427 2.88 7.25 37.46
C ASN D 427 3.16 5.87 38.09
N ILE D 428 3.92 5.06 37.36
CA ILE D 428 4.39 3.76 37.81
C ILE D 428 5.88 3.88 38.15
N GLY D 429 6.28 3.26 39.26
CA GLY D 429 7.67 3.28 39.68
C GLY D 429 8.47 2.02 39.37
N TYR D 430 9.48 1.76 40.19
CA TYR D 430 10.33 0.59 40.01
C TYR D 430 10.52 -0.18 41.31
N SER D 431 10.65 -1.50 41.17
CA SER D 431 11.16 -2.33 42.24
C SER D 431 12.64 -2.56 41.97
N VAL D 432 13.45 -2.29 42.98
CA VAL D 432 14.86 -2.57 42.92
C VAL D 432 15.07 -3.99 43.43
N ILE D 433 15.62 -4.84 42.59
CA ILE D 433 15.85 -6.23 42.96
C ILE D 433 17.30 -6.60 42.82
N GLN D 434 17.62 -7.79 43.32
CA GLN D 434 18.95 -8.34 43.23
C GLN D 434 18.86 -9.82 42.91
N ARG D 435 19.82 -10.31 42.17
CA ARG D 435 19.90 -11.73 41.91
C ARG D 435 20.63 -12.44 43.05
N ILE D 436 19.92 -13.34 43.72
CA ILE D 436 20.56 -14.18 44.70
C ILE D 436 20.92 -15.49 44.00
N TRP D 437 22.22 -15.76 43.87
CA TRP D 437 22.69 -16.89 43.06
C TRP D 437 22.34 -18.25 43.67
N GLU D 438 22.35 -18.32 45.00
CA GLU D 438 22.35 -19.60 45.72
C GLU D 438 21.00 -20.33 45.72
N ASN D 439 19.91 -19.59 45.62
CA ASN D 439 18.64 -20.28 45.41
C ASN D 439 17.96 -19.77 44.16
N GLN D 440 18.77 -19.28 43.22
CA GLN D 440 18.29 -18.80 41.93
C GLN D 440 17.01 -17.98 42.06
N SER D 441 17.09 -16.89 42.81
CA SER D 441 15.92 -16.06 43.07
C SER D 441 16.21 -14.58 42.97
N LEU D 442 15.15 -13.80 43.04
CA LEU D 442 15.25 -12.37 43.12
C LEU D 442 14.84 -11.95 44.52
N SER D 443 15.60 -11.05 45.12
CA SER D 443 15.14 -10.43 46.36
C SER D 443 14.74 -8.99 46.08
N SER D 444 13.80 -8.48 46.88
CA SER D 444 13.44 -7.06 46.87
C SER D 444 14.38 -6.31 47.80
N VAL D 445 15.02 -5.25 47.32
CA VAL D 445 15.88 -4.47 48.20
C VAL D 445 15.48 -3.00 48.29
N GLY D 446 14.41 -2.64 47.61
CA GLY D 446 13.90 -1.28 47.71
C GLY D 446 13.01 -0.88 46.56
N SER D 447 12.81 0.41 46.38
CA SER D 447 11.99 0.85 45.26
C SER D 447 12.20 2.29 44.86
N TYR D 448 11.56 2.64 43.76
CA TYR D 448 11.65 3.97 43.18
C TYR D 448 10.25 4.50 42.86
N ARG D 449 9.85 5.56 43.57
CA ARG D 449 8.53 6.15 43.33
C ARG D 449 8.60 7.66 43.33
N SER D 450 8.20 8.28 42.21
CA SER D 450 8.15 9.73 42.08
C SER D 450 9.48 10.38 42.43
N ALA D 451 10.54 10.00 41.72
CA ALA D 451 11.90 10.51 41.95
C ALA D 451 12.52 10.10 43.30
N ASN D 452 11.81 9.27 44.08
CA ASN D 452 12.26 8.88 45.41
C ASN D 452 12.84 7.45 45.43
N LEU D 453 14.17 7.36 45.51
CA LEU D 453 14.82 6.04 45.58
C LEU D 453 14.86 5.62 47.03
N SER D 454 14.23 4.49 47.34
CA SER D 454 14.17 4.04 48.71
C SER D 454 14.67 2.60 48.83
N ILE D 455 15.87 2.44 49.37
CA ILE D 455 16.50 1.12 49.49
C ILE D 455 17.11 0.86 50.87
N ASN D 456 17.19 -0.41 51.28
CA ASN D 456 17.90 -0.75 52.51
C ASN D 456 19.23 -1.44 52.21
N GLU D 457 20.32 -0.70 52.44
CA GLU D 457 21.66 -1.13 52.06
C GLU D 457 22.10 -2.43 52.70
N THR D 458 21.66 -2.66 53.92
CA THR D 458 22.07 -3.84 54.65
C THR D 458 21.44 -5.11 54.05
N LEU D 459 20.41 -4.92 53.25
CA LEU D 459 19.74 -6.00 52.55
C LEU D 459 20.47 -6.44 51.27
N PHE D 460 21.58 -5.79 50.94
CA PHE D 460 22.32 -6.15 49.72
C PHE D 460 23.35 -7.21 50.03
N LYS D 461 23.39 -8.26 49.20
CA LYS D 461 24.45 -9.26 49.29
C LYS D 461 25.57 -8.98 48.28
N TRP D 462 26.75 -8.62 48.80
CA TRP D 462 27.89 -8.29 47.96
C TRP D 462 28.75 -9.50 47.67
N TYR D 463 28.62 -10.04 46.47
CA TYR D 463 29.38 -11.22 46.10
C TYR D 463 30.84 -10.88 45.88
N THR D 464 31.51 -10.52 46.97
CA THR D 464 32.95 -10.34 46.99
C THR D 464 33.56 -11.37 47.96
N ASN D 465 34.88 -11.55 47.93
CA ASN D 465 35.54 -12.53 48.82
C ASN D 465 35.35 -12.17 50.28
N ASN D 466 35.11 -10.88 50.49
CA ASN D 466 35.04 -10.25 51.78
C ASN D 466 33.59 -9.97 52.18
N SER D 467 32.69 -10.16 51.21
CA SER D 467 31.26 -9.89 51.38
C SER D 467 30.94 -8.42 51.64
N GLU D 468 31.94 -7.55 51.49
CA GLU D 468 31.71 -6.10 51.56
C GLU D 468 31.50 -5.51 50.16
N LYS D 469 31.08 -4.25 50.14
CA LYS D 469 30.82 -3.51 48.91
C LYS D 469 32.10 -3.01 48.25
N PRO D 470 32.17 -3.07 46.91
CA PRO D 470 33.30 -2.50 46.18
C PRO D 470 33.35 -0.97 46.29
N GLU E 1 -16.47 -11.08 -20.81
CA GLU E 1 -16.67 -12.38 -21.44
C GLU E 1 -17.03 -13.44 -20.41
N VAL E 2 -17.84 -14.41 -20.81
CA VAL E 2 -18.17 -15.54 -19.98
C VAL E 2 -17.06 -16.59 -20.01
N GLN E 3 -16.52 -16.91 -18.84
CA GLN E 3 -15.50 -17.94 -18.67
C GLN E 3 -15.89 -18.94 -17.60
N LEU E 4 -15.74 -20.21 -17.95
CA LEU E 4 -15.88 -21.29 -16.99
C LEU E 4 -14.51 -21.91 -16.84
N GLN E 5 -13.86 -21.63 -15.72
CA GLN E 5 -12.53 -22.13 -15.44
C GLN E 5 -12.55 -23.35 -14.54
N GLN E 6 -12.35 -24.54 -15.12
CA GLN E 6 -12.27 -25.74 -14.31
C GLN E 6 -10.86 -25.97 -13.71
N SER E 7 -10.83 -26.73 -12.63
CA SER E 7 -9.58 -27.10 -11.96
C SER E 7 -8.79 -28.10 -12.80
N GLY E 8 -7.49 -28.21 -12.52
CA GLY E 8 -6.60 -29.00 -13.36
C GLY E 8 -6.80 -30.49 -13.28
N PRO E 9 -6.05 -31.25 -14.11
CA PRO E 9 -6.16 -32.72 -14.14
C PRO E 9 -5.81 -33.36 -12.80
N GLU E 10 -6.45 -34.47 -12.48
CA GLU E 10 -6.31 -35.14 -11.20
C GLU E 10 -5.96 -36.60 -11.36
N LEU E 11 -5.02 -37.07 -10.56
CA LEU E 11 -4.82 -38.49 -10.38
C LEU E 11 -5.40 -38.86 -9.03
N VAL E 12 -6.37 -39.77 -9.02
CA VAL E 12 -6.95 -40.21 -7.77
C VAL E 12 -6.91 -41.71 -7.64
N LYS E 13 -6.56 -42.15 -6.42
CA LYS E 13 -6.55 -43.56 -6.06
C LYS E 13 -7.95 -44.16 -6.16
N PRO E 14 -8.04 -45.44 -6.54
CA PRO E 14 -9.36 -46.11 -6.56
C PRO E 14 -9.95 -46.18 -5.15
N GLY E 15 -11.28 -46.07 -5.05
CA GLY E 15 -11.94 -46.07 -3.76
C GLY E 15 -12.01 -44.69 -3.13
N ALA E 16 -11.09 -43.82 -3.53
CA ALA E 16 -11.05 -42.46 -3.02
C ALA E 16 -12.13 -41.57 -3.63
N SER E 17 -12.20 -40.33 -3.16
CA SER E 17 -13.13 -39.36 -3.70
C SER E 17 -12.38 -38.10 -4.07
N MET E 18 -12.89 -37.34 -5.02
CA MET E 18 -12.28 -36.08 -5.38
C MET E 18 -13.34 -35.05 -5.77
N LYS E 19 -12.94 -33.79 -5.75
CA LYS E 19 -13.85 -32.72 -6.04
C LYS E 19 -13.31 -31.87 -7.20
N ILE E 20 -14.15 -31.63 -8.21
CA ILE E 20 -13.78 -30.78 -9.33
C ILE E 20 -14.43 -29.42 -9.12
N SER E 21 -13.71 -28.35 -9.42
CA SER E 21 -14.30 -27.03 -9.34
C SER E 21 -14.49 -26.44 -10.73
N CYS E 22 -15.38 -25.45 -10.77
CA CYS E 22 -15.69 -24.73 -11.99
C CYS E 22 -15.97 -23.28 -11.60
N LYS E 23 -15.02 -22.39 -11.87
CA LYS E 23 -15.15 -21.00 -11.45
C LYS E 23 -15.75 -20.14 -12.55
N ALA E 24 -16.89 -19.54 -12.25
CA ALA E 24 -17.65 -18.79 -13.23
C ALA E 24 -17.37 -17.30 -13.12
N SER E 25 -17.14 -16.66 -14.25
CA SER E 25 -17.06 -15.21 -14.28
C SER E 25 -17.71 -14.67 -15.55
N GLY E 26 -17.95 -13.35 -15.57
CA GLY E 26 -18.54 -12.69 -16.72
C GLY E 26 -20.06 -12.64 -16.80
N TYR E 27 -20.73 -13.05 -15.73
CA TYR E 27 -22.18 -13.05 -15.68
C TYR E 27 -22.65 -13.30 -14.26
N SER E 28 -23.95 -13.24 -14.07
CA SER E 28 -24.53 -13.40 -12.75
C SER E 28 -24.69 -14.87 -12.43
N PHE E 29 -23.85 -15.35 -11.52
CA PHE E 29 -23.72 -16.77 -11.19
C PHE E 29 -25.04 -17.47 -10.90
N THR E 30 -25.91 -16.80 -10.13
CA THR E 30 -27.15 -17.47 -9.71
C THR E 30 -28.27 -17.34 -10.73
N GLY E 31 -27.97 -16.74 -11.89
CA GLY E 31 -28.97 -16.60 -12.93
C GLY E 31 -29.23 -17.82 -13.80
N TYR E 32 -28.33 -18.81 -13.79
CA TYR E 32 -28.37 -19.90 -14.79
C TYR E 32 -27.97 -21.23 -14.20
N SER E 33 -28.56 -22.33 -14.68
CA SER E 33 -28.18 -23.66 -14.22
C SER E 33 -26.76 -24.00 -14.64
N MET E 34 -26.01 -24.62 -13.74
CA MET E 34 -24.71 -25.18 -14.08
C MET E 34 -24.86 -26.68 -14.31
N ASN E 35 -24.43 -27.16 -15.47
CA ASN E 35 -24.54 -28.57 -15.80
C ASN E 35 -23.17 -29.24 -15.75
N TRP E 36 -23.16 -30.56 -15.62
CA TRP E 36 -21.92 -31.32 -15.67
C TRP E 36 -22.02 -32.46 -16.69
N VAL E 37 -20.93 -32.75 -17.37
CA VAL E 37 -20.94 -33.72 -18.46
C VAL E 37 -19.72 -34.65 -18.41
N LYS E 38 -19.96 -35.94 -18.58
CA LYS E 38 -18.89 -36.92 -18.60
C LYS E 38 -18.54 -37.26 -20.04
N GLN E 39 -17.25 -37.31 -20.35
CA GLN E 39 -16.81 -37.88 -21.63
C GLN E 39 -15.69 -38.88 -21.42
N SER E 40 -15.98 -40.16 -21.66
CA SER E 40 -14.95 -41.18 -21.58
C SER E 40 -14.24 -41.25 -22.90
N HIS E 41 -12.90 -41.40 -22.87
CA HIS E 41 -12.12 -41.57 -24.09
C HIS E 41 -12.77 -42.65 -24.95
N GLY E 42 -12.90 -42.38 -26.25
CA GLY E 42 -13.81 -43.14 -27.08
C GLY E 42 -15.15 -42.49 -26.81
N LYS E 43 -15.32 -41.34 -27.41
CA LYS E 43 -16.06 -40.25 -26.79
C LYS E 43 -17.57 -40.19 -26.95
N ASN E 44 -18.26 -40.65 -25.92
CA ASN E 44 -19.67 -40.33 -25.76
C ASN E 44 -19.82 -39.29 -24.68
N LEU E 45 -20.68 -38.31 -24.95
CA LEU E 45 -21.04 -37.27 -24.01
C LEU E 45 -22.22 -37.71 -23.18
N GLU E 46 -22.10 -37.62 -21.87
CA GLU E 46 -23.16 -38.04 -20.98
C GLU E 46 -23.45 -36.97 -19.93
N TRP E 47 -24.72 -36.62 -19.82
CA TRP E 47 -25.15 -35.62 -18.84
C TRP E 47 -25.22 -36.25 -17.46
N ILE E 48 -24.56 -35.62 -16.50
CA ILE E 48 -24.54 -36.13 -15.14
C ILE E 48 -25.67 -35.51 -14.36
N GLY E 49 -25.82 -34.21 -14.53
CA GLY E 49 -26.86 -33.50 -13.83
C GLY E 49 -26.64 -32.01 -13.83
N LEU E 50 -27.51 -31.29 -13.15
CA LEU E 50 -27.33 -29.85 -13.04
C LEU E 50 -27.67 -29.37 -11.67
N ILE E 51 -27.33 -28.12 -11.41
CA ILE E 51 -27.65 -27.46 -10.17
C ILE E 51 -28.13 -26.02 -10.43
N ASN E 52 -29.12 -25.63 -9.66
CA ASN E 52 -29.55 -24.26 -9.60
C ASN E 52 -28.75 -23.50 -8.53
N PRO E 53 -27.81 -22.64 -8.95
CA PRO E 53 -26.94 -22.02 -7.96
C PRO E 53 -27.69 -21.02 -7.08
N TYR E 54 -28.84 -20.55 -7.53
CA TYR E 54 -29.63 -19.63 -6.72
C TYR E 54 -30.09 -20.29 -5.42
N ASN E 55 -30.54 -21.55 -5.50
CA ASN E 55 -31.07 -22.23 -4.33
C ASN E 55 -30.48 -23.62 -4.03
N GLY E 56 -29.57 -24.10 -4.88
CA GLY E 56 -28.94 -25.39 -4.64
C GLY E 56 -29.73 -26.64 -5.04
N ASP E 57 -30.89 -26.45 -5.67
CA ASP E 57 -31.66 -27.60 -6.14
C ASP E 57 -30.86 -28.37 -7.17
N THR E 58 -30.95 -29.70 -7.12
CA THR E 58 -30.18 -30.52 -8.03
C THR E 58 -31.04 -31.55 -8.74
N THR E 59 -30.55 -32.00 -9.88
CA THR E 59 -31.21 -32.98 -10.71
C THR E 59 -30.10 -33.81 -11.34
N TYR E 60 -30.25 -35.13 -11.29
CA TYR E 60 -29.21 -36.05 -11.70
C TYR E 60 -29.74 -37.06 -12.70
N LYS E 61 -28.89 -37.49 -13.61
CA LYS E 61 -29.21 -38.69 -14.36
C LYS E 61 -29.15 -39.82 -13.35
N GLN E 62 -30.12 -40.72 -13.39
CA GLN E 62 -30.24 -41.81 -12.42
C GLN E 62 -28.92 -42.48 -12.04
N LYS E 63 -28.16 -42.90 -13.05
CA LYS E 63 -26.93 -43.66 -12.81
C LYS E 63 -25.87 -42.88 -12.06
N PHE E 64 -26.08 -41.60 -11.85
CA PHE E 64 -25.07 -40.82 -11.15
C PHE E 64 -25.47 -40.48 -9.73
N LYS E 65 -26.70 -40.79 -9.36
CA LYS E 65 -27.15 -40.55 -7.99
C LYS E 65 -26.30 -41.36 -7.03
N GLY E 66 -25.81 -40.70 -5.97
CA GLY E 66 -24.92 -41.33 -5.01
C GLY E 66 -23.48 -41.47 -5.49
N LYS E 67 -23.24 -41.07 -6.73
CA LYS E 67 -21.92 -41.12 -7.33
C LYS E 67 -21.32 -39.71 -7.44
N ALA E 68 -22.13 -38.78 -7.96
CA ALA E 68 -21.75 -37.38 -8.06
C ALA E 68 -22.57 -36.52 -7.10
N THR E 69 -21.97 -35.42 -6.65
CA THR E 69 -22.64 -34.48 -5.78
C THR E 69 -22.33 -33.07 -6.24
N LEU E 70 -23.35 -32.36 -6.73
CA LEU E 70 -23.18 -30.98 -7.18
C LEU E 70 -23.42 -30.03 -6.03
N THR E 71 -22.53 -29.05 -5.86
CA THR E 71 -22.72 -27.97 -4.89
C THR E 71 -22.22 -26.68 -5.50
N VAL E 72 -22.55 -25.55 -4.87
CA VAL E 72 -22.05 -24.26 -5.32
C VAL E 72 -21.57 -23.48 -4.12
N ASP E 73 -20.72 -22.50 -4.38
CA ASP E 73 -20.32 -21.51 -3.40
C ASP E 73 -20.55 -20.13 -4.02
N ARG E 74 -21.61 -19.46 -3.60
CA ARG E 74 -21.98 -18.17 -4.17
C ARG E 74 -20.96 -17.08 -3.84
N SER E 75 -20.36 -17.19 -2.66
CA SER E 75 -19.37 -16.20 -2.24
C SER E 75 -18.21 -16.12 -3.22
N SER E 76 -17.91 -17.23 -3.90
CA SER E 76 -16.81 -17.28 -4.88
C SER E 76 -17.22 -17.63 -6.31
N SER E 77 -18.51 -17.78 -6.57
CA SER E 77 -19.05 -18.08 -7.90
C SER E 77 -18.48 -19.35 -8.51
N THR E 78 -18.31 -20.36 -7.67
CA THR E 78 -17.74 -21.61 -8.11
C THR E 78 -18.76 -22.72 -7.94
N ALA E 79 -18.90 -23.55 -8.97
CA ALA E 79 -19.69 -24.76 -8.84
C ALA E 79 -18.76 -25.94 -8.58
N TYR E 80 -19.18 -26.88 -7.76
CA TYR E 80 -18.36 -28.04 -7.46
C TYR E 80 -19.03 -29.35 -7.84
N MET E 81 -18.21 -30.34 -8.16
CA MET E 81 -18.71 -31.69 -8.34
C MET E 81 -17.79 -32.67 -7.68
N GLU E 82 -18.30 -33.32 -6.63
CA GLU E 82 -17.57 -34.35 -5.93
C GLU E 82 -17.89 -35.73 -6.52
N LEU E 83 -16.86 -36.47 -6.91
CA LEU E 83 -17.08 -37.85 -7.32
C LEU E 83 -16.71 -38.81 -6.19
N LEU E 84 -17.51 -39.85 -5.97
CA LEU E 84 -17.32 -40.75 -4.81
C LEU E 84 -16.98 -42.16 -5.19
N ARG E 85 -16.26 -42.84 -4.30
CA ARG E 85 -15.89 -44.24 -4.48
C ARG E 85 -15.47 -44.50 -5.93
N LEU E 86 -14.29 -44.01 -6.28
CA LEU E 86 -13.91 -43.99 -7.68
C LEU E 86 -13.40 -45.32 -8.19
N THR E 87 -13.76 -45.63 -9.43
CA THR E 87 -13.31 -46.82 -10.12
C THR E 87 -12.62 -46.40 -11.42
N SER E 88 -11.99 -47.35 -12.10
CA SER E 88 -11.38 -47.05 -13.39
C SER E 88 -12.45 -46.57 -14.36
N GLU E 89 -13.70 -46.96 -14.16
CA GLU E 89 -14.77 -46.48 -15.04
C GLU E 89 -15.10 -45.00 -14.87
N ASP E 90 -14.56 -44.35 -13.84
CA ASP E 90 -14.79 -42.92 -13.63
C ASP E 90 -13.69 -42.11 -14.29
N SER E 91 -12.71 -42.82 -14.86
CA SER E 91 -11.68 -42.15 -15.62
C SER E 91 -12.31 -41.59 -16.89
N ALA E 92 -12.24 -40.28 -17.04
CA ALA E 92 -12.91 -39.57 -18.13
C ALA E 92 -12.54 -38.09 -18.09
N VAL E 93 -13.06 -37.34 -19.05
CA VAL E 93 -12.99 -35.90 -18.98
C VAL E 93 -14.34 -35.39 -18.48
N TYR E 94 -14.31 -34.47 -17.53
CA TYR E 94 -15.53 -33.92 -16.99
C TYR E 94 -15.63 -32.44 -17.31
N TYR E 95 -16.77 -32.03 -17.85
CA TYR E 95 -17.03 -30.64 -18.22
C TYR E 95 -18.08 -29.96 -17.36
N CYS E 96 -17.85 -28.74 -16.94
CA CYS E 96 -18.99 -27.97 -16.50
C CYS E 96 -19.50 -27.20 -17.72
N ALA E 97 -20.81 -26.94 -17.77
CA ALA E 97 -21.42 -26.20 -18.88
C ALA E 97 -22.64 -25.41 -18.42
N ARG E 98 -22.66 -24.12 -18.69
CA ARG E 98 -23.78 -23.27 -18.28
C ARG E 98 -24.96 -23.35 -19.24
N SER E 99 -26.16 -23.34 -18.70
CA SER E 99 -27.36 -23.31 -19.51
C SER E 99 -27.40 -21.98 -20.26
N GLY E 100 -28.06 -21.97 -21.41
CA GLY E 100 -28.23 -20.75 -22.16
C GLY E 100 -29.49 -19.99 -21.78
N ARG E 101 -29.88 -19.05 -22.62
CA ARG E 101 -31.08 -18.25 -22.41
C ARG E 101 -32.00 -18.41 -23.61
N GLY E 102 -33.24 -18.77 -23.38
CA GLY E 102 -34.19 -18.87 -24.47
C GLY E 102 -35.06 -20.11 -24.40
N ALA E 103 -34.66 -21.06 -23.56
CA ALA E 103 -35.45 -22.28 -23.35
C ALA E 103 -36.67 -21.99 -22.47
N PRO E 104 -37.79 -22.69 -22.70
CA PRO E 104 -38.99 -22.47 -21.86
C PRO E 104 -38.82 -22.97 -20.41
N THR E 105 -37.95 -23.94 -20.20
CA THR E 105 -37.78 -24.55 -18.89
C THR E 105 -36.31 -24.79 -18.60
N THR E 106 -35.97 -25.10 -17.35
CA THR E 106 -34.57 -25.33 -17.00
C THR E 106 -34.14 -26.68 -17.57
N THR E 107 -35.13 -27.52 -17.80
CA THR E 107 -34.96 -28.82 -18.43
C THR E 107 -34.54 -28.70 -19.88
N THR E 108 -35.10 -27.72 -20.57
CA THR E 108 -34.94 -27.64 -22.02
C THR E 108 -33.72 -26.83 -22.44
N ALA E 109 -33.10 -26.15 -21.48
CA ALA E 109 -31.93 -25.34 -21.77
C ALA E 109 -30.84 -26.16 -22.44
N TRP E 110 -30.19 -25.55 -23.43
CA TRP E 110 -29.03 -26.10 -24.12
C TRP E 110 -27.73 -25.51 -23.51
N PHE E 111 -26.56 -26.01 -23.93
CA PHE E 111 -25.34 -25.55 -23.29
C PHE E 111 -24.56 -24.63 -24.21
N THR E 112 -24.53 -23.36 -23.85
CA THR E 112 -23.92 -22.32 -24.65
C THR E 112 -22.47 -22.04 -24.22
N TYR E 113 -22.12 -22.39 -22.99
CA TYR E 113 -20.79 -22.11 -22.49
C TYR E 113 -20.25 -23.32 -21.76
N TRP E 114 -19.00 -23.63 -22.05
CA TRP E 114 -18.37 -24.81 -21.50
C TRP E 114 -17.09 -24.42 -20.80
N GLY E 115 -16.73 -25.18 -19.77
CA GLY E 115 -15.40 -25.11 -19.22
C GLY E 115 -14.41 -25.88 -20.08
N GLN E 116 -13.13 -25.81 -19.74
CA GLN E 116 -12.11 -26.38 -20.60
C GLN E 116 -11.99 -27.89 -20.40
N GLY E 117 -12.66 -28.42 -19.39
CA GLY E 117 -12.60 -29.84 -19.15
C GLY E 117 -11.56 -30.19 -18.09
N THR E 118 -11.84 -31.25 -17.35
CA THR E 118 -10.97 -31.74 -16.29
C THR E 118 -10.71 -33.20 -16.59
N LEU E 119 -9.45 -33.58 -16.81
CA LEU E 119 -9.13 -35.00 -16.94
C LEU E 119 -9.02 -35.62 -15.54
N VAL E 120 -9.61 -36.80 -15.39
CA VAL E 120 -9.57 -37.52 -14.14
C VAL E 120 -9.03 -38.90 -14.42
N THR E 121 -7.93 -39.25 -13.75
CA THR E 121 -7.36 -40.57 -13.91
C THR E 121 -7.45 -41.33 -12.61
N VAL E 122 -8.19 -42.43 -12.63
CA VAL E 122 -8.34 -43.25 -11.43
C VAL E 122 -7.32 -44.37 -11.41
N SER E 123 -6.26 -44.20 -10.63
CA SER E 123 -5.21 -45.22 -10.65
C SER E 123 -4.39 -45.32 -9.37
N ALA E 124 -4.01 -46.55 -9.06
CA ALA E 124 -3.08 -46.83 -7.97
C ALA E 124 -1.63 -46.52 -8.36
N ALA E 125 -1.33 -46.51 -9.66
CA ALA E 125 0.02 -46.23 -10.16
C ALA E 125 0.53 -44.89 -9.67
N LYS E 126 1.85 -44.77 -9.59
CA LYS E 126 2.48 -43.58 -9.00
C LYS E 126 2.99 -42.61 -10.04
N THR E 127 3.13 -41.36 -9.62
CA THR E 127 3.54 -40.29 -10.50
C THR E 127 5.00 -40.43 -10.93
N THR E 128 5.21 -40.52 -12.24
CA THR E 128 6.57 -40.66 -12.80
C THR E 128 6.90 -39.58 -13.82
N PRO E 129 8.06 -38.92 -13.65
CA PRO E 129 8.49 -37.92 -14.63
C PRO E 129 8.98 -38.56 -15.91
N PRO E 130 8.90 -37.85 -17.05
CA PRO E 130 9.28 -38.45 -18.33
C PRO E 130 10.78 -38.42 -18.54
N SER E 131 11.30 -39.35 -19.34
CA SER E 131 12.64 -39.18 -19.89
C SER E 131 12.49 -38.58 -21.27
N VAL E 132 13.24 -37.52 -21.55
CA VAL E 132 13.15 -36.88 -22.87
C VAL E 132 14.38 -37.19 -23.71
N TYR E 133 14.17 -37.97 -24.77
CA TYR E 133 15.26 -38.29 -25.67
C TYR E 133 15.13 -37.55 -27.00
N PRO E 134 16.26 -37.11 -27.56
CA PRO E 134 16.28 -36.42 -28.84
C PRO E 134 16.24 -37.39 -30.00
N LEU E 135 15.53 -37.06 -31.07
CA LEU E 135 15.55 -37.91 -32.25
C LEU E 135 16.21 -37.17 -33.44
N ALA E 136 17.47 -37.51 -33.74
CA ALA E 136 18.20 -36.95 -34.88
C ALA E 136 18.46 -38.05 -35.90
N PRO E 137 18.40 -37.70 -37.19
CA PRO E 137 18.50 -38.65 -38.30
C PRO E 137 19.82 -39.43 -38.33
N THR E 143 21.70 -34.87 -48.29
CA THR E 143 20.52 -35.41 -47.64
C THR E 143 19.26 -35.27 -48.47
N ASN E 144 18.67 -34.07 -48.37
CA ASN E 144 17.30 -33.84 -48.75
C ASN E 144 16.95 -32.36 -48.47
N SER E 145 15.86 -31.89 -49.08
CA SER E 145 15.46 -30.48 -48.95
C SER E 145 14.93 -30.15 -47.54
N MET E 146 13.93 -30.90 -47.11
CA MET E 146 13.42 -30.78 -45.74
C MET E 146 14.07 -31.86 -44.89
N VAL E 147 14.18 -31.59 -43.59
CA VAL E 147 14.70 -32.60 -42.68
C VAL E 147 13.77 -32.71 -41.48
N THR E 148 13.52 -33.95 -41.06
CA THR E 148 12.63 -34.19 -39.94
C THR E 148 13.38 -34.54 -38.67
N LEU E 149 13.10 -33.79 -37.61
CA LEU E 149 13.63 -34.10 -36.29
C LEU E 149 12.52 -34.47 -35.34
N GLY E 150 12.88 -35.10 -34.23
CA GLY E 150 11.88 -35.60 -33.30
C GLY E 150 12.26 -35.49 -31.84
N CYS E 151 11.30 -35.85 -31.00
CA CYS E 151 11.46 -35.77 -29.56
C CYS E 151 10.63 -36.88 -28.93
N LEU E 152 11.29 -37.79 -28.21
CA LEU E 152 10.60 -38.91 -27.60
C LEU E 152 10.39 -38.63 -26.13
N VAL E 153 9.16 -38.80 -25.67
CA VAL E 153 8.84 -38.48 -24.28
C VAL E 153 8.35 -39.75 -23.62
N LYS E 154 9.23 -40.36 -22.83
CA LYS E 154 9.06 -41.75 -22.46
C LYS E 154 8.96 -41.98 -20.96
N GLY E 155 8.05 -42.87 -20.58
CA GLY E 155 7.96 -43.42 -19.24
C GLY E 155 7.43 -42.44 -18.21
N TYR E 156 6.36 -41.72 -18.54
CA TYR E 156 5.78 -40.80 -17.57
C TYR E 156 4.37 -41.21 -17.14
N PHE E 157 3.89 -40.62 -16.06
CA PHE E 157 2.57 -40.89 -15.51
C PHE E 157 2.25 -39.85 -14.45
N PRO E 158 1.00 -39.36 -14.42
CA PRO E 158 -0.09 -39.60 -15.37
C PRO E 158 -0.06 -38.60 -16.54
N GLU E 159 -1.15 -38.51 -17.31
CA GLU E 159 -1.32 -37.43 -18.28
C GLU E 159 -1.58 -36.13 -17.52
N PRO E 160 -1.35 -34.99 -18.16
CA PRO E 160 -0.80 -34.76 -19.50
C PRO E 160 0.65 -34.34 -19.50
N VAL E 161 1.20 -34.19 -20.69
CA VAL E 161 2.44 -33.47 -20.89
C VAL E 161 2.20 -32.49 -22.01
N THR E 162 2.94 -31.39 -22.01
CA THR E 162 2.95 -30.50 -23.16
C THR E 162 4.30 -30.61 -23.87
N VAL E 163 4.25 -30.60 -25.20
CA VAL E 163 5.45 -30.48 -26.01
C VAL E 163 5.34 -29.24 -26.90
N THR E 164 6.37 -28.40 -26.90
CA THR E 164 6.49 -27.33 -27.88
C THR E 164 7.88 -27.37 -28.50
N TRP E 165 8.09 -26.61 -29.58
CA TRP E 165 9.41 -26.56 -30.22
C TRP E 165 9.91 -25.13 -30.31
N ASN E 166 11.09 -24.86 -29.74
CA ASN E 166 11.65 -23.51 -29.64
C ASN E 166 10.65 -22.52 -29.02
N SER E 167 9.98 -22.99 -27.97
CA SER E 167 9.01 -22.21 -27.20
C SER E 167 7.82 -21.75 -28.04
N GLY E 168 7.57 -22.43 -29.16
CA GLY E 168 6.48 -22.04 -30.05
C GLY E 168 6.93 -21.37 -31.33
N SER E 169 8.21 -21.02 -31.42
CA SER E 169 8.77 -20.44 -32.64
C SER E 169 8.45 -21.32 -33.82
N LEU E 170 8.74 -22.61 -33.70
CA LEU E 170 8.38 -23.59 -34.70
C LEU E 170 6.95 -24.08 -34.46
N SER E 171 6.02 -23.63 -35.30
CA SER E 171 4.65 -24.11 -35.21
C SER E 171 4.33 -25.02 -36.37
N SER E 172 4.70 -24.59 -37.57
CA SER E 172 4.37 -25.34 -38.78
C SER E 172 5.28 -26.57 -38.92
N GLY E 173 4.74 -27.64 -39.47
CA GLY E 173 5.50 -28.86 -39.67
C GLY E 173 5.80 -29.51 -38.34
N VAL E 174 4.88 -29.37 -37.40
CA VAL E 174 4.97 -30.05 -36.12
C VAL E 174 3.86 -31.07 -35.97
N HIS E 175 4.21 -32.28 -35.56
CA HIS E 175 3.19 -33.25 -35.20
C HIS E 175 3.48 -33.77 -33.83
N THR E 176 2.56 -33.53 -32.90
CA THR E 176 2.65 -34.16 -31.60
C THR E 176 1.62 -35.27 -31.52
N PHE E 177 2.12 -36.49 -31.37
CA PHE E 177 1.30 -37.68 -31.39
C PHE E 177 0.77 -37.96 -30.01
N PRO E 178 -0.49 -38.37 -29.93
CA PRO E 178 -1.17 -38.75 -28.69
C PRO E 178 -0.40 -39.83 -27.96
N ALA E 179 -0.31 -39.70 -26.64
CA ALA E 179 0.45 -40.63 -25.85
C ALA E 179 -0.19 -42.01 -25.89
N VAL E 180 0.63 -43.01 -25.63
CA VAL E 180 0.18 -44.39 -25.56
C VAL E 180 0.51 -44.95 -24.17
N LEU E 181 -0.43 -45.70 -23.58
CA LEU E 181 -0.22 -46.29 -22.27
C LEU E 181 0.21 -47.73 -22.41
N GLN E 182 1.26 -48.11 -21.70
CA GLN E 182 1.78 -49.47 -21.78
C GLN E 182 1.68 -50.19 -20.42
N SER E 183 2.75 -50.15 -19.64
CA SER E 183 2.75 -50.80 -18.33
C SER E 183 2.54 -49.74 -17.26
N ASP E 184 1.35 -49.15 -17.24
CA ASP E 184 1.07 -47.98 -16.40
C ASP E 184 2.05 -46.82 -16.64
N LEU E 185 2.65 -46.77 -17.83
CA LEU E 185 3.48 -45.64 -18.24
C LEU E 185 3.12 -45.15 -19.64
N TYR E 186 3.13 -43.83 -19.82
CA TYR E 186 2.80 -43.22 -21.11
C TYR E 186 4.06 -42.95 -21.89
N THR E 187 3.93 -42.97 -23.22
CA THR E 187 5.01 -42.59 -24.11
C THR E 187 4.44 -41.78 -25.25
N LEU E 188 5.04 -40.65 -25.56
CA LEU E 188 4.68 -39.95 -26.78
C LEU E 188 5.90 -39.37 -27.48
N SER E 189 5.68 -38.99 -28.73
CA SER E 189 6.71 -38.43 -29.56
C SER E 189 6.19 -37.17 -30.23
N SER E 190 7.10 -36.33 -30.69
CA SER E 190 6.76 -35.17 -31.48
C SER E 190 7.78 -35.12 -32.59
N SER E 191 7.34 -34.70 -33.77
CA SER E 191 8.25 -34.48 -34.87
C SER E 191 8.11 -33.04 -35.33
N VAL E 192 9.19 -32.51 -35.87
CA VAL E 192 9.17 -31.20 -36.48
C VAL E 192 9.95 -31.32 -37.76
N THR E 193 9.50 -30.62 -38.79
CA THR E 193 10.21 -30.63 -40.06
C THR E 193 10.66 -29.23 -40.42
N VAL E 194 11.95 -29.09 -40.66
CA VAL E 194 12.54 -27.79 -40.96
C VAL E 194 13.42 -27.89 -42.21
N PRO E 195 13.78 -26.75 -42.82
CA PRO E 195 14.77 -26.68 -43.91
C PRO E 195 16.11 -27.30 -43.52
N SER E 196 16.75 -28.04 -44.44
CA SER E 196 18.10 -28.53 -44.22
C SER E 196 19.09 -27.39 -44.00
N SER E 197 18.91 -26.30 -44.74
CA SER E 197 19.71 -25.09 -44.59
C SER E 197 19.77 -24.57 -43.14
N THR E 198 18.68 -24.72 -42.40
CA THR E 198 18.59 -24.19 -41.05
C THR E 198 19.22 -25.09 -39.97
N TRP E 199 19.43 -26.37 -40.28
CA TRP E 199 19.84 -27.35 -39.27
C TRP E 199 20.97 -28.23 -39.79
N PRO E 200 22.05 -28.38 -39.01
CA PRO E 200 22.27 -28.08 -37.59
C PRO E 200 22.67 -26.67 -37.20
N SER E 201 22.80 -25.74 -38.15
CA SER E 201 23.23 -24.39 -37.79
C SER E 201 22.28 -23.74 -36.74
N GLU E 202 21.02 -23.55 -37.07
CA GLU E 202 20.09 -22.94 -36.12
C GLU E 202 19.47 -23.98 -35.18
N THR E 203 19.61 -23.75 -33.88
CA THR E 203 19.21 -24.72 -32.87
C THR E 203 17.72 -25.03 -32.86
N VAL E 204 17.41 -26.31 -32.76
CA VAL E 204 16.04 -26.79 -32.62
C VAL E 204 15.86 -27.49 -31.28
N THR E 205 15.13 -26.87 -30.38
CA THR E 205 14.97 -27.44 -29.05
C THR E 205 13.54 -27.86 -28.74
N CYS E 206 13.44 -29.08 -28.22
CA CYS E 206 12.17 -29.65 -27.85
C CYS E 206 11.86 -29.33 -26.38
N ASN E 207 10.76 -28.61 -26.13
CA ASN E 207 10.36 -28.24 -24.76
C ASN E 207 9.30 -29.15 -24.21
N VAL E 208 9.59 -29.79 -23.08
CA VAL E 208 8.64 -30.73 -22.50
C VAL E 208 8.31 -30.33 -21.08
N ALA E 209 7.02 -30.27 -20.79
CA ALA E 209 6.59 -30.00 -19.42
C ALA E 209 5.71 -31.14 -18.92
N HIS E 210 5.90 -31.49 -17.65
CA HIS E 210 5.06 -32.50 -17.03
C HIS E 210 4.72 -31.99 -15.66
N PRO E 211 3.59 -31.29 -15.55
CA PRO E 211 3.16 -30.62 -14.32
C PRO E 211 3.09 -31.59 -13.16
N ALA E 212 2.47 -32.75 -13.35
CA ALA E 212 2.27 -33.73 -12.28
C ALA E 212 3.54 -33.98 -11.47
N SER E 213 4.68 -34.07 -12.15
CA SER E 213 5.94 -34.34 -11.46
C SER E 213 6.80 -33.10 -11.31
N SER E 214 6.22 -31.95 -11.60
CA SER E 214 6.96 -30.68 -11.59
C SER E 214 8.21 -30.78 -12.46
N THR E 215 8.03 -31.13 -13.72
CA THR E 215 9.16 -31.38 -14.62
C THR E 215 9.16 -30.48 -15.85
N LYS E 216 10.16 -29.63 -15.96
CA LYS E 216 10.44 -28.92 -17.21
C LYS E 216 11.71 -29.48 -17.81
N VAL E 217 11.69 -29.78 -19.10
CA VAL E 217 12.91 -30.20 -19.80
C VAL E 217 13.01 -29.54 -21.17
N ASP E 218 14.22 -29.08 -21.52
CA ASP E 218 14.51 -28.64 -22.87
C ASP E 218 15.61 -29.47 -23.47
N LYS E 219 15.31 -30.24 -24.52
CA LYS E 219 16.34 -31.03 -25.20
C LYS E 219 16.76 -30.40 -26.52
N LYS E 220 18.06 -30.18 -26.64
CA LYS E 220 18.67 -29.69 -27.86
C LYS E 220 18.84 -30.87 -28.80
N ILE E 221 18.32 -30.77 -30.02
CA ILE E 221 18.51 -31.86 -30.98
C ILE E 221 19.85 -31.65 -31.70
N VAL E 222 20.88 -32.35 -31.22
CA VAL E 222 22.22 -32.27 -31.81
C VAL E 222 22.37 -33.40 -32.84
N PRO E 223 23.18 -33.19 -33.89
CA PRO E 223 23.39 -34.26 -34.88
C PRO E 223 24.17 -35.43 -34.29
N ARG E 224 24.69 -36.35 -35.09
CA ARG E 224 25.37 -37.48 -34.48
C ARG E 224 26.81 -37.63 -34.95
N ASP F 1 -35.63 -42.93 -21.30
CA ASP F 1 -34.61 -42.02 -21.83
C ASP F 1 -34.70 -42.00 -23.34
N ILE F 2 -34.72 -40.82 -23.94
CA ILE F 2 -34.74 -40.73 -25.39
C ILE F 2 -33.39 -41.14 -25.97
N VAL F 3 -33.42 -42.10 -26.90
CA VAL F 3 -32.20 -42.50 -27.61
C VAL F 3 -32.01 -41.70 -28.90
N LEU F 4 -30.78 -41.18 -29.10
CA LEU F 4 -30.42 -40.45 -30.31
C LEU F 4 -29.45 -41.26 -31.17
N THR F 5 -29.89 -41.63 -32.36
CA THR F 5 -29.03 -42.37 -33.25
C THR F 5 -28.61 -41.46 -34.39
N GLN F 6 -27.32 -41.17 -34.47
CA GLN F 6 -26.77 -40.34 -35.53
C GLN F 6 -26.33 -41.20 -36.69
N SER F 7 -26.45 -40.67 -37.90
CA SER F 7 -25.99 -41.40 -39.06
C SER F 7 -25.50 -40.41 -40.12
N PRO F 8 -24.45 -40.77 -40.87
CA PRO F 8 -23.66 -41.98 -40.64
C PRO F 8 -22.75 -41.78 -39.44
N ALA F 9 -22.09 -42.82 -38.98
CA ALA F 9 -21.21 -42.68 -37.84
C ALA F 9 -19.98 -41.90 -38.29
N SER F 10 -19.69 -41.97 -39.57
CA SER F 10 -18.41 -41.54 -40.09
C SER F 10 -18.61 -41.09 -41.53
N LEU F 11 -17.94 -40.00 -41.91
CA LEU F 11 -18.24 -39.31 -43.16
C LEU F 11 -17.00 -38.58 -43.68
N ALA F 12 -16.66 -38.75 -44.95
CA ALA F 12 -15.60 -37.94 -45.55
C ALA F 12 -16.15 -37.07 -46.68
N VAL F 13 -15.99 -35.76 -46.58
CA VAL F 13 -16.51 -34.84 -47.60
C VAL F 13 -15.39 -33.96 -48.09
N SER F 14 -15.26 -33.85 -49.42
CA SER F 14 -14.26 -33.01 -50.04
C SER F 14 -14.49 -31.54 -49.69
N LEU F 15 -13.39 -30.79 -49.65
CA LEU F 15 -13.44 -29.34 -49.57
C LEU F 15 -14.45 -28.77 -50.55
N GLY F 16 -15.34 -27.92 -50.07
CA GLY F 16 -16.23 -27.18 -50.95
C GLY F 16 -17.47 -27.94 -51.35
N GLN F 17 -17.65 -29.15 -50.84
CA GLN F 17 -18.85 -29.90 -51.12
C GLN F 17 -19.78 -29.81 -49.93
N ARG F 18 -20.88 -30.55 -50.00
CA ARG F 18 -21.94 -30.44 -49.02
C ARG F 18 -21.92 -31.67 -48.10
N ALA F 19 -21.97 -31.42 -46.80
CA ALA F 19 -21.99 -32.49 -45.81
C ALA F 19 -23.37 -32.55 -45.14
N THR F 20 -23.92 -33.75 -45.06
CA THR F 20 -25.23 -33.96 -44.47
C THR F 20 -25.18 -35.01 -43.36
N ILE F 21 -25.50 -34.58 -42.14
CA ILE F 21 -25.51 -35.46 -40.96
C ILE F 21 -26.92 -35.55 -40.37
N SER F 22 -27.36 -36.76 -40.03
CA SER F 22 -28.70 -36.97 -39.49
C SER F 22 -28.72 -37.38 -38.02
N CYS F 23 -29.87 -37.13 -37.39
CA CYS F 23 -30.12 -37.55 -36.01
C CYS F 23 -31.56 -38.01 -35.93
N ARG F 24 -31.76 -39.25 -35.48
CA ARG F 24 -33.10 -39.79 -35.27
C ARG F 24 -33.35 -40.04 -33.78
N ALA F 25 -34.47 -39.49 -33.30
CA ALA F 25 -34.83 -39.66 -31.92
C ALA F 25 -35.84 -40.80 -31.76
N SER F 26 -35.62 -41.69 -30.78
CA SER F 26 -36.58 -42.77 -30.46
C SER F 26 -37.97 -42.25 -30.09
N GLU F 27 -38.04 -40.98 -29.71
CA GLU F 27 -39.30 -40.32 -29.38
C GLU F 27 -39.22 -38.87 -29.77
N SER F 28 -40.38 -38.24 -29.95
CA SER F 28 -40.46 -36.82 -30.31
C SER F 28 -39.77 -35.93 -29.28
N VAL F 29 -39.07 -34.92 -29.76
CA VAL F 29 -38.44 -33.97 -28.88
C VAL F 29 -39.10 -32.61 -29.06
N ASP F 30 -40.33 -32.63 -29.54
CA ASP F 30 -41.13 -31.43 -29.70
C ASP F 30 -41.90 -31.07 -28.43
N SER F 31 -41.84 -29.80 -28.03
CA SER F 31 -42.71 -29.24 -27.00
C SER F 31 -42.66 -27.72 -27.10
N TYR F 32 -43.63 -27.03 -26.48
CA TYR F 32 -43.65 -25.58 -26.46
C TYR F 32 -43.51 -24.98 -27.87
N GLY F 33 -44.10 -25.63 -28.87
CA GLY F 33 -43.99 -25.17 -30.24
C GLY F 33 -42.59 -25.21 -30.82
N ASN F 34 -41.69 -25.92 -30.17
CA ASN F 34 -40.31 -25.95 -30.60
C ASN F 34 -39.79 -27.39 -30.70
N SER F 35 -38.63 -27.57 -31.34
CA SER F 35 -37.98 -28.86 -31.30
C SER F 35 -36.66 -28.74 -30.57
N PHE F 36 -36.56 -29.42 -29.44
CA PHE F 36 -35.37 -29.25 -28.61
C PHE F 36 -34.31 -30.29 -28.98
N MET F 37 -33.82 -30.10 -30.21
CA MET F 37 -32.68 -30.81 -30.74
C MET F 37 -31.58 -29.78 -30.99
N HIS F 38 -30.39 -30.04 -30.51
CA HIS F 38 -29.30 -29.10 -30.72
C HIS F 38 -28.11 -29.83 -31.30
N TRP F 39 -27.25 -29.08 -31.97
CA TRP F 39 -26.05 -29.61 -32.63
C TRP F 39 -24.77 -29.02 -32.04
N TYR F 40 -23.80 -29.86 -31.77
CA TYR F 40 -22.53 -29.43 -31.20
C TYR F 40 -21.36 -29.89 -32.04
N GLN F 41 -20.31 -29.08 -32.03
CA GLN F 41 -19.11 -29.43 -32.74
C GLN F 41 -18.01 -29.69 -31.73
N GLN F 42 -17.33 -30.82 -31.84
CA GLN F 42 -16.18 -30.99 -30.97
C GLN F 42 -14.92 -31.29 -31.75
N LYS F 43 -14.00 -30.35 -31.68
CA LYS F 43 -12.66 -30.53 -32.22
C LYS F 43 -11.87 -31.35 -31.21
N PRO F 44 -10.82 -32.04 -31.69
CA PRO F 44 -9.99 -32.86 -30.80
C PRO F 44 -9.37 -32.09 -29.63
N GLY F 45 -9.59 -32.59 -28.42
CA GLY F 45 -8.97 -32.04 -27.22
C GLY F 45 -9.67 -30.80 -26.68
N GLN F 46 -10.78 -30.44 -27.31
CA GLN F 46 -11.45 -29.20 -26.96
C GLN F 46 -12.84 -29.46 -26.41
N PRO F 47 -13.38 -28.48 -25.68
CA PRO F 47 -14.79 -28.48 -25.29
C PRO F 47 -15.69 -28.45 -26.52
N PRO F 48 -16.89 -29.03 -26.41
CA PRO F 48 -17.84 -28.86 -27.52
C PRO F 48 -18.31 -27.40 -27.69
N ILE F 49 -18.64 -27.08 -28.93
CA ILE F 49 -19.16 -25.77 -29.26
C ILE F 49 -20.59 -25.94 -29.77
N LEU F 50 -21.52 -25.15 -29.24
CA LEU F 50 -22.89 -25.16 -29.74
C LEU F 50 -22.95 -24.49 -31.10
N LEU F 51 -23.43 -25.23 -32.10
CA LEU F 51 -23.62 -24.71 -33.45
C LEU F 51 -24.99 -24.18 -33.61
N ILE F 52 -25.96 -25.04 -33.31
CA ILE F 52 -27.36 -24.81 -33.60
C ILE F 52 -28.28 -25.23 -32.45
N SER F 53 -29.18 -24.32 -32.06
CA SER F 53 -30.15 -24.65 -31.02
C SER F 53 -31.56 -24.73 -31.59
N ARG F 54 -32.40 -25.53 -30.95
CA ARG F 54 -33.80 -25.70 -31.34
C ARG F 54 -33.94 -26.00 -32.81
N ALA F 55 -33.23 -27.03 -33.27
CA ALA F 55 -33.34 -27.62 -34.60
C ALA F 55 -32.79 -26.75 -35.72
N SER F 56 -32.94 -25.42 -35.66
CA SER F 56 -32.45 -24.62 -36.79
C SER F 56 -31.92 -23.21 -36.49
N ASN F 57 -31.72 -22.85 -35.23
CA ASN F 57 -31.14 -21.53 -34.91
C ASN F 57 -29.64 -21.51 -34.81
N LEU F 58 -29.02 -20.83 -35.76
CA LEU F 58 -27.59 -20.69 -35.76
C LEU F 58 -27.21 -19.79 -34.59
N GLU F 59 -26.29 -20.24 -33.74
CA GLU F 59 -25.82 -19.43 -32.62
C GLU F 59 -24.85 -18.29 -33.05
N SER F 60 -24.75 -17.23 -32.25
CA SER F 60 -23.87 -16.10 -32.61
C SER F 60 -22.45 -16.54 -32.82
N GLY F 61 -21.85 -16.09 -33.92
CA GLY F 61 -20.46 -16.37 -34.18
C GLY F 61 -20.22 -17.69 -34.88
N ILE F 62 -21.28 -18.36 -35.29
CA ILE F 62 -21.14 -19.58 -36.07
C ILE F 62 -21.43 -19.25 -37.52
N PRO F 63 -20.50 -19.60 -38.44
CA PRO F 63 -20.61 -19.35 -39.89
C PRO F 63 -21.94 -19.83 -40.46
N ALA F 64 -22.44 -19.17 -41.49
CA ALA F 64 -23.76 -19.51 -42.01
C ALA F 64 -23.72 -20.75 -42.90
N ARG F 65 -22.52 -21.27 -43.14
CA ARG F 65 -22.42 -22.50 -43.91
C ARG F 65 -22.97 -23.67 -43.08
N PHE F 66 -23.01 -23.53 -41.75
CA PHE F 66 -23.70 -24.51 -40.91
C PHE F 66 -25.18 -24.20 -40.86
N SER F 67 -26.02 -25.22 -40.97
CA SER F 67 -27.45 -25.06 -40.72
C SER F 67 -28.14 -26.36 -40.36
N GLY F 68 -29.31 -26.24 -39.74
CA GLY F 68 -30.02 -27.39 -39.25
C GLY F 68 -31.46 -27.36 -39.69
N SER F 69 -32.07 -28.53 -39.81
CA SER F 69 -33.50 -28.59 -40.09
C SER F 69 -34.10 -29.86 -39.49
N GLY F 70 -35.42 -29.99 -39.60
CA GLY F 70 -36.11 -31.14 -39.06
C GLY F 70 -37.07 -30.80 -37.94
N SER F 71 -37.83 -31.79 -37.50
CA SER F 71 -38.72 -31.64 -36.36
C SER F 71 -39.08 -33.00 -35.82
N ARG F 72 -39.78 -33.01 -34.70
CA ARG F 72 -40.28 -34.23 -34.06
C ARG F 72 -39.18 -35.25 -33.73
N THR F 73 -38.82 -36.10 -34.68
CA THR F 73 -37.84 -37.17 -34.45
C THR F 73 -36.77 -37.27 -35.53
N ASP F 74 -36.82 -36.42 -36.55
CA ASP F 74 -35.79 -36.45 -37.62
C ASP F 74 -35.12 -35.11 -37.86
N PHE F 75 -33.80 -35.10 -37.71
CA PHE F 75 -33.04 -33.86 -37.77
C PHE F 75 -31.78 -33.95 -38.63
N THR F 76 -31.48 -32.87 -39.35
CA THR F 76 -30.30 -32.83 -40.19
C THR F 76 -29.47 -31.58 -39.89
N LEU F 77 -28.17 -31.82 -39.80
CA LEU F 77 -27.18 -30.76 -39.78
C LEU F 77 -26.52 -30.72 -41.15
N THR F 78 -26.41 -29.54 -41.75
CA THR F 78 -25.79 -29.43 -43.07
C THR F 78 -24.64 -28.46 -43.00
N ILE F 79 -23.55 -28.81 -43.67
CA ILE F 79 -22.38 -27.94 -43.75
C ILE F 79 -22.08 -27.69 -45.21
N ASN F 80 -22.26 -26.45 -45.65
CA ASN F 80 -22.12 -26.15 -47.06
C ASN F 80 -21.65 -24.75 -47.30
N PRO F 81 -20.46 -24.60 -47.91
CA PRO F 81 -19.52 -25.67 -48.27
C PRO F 81 -18.65 -26.10 -47.09
N VAL F 82 -18.21 -27.35 -47.09
CA VAL F 82 -17.24 -27.81 -46.10
C VAL F 82 -15.87 -27.12 -46.28
N GLU F 83 -15.32 -26.64 -45.16
CA GLU F 83 -13.99 -26.04 -45.16
C GLU F 83 -13.00 -26.90 -44.36
N ALA F 84 -11.72 -26.58 -44.49
CA ALA F 84 -10.65 -27.43 -43.96
C ALA F 84 -10.70 -27.59 -42.45
N ASP F 85 -11.15 -26.55 -41.76
CA ASP F 85 -11.17 -26.57 -40.30
C ASP F 85 -12.46 -27.22 -39.75
N ASP F 86 -13.22 -27.88 -40.60
CA ASP F 86 -14.51 -28.41 -40.19
C ASP F 86 -14.47 -29.86 -39.71
N PHE F 87 -13.31 -30.50 -39.82
CA PHE F 87 -13.23 -31.86 -39.31
C PHE F 87 -13.46 -31.76 -37.82
N ALA F 88 -14.26 -32.70 -37.31
CA ALA F 88 -14.72 -32.71 -35.92
C ALA F 88 -15.62 -33.90 -35.69
N THR F 89 -15.99 -34.11 -34.44
CA THR F 89 -17.12 -34.96 -34.13
C THR F 89 -18.34 -34.06 -33.90
N TYR F 90 -19.44 -34.41 -34.52
CA TYR F 90 -20.67 -33.64 -34.39
C TYR F 90 -21.67 -34.42 -33.57
N TYR F 91 -22.15 -33.79 -32.50
CA TYR F 91 -23.14 -34.44 -31.62
C TYR F 91 -24.48 -33.76 -31.73
N CYS F 92 -25.54 -34.55 -31.77
CA CYS F 92 -26.85 -33.97 -31.55
C CYS F 92 -27.21 -34.16 -30.08
N GLN F 93 -28.04 -33.26 -29.59
CA GLN F 93 -28.52 -33.36 -28.21
C GLN F 93 -29.98 -32.99 -28.13
N GLN F 94 -30.74 -33.79 -27.40
CA GLN F 94 -32.13 -33.41 -27.11
C GLN F 94 -32.26 -32.92 -25.66
N THR F 95 -33.07 -31.89 -25.47
CA THR F 95 -33.32 -31.40 -24.14
C THR F 95 -34.82 -31.36 -23.86
N ASN F 96 -35.59 -32.21 -24.53
CA ASN F 96 -37.05 -32.19 -24.35
C ASN F 96 -37.47 -32.86 -23.05
N GLU F 97 -36.82 -33.98 -22.73
CA GLU F 97 -37.08 -34.73 -21.50
C GLU F 97 -35.83 -34.83 -20.64
N ASP F 98 -36.02 -34.87 -19.33
CA ASP F 98 -34.97 -35.34 -18.43
C ASP F 98 -34.90 -36.86 -18.51
N PRO F 99 -33.67 -37.41 -18.57
CA PRO F 99 -32.41 -36.67 -18.64
C PRO F 99 -32.02 -36.27 -20.08
N ARG F 100 -31.26 -35.19 -20.20
CA ARG F 100 -30.69 -34.81 -21.48
C ARG F 100 -29.87 -35.96 -22.07
N THR F 101 -29.98 -36.16 -23.37
CA THR F 101 -29.16 -37.20 -23.96
C THR F 101 -28.46 -36.71 -25.21
N PHE F 102 -27.30 -37.31 -25.47
CA PHE F 102 -26.53 -36.99 -26.66
C PHE F 102 -26.54 -38.19 -27.59
N GLY F 103 -26.45 -37.91 -28.89
CA GLY F 103 -26.27 -38.96 -29.87
C GLY F 103 -24.83 -39.44 -29.80
N GLY F 104 -24.53 -40.52 -30.51
CA GLY F 104 -23.21 -41.14 -30.45
C GLY F 104 -22.12 -40.30 -31.09
N GLY F 105 -22.52 -39.32 -31.90
CA GLY F 105 -21.56 -38.53 -32.65
C GLY F 105 -21.36 -39.04 -34.07
N THR F 106 -20.96 -38.12 -34.93
CA THR F 106 -20.63 -38.39 -36.31
C THR F 106 -19.26 -37.76 -36.57
N LYS F 107 -18.31 -38.56 -37.04
CA LYS F 107 -16.99 -38.04 -37.34
C LYS F 107 -16.91 -37.52 -38.76
N LEU F 108 -16.71 -36.21 -38.89
CA LEU F 108 -16.55 -35.60 -40.19
C LEU F 108 -15.08 -35.50 -40.51
N GLU F 109 -14.69 -36.14 -41.59
CA GLU F 109 -13.33 -36.09 -42.08
C GLU F 109 -13.29 -35.30 -43.39
N ILE F 110 -12.30 -34.42 -43.53
CA ILE F 110 -12.15 -33.76 -44.81
C ILE F 110 -11.53 -34.75 -45.80
N LYS F 111 -12.25 -35.01 -46.89
CA LYS F 111 -11.71 -35.85 -47.95
C LYS F 111 -10.78 -35.02 -48.80
N ARG F 112 -9.67 -35.61 -49.23
CA ARG F 112 -8.72 -34.94 -50.11
C ARG F 112 -8.08 -36.01 -51.00
N ALA F 113 -7.25 -35.59 -51.94
CA ALA F 113 -6.51 -36.55 -52.74
C ALA F 113 -5.62 -37.47 -51.87
N ASP F 114 -5.53 -38.73 -52.28
CA ASP F 114 -4.69 -39.71 -51.60
C ASP F 114 -3.26 -39.22 -51.60
N ALA F 115 -2.61 -39.33 -50.46
CA ALA F 115 -1.23 -38.88 -50.35
C ALA F 115 -0.38 -39.92 -49.64
N ALA F 116 0.73 -40.29 -50.25
CA ALA F 116 1.67 -41.22 -49.63
C ALA F 116 2.41 -40.52 -48.50
N PRO F 117 2.82 -41.29 -47.49
CA PRO F 117 3.50 -40.70 -46.33
C PRO F 117 4.97 -40.40 -46.57
N THR F 118 5.46 -39.36 -45.91
CA THR F 118 6.88 -39.08 -45.85
C THR F 118 7.45 -39.75 -44.62
N VAL F 119 8.26 -40.77 -44.84
CA VAL F 119 8.69 -41.66 -43.77
C VAL F 119 10.10 -41.39 -43.26
N SER F 120 10.25 -41.19 -41.96
CA SER F 120 11.57 -41.05 -41.35
C SER F 120 11.85 -42.13 -40.31
N ILE F 121 13.11 -42.54 -40.20
CA ILE F 121 13.51 -43.51 -39.20
C ILE F 121 14.66 -42.95 -38.37
N PHE F 122 14.61 -43.19 -37.06
CA PHE F 122 15.60 -42.69 -36.11
C PHE F 122 16.03 -43.79 -35.18
N PRO F 123 17.32 -44.14 -35.20
CA PRO F 123 17.80 -45.11 -34.20
C PRO F 123 17.80 -44.49 -32.81
N PRO F 124 17.85 -45.31 -31.74
CA PRO F 124 17.89 -44.81 -30.37
C PRO F 124 19.00 -43.79 -30.16
N SER F 125 18.74 -42.81 -29.29
CA SER F 125 19.75 -41.83 -28.93
C SER F 125 20.74 -42.44 -27.97
N SER F 126 21.98 -41.96 -28.00
CA SER F 126 22.99 -42.47 -27.07
C SER F 126 22.53 -42.21 -25.65
N GLU F 127 21.76 -41.15 -25.46
CA GLU F 127 21.23 -40.85 -24.14
C GLU F 127 20.22 -41.90 -23.66
N GLN F 128 19.34 -42.38 -24.53
CA GLN F 128 18.42 -43.44 -24.12
C GLN F 128 19.17 -44.73 -23.82
N LEU F 129 20.26 -44.95 -24.57
CA LEU F 129 21.03 -46.18 -24.40
C LEU F 129 21.65 -46.25 -23.00
N THR F 130 22.09 -45.10 -22.49
CA THR F 130 22.74 -45.06 -21.17
C THR F 130 21.77 -45.49 -20.11
N SER F 131 20.48 -45.44 -20.40
CA SER F 131 19.47 -45.90 -19.46
C SER F 131 19.16 -47.40 -19.64
N GLY F 132 19.69 -48.01 -20.68
CA GLY F 132 19.45 -49.42 -20.90
C GLY F 132 18.24 -49.71 -21.76
N GLY F 133 17.62 -48.66 -22.31
CA GLY F 133 16.50 -48.83 -23.21
C GLY F 133 16.90 -48.52 -24.63
N ALA F 134 16.12 -49.01 -25.59
CA ALA F 134 16.41 -48.70 -26.99
C ALA F 134 15.14 -48.62 -27.83
N SER F 135 14.63 -47.39 -27.99
CA SER F 135 13.45 -47.16 -28.82
C SER F 135 13.83 -46.75 -30.23
N VAL F 136 13.38 -47.51 -31.22
CA VAL F 136 13.54 -47.12 -32.62
C VAL F 136 12.26 -46.46 -33.11
N VAL F 137 12.38 -45.24 -33.61
CA VAL F 137 11.20 -44.48 -33.93
C VAL F 137 11.06 -44.30 -35.42
N CYS F 138 9.82 -44.40 -35.88
CA CYS F 138 9.48 -44.17 -37.27
C CYS F 138 8.34 -43.15 -37.39
N PHE F 139 8.57 -42.06 -38.11
CA PHE F 139 7.49 -41.13 -38.41
C PHE F 139 6.94 -41.38 -39.81
N LEU F 140 5.63 -41.47 -39.92
CA LEU F 140 4.97 -41.53 -41.22
C LEU F 140 4.10 -40.30 -41.34
N ASN F 141 4.61 -39.27 -42.02
CA ASN F 141 4.03 -37.93 -41.96
C ASN F 141 3.28 -37.49 -43.20
N ASN F 142 2.08 -36.94 -42.97
CA ASN F 142 1.26 -36.31 -43.99
C ASN F 142 0.80 -37.28 -45.09
N PHE F 143 -0.11 -38.19 -44.72
CA PHE F 143 -0.73 -39.07 -45.70
C PHE F 143 -2.26 -39.05 -45.65
N TYR F 144 -2.88 -39.58 -46.69
CA TYR F 144 -4.34 -39.71 -46.74
C TYR F 144 -4.67 -40.86 -47.68
N PRO F 145 -5.63 -41.70 -47.32
CA PRO F 145 -6.48 -41.72 -46.12
C PRO F 145 -5.79 -42.29 -44.88
N LYS F 146 -6.52 -42.33 -43.77
CA LYS F 146 -5.95 -42.62 -42.45
C LYS F 146 -5.45 -44.05 -42.32
N ASP F 147 -6.04 -44.95 -43.08
CA ASP F 147 -5.71 -46.36 -43.04
C ASP F 147 -4.30 -46.60 -43.54
N ILE F 148 -3.44 -47.12 -42.67
CA ILE F 148 -2.08 -47.42 -43.06
C ILE F 148 -1.62 -48.63 -42.29
N ASN F 149 -0.63 -49.35 -42.82
CA ASN F 149 -0.06 -50.47 -42.11
C ASN F 149 1.45 -50.35 -41.97
N VAL F 150 1.94 -50.49 -40.75
CA VAL F 150 3.35 -50.37 -40.44
C VAL F 150 3.92 -51.71 -39.97
N LYS F 151 4.93 -52.21 -40.68
CA LYS F 151 5.66 -53.38 -40.27
C LYS F 151 7.04 -52.97 -39.78
N TRP F 152 7.52 -53.64 -38.74
CA TRP F 152 8.88 -53.49 -38.26
C TRP F 152 9.66 -54.76 -38.60
N LYS F 153 10.88 -54.60 -39.09
CA LYS F 153 11.68 -55.74 -39.47
C LYS F 153 13.09 -55.61 -38.95
N ILE F 154 13.47 -56.57 -38.12
CA ILE F 154 14.82 -56.62 -37.61
C ILE F 154 15.58 -57.75 -38.29
N ASP F 155 16.73 -57.42 -38.87
CA ASP F 155 17.55 -58.37 -39.60
C ASP F 155 16.76 -59.29 -40.53
N GLY F 156 15.71 -58.75 -41.16
CA GLY F 156 14.89 -59.54 -42.09
C GLY F 156 13.66 -60.21 -41.51
N SER F 157 13.55 -60.29 -40.18
CA SER F 157 12.40 -60.94 -39.57
C SER F 157 11.38 -59.92 -38.99
N GLU F 158 10.09 -60.23 -39.09
CA GLU F 158 9.08 -59.30 -38.63
C GLU F 158 9.07 -59.23 -37.11
N ARG F 159 8.67 -58.09 -36.57
CA ARG F 159 8.65 -57.87 -35.13
C ARG F 159 7.31 -57.29 -34.70
N GLN F 160 6.61 -57.97 -33.78
CA GLN F 160 5.31 -57.48 -33.34
C GLN F 160 5.33 -56.96 -31.92
N ASN F 161 6.14 -57.57 -31.06
CA ASN F 161 6.20 -57.11 -29.68
C ASN F 161 7.06 -55.88 -29.57
N GLY F 162 6.57 -54.90 -28.82
CA GLY F 162 7.30 -53.69 -28.54
C GLY F 162 6.89 -52.51 -29.41
N VAL F 163 6.00 -52.76 -30.36
CA VAL F 163 5.59 -51.71 -31.27
C VAL F 163 4.43 -50.94 -30.67
N LEU F 164 4.59 -49.64 -30.52
CA LEU F 164 3.50 -48.77 -30.13
C LEU F 164 3.20 -47.76 -31.24
N ASN F 165 1.93 -47.65 -31.63
CA ASN F 165 1.53 -46.76 -32.74
C ASN F 165 0.55 -45.68 -32.34
N SER F 166 0.70 -44.49 -32.91
CA SER F 166 -0.19 -43.40 -32.55
C SER F 166 -0.46 -42.46 -33.74
N TRP F 167 -1.73 -42.26 -34.05
CA TRP F 167 -2.13 -41.31 -35.09
C TRP F 167 -2.40 -39.94 -34.51
N THR F 168 -2.09 -38.90 -35.29
CA THR F 168 -2.60 -37.57 -35.02
C THR F 168 -4.03 -37.46 -35.55
N ASP F 169 -4.75 -36.44 -35.12
CA ASP F 169 -6.00 -36.14 -35.76
C ASP F 169 -5.71 -35.43 -37.07
N GLN F 170 -6.74 -35.22 -37.90
CA GLN F 170 -6.53 -34.59 -39.20
C GLN F 170 -5.94 -33.20 -39.08
N ASP F 171 -5.18 -32.79 -40.09
CA ASP F 171 -4.53 -31.51 -40.12
C ASP F 171 -5.47 -30.43 -40.69
N SER F 172 -5.52 -29.26 -40.05
CA SER F 172 -6.36 -28.15 -40.50
C SER F 172 -5.93 -27.64 -41.87
N LYS F 173 -4.63 -27.56 -42.09
CA LYS F 173 -4.15 -26.93 -43.31
C LYS F 173 -4.29 -27.87 -44.50
N ASP F 174 -3.82 -29.13 -44.40
CA ASP F 174 -3.70 -29.95 -45.61
C ASP F 174 -4.48 -31.24 -45.56
N SER F 175 -5.36 -31.34 -44.56
CA SER F 175 -6.24 -32.49 -44.36
C SER F 175 -5.55 -33.86 -44.33
N THR F 176 -4.28 -33.90 -43.96
CA THR F 176 -3.60 -35.19 -43.85
C THR F 176 -3.55 -35.70 -42.42
N TYR F 177 -3.11 -36.95 -42.32
CA TYR F 177 -2.83 -37.56 -41.04
C TYR F 177 -1.35 -37.81 -40.95
N SER F 178 -0.89 -38.03 -39.72
CA SER F 178 0.45 -38.51 -39.48
C SER F 178 0.37 -39.60 -38.42
N MET F 179 1.44 -40.37 -38.32
CA MET F 179 1.49 -41.50 -37.42
C MET F 179 2.92 -41.69 -36.96
N SER F 180 3.13 -42.08 -35.71
CA SER F 180 4.47 -42.50 -35.31
C SER F 180 4.39 -43.95 -34.84
N SER F 181 5.43 -44.70 -35.17
CA SER F 181 5.57 -46.06 -34.73
C SER F 181 6.85 -46.15 -33.89
N THR F 182 6.73 -46.64 -32.66
CA THR F 182 7.89 -46.76 -31.79
C THR F 182 8.15 -48.20 -31.35
N LEU F 183 9.35 -48.69 -31.70
CA LEU F 183 9.73 -50.03 -31.34
C LEU F 183 10.62 -49.91 -30.12
N THR F 184 10.12 -50.33 -28.96
CA THR F 184 10.93 -50.24 -27.76
C THR F 184 11.58 -51.58 -27.43
N LEU F 185 12.90 -51.57 -27.48
CA LEU F 185 13.71 -52.73 -27.18
C LEU F 185 14.51 -52.45 -25.92
N THR F 186 15.09 -53.50 -25.36
CA THR F 186 16.18 -53.31 -24.41
C THR F 186 17.46 -52.96 -25.16
N LYS F 187 18.43 -52.42 -24.45
CA LYS F 187 19.72 -52.08 -25.08
C LYS F 187 20.41 -53.35 -25.60
N ASP F 188 20.41 -54.39 -24.80
CA ASP F 188 21.02 -55.66 -25.22
C ASP F 188 20.35 -56.23 -26.48
N GLU F 189 19.04 -56.26 -26.51
CA GLU F 189 18.31 -56.73 -27.67
C GLU F 189 18.66 -55.87 -28.90
N TYR F 190 18.83 -54.58 -28.67
CA TYR F 190 19.20 -53.67 -29.74
C TYR F 190 20.59 -53.98 -30.28
N GLU F 191 21.44 -54.57 -29.44
CA GLU F 191 22.81 -54.79 -29.85
C GLU F 191 23.02 -56.20 -30.40
N ARG F 192 21.96 -57.00 -30.37
CA ARG F 192 22.00 -58.34 -30.92
C ARG F 192 21.74 -58.31 -32.41
N HIS F 193 21.33 -57.17 -32.92
CA HIS F 193 20.87 -57.09 -34.31
C HIS F 193 21.41 -55.88 -35.03
N ASN F 194 21.47 -55.96 -36.36
CA ASN F 194 22.20 -54.96 -37.13
C ASN F 194 21.26 -54.02 -37.86
N SER F 195 20.39 -54.56 -38.71
CA SER F 195 19.57 -53.68 -39.53
C SER F 195 18.12 -53.62 -39.03
N TYR F 196 17.58 -52.41 -39.12
CA TYR F 196 16.29 -52.09 -38.57
C TYR F 196 15.46 -51.41 -39.64
N THR F 197 14.28 -51.96 -39.89
CA THR F 197 13.51 -51.55 -41.05
C THR F 197 12.10 -51.22 -40.65
N CYS F 198 11.69 -50.03 -41.07
CA CYS F 198 10.34 -49.56 -40.89
C CYS F 198 9.64 -49.72 -42.26
N GLU F 199 8.49 -50.37 -42.29
CA GLU F 199 7.81 -50.65 -43.57
C GLU F 199 6.38 -50.18 -43.60
N ALA F 200 6.09 -49.21 -44.46
CA ALA F 200 4.75 -48.64 -44.55
C ALA F 200 3.96 -49.15 -45.76
N THR F 201 2.75 -49.60 -45.51
CA THR F 201 1.87 -50.06 -46.58
C THR F 201 0.62 -49.20 -46.61
N HIS F 202 0.31 -48.68 -47.79
CA HIS F 202 -0.71 -47.66 -47.94
C HIS F 202 -1.34 -47.77 -49.33
N LYS F 203 -2.59 -47.36 -49.48
CA LYS F 203 -3.29 -47.58 -50.75
C LYS F 203 -2.71 -46.77 -51.91
N THR F 204 -1.73 -45.91 -51.63
CA THR F 204 -1.10 -45.10 -52.67
C THR F 204 0.01 -45.85 -53.41
N SER F 205 0.59 -46.85 -52.74
CA SER F 205 1.66 -47.63 -53.34
C SER F 205 1.29 -49.10 -53.33
N THR F 206 1.67 -49.77 -54.43
CA THR F 206 1.45 -51.20 -54.53
C THR F 206 2.47 -51.92 -53.65
N SER F 207 3.66 -51.33 -53.56
CA SER F 207 4.73 -51.90 -52.75
C SER F 207 5.02 -50.99 -51.55
N PRO F 208 5.58 -51.57 -50.46
CA PRO F 208 5.80 -50.79 -49.24
C PRO F 208 6.81 -49.67 -49.39
N ILE F 209 6.67 -48.64 -48.57
CA ILE F 209 7.72 -47.64 -48.43
C ILE F 209 8.61 -48.10 -47.29
N VAL F 210 9.91 -48.14 -47.53
CA VAL F 210 10.84 -48.74 -46.59
C VAL F 210 11.91 -47.75 -46.15
N LYS F 211 12.12 -47.62 -44.84
CA LYS F 211 13.26 -46.88 -44.35
C LYS F 211 14.06 -47.80 -43.41
N SER F 212 15.38 -47.75 -43.58
CA SER F 212 16.32 -48.65 -42.90
C SER F 212 17.58 -47.94 -42.45
N PHE F 213 18.11 -48.34 -41.31
CA PHE F 213 19.48 -48.00 -40.99
C PHE F 213 20.20 -49.28 -40.57
N ASN F 214 21.51 -49.28 -40.72
CA ASN F 214 22.33 -50.33 -40.13
C ASN F 214 22.97 -49.77 -38.87
N ARG F 215 23.06 -50.59 -37.83
CA ARG F 215 23.57 -50.13 -36.54
C ARG F 215 25.08 -49.83 -36.65
N ASN F 216 25.74 -50.45 -37.63
CA ASN F 216 27.14 -50.17 -37.95
C ASN F 216 27.47 -48.66 -38.08
N GLU F 217 26.68 -47.97 -38.89
CA GLU F 217 26.90 -46.54 -39.15
C GLU F 217 26.63 -45.68 -37.93
N GLU G 1 48.87 -5.44 22.99
CA GLU G 1 48.20 -5.56 21.70
C GLU G 1 48.78 -4.57 20.69
N VAL G 2 48.97 -3.33 21.11
CA VAL G 2 49.70 -2.39 20.29
C VAL G 2 51.18 -2.76 20.30
N GLN G 3 51.75 -2.92 19.12
CA GLN G 3 53.16 -3.21 19.03
C GLN G 3 53.79 -2.34 17.97
N LEU G 4 54.91 -1.76 18.34
CA LEU G 4 55.77 -1.07 17.42
C LEU G 4 57.02 -1.93 17.25
N GLN G 5 57.16 -2.51 16.08
CA GLN G 5 58.28 -3.40 15.81
C GLN G 5 59.35 -2.74 14.95
N GLN G 6 60.50 -2.41 15.54
CA GLN G 6 61.56 -1.74 14.79
C GLN G 6 62.53 -2.71 14.11
N SER G 7 63.21 -2.23 13.06
CA SER G 7 64.22 -3.04 12.36
C SER G 7 65.45 -3.19 13.24
N GLY G 8 66.33 -4.12 12.88
CA GLY G 8 67.45 -4.49 13.73
C GLY G 8 68.58 -3.48 13.72
N PRO G 9 69.64 -3.77 14.48
CA PRO G 9 70.82 -2.88 14.54
C PRO G 9 71.45 -2.69 13.17
N GLU G 10 72.01 -1.51 12.93
CA GLU G 10 72.63 -1.17 11.66
C GLU G 10 74.07 -0.70 11.81
N LEU G 11 74.96 -1.22 10.99
CA LEU G 11 76.29 -0.64 10.80
C LEU G 11 76.37 0.02 9.43
N VAL G 12 76.70 1.31 9.41
CA VAL G 12 76.77 2.06 8.16
C VAL G 12 78.05 2.92 8.05
N LYS G 13 78.58 3.03 6.83
CA LYS G 13 79.80 3.79 6.61
C LYS G 13 79.51 5.26 6.75
N PRO G 14 80.51 6.03 7.18
CA PRO G 14 80.29 7.48 7.22
C PRO G 14 79.97 8.03 5.83
N GLY G 15 79.08 9.01 5.77
CA GLY G 15 78.71 9.63 4.51
C GLY G 15 77.53 9.01 3.78
N ALA G 16 77.21 7.75 4.09
CA ALA G 16 76.09 7.05 3.48
C ALA G 16 74.76 7.36 4.16
N SER G 17 73.71 6.72 3.67
CA SER G 17 72.38 6.82 4.24
C SER G 17 71.87 5.48 4.75
N MET G 18 70.88 5.52 5.62
CA MET G 18 70.16 4.31 5.97
C MET G 18 68.74 4.64 6.30
N LYS G 19 67.89 3.64 6.18
CA LYS G 19 66.50 3.77 6.47
C LYS G 19 66.10 2.79 7.58
N ILE G 20 65.51 3.32 8.65
CA ILE G 20 65.02 2.52 9.76
C ILE G 20 63.53 2.37 9.61
N SER G 21 63.01 1.17 9.81
CA SER G 21 61.57 0.97 9.74
C SER G 21 60.97 0.70 11.11
N CYS G 22 59.69 1.01 11.24
CA CYS G 22 58.94 0.79 12.47
C CYS G 22 57.57 0.27 12.09
N LYS G 23 57.34 -1.04 12.26
CA LYS G 23 56.08 -1.63 11.83
C LYS G 23 55.02 -1.60 12.94
N ALA G 24 53.93 -0.89 12.69
CA ALA G 24 52.87 -0.73 13.67
C ALA G 24 51.78 -1.79 13.51
N SER G 25 51.31 -2.32 14.62
CA SER G 25 50.14 -3.19 14.60
C SER G 25 49.33 -2.98 15.88
N GLY G 26 48.08 -3.48 15.86
CA GLY G 26 47.22 -3.47 17.03
C GLY G 26 46.34 -2.24 17.14
N TYR G 27 46.36 -1.43 16.08
CA TYR G 27 45.60 -0.19 16.05
C TYR G 27 45.55 0.40 14.66
N SER G 28 44.70 1.41 14.49
CA SER G 28 44.50 2.03 13.19
C SER G 28 45.63 3.01 12.88
N PHE G 29 46.50 2.59 11.98
CA PHE G 29 47.77 3.29 11.68
C PHE G 29 47.64 4.80 11.39
N THR G 30 46.64 5.22 10.62
CA THR G 30 46.60 6.62 10.22
C THR G 30 45.87 7.53 11.20
N GLY G 31 45.63 7.02 12.41
CA GLY G 31 44.93 7.77 13.44
C GLY G 31 45.82 8.50 14.45
N TYR G 32 47.12 8.21 14.46
CA TYR G 32 48.02 8.77 15.47
C TYR G 32 49.37 9.12 14.85
N SER G 33 49.92 10.26 15.24
CA SER G 33 51.26 10.63 14.81
C SER G 33 52.30 9.60 15.23
N MET G 34 53.23 9.29 14.35
CA MET G 34 54.41 8.52 14.74
C MET G 34 55.53 9.51 15.01
N ASN G 35 56.13 9.43 16.21
CA ASN G 35 57.29 10.24 16.56
C ASN G 35 58.60 9.44 16.52
N TRP G 36 59.71 10.14 16.29
CA TRP G 36 61.03 9.52 16.35
C TRP G 36 61.87 10.25 17.38
N VAL G 37 62.66 9.47 18.13
CA VAL G 37 63.48 9.97 19.22
C VAL G 37 64.91 9.45 19.08
N LYS G 38 65.87 10.31 19.35
CA LYS G 38 67.26 9.90 19.34
C LYS G 38 67.75 9.81 20.75
N GLN G 39 68.46 8.74 21.06
CA GLN G 39 69.17 8.65 22.33
C GLN G 39 70.63 8.25 22.12
N SER G 40 71.54 9.16 22.40
CA SER G 40 72.96 8.82 22.32
C SER G 40 73.39 8.19 23.63
N HIS G 41 74.27 7.21 23.55
CA HIS G 41 74.86 6.57 24.73
C HIS G 41 75.42 7.62 25.66
N GLY G 42 75.07 7.54 26.94
CA GLY G 42 75.30 8.65 27.84
C GLY G 42 74.02 9.43 27.74
N LYS G 43 73.04 8.92 28.47
CA LYS G 43 71.65 8.98 28.03
C LYS G 43 70.95 10.33 28.09
N ASN G 44 70.62 10.85 26.91
CA ASN G 44 69.61 11.88 26.80
C ASN G 44 68.68 11.61 25.63
N LEU G 45 67.43 12.03 25.78
CA LEU G 45 66.41 11.82 24.76
C LEU G 45 66.20 13.09 23.96
N GLU G 46 66.29 12.96 22.64
CA GLU G 46 66.07 14.07 21.72
C GLU G 46 64.97 13.75 20.73
N TRP G 47 63.93 14.59 20.68
CA TRP G 47 62.86 14.40 19.70
C TRP G 47 63.32 14.85 18.34
N ILE G 48 63.22 13.96 17.35
CA ILE G 48 63.69 14.24 16.00
C ILE G 48 62.57 14.90 15.21
N GLY G 49 61.37 14.36 15.36
CA GLY G 49 60.25 14.82 14.57
C GLY G 49 59.09 13.86 14.56
N LEU G 50 57.99 14.26 13.90
CA LEU G 50 56.88 13.34 13.71
C LEU G 50 56.26 13.44 12.32
N ILE G 51 55.48 12.40 12.03
CA ILE G 51 54.76 12.30 10.79
C ILE G 51 53.30 12.02 11.07
N ASN G 52 52.44 12.58 10.23
CA ASN G 52 51.04 12.23 10.21
C ASN G 52 50.83 11.14 9.18
N PRO G 53 50.55 9.92 9.63
CA PRO G 53 50.48 8.80 8.69
C PRO G 53 49.31 8.96 7.74
N TYR G 54 48.32 9.75 8.13
CA TYR G 54 47.15 9.94 7.30
C TYR G 54 47.50 10.63 5.98
N ASN G 55 48.30 11.69 6.05
CA ASN G 55 48.63 12.47 4.86
C ASN G 55 50.13 12.62 4.59
N GLY G 56 50.97 12.14 5.51
CA GLY G 56 52.42 12.24 5.39
C GLY G 56 53.04 13.59 5.73
N ASP G 57 52.29 14.50 6.36
CA ASP G 57 52.83 15.78 6.82
C ASP G 57 53.88 15.50 7.87
N THR G 58 54.91 16.34 7.89
CA THR G 58 55.99 16.14 8.83
C THR G 58 56.36 17.41 9.58
N THR G 59 56.95 17.21 10.75
CA THR G 59 57.38 18.29 11.62
C THR G 59 58.71 17.83 12.20
N TYR G 60 59.75 18.63 12.02
CA TYR G 60 61.09 18.29 12.46
C TYR G 60 61.60 19.23 13.54
N LYS G 61 62.49 18.73 14.38
CA LYS G 61 63.29 19.60 15.21
C LYS G 61 64.32 20.26 14.29
N GLN G 62 64.63 21.53 14.54
CA GLN G 62 65.49 22.33 13.68
C GLN G 62 66.74 21.59 13.23
N LYS G 63 67.54 21.16 14.18
CA LYS G 63 68.80 20.49 13.88
C LYS G 63 68.67 19.24 13.01
N PHE G 64 67.46 18.71 12.85
CA PHE G 64 67.31 17.49 12.07
C PHE G 64 66.72 17.71 10.70
N LYS G 65 66.39 18.96 10.38
CA LYS G 65 65.96 19.27 9.03
C LYS G 65 67.10 18.96 8.08
N GLY G 66 66.84 18.18 7.03
CA GLY G 66 67.86 17.84 6.05
C GLY G 66 68.76 16.68 6.48
N LYS G 67 68.62 16.27 7.73
CA LYS G 67 69.34 15.13 8.28
C LYS G 67 68.47 13.88 8.27
N ALA G 68 67.24 14.03 8.74
CA ALA G 68 66.30 12.92 8.80
C ALA G 68 65.09 13.17 7.91
N THR G 69 64.64 12.14 7.19
CA THR G 69 63.42 12.22 6.38
C THR G 69 62.44 11.15 6.84
N LEU G 70 61.25 11.58 7.27
CA LEU G 70 60.23 10.66 7.75
C LEU G 70 59.20 10.37 6.65
N THR G 71 58.83 9.10 6.50
CA THR G 71 57.82 8.69 5.53
C THR G 71 56.97 7.58 6.15
N VAL G 72 55.86 7.21 5.50
CA VAL G 72 55.08 6.05 5.93
C VAL G 72 54.63 5.28 4.72
N ASP G 73 54.37 3.98 4.90
CA ASP G 73 53.70 3.19 3.89
C ASP G 73 52.45 2.54 4.48
N ARG G 74 51.28 3.06 4.13
CA ARG G 74 50.03 2.70 4.80
C ARG G 74 49.61 1.28 4.49
N SER G 75 49.95 0.81 3.31
CA SER G 75 49.58 -0.55 2.92
C SER G 75 50.23 -1.58 3.84
N SER G 76 51.37 -1.23 4.42
CA SER G 76 52.08 -2.15 5.30
C SER G 76 52.18 -1.64 6.72
N SER G 77 51.42 -0.59 7.04
CA SER G 77 51.47 0.06 8.34
C SER G 77 52.87 0.30 8.87
N THR G 78 53.77 0.81 8.04
CA THR G 78 55.15 0.96 8.46
C THR G 78 55.60 2.40 8.37
N ALA G 79 56.28 2.86 9.42
CA ALA G 79 56.84 4.20 9.45
C ALA G 79 58.35 4.14 9.21
N TYR G 80 58.85 5.03 8.36
CA TYR G 80 60.27 5.01 7.98
C TYR G 80 60.95 6.29 8.41
N MET G 81 62.18 6.14 8.88
CA MET G 81 63.06 7.28 9.08
C MET G 81 64.38 7.04 8.38
N GLU G 82 64.67 7.91 7.41
CA GLU G 82 65.94 7.87 6.70
C GLU G 82 66.94 8.85 7.30
N LEU G 83 68.13 8.36 7.62
CA LEU G 83 69.17 9.27 8.06
C LEU G 83 70.13 9.52 6.92
N LEU G 84 70.54 10.77 6.76
CA LEU G 84 71.38 11.15 5.63
C LEU G 84 72.77 11.60 6.07
N ARG G 85 73.76 11.28 5.23
CA ARG G 85 75.11 11.84 5.36
C ARG G 85 75.66 11.58 6.75
N LEU G 86 75.80 10.31 7.07
CA LEU G 86 75.98 9.89 8.44
C LEU G 86 77.39 10.13 8.97
N THR G 87 77.44 10.47 10.25
CA THR G 87 78.65 10.81 10.97
C THR G 87 78.63 10.06 12.27
N SER G 88 79.80 9.85 12.87
CA SER G 88 79.87 9.24 14.19
C SER G 88 78.88 9.90 15.18
N GLU G 89 78.58 11.17 14.99
CA GLU G 89 77.63 11.85 15.87
C GLU G 89 76.19 11.31 15.71
N ASP G 90 75.97 10.51 14.67
CA ASP G 90 74.67 9.89 14.43
C ASP G 90 74.57 8.50 15.04
N SER G 91 75.67 8.03 15.61
CA SER G 91 75.66 6.75 16.29
C SER G 91 74.88 6.89 17.58
N ALA G 92 73.77 6.17 17.67
CA ALA G 92 72.88 6.26 18.82
C ALA G 92 71.80 5.22 18.69
N VAL G 93 70.89 5.21 19.67
CA VAL G 93 69.69 4.41 19.57
C VAL G 93 68.53 5.29 19.08
N TYR G 94 67.76 4.78 18.12
CA TYR G 94 66.63 5.50 17.58
C TYR G 94 65.34 4.76 17.90
N TYR G 95 64.38 5.49 18.47
CA TYR G 95 63.06 4.95 18.81
C TYR G 95 61.98 5.56 17.95
N CYS G 96 61.03 4.74 17.53
CA CYS G 96 59.75 5.31 17.14
C CYS G 96 58.85 5.29 18.39
N ALA G 97 58.00 6.31 18.52
CA ALA G 97 57.07 6.40 19.64
C ALA G 97 55.75 6.92 19.11
N ARG G 98 54.65 6.23 19.44
CA ARG G 98 53.32 6.66 19.00
C ARG G 98 52.69 7.69 19.92
N SER G 99 52.01 8.66 19.34
CA SER G 99 51.29 9.65 20.13
C SER G 99 50.11 8.98 20.81
N GLY G 100 49.74 9.53 21.97
CA GLY G 100 48.57 9.06 22.70
C GLY G 100 47.28 9.74 22.26
N ARG G 101 46.22 9.43 23.00
CA ARG G 101 44.93 10.06 22.80
C ARG G 101 44.68 10.96 24.01
N GLY G 102 44.16 12.14 23.79
CA GLY G 102 43.81 13.00 24.93
C GLY G 102 44.25 14.45 24.83
N ALA G 103 45.34 14.71 24.10
CA ALA G 103 45.85 16.09 23.99
C ALA G 103 45.03 16.94 23.00
N PRO G 104 44.96 18.26 23.24
CA PRO G 104 44.19 19.19 22.38
C PRO G 104 44.73 19.32 20.95
N THR G 105 45.97 18.92 20.73
CA THR G 105 46.65 19.16 19.47
C THR G 105 47.66 18.07 19.19
N THR G 106 48.05 17.92 17.92
CA THR G 106 49.06 16.95 17.54
C THR G 106 50.40 17.25 18.21
N THR G 107 50.66 18.54 18.41
CA THR G 107 51.86 19.03 19.09
C THR G 107 51.93 18.62 20.57
N THR G 108 50.79 18.63 21.26
CA THR G 108 50.78 18.33 22.69
C THR G 108 50.69 16.84 23.06
N ALA G 109 50.54 15.95 22.08
CA ALA G 109 50.47 14.54 22.42
C ALA G 109 51.76 14.07 23.13
N TRP G 110 51.58 13.20 24.13
CA TRP G 110 52.68 12.54 24.81
C TRP G 110 52.88 11.13 24.20
N PHE G 111 53.98 10.46 24.55
CA PHE G 111 54.29 9.18 23.89
C PHE G 111 53.91 7.99 24.75
N THR G 112 52.90 7.25 24.30
CA THR G 112 52.33 6.16 25.08
C THR G 112 52.78 4.77 24.63
N TYR G 113 53.34 4.67 23.44
CA TYR G 113 53.82 3.40 22.91
C TYR G 113 55.18 3.63 22.26
N TRP G 114 56.13 2.76 22.57
CA TRP G 114 57.47 2.89 22.04
C TRP G 114 57.92 1.62 21.32
N GLY G 115 58.77 1.79 20.32
CA GLY G 115 59.44 0.64 19.74
C GLY G 115 60.60 0.22 20.63
N GLN G 116 61.19 -0.94 20.35
CA GLN G 116 62.26 -1.47 21.18
C GLN G 116 63.59 -0.77 20.94
N GLY G 117 63.67 0.03 19.88
CA GLY G 117 64.88 0.78 19.60
C GLY G 117 65.68 0.14 18.50
N THR G 118 66.51 0.96 17.85
CA THR G 118 67.36 0.51 16.77
C THR G 118 68.72 1.13 16.97
N LEU G 119 69.73 0.29 17.19
CA LEU G 119 71.07 0.81 17.43
C LEU G 119 71.79 1.03 16.11
N VAL G 120 72.32 2.23 15.93
CA VAL G 120 72.98 2.57 14.68
C VAL G 120 74.42 2.94 14.94
N THR G 121 75.32 2.24 14.27
CA THR G 121 76.74 2.51 14.37
C THR G 121 77.30 3.00 13.06
N VAL G 122 77.85 4.21 13.07
CA VAL G 122 78.43 4.78 11.87
C VAL G 122 79.93 4.62 11.97
N SER G 123 80.47 3.71 11.18
CA SER G 123 81.89 3.40 11.24
C SER G 123 82.45 2.84 9.94
N ALA G 124 83.71 3.15 9.66
CA ALA G 124 84.44 2.55 8.56
C ALA G 124 84.76 1.09 8.85
N ALA G 125 85.01 0.77 10.12
CA ALA G 125 85.44 -0.58 10.49
C ALA G 125 84.48 -1.66 9.99
N LYS G 126 84.99 -2.89 9.90
CA LYS G 126 84.17 -3.95 9.32
C LYS G 126 83.64 -4.90 10.38
N THR G 127 82.65 -5.68 9.98
CA THR G 127 81.91 -6.48 10.92
C THR G 127 82.71 -7.70 11.27
N THR G 128 82.90 -7.90 12.57
CA THR G 128 83.67 -9.02 13.08
C THR G 128 82.82 -9.78 14.08
N PRO G 129 82.68 -11.10 13.88
CA PRO G 129 81.89 -11.94 14.79
C PRO G 129 82.68 -12.15 16.09
N PRO G 130 82.01 -12.50 17.18
CA PRO G 130 82.74 -12.72 18.43
C PRO G 130 83.38 -14.11 18.54
N SER G 131 84.46 -14.20 19.31
CA SER G 131 84.96 -15.46 19.81
C SER G 131 84.39 -15.61 21.20
N VAL G 132 83.78 -16.75 21.49
CA VAL G 132 83.17 -16.98 22.79
C VAL G 132 83.94 -18.03 23.59
N TYR G 133 84.47 -17.62 24.74
CA TYR G 133 85.28 -18.53 25.54
C TYR G 133 84.61 -18.81 26.87
N PRO G 134 84.77 -20.04 27.36
CA PRO G 134 84.22 -20.44 28.64
C PRO G 134 84.99 -19.91 29.85
N LEU G 135 84.31 -19.21 30.73
CA LEU G 135 84.86 -18.86 32.04
C LEU G 135 84.47 -19.93 33.05
N ALA G 136 85.28 -20.99 33.12
CA ALA G 136 84.98 -22.17 33.91
C ALA G 136 85.68 -22.14 35.27
N PRO G 137 84.93 -22.31 36.36
CA PRO G 137 85.54 -22.32 37.69
C PRO G 137 86.33 -23.59 37.98
N GLY G 138 87.16 -23.56 39.02
CA GLY G 138 87.79 -24.78 39.51
C GLY G 138 86.79 -25.66 40.26
N ASN G 144 81.86 -25.14 47.69
CA ASN G 144 80.99 -24.14 48.29
C ASN G 144 79.58 -24.24 47.69
N SER G 145 78.58 -23.76 48.42
CA SER G 145 77.16 -23.86 48.04
C SER G 145 76.84 -23.28 46.65
N MET G 146 77.09 -21.99 46.45
CA MET G 146 76.90 -21.37 45.14
C MET G 146 78.20 -21.33 44.36
N VAL G 147 78.07 -21.38 43.04
CA VAL G 147 79.22 -21.37 42.17
C VAL G 147 78.97 -20.43 40.99
N THR G 148 80.02 -19.69 40.61
CA THR G 148 79.95 -18.69 39.55
C THR G 148 80.68 -19.12 38.28
N LEU G 149 79.96 -19.09 37.16
CA LEU G 149 80.50 -19.42 35.86
C LEU G 149 80.35 -18.19 34.99
N GLY G 150 80.92 -18.26 33.79
CA GLY G 150 80.83 -17.17 32.85
C GLY G 150 81.06 -17.54 31.39
N CYS G 151 80.77 -16.59 30.52
CA CYS G 151 81.08 -16.60 29.10
C CYS G 151 81.87 -15.33 28.80
N LEU G 152 82.92 -15.47 28.00
CA LEU G 152 83.68 -14.31 27.52
C LEU G 152 83.42 -14.09 26.03
N VAL G 153 82.90 -12.91 25.70
CA VAL G 153 82.53 -12.61 24.32
C VAL G 153 83.50 -11.57 23.78
N LYS G 154 84.50 -12.04 23.03
CA LYS G 154 85.67 -11.22 22.72
C LYS G 154 85.85 -10.93 21.24
N GLY G 155 86.19 -9.67 20.93
CA GLY G 155 86.66 -9.27 19.61
C GLY G 155 85.63 -9.20 18.50
N TYR G 156 84.51 -8.56 18.77
CA TYR G 156 83.46 -8.38 17.79
C TYR G 156 83.22 -6.92 17.44
N PHE G 157 82.59 -6.71 16.28
CA PHE G 157 82.17 -5.39 15.85
C PHE G 157 81.03 -5.50 14.86
N PRO G 158 80.04 -4.59 14.95
CA PRO G 158 79.85 -3.62 16.02
C PRO G 158 78.98 -4.17 17.16
N GLU G 159 78.54 -3.29 18.04
CA GLU G 159 77.48 -3.63 18.99
C GLU G 159 76.19 -3.81 18.19
N PRO G 160 75.19 -4.53 18.74
CA PRO G 160 75.17 -5.22 20.04
C PRO G 160 75.40 -6.73 19.91
N VAL G 161 75.68 -7.37 21.05
CA VAL G 161 75.48 -8.82 21.16
C VAL G 161 74.42 -9.02 22.22
N THR G 162 73.74 -10.16 22.16
CA THR G 162 72.81 -10.53 23.21
C THR G 162 73.32 -11.80 23.85
N VAL G 163 73.31 -11.81 25.18
CA VAL G 163 73.73 -12.96 25.92
C VAL G 163 72.56 -13.45 26.80
N THR G 164 72.20 -14.71 26.65
CA THR G 164 71.27 -15.37 27.57
C THR G 164 71.87 -16.66 28.09
N TRP G 165 71.22 -17.25 29.08
CA TRP G 165 71.72 -18.47 29.67
C TRP G 165 70.66 -19.56 29.70
N ASN G 166 70.96 -20.69 29.06
CA ASN G 166 69.99 -21.77 28.90
C ASN G 166 68.72 -21.24 28.26
N SER G 167 68.89 -20.63 27.09
CA SER G 167 67.91 -19.70 26.54
C SER G 167 67.50 -18.73 27.65
N GLY G 168 66.24 -18.73 28.04
CA GLY G 168 65.79 -17.76 29.01
C GLY G 168 65.71 -18.32 30.41
N SER G 169 65.89 -19.63 30.52
CA SER G 169 65.66 -20.34 31.78
C SER G 169 66.38 -19.70 32.94
N LEU G 170 67.71 -19.58 32.84
CA LEU G 170 68.50 -18.88 33.85
C LEU G 170 68.42 -17.38 33.71
N SER G 171 67.73 -16.74 34.64
CA SER G 171 67.55 -15.30 34.65
C SER G 171 68.12 -14.74 35.93
N SER G 172 67.81 -15.42 37.03
CA SER G 172 68.26 -15.00 38.32
C SER G 172 69.77 -15.25 38.42
N GLY G 173 70.49 -14.30 39.02
CA GLY G 173 71.93 -14.45 39.21
C GLY G 173 72.78 -14.32 37.94
N VAL G 174 72.26 -13.61 36.94
CA VAL G 174 73.02 -13.30 35.74
C VAL G 174 73.46 -11.86 35.81
N HIS G 175 74.74 -11.62 35.49
CA HIS G 175 75.28 -10.30 35.29
C HIS G 175 75.94 -10.27 33.93
N THR G 176 75.39 -9.46 33.03
CA THR G 176 76.05 -9.22 31.75
C THR G 176 76.66 -7.85 31.77
N PHE G 177 77.97 -7.79 31.55
CA PHE G 177 78.69 -6.53 31.69
C PHE G 177 78.71 -5.78 30.35
N PRO G 178 78.66 -4.45 30.41
CA PRO G 178 78.80 -3.58 29.24
C PRO G 178 80.09 -3.87 28.50
N ALA G 179 80.03 -3.97 27.17
CA ALA G 179 81.24 -4.21 26.40
C ALA G 179 82.21 -3.08 26.62
N VAL G 180 83.50 -3.40 26.56
CA VAL G 180 84.54 -2.38 26.51
C VAL G 180 85.15 -2.42 25.12
N LEU G 181 85.49 -1.23 24.62
CA LEU G 181 86.01 -1.08 23.28
C LEU G 181 87.51 -0.88 23.34
N GLN G 182 88.23 -1.71 22.61
CA GLN G 182 89.67 -1.59 22.58
C GLN G 182 90.17 -2.00 21.21
N SER G 183 90.89 -1.08 20.56
CA SER G 183 91.44 -1.34 19.24
C SER G 183 90.35 -1.72 18.26
N ASP G 184 89.27 -0.95 18.30
CA ASP G 184 88.15 -1.09 17.38
C ASP G 184 87.44 -2.45 17.48
N LEU G 185 87.67 -3.16 18.57
CA LEU G 185 86.90 -4.37 18.83
C LEU G 185 86.24 -4.30 20.20
N TYR G 186 85.08 -4.94 20.31
CA TYR G 186 84.36 -4.99 21.57
C TYR G 186 84.56 -6.32 22.26
N THR G 187 84.60 -6.26 23.59
CA THR G 187 84.61 -7.46 24.41
C THR G 187 83.65 -7.29 25.57
N LEU G 188 82.89 -8.33 25.89
CA LEU G 188 82.17 -8.32 27.15
C LEU G 188 82.21 -9.67 27.83
N SER G 189 81.83 -9.70 29.10
CA SER G 189 81.65 -10.94 29.84
C SER G 189 80.26 -11.06 30.47
N SER G 190 79.86 -12.28 30.73
CA SER G 190 78.62 -12.55 31.41
C SER G 190 78.86 -13.59 32.47
N SER G 191 78.41 -13.33 33.68
CA SER G 191 78.50 -14.33 34.74
C SER G 191 77.13 -14.83 35.14
N VAL G 192 77.05 -16.12 35.48
CA VAL G 192 75.86 -16.65 36.13
C VAL G 192 76.26 -17.42 37.38
N THR G 193 75.53 -17.20 38.46
CA THR G 193 75.76 -17.91 39.70
C THR G 193 74.64 -18.90 39.91
N VAL G 194 74.98 -20.16 40.10
CA VAL G 194 73.98 -21.22 40.24
C VAL G 194 74.32 -22.13 41.43
N PRO G 195 73.37 -22.97 41.85
CA PRO G 195 73.70 -23.93 42.91
C PRO G 195 74.71 -24.98 42.46
N SER G 196 75.60 -25.41 43.35
CA SER G 196 76.42 -26.58 43.09
C SER G 196 75.53 -27.80 42.86
N SER G 197 74.40 -27.78 43.57
CA SER G 197 73.30 -28.71 43.40
C SER G 197 72.90 -28.96 41.93
N THR G 198 73.11 -27.97 41.06
CA THR G 198 72.77 -28.09 39.63
C THR G 198 73.46 -29.26 38.89
N TRP G 199 74.58 -29.76 39.41
CA TRP G 199 75.25 -30.89 38.77
C TRP G 199 75.10 -32.19 39.53
N GLU G 202 73.08 -31.03 35.79
CA GLU G 202 72.41 -30.34 34.69
C GLU G 202 73.37 -29.39 34.01
N THR G 203 73.11 -29.11 32.73
CA THR G 203 74.03 -28.30 31.96
C THR G 203 73.73 -26.81 32.12
N VAL G 204 74.79 -26.01 32.11
CA VAL G 204 74.65 -24.56 32.04
C VAL G 204 75.27 -24.15 30.71
N THR G 205 74.51 -23.42 29.90
CA THR G 205 74.92 -23.11 28.55
C THR G 205 74.73 -21.63 28.28
N CYS G 206 75.75 -21.05 27.66
CA CYS G 206 75.79 -19.65 27.31
C CYS G 206 75.31 -19.48 25.86
N ASN G 207 74.36 -18.56 25.62
CA ASN G 207 73.88 -18.32 24.25
C ASN G 207 74.25 -16.91 23.77
N VAL G 208 75.02 -16.82 22.72
CA VAL G 208 75.50 -15.54 22.25
C VAL G 208 75.00 -15.32 20.84
N ALA G 209 74.30 -14.21 20.66
CA ALA G 209 73.87 -13.84 19.33
C ALA G 209 74.55 -12.53 18.94
N HIS G 210 75.13 -12.51 17.74
CA HIS G 210 75.71 -11.32 17.15
C HIS G 210 75.07 -11.04 15.77
N PRO G 211 74.01 -10.23 15.74
CA PRO G 211 73.21 -9.86 14.55
C PRO G 211 74.05 -9.46 13.35
N ALA G 212 74.89 -8.46 13.55
CA ALA G 212 75.71 -7.89 12.48
C ALA G 212 76.47 -8.94 11.70
N SER G 213 76.76 -10.06 12.34
CA SER G 213 77.50 -11.11 11.66
C SER G 213 76.67 -12.36 11.52
N SER G 214 75.37 -12.27 11.84
CA SER G 214 74.47 -13.41 11.74
C SER G 214 75.07 -14.62 12.46
N THR G 215 75.51 -14.39 13.68
CA THR G 215 76.17 -15.42 14.47
C THR G 215 75.33 -15.75 15.70
N LYS G 216 75.07 -17.04 15.91
CA LYS G 216 74.57 -17.47 17.20
C LYS G 216 75.36 -18.66 17.68
N VAL G 217 75.98 -18.51 18.84
CA VAL G 217 76.84 -19.52 19.41
C VAL G 217 76.32 -19.97 20.78
N ASP G 218 76.45 -21.27 21.07
CA ASP G 218 76.08 -21.83 22.35
C ASP G 218 77.27 -22.58 22.94
N LYS G 219 77.65 -22.21 24.15
CA LYS G 219 78.81 -22.76 24.81
C LYS G 219 78.40 -23.36 26.16
N LYS G 220 78.57 -24.69 26.28
CA LYS G 220 78.31 -25.39 27.52
C LYS G 220 79.46 -25.17 28.50
N ILE G 221 79.14 -24.73 29.70
CA ILE G 221 80.21 -24.42 30.65
C ILE G 221 80.30 -25.49 31.73
N VAL G 222 81.46 -26.11 31.81
CA VAL G 222 81.73 -27.15 32.79
C VAL G 222 82.99 -26.76 33.55
N PRO G 223 82.99 -26.99 34.87
CA PRO G 223 84.20 -26.84 35.70
C PRO G 223 85.45 -27.47 35.09
N ARG G 224 86.59 -26.80 35.19
CA ARG G 224 87.86 -27.31 34.67
C ARG G 224 88.99 -27.23 35.71
N ASP G 225 89.90 -28.21 35.64
CA ASP G 225 90.92 -28.52 36.66
C ASP G 225 91.28 -27.40 37.64
N ASP H 1 63.07 26.74 22.03
CA ASP H 1 63.27 25.45 22.69
C ASP H 1 63.16 25.56 24.19
N ILE H 2 62.10 24.99 24.73
CA ILE H 2 61.93 24.97 26.16
C ILE H 2 62.98 24.03 26.75
N VAL H 3 63.75 24.58 27.67
CA VAL H 3 64.76 23.80 28.39
C VAL H 3 64.22 23.30 29.72
N LEU H 4 64.34 22.00 29.92
CA LEU H 4 63.92 21.32 31.14
C LEU H 4 65.16 20.95 31.95
N THR H 5 65.32 21.51 33.15
CA THR H 5 66.45 21.10 33.97
C THR H 5 65.93 20.28 35.16
N GLN H 6 66.51 19.12 35.37
CA GLN H 6 66.06 18.26 36.45
C GLN H 6 66.98 18.29 37.65
N SER H 7 66.41 17.98 38.80
CA SER H 7 67.16 18.00 40.03
C SER H 7 66.64 16.93 41.01
N PRO H 8 67.54 16.13 41.57
CA PRO H 8 68.98 16.20 41.30
C PRO H 8 69.34 15.40 40.07
N ALA H 9 70.59 15.43 39.65
CA ALA H 9 71.04 14.56 38.56
C ALA H 9 71.00 13.12 39.03
N SER H 10 71.30 12.95 40.31
CA SER H 10 71.41 11.63 40.88
C SER H 10 70.91 11.66 42.32
N LEU H 11 70.25 10.58 42.72
CA LEU H 11 69.54 10.53 43.98
C LEU H 11 69.63 9.09 44.51
N ALA H 12 69.95 8.94 45.79
CA ALA H 12 69.97 7.62 46.41
C ALA H 12 68.91 7.56 47.52
N VAL H 13 67.98 6.63 47.39
CA VAL H 13 66.85 6.59 48.32
C VAL H 13 66.70 5.18 48.86
N SER H 14 66.55 5.08 50.18
CA SER H 14 66.45 3.77 50.80
C SER H 14 65.13 3.12 50.45
N LEU H 15 65.10 1.80 50.49
CA LEU H 15 63.86 1.09 50.26
C LEU H 15 62.83 1.57 51.26
N GLY H 16 61.62 1.87 50.77
CA GLY H 16 60.55 2.26 51.66
C GLY H 16 60.47 3.75 51.91
N GLN H 17 61.46 4.50 51.45
CA GLN H 17 61.49 5.94 51.67
C GLN H 17 60.91 6.70 50.49
N ARG H 18 60.86 8.01 50.62
CA ARG H 18 60.26 8.84 49.60
C ARG H 18 61.31 9.40 48.66
N ALA H 19 61.14 9.20 47.37
CA ALA H 19 62.01 9.85 46.42
C ALA H 19 61.28 11.02 45.79
N THR H 20 61.93 12.18 45.75
CA THR H 20 61.38 13.39 45.17
C THR H 20 62.30 13.92 44.07
N ILE H 21 61.77 14.01 42.85
CA ILE H 21 62.52 14.48 41.68
C ILE H 21 61.82 15.70 41.08
N SER H 22 62.58 16.74 40.77
CA SER H 22 61.98 17.99 40.34
C SER H 22 62.42 18.39 38.94
N CYS H 23 61.57 19.18 38.28
CA CYS H 23 61.76 19.57 36.88
C CYS H 23 61.33 21.02 36.71
N ARG H 24 62.26 21.91 36.40
CA ARG H 24 61.91 23.30 36.12
C ARG H 24 62.01 23.56 34.62
N ALA H 25 61.00 24.24 34.08
CA ALA H 25 61.00 24.56 32.65
C ALA H 25 61.35 26.02 32.49
N SER H 26 62.03 26.35 31.40
CA SER H 26 62.46 27.72 31.12
C SER H 26 61.31 28.61 30.70
N GLU H 27 60.27 28.01 30.14
CA GLU H 27 59.06 28.72 29.78
C GLU H 27 57.88 27.92 30.32
N SER H 28 56.72 28.54 30.43
CA SER H 28 55.56 27.83 30.96
C SER H 28 55.07 26.79 29.96
N VAL H 29 54.69 25.63 30.48
CA VAL H 29 54.21 24.57 29.62
C VAL H 29 52.66 24.42 29.76
N ASP H 30 52.01 25.49 30.20
CA ASP H 30 50.56 25.53 30.38
C ASP H 30 49.82 26.02 29.13
N SER H 31 48.75 25.30 28.77
CA SER H 31 47.82 25.72 27.74
C SER H 31 46.59 24.80 27.78
N TYR H 32 45.48 25.25 27.20
CA TYR H 32 44.24 24.48 27.20
C TYR H 32 43.80 24.05 28.61
N GLY H 33 44.15 24.84 29.62
CA GLY H 33 43.76 24.52 30.97
C GLY H 33 44.50 23.30 31.49
N ASN H 34 45.62 22.99 30.85
CA ASN H 34 46.44 21.86 31.27
C ASN H 34 47.91 22.23 31.40
N SER H 35 48.66 21.37 32.08
CA SER H 35 50.12 21.49 32.14
C SER H 35 50.73 20.33 31.38
N PHE H 36 51.45 20.63 30.30
CA PHE H 36 51.91 19.54 29.43
C PHE H 36 53.36 19.18 29.73
N MET H 37 53.54 18.69 30.96
CA MET H 37 54.75 18.04 31.42
C MET H 37 54.43 16.59 31.72
N HIS H 38 55.28 15.67 31.29
CA HIS H 38 55.02 14.26 31.51
C HIS H 38 56.28 13.60 32.05
N TRP H 39 56.12 12.49 32.76
CA TRP H 39 57.24 11.80 33.36
C TRP H 39 57.45 10.42 32.77
N TYR H 40 58.70 10.12 32.41
CA TYR H 40 59.03 8.81 31.87
C TYR H 40 60.07 8.05 32.70
N GLN H 41 59.93 6.73 32.70
CA GLN H 41 60.88 5.86 33.37
C GLN H 41 61.62 5.04 32.33
N GLN H 42 62.95 5.01 32.41
CA GLN H 42 63.73 4.17 31.53
C GLN H 42 64.71 3.30 32.31
N LYS H 43 64.50 1.99 32.23
CA LYS H 43 65.45 1.00 32.76
C LYS H 43 66.56 0.81 31.73
N PRO H 44 67.74 0.35 32.18
CA PRO H 44 68.90 0.17 31.28
C PRO H 44 68.62 -0.80 30.12
N GLY H 45 68.98 -0.40 28.89
CA GLY H 45 68.66 -1.20 27.72
C GLY H 45 67.19 -1.31 27.31
N GLN H 46 66.33 -0.46 27.86
CA GLN H 46 64.90 -0.54 27.58
C GLN H 46 64.34 0.79 27.05
N PRO H 47 63.21 0.73 26.32
CA PRO H 47 62.56 1.98 25.91
C PRO H 47 62.01 2.69 27.15
N PRO H 48 61.89 4.00 27.10
CA PRO H 48 61.21 4.69 28.20
C PRO H 48 59.73 4.27 28.34
N ILE H 49 59.23 4.30 29.56
CA ILE H 49 57.84 4.02 29.83
C ILE H 49 57.20 5.32 30.33
N LEU H 50 56.03 5.68 29.80
CA LEU H 50 55.31 6.83 30.36
C LEU H 50 54.74 6.44 31.72
N LEU H 51 54.93 7.31 32.70
CA LEU H 51 54.41 7.11 34.06
C LEU H 51 53.22 8.03 34.35
N ILE H 52 53.47 9.31 34.14
CA ILE H 52 52.51 10.34 34.43
C ILE H 52 52.38 11.30 33.24
N SER H 53 51.15 11.60 32.85
CA SER H 53 50.93 12.55 31.78
C SER H 53 50.18 13.75 32.30
N ARG H 54 50.40 14.90 31.66
CA ARG H 54 49.80 16.16 32.06
C ARG H 54 49.99 16.45 33.54
N ALA H 55 51.25 16.41 33.96
CA ALA H 55 51.69 16.76 35.31
C ALA H 55 51.19 15.82 36.43
N SER H 56 50.00 15.24 36.32
CA SER H 56 49.52 14.45 37.46
C SER H 56 48.65 13.24 37.16
N ASN H 57 48.36 12.96 35.89
CA ASN H 57 47.56 11.78 35.58
C ASN H 57 48.39 10.51 35.59
N LEU H 58 48.11 9.63 36.55
CA LEU H 58 48.76 8.33 36.56
C LEU H 58 48.29 7.55 35.37
N GLU H 59 49.22 7.07 34.57
CA GLU H 59 48.84 6.22 33.46
C GLU H 59 48.41 4.84 33.92
N SER H 60 47.62 4.19 33.08
CA SER H 60 47.10 2.85 33.32
C SER H 60 48.25 1.89 33.50
N GLY H 61 48.12 0.97 34.45
CA GLY H 61 49.17 -0.01 34.69
C GLY H 61 50.34 0.43 35.57
N ILE H 62 50.49 1.74 35.80
CA ILE H 62 51.57 2.22 36.66
C ILE H 62 51.10 2.24 38.12
N PRO H 63 51.91 1.70 39.04
CA PRO H 63 51.63 1.68 40.49
C PRO H 63 51.32 3.07 41.04
N ALA H 64 50.56 3.14 42.12
CA ALA H 64 50.13 4.44 42.63
C ALA H 64 51.18 5.02 43.55
N ARG H 65 52.29 4.33 43.72
CA ARG H 65 53.37 4.90 44.50
C ARG H 65 54.07 6.00 43.68
N PHE H 66 53.77 6.04 42.38
CA PHE H 66 54.20 7.13 41.52
C PHE H 66 53.11 8.20 41.49
N SER H 67 53.50 9.44 41.66
CA SER H 67 52.55 10.53 41.53
C SER H 67 53.27 11.79 41.08
N GLY H 68 52.53 12.72 40.48
CA GLY H 68 53.13 13.93 39.96
C GLY H 68 52.33 15.15 40.34
N SER H 69 52.99 16.29 40.38
CA SER H 69 52.28 17.52 40.70
C SER H 69 53.02 18.73 40.20
N GLY H 70 52.37 19.89 40.30
CA GLY H 70 52.96 21.16 39.91
C GLY H 70 52.32 21.74 38.67
N SER H 71 52.79 22.90 38.26
CA SER H 71 52.22 23.57 37.11
C SER H 71 53.13 24.69 36.63
N ARG H 72 52.75 25.34 35.53
CA ARG H 72 53.47 26.45 34.95
C ARG H 72 54.90 26.05 34.57
N THR H 73 55.85 26.30 35.48
CA THR H 73 57.25 25.94 35.20
C THR H 73 57.88 24.97 36.21
N ASP H 74 57.13 24.57 37.24
CA ASP H 74 57.70 23.77 38.32
C ASP H 74 56.89 22.53 38.59
N PHE H 75 57.59 21.39 38.57
CA PHE H 75 56.97 20.07 38.55
C PHE H 75 57.72 19.05 39.42
N THR H 76 56.97 18.10 39.97
CA THR H 76 57.55 17.09 40.85
C THR H 76 57.03 15.68 40.65
N LEU H 77 57.97 14.74 40.52
CA LEU H 77 57.70 13.32 40.52
C LEU H 77 58.02 12.77 41.91
N THR H 78 57.07 12.05 42.48
CA THR H 78 57.24 11.44 43.79
C THR H 78 57.12 9.95 43.63
N ILE H 79 58.07 9.24 44.22
CA ILE H 79 57.99 7.79 44.29
C ILE H 79 57.92 7.44 45.77
N ASN H 80 56.81 6.86 46.17
CA ASN H 80 56.56 6.65 47.59
C ASN H 80 55.61 5.50 47.87
N PRO H 81 56.13 4.40 48.44
CA PRO H 81 57.53 4.17 48.84
C PRO H 81 58.39 3.63 47.71
N VAL H 82 59.67 3.94 47.73
CA VAL H 82 60.58 3.39 46.74
C VAL H 82 60.73 1.87 46.91
N GLU H 83 60.66 1.18 45.79
CA GLU H 83 60.89 -0.25 45.75
C GLU H 83 62.13 -0.56 44.91
N ALA H 84 62.70 -1.75 45.11
CA ALA H 84 63.99 -2.09 44.50
C ALA H 84 63.95 -2.09 42.97
N ASP H 85 62.77 -2.26 42.38
CA ASP H 85 62.69 -2.31 40.92
C ASP H 85 62.45 -0.91 40.33
N ASP H 86 62.54 0.10 41.18
CA ASP H 86 62.36 1.49 40.76
C ASP H 86 63.66 2.12 40.30
N PHE H 87 64.75 1.38 40.40
CA PHE H 87 66.03 1.87 39.89
C PHE H 87 65.88 2.18 38.40
N ALA H 88 66.21 3.41 38.00
CA ALA H 88 65.99 3.86 36.63
C ALA H 88 66.48 5.28 36.44
N THR H 89 66.40 5.77 35.21
CA THR H 89 66.54 7.20 34.95
C THR H 89 65.15 7.74 34.68
N TYR H 90 64.82 8.86 35.30
CA TYR H 90 63.49 9.44 35.12
C TYR H 90 63.61 10.72 34.34
N TYR H 91 62.82 10.85 33.29
CA TYR H 91 62.87 12.04 32.43
C TYR H 91 61.55 12.79 32.48
N CYS H 92 61.64 14.11 32.64
CA CYS H 92 60.48 14.93 32.35
C CYS H 92 60.51 15.29 30.86
N GLN H 93 59.32 15.44 30.28
CA GLN H 93 59.16 15.87 28.89
C GLN H 93 58.04 16.88 28.81
N GLN H 94 58.27 17.96 28.08
CA GLN H 94 57.19 18.92 27.81
C GLN H 94 56.72 18.79 26.36
N THR H 95 55.43 18.99 26.14
CA THR H 95 54.84 18.90 24.81
C THR H 95 54.01 20.13 24.51
N ASN H 96 54.27 21.23 25.21
CA ASN H 96 53.50 22.47 25.01
C ASN H 96 53.91 23.17 23.71
N GLU H 97 55.19 23.08 23.39
CA GLU H 97 55.76 23.74 22.24
C GLU H 97 56.52 22.75 21.37
N ASP H 98 56.59 23.04 20.08
CA ASP H 98 57.55 22.39 19.23
C ASP H 98 58.84 23.18 19.40
N PRO H 99 59.98 22.48 19.45
CA PRO H 99 60.06 21.01 19.51
C PRO H 99 59.81 20.46 20.91
N ARG H 100 59.25 19.26 21.02
CA ARG H 100 59.19 18.56 22.30
C ARG H 100 60.59 18.38 22.88
N THR H 101 60.73 18.53 24.20
CA THR H 101 62.06 18.41 24.78
C THR H 101 62.06 17.58 26.04
N PHE H 102 63.19 16.97 26.33
CA PHE H 102 63.31 16.14 27.51
C PHE H 102 64.27 16.77 28.49
N GLY H 103 64.05 16.58 29.79
CA GLY H 103 65.04 16.95 30.77
C GLY H 103 66.28 16.10 30.61
N GLY H 104 67.31 16.39 31.40
CA GLY H 104 68.54 15.61 31.34
C GLY H 104 68.42 14.20 31.91
N GLY H 105 67.36 13.98 32.67
CA GLY H 105 67.20 12.71 33.36
C GLY H 105 67.79 12.76 34.75
N THR H 106 67.13 12.06 35.67
CA THR H 106 67.57 11.89 37.03
C THR H 106 67.78 10.41 37.23
N LYS H 107 68.96 10.01 37.68
CA LYS H 107 69.19 8.62 38.01
C LYS H 107 68.82 8.29 39.46
N LEU H 108 67.83 7.42 39.63
CA LEU H 108 67.49 6.94 40.97
C LEU H 108 68.26 5.67 41.33
N GLU H 109 69.16 5.81 42.30
CA GLU H 109 69.84 4.66 42.88
C GLU H 109 69.07 4.20 44.13
N ILE H 110 68.93 2.89 44.32
CA ILE H 110 68.34 2.38 45.56
C ILE H 110 69.45 2.32 46.58
N LYS H 111 69.26 2.97 47.72
CA LYS H 111 70.27 2.93 48.76
C LYS H 111 70.05 1.72 49.64
N ARG H 112 71.15 1.12 50.12
CA ARG H 112 71.07 -0.03 50.99
C ARG H 112 72.30 -0.12 51.84
N ALA H 113 72.34 -1.15 52.67
CA ALA H 113 73.48 -1.35 53.53
C ALA H 113 74.69 -1.79 52.69
N ASP H 114 75.87 -1.38 53.16
CA ASP H 114 77.11 -1.73 52.51
C ASP H 114 77.26 -3.24 52.42
N ALA H 115 77.74 -3.70 51.28
CA ALA H 115 77.85 -5.13 51.02
C ALA H 115 79.18 -5.45 50.37
N ALA H 116 79.80 -6.56 50.76
CA ALA H 116 81.13 -6.89 50.27
C ALA H 116 81.02 -7.67 48.98
N PRO H 117 82.04 -7.58 48.12
CA PRO H 117 81.96 -8.32 46.87
C PRO H 117 82.27 -9.82 47.04
N THR H 118 81.57 -10.63 46.25
CA THR H 118 81.98 -12.00 46.00
C THR H 118 82.89 -12.01 44.79
N VAL H 119 84.17 -12.33 45.02
CA VAL H 119 85.21 -12.38 44.00
C VAL H 119 85.45 -13.80 43.42
N SER H 120 85.52 -13.91 42.10
CA SER H 120 85.85 -15.16 41.43
C SER H 120 86.88 -14.85 40.37
N ILE H 121 87.89 -15.70 40.22
CA ILE H 121 88.89 -15.47 39.21
C ILE H 121 88.82 -16.61 38.20
N PHE H 122 89.12 -16.34 36.94
CA PHE H 122 89.07 -17.36 35.89
C PHE H 122 90.30 -17.33 34.99
N PRO H 123 90.88 -18.48 34.73
CA PRO H 123 92.03 -18.50 33.82
C PRO H 123 91.59 -18.31 32.36
N PRO H 124 92.54 -17.94 31.47
CA PRO H 124 92.19 -17.99 30.05
C PRO H 124 91.94 -19.43 29.66
N SER H 125 90.94 -19.66 28.83
CA SER H 125 90.60 -20.99 28.35
C SER H 125 91.64 -21.55 27.38
N SER H 126 91.68 -22.87 27.25
CA SER H 126 92.48 -23.54 26.24
C SER H 126 92.14 -22.98 24.88
N GLU H 127 90.85 -22.80 24.64
CA GLU H 127 90.35 -22.30 23.34
C GLU H 127 91.03 -20.99 22.97
N GLN H 128 91.01 -20.01 23.87
CA GLN H 128 91.61 -18.72 23.59
C GLN H 128 93.11 -18.82 23.37
N LEU H 129 93.77 -19.66 24.17
CA LEU H 129 95.23 -19.75 24.14
C LEU H 129 95.74 -20.26 22.79
N THR H 130 94.94 -21.04 22.08
CA THR H 130 95.40 -21.57 20.80
C THR H 130 95.49 -20.46 19.76
N SER H 131 94.73 -19.39 19.92
CA SER H 131 94.98 -18.17 19.15
C SER H 131 96.18 -17.52 19.82
N GLY H 132 96.46 -16.25 19.58
CA GLY H 132 97.62 -15.72 20.26
C GLY H 132 97.36 -15.04 21.60
N GLY H 133 96.13 -15.12 22.10
CA GLY H 133 95.74 -14.24 23.19
C GLY H 133 95.46 -14.92 24.51
N ALA H 134 95.35 -14.11 25.57
CA ALA H 134 95.15 -14.64 26.91
C ALA H 134 94.37 -13.65 27.79
N SER H 135 93.12 -13.97 28.10
CA SER H 135 92.33 -13.07 28.92
C SER H 135 92.07 -13.67 30.28
N VAL H 136 92.58 -13.04 31.32
CA VAL H 136 92.35 -13.48 32.69
C VAL H 136 91.22 -12.65 33.25
N VAL H 137 90.17 -13.30 33.75
CA VAL H 137 88.94 -12.59 34.09
C VAL H 137 88.61 -12.64 35.57
N CYS H 138 88.32 -11.47 36.14
CA CYS H 138 87.85 -11.43 37.51
C CYS H 138 86.45 -10.79 37.66
N PHE H 139 85.55 -11.53 38.31
CA PHE H 139 84.24 -10.99 38.66
C PHE H 139 84.21 -10.47 40.10
N LEU H 140 83.74 -9.25 40.28
CA LEU H 140 83.47 -8.72 41.60
C LEU H 140 81.99 -8.50 41.67
N ASN H 141 81.29 -9.40 42.35
CA ASN H 141 79.84 -9.41 42.26
C ASN H 141 79.09 -8.99 43.53
N ASN H 142 77.97 -8.32 43.31
CA ASN H 142 76.97 -8.01 44.33
C ASN H 142 77.55 -7.31 45.54
N PHE H 143 78.09 -6.12 45.30
CA PHE H 143 78.57 -5.26 46.37
C PHE H 143 77.86 -3.92 46.36
N TYR H 144 78.08 -3.16 47.44
CA TYR H 144 77.53 -1.83 47.59
C TYR H 144 78.36 -1.10 48.63
N PRO H 145 78.73 0.16 48.36
CA PRO H 145 78.37 0.99 47.21
C PRO H 145 79.24 0.77 45.96
N LYS H 146 79.08 1.63 44.97
CA LYS H 146 79.65 1.40 43.64
C LYS H 146 81.19 1.46 43.65
N ASP H 147 81.75 2.30 44.52
CA ASP H 147 83.19 2.45 44.65
C ASP H 147 83.89 1.15 44.99
N ILE H 148 84.87 0.77 44.19
CA ILE H 148 85.64 -0.46 44.47
C ILE H 148 86.94 -0.46 43.67
N ASN H 149 87.99 -1.02 44.25
CA ASN H 149 89.27 -1.06 43.57
C ASN H 149 89.64 -2.50 43.27
N VAL H 150 90.17 -2.76 42.08
CA VAL H 150 90.66 -4.09 41.78
C VAL H 150 92.15 -4.00 41.48
N LYS H 151 92.92 -4.87 42.10
CA LYS H 151 94.34 -4.90 41.81
C LYS H 151 94.69 -6.25 41.24
N TRP H 152 95.52 -6.25 40.21
CA TRP H 152 95.98 -7.48 39.60
C TRP H 152 97.41 -7.75 40.04
N LYS H 153 97.76 -9.02 40.10
CA LYS H 153 99.10 -9.43 40.47
C LYS H 153 99.50 -10.63 39.65
N ILE H 154 100.67 -10.55 39.06
CA ILE H 154 101.24 -11.67 38.36
C ILE H 154 102.42 -12.12 39.18
N ASP H 155 102.41 -13.38 39.56
CA ASP H 155 103.43 -13.94 40.45
C ASP H 155 103.67 -13.04 41.64
N GLY H 156 102.59 -12.54 42.24
CA GLY H 156 102.67 -11.68 43.42
C GLY H 156 103.04 -10.22 43.21
N SER H 157 103.31 -9.80 41.98
CA SER H 157 103.69 -8.41 41.70
C SER H 157 102.58 -7.64 40.96
N GLU H 158 102.34 -6.39 41.32
CA GLU H 158 101.25 -5.66 40.69
C GLU H 158 101.37 -5.51 39.16
N ARG H 159 100.24 -5.74 38.48
CA ARG H 159 100.11 -5.56 37.04
C ARG H 159 99.06 -4.50 36.70
N GLN H 160 99.39 -3.54 35.85
CA GLN H 160 98.37 -2.58 35.39
C GLN H 160 98.19 -2.65 33.89
N ASN H 161 99.27 -2.93 33.17
CA ASN H 161 99.18 -3.04 31.71
C ASN H 161 98.21 -4.16 31.32
N GLY H 162 97.15 -3.80 30.58
CA GLY H 162 96.20 -4.78 30.05
C GLY H 162 94.87 -4.94 30.78
N VAL H 163 94.66 -4.16 31.84
CA VAL H 163 93.47 -4.27 32.67
C VAL H 163 92.36 -3.35 32.15
N LEU H 164 91.17 -3.91 31.98
CA LEU H 164 89.98 -3.16 31.57
C LEU H 164 88.83 -3.49 32.50
N ASN H 165 88.17 -2.48 33.04
CA ASN H 165 87.10 -2.74 34.00
C ASN H 165 85.75 -2.34 33.42
N SER H 166 84.70 -3.01 33.89
CA SER H 166 83.34 -2.72 33.45
C SER H 166 82.32 -2.94 34.55
N TRP H 167 81.55 -1.91 34.87
CA TRP H 167 80.51 -1.98 35.90
C TRP H 167 79.15 -2.27 35.35
N THR H 168 78.34 -2.97 36.13
CA THR H 168 76.98 -3.20 35.70
C THR H 168 76.08 -2.13 36.32
N ASP H 169 74.83 -2.12 35.88
CA ASP H 169 73.82 -1.25 36.48
C ASP H 169 73.38 -1.85 37.80
N GLN H 170 72.66 -1.07 38.60
CA GLN H 170 72.15 -1.59 39.87
C GLN H 170 71.21 -2.76 39.66
N ASP H 171 71.31 -3.72 40.56
CA ASP H 171 70.49 -4.91 40.46
C ASP H 171 69.05 -4.64 40.91
N SER H 172 68.09 -5.25 40.22
CA SER H 172 66.67 -5.07 40.53
C SER H 172 66.27 -5.76 41.83
N LYS H 173 66.83 -6.93 42.07
CA LYS H 173 66.50 -7.72 43.24
C LYS H 173 67.15 -7.18 44.52
N ASP H 174 68.49 -7.15 44.56
CA ASP H 174 69.18 -6.89 45.82
C ASP H 174 69.88 -5.56 45.91
N SER H 175 69.71 -4.74 44.87
CA SER H 175 70.22 -3.36 44.83
C SER H 175 71.75 -3.23 44.84
N THR H 176 72.43 -4.29 44.45
CA THR H 176 73.88 -4.22 44.41
C THR H 176 74.44 -3.90 43.02
N TYR H 177 75.74 -3.66 43.01
CA TYR H 177 76.51 -3.49 41.80
C TYR H 177 77.39 -4.70 41.54
N SER H 178 77.90 -4.80 40.33
CA SER H 178 78.89 -5.81 39.96
C SER H 178 79.88 -5.24 38.96
N MET H 179 81.08 -5.80 38.95
CA MET H 179 82.15 -5.30 38.08
C MET H 179 83.00 -6.47 37.56
N SER H 180 83.30 -6.51 36.27
CA SER H 180 84.26 -7.50 35.79
C SER H 180 85.60 -6.80 35.53
N SER H 181 86.69 -7.48 35.83
CA SER H 181 88.00 -6.96 35.48
C SER H 181 88.71 -7.95 34.62
N THR H 182 89.18 -7.49 33.47
CA THR H 182 89.85 -8.37 32.52
C THR H 182 91.28 -7.90 32.27
N LEU H 183 92.23 -8.78 32.59
CA LEU H 183 93.64 -8.57 32.32
C LEU H 183 93.98 -9.28 31.01
N THR H 184 94.26 -8.54 29.95
CA THR H 184 94.56 -9.19 28.69
C THR H 184 96.06 -9.21 28.42
N LEU H 185 96.53 -10.36 27.99
CA LEU H 185 97.93 -10.57 27.70
C LEU H 185 98.08 -11.40 26.44
N THR H 186 99.26 -11.33 25.87
CA THR H 186 99.65 -12.33 24.91
C THR H 186 99.76 -13.70 25.60
N LYS H 187 99.52 -14.76 24.85
CA LYS H 187 99.71 -16.09 25.38
C LYS H 187 101.16 -16.31 25.76
N ASP H 188 102.07 -15.68 25.02
CA ASP H 188 103.50 -15.80 25.33
C ASP H 188 103.79 -15.27 26.70
N GLU H 189 103.35 -14.04 26.95
CA GLU H 189 103.52 -13.47 28.26
C GLU H 189 102.80 -14.26 29.37
N TYR H 190 101.59 -14.76 29.07
CA TYR H 190 100.81 -15.47 30.07
C TYR H 190 101.52 -16.75 30.52
N GLU H 191 102.22 -17.40 29.61
CA GLU H 191 102.90 -18.66 29.97
C GLU H 191 104.33 -18.44 30.45
N ARG H 192 104.71 -17.19 30.70
CA ARG H 192 105.99 -16.90 31.33
C ARG H 192 105.86 -16.83 32.85
N HIS H 193 104.63 -16.84 33.35
CA HIS H 193 104.39 -16.65 34.78
C HIS H 193 103.59 -17.81 35.40
N ASN H 194 103.53 -17.89 36.71
CA ASN H 194 103.01 -19.11 37.30
C ASN H 194 101.71 -18.97 38.05
N SER H 195 101.44 -17.76 38.51
CA SER H 195 100.23 -17.53 39.27
C SER H 195 99.64 -16.17 38.94
N TYR H 196 98.31 -16.08 39.04
CA TYR H 196 97.60 -14.86 38.79
C TYR H 196 96.63 -14.57 39.94
N THR H 197 96.65 -13.33 40.38
CA THR H 197 95.87 -12.91 41.51
C THR H 197 95.01 -11.71 41.16
N CYS H 198 93.77 -11.78 41.58
CA CYS H 198 92.83 -10.69 41.53
C CYS H 198 92.55 -10.22 42.98
N GLU H 199 92.52 -8.91 43.22
CA GLU H 199 92.34 -8.39 44.59
C GLU H 199 91.31 -7.28 44.70
N ALA H 200 90.27 -7.51 45.50
CA ALA H 200 89.22 -6.51 45.68
C ALA H 200 89.38 -5.76 47.01
N THR H 201 89.34 -4.43 46.96
CA THR H 201 89.29 -3.63 48.16
C THR H 201 88.04 -2.76 48.07
N HIS H 202 87.34 -2.70 49.19
CA HIS H 202 86.04 -2.10 49.25
C HIS H 202 85.86 -1.66 50.68
N LYS H 203 85.04 -0.63 50.92
CA LYS H 203 84.93 -0.06 52.27
C LYS H 203 84.41 -1.05 53.30
N THR H 204 83.77 -2.12 52.86
CA THR H 204 83.26 -3.13 53.79
C THR H 204 84.33 -4.05 54.40
N SER H 205 85.53 -4.08 53.85
CA SER H 205 86.59 -4.90 54.44
C SER H 205 87.85 -4.10 54.58
N THR H 206 88.51 -4.27 55.73
CA THR H 206 89.82 -3.69 56.01
C THR H 206 90.89 -4.25 55.10
N SER H 207 90.94 -5.58 55.01
CA SER H 207 91.87 -6.27 54.11
C SER H 207 91.23 -6.64 52.74
N PRO H 208 92.08 -6.83 51.71
CA PRO H 208 91.57 -7.14 50.37
C PRO H 208 90.99 -8.56 50.24
N ILE H 209 89.97 -8.72 49.42
CA ILE H 209 89.51 -10.06 49.09
C ILE H 209 90.34 -10.59 47.91
N VAL H 210 91.07 -11.67 48.18
CA VAL H 210 92.08 -12.18 47.26
C VAL H 210 91.70 -13.52 46.65
N LYS H 211 91.72 -13.58 45.32
CA LYS H 211 91.56 -14.86 44.62
C LYS H 211 92.73 -15.08 43.66
N SER H 212 93.17 -16.32 43.56
CA SER H 212 94.30 -16.66 42.70
C SER H 212 94.11 -18.02 42.07
N PHE H 213 94.83 -18.26 40.98
CA PHE H 213 94.98 -19.61 40.47
C PHE H 213 96.43 -19.80 40.06
N ASN H 214 96.86 -21.05 39.99
CA ASN H 214 98.18 -21.37 39.49
C ASN H 214 98.00 -21.75 38.06
N ARG H 215 98.89 -21.32 37.15
CA ARG H 215 98.68 -21.67 35.75
C ARG H 215 98.56 -23.19 35.49
N ASN H 216 99.40 -24.02 36.12
CA ASN H 216 99.37 -25.49 36.00
C ASN H 216 98.37 -26.14 35.03
#